data_7AKK
#
_entry.id   7AKK
#
_cell.length_a   111.290
_cell.length_b   150.730
_cell.length_c   111.300
_cell.angle_alpha   90.000
_cell.angle_beta   92.800
_cell.angle_gamma   90.000
#
_symmetry.space_group_name_H-M   'P 1 21 1'
#
loop_
_entity.id
_entity.type
_entity.pdbx_description
1 polymer 'Complement C3 beta chain'
2 polymer "Complement C3b alpha' chain"
3 polymer 'Integrin alpha-M'
4 branched alpha-D-mannopyranose-(1-4)-2-acetamido-2-deoxy-beta-D-glucopyranose-(1-4)-2-acetamido-2-deoxy-beta-D-glucopyranose
5 branched beta-D-mannopyranose-(1-6)-alpha-D-mannopyranose-(1-4)-2-acetamido-2-deoxy-beta-D-glucopyranose-(1-4)-2-acetamido-2-deoxy-beta-D-glucopyranose
6 non-polymer GLYCEROL
7 non-polymer 'POTASSIUM ION'
8 non-polymer 'MAGNESIUM ION'
9 non-polymer 2-acetamido-2-deoxy-beta-D-glucopyranose
10 water water
#
loop_
_entity_poly.entity_id
_entity_poly.type
_entity_poly.pdbx_seq_one_letter_code
_entity_poly.pdbx_strand_id
1 'polypeptide(L)'
;SPMYSIITPNILRLESEETMVLEAHDAQGDVPVTVTVHDFPGKKLVLSSEKTVLTPATNHMGNVTFTIPANREFKSEKGR
NKFVTVQATFGTQVVEKVVLVSLQSGYLFIQTDKTIYTPGSTVLYRIFTVNHKLLPVGRTVMVNIENPEGIPVKQDSLSS
QNQLGVLPLSWDIPELVNMGQWKIRAYYENSPQQVFSTEFEVKEYVLPSFEVIVEPTEKFYYIYNEKGLEVTITARFLYG
KKVEGTAFVIFGIQDGEQRISLPESLKRIPIEDGSGEVVLSRKVLLDGVQNPRAEDLVGKSLYVSATVILHSGSDMVQAE
RSGIPIVTSPYQIHFTKTPKYFKPGMPFDLMVFVTNPDGSPAYRVPVAVQGEDTVQSLTQGDGVAKLSINTHPSQKPLSI
TVRTKKQELSEAEQATRTMQALPYSTVGNSNNYLHLSVLRTELRPGETLNVNFLLRMDRAHEAKIRYYTYLIMNKGRLLK
AGRQVREPGQDLVVLPLSITTDFIPSFRLVAYYTLIGASGQREVVADSVWVDVKDSCVGSLVVKSGQSEDRQPVPGQQMT
LKIEGDHGARVVLVAVDKGVFVLNKKNKLTQSKIWDVVEKADIGCTPGSGKDYAGVFSDAGLTFTSSSGQQTAQRAELQC
PQPAA
;
B,C
2 'polypeptide(L)'
;SNLDEDIIAEENIVSRSEFPESWLWNVEDLKEPPKNGISTKLMNIFLKDSITTWEILAVSMSDKKGICVADPFEVTVMQD
FFIDLRLPYSVVRNEQVEIRAVLYNYRQNQELKVRVELLHNPAFCSLATTKRRHQQTVTIPPKSSLSVPYVIVPLKTGLQ
EVEVKAAVYHHFISDGVRKSLKVVPEGIRMNKTVAVRTLDPERLGREGVQKEDIPPADLSDQVPDTESETRILLQGTPVA
QMTEDAVDAERLKHLIVTPSGCGEQNMIGMTPTVIAVHYLDETEQWEKFGLEKRQGALELIKKGYTQQLAFRQPSSAFAA
FVKRAPSTWLTAYVVKVFSLAVNLIAIDSQVLCGAVKWLILEKQKPDGVFQEDAPVIHQEMIGGLRNNNEKDMALTAFVL
ISLQEAKDICEEQVNSLPGSITKAGDFLEANYMNLQRSYTVAIAGYALAQMGRLKGPLLNKFLTTAKDKNRWEDPGKQLY
NVEATSYALLALLQLKDFDFVPPVVRWLNEQRYYGGGYGSTQATFMVFQALAQYQKDAPDHQELNLDVSLQLPSRSEETK
ENEGFTVTAEGKGQGTLSVVTMYHAKAKDQLTCNKFDLKVTIKPAPETEKRPQDAKNTMILEICTRYRGDQDATMSILDI
SMMTGFAPDTDDLKQLANGVDRYISKYELDKAFSDRNTLIIYLDKVSHSEDDCLAFKVHQYFNVELIQPGAVKVYAYYNL
EESCTRFYHPEKEDGKLNKLCRDELCRCAEENCFIQKSDDKVTLEERLDKACEPGVDYVYKTRLVKVQLSNDFDEYIMAI
EQTIKSGSDEVQVGQQRTFISPIKCREALKLEEKKHYLMWGLSSDFWGEKPNLSYIIGKDTWVEHWPEEDECQDEENQKQ
CQDLGAFTESMVVFGCPN
;
A,E
3 'polypeptide(L)'
;GSPQEDSDIAFLIDGSGSIIPHDFRRMKEFVSTVMEQLKKSKTLFSLMQYSEEFRIHFTFKEFQNNPNPRSLVKPITQLL
GRTHTATGIRKVVRELFNITNGARKNAFKILVVITDGEKFGDPLGYEDVIPEADREGVIRYVIGVGDAFRSEKSRQELNT
IASKPPRDHVFQVNNFEALKTIQNQLREKGFAIEG
;
D,H
#
loop_
_chem_comp.id
_chem_comp.type
_chem_comp.name
_chem_comp.formula
BMA D-saccharide, beta linking beta-D-mannopyranose 'C6 H12 O6'
GOL non-polymer GLYCEROL 'C3 H8 O3'
K non-polymer 'POTASSIUM ION' 'K 1'
MAN D-saccharide, alpha linking alpha-D-mannopyranose 'C6 H12 O6'
MG non-polymer 'MAGNESIUM ION' 'Mg 2'
NAG D-saccharide, beta linking 2-acetamido-2-deoxy-beta-D-glucopyranose 'C8 H15 N O6'
#
# COMPACT_ATOMS: atom_id res chain seq x y z
N SER A 1 53.41 -57.38 -19.36
CA SER A 1 52.65 -56.68 -18.31
C SER A 1 52.14 -55.31 -18.79
N PRO A 2 51.08 -55.30 -19.59
CA PRO A 2 50.62 -54.03 -20.17
C PRO A 2 50.04 -53.06 -19.14
N MET A 3 50.20 -51.77 -19.46
CA MET A 3 49.79 -50.70 -18.56
C MET A 3 48.68 -49.86 -19.16
N TYR A 4 47.59 -49.72 -18.41
CA TYR A 4 46.42 -48.96 -18.80
C TYR A 4 46.34 -47.71 -17.92
N SER A 5 46.22 -46.52 -18.54
CA SER A 5 46.20 -45.24 -17.85
C SER A 5 44.98 -44.41 -18.18
N ILE A 6 44.37 -43.85 -17.14
CA ILE A 6 43.16 -43.04 -17.26
C ILE A 6 43.33 -41.75 -16.50
N ILE A 7 42.79 -40.68 -17.07
CA ILE A 7 43.01 -39.39 -16.48
C ILE A 7 41.75 -38.55 -16.63
N THR A 8 41.46 -37.80 -15.57
CA THR A 8 40.29 -36.94 -15.45
C THR A 8 40.55 -35.86 -14.41
N PRO A 9 39.78 -34.76 -14.43
CA PRO A 9 39.95 -33.70 -13.42
C PRO A 9 39.82 -34.14 -11.96
N ASN A 10 40.53 -33.41 -11.08
CA ASN A 10 40.37 -33.57 -9.62
C ASN A 10 38.94 -33.33 -9.14
N ILE A 11 38.18 -32.50 -9.88
CA ILE A 11 36.81 -32.14 -9.52
C ILE A 11 35.93 -32.19 -10.76
N LEU A 12 34.80 -32.87 -10.64
CA LEU A 12 33.86 -33.14 -11.72
C LEU A 12 32.62 -32.26 -11.57
N ARG A 13 32.43 -31.37 -12.53
CA ARG A 13 31.32 -30.44 -12.49
C ARG A 13 30.13 -31.09 -13.18
N LEU A 14 28.97 -30.83 -12.62
CA LEU A 14 27.75 -31.43 -13.10
C LEU A 14 27.19 -30.61 -14.24
N GLU A 15 26.46 -31.30 -15.13
CA GLU A 15 25.88 -30.67 -16.29
C GLU A 15 26.94 -29.97 -17.16
N SER A 16 28.06 -30.65 -17.41
CA SER A 16 29.09 -30.05 -18.23
C SER A 16 29.86 -31.15 -18.93
N GLU A 17 30.33 -30.86 -20.15
CA GLU A 17 31.22 -31.76 -20.85
C GLU A 17 32.59 -31.77 -20.18
N GLU A 18 32.97 -32.92 -19.63
CA GLU A 18 34.32 -33.18 -19.15
C GLU A 18 34.89 -34.24 -20.10
N THR A 19 36.19 -34.30 -20.25
CA THR A 19 36.81 -35.29 -21.12
C THR A 19 37.68 -36.24 -20.30
N MET A 20 37.75 -37.49 -20.75
CA MET A 20 38.60 -38.48 -20.11
C MET A 20 39.49 -39.16 -21.12
N VAL A 21 40.79 -39.14 -20.83
CA VAL A 21 41.81 -39.56 -21.76
C VAL A 21 42.23 -40.98 -21.47
N LEU A 22 42.37 -41.74 -22.55
CA LEU A 22 42.64 -43.15 -22.50
C LEU A 22 43.87 -43.46 -23.33
N GLU A 23 44.81 -44.13 -22.69
CA GLU A 23 46.03 -44.62 -23.32
C GLU A 23 46.34 -46.02 -22.85
N ALA A 24 46.97 -46.81 -23.74
CA ALA A 24 47.45 -48.15 -23.41
C ALA A 24 48.88 -48.33 -23.92
N HIS A 25 49.87 -48.05 -23.05
CA HIS A 25 51.27 -48.12 -23.46
C HIS A 25 51.73 -49.56 -23.69
N ASP A 26 52.14 -49.83 -24.94
CA ASP A 26 52.87 -51.03 -25.37
C ASP A 26 52.09 -52.33 -25.17
N ALA A 27 50.77 -52.30 -25.35
CA ALA A 27 49.92 -53.47 -25.21
C ALA A 27 49.28 -53.79 -26.57
N GLN A 28 49.45 -55.04 -27.04
CA GLN A 28 49.05 -55.42 -28.39
C GLN A 28 47.53 -55.56 -28.58
N GLY A 29 47.08 -55.48 -29.83
CA GLY A 29 45.68 -55.68 -30.11
C GLY A 29 44.86 -54.41 -29.90
N ASP A 30 43.72 -54.38 -30.61
CA ASP A 30 42.76 -53.32 -30.35
C ASP A 30 42.17 -53.56 -28.97
N VAL A 31 42.22 -52.57 -28.09
CA VAL A 31 41.90 -52.76 -26.68
C VAL A 31 40.66 -51.97 -26.32
N PRO A 32 39.53 -52.64 -26.09
CA PRO A 32 38.31 -51.92 -25.75
C PRO A 32 38.32 -51.43 -24.33
N VAL A 33 37.64 -50.31 -24.12
CA VAL A 33 37.49 -49.75 -22.79
C VAL A 33 36.07 -49.24 -22.63
N THR A 34 35.49 -49.54 -21.47
CA THR A 34 34.17 -49.07 -21.07
C THR A 34 34.27 -48.40 -19.72
N VAL A 35 33.88 -47.16 -19.68
CA VAL A 35 33.93 -46.39 -18.48
C VAL A 35 32.50 -46.12 -18.02
N THR A 36 32.33 -46.16 -16.72
CA THR A 36 31.03 -45.97 -16.13
C THR A 36 31.18 -45.14 -14.87
N VAL A 37 30.18 -44.32 -14.58
CA VAL A 37 30.24 -43.43 -13.44
C VAL A 37 29.18 -43.86 -12.49
N HIS A 38 29.56 -44.14 -11.27
CA HIS A 38 28.65 -44.77 -10.36
C HIS A 38 28.43 -43.86 -9.18
N ASP A 39 27.29 -44.00 -8.55
CA ASP A 39 27.15 -43.28 -7.30
C ASP A 39 28.27 -43.65 -6.35
N PHE A 40 28.60 -42.73 -5.49
CA PHE A 40 29.43 -43.19 -4.41
C PHE A 40 28.58 -43.26 -3.14
N PRO A 41 28.34 -44.46 -2.56
CA PRO A 41 28.78 -45.77 -3.03
C PRO A 41 27.71 -46.66 -3.69
N GLY A 42 28.06 -47.42 -4.70
CA GLY A 42 27.10 -48.35 -5.24
C GLY A 42 27.25 -48.45 -6.75
N LYS A 43 26.23 -49.05 -7.36
CA LYS A 43 26.27 -49.40 -8.77
C LYS A 43 25.23 -48.62 -9.58
N LYS A 44 25.08 -47.32 -9.26
CA LYS A 44 23.98 -46.53 -9.81
C LYS A 44 24.20 -46.02 -11.23
N LEU A 45 25.37 -46.22 -11.79
CA LEU A 45 25.69 -45.87 -13.19
C LEU A 45 25.16 -44.49 -13.57
N VAL A 46 25.62 -43.49 -12.82
CA VAL A 46 25.38 -42.07 -13.09
C VAL A 46 25.70 -41.77 -14.54
N LEU A 47 26.71 -42.44 -15.06
CA LEU A 47 27.11 -42.26 -16.43
C LEU A 47 27.94 -43.45 -16.83
N SER A 48 27.67 -43.93 -18.02
CA SER A 48 28.56 -44.89 -18.69
C SER A 48 28.68 -44.36 -20.11
N SER A 49 29.79 -43.71 -20.39
CA SER A 49 29.76 -43.13 -21.71
C SER A 49 30.23 -44.15 -22.74
N GLU A 50 30.16 -43.67 -23.97
CA GLU A 50 30.15 -44.38 -25.24
C GLU A 50 31.27 -45.42 -25.35
N LYS A 51 31.10 -46.40 -26.23
CA LYS A 51 32.14 -47.40 -26.42
C LYS A 51 33.37 -46.79 -27.09
N THR A 52 34.56 -47.12 -26.58
CA THR A 52 35.80 -46.68 -27.21
C THR A 52 36.86 -47.78 -27.14
N VAL A 53 37.64 -47.91 -28.23
CA VAL A 53 38.72 -48.88 -28.38
C VAL A 53 40.00 -48.15 -28.82
N LEU A 54 41.13 -48.47 -28.15
CA LEU A 54 42.42 -47.79 -28.33
C LEU A 54 43.32 -48.66 -29.21
N THR A 55 43.47 -48.26 -30.49
CA THR A 55 44.15 -49.10 -31.47
C THR A 55 45.63 -48.70 -31.63
N PRO A 56 46.51 -49.66 -31.91
CA PRO A 56 47.90 -49.30 -32.27
C PRO A 56 47.95 -48.37 -33.46
N ALA A 57 47.02 -48.49 -34.40
CA ALA A 57 46.87 -47.50 -35.46
C ALA A 57 46.75 -46.10 -34.86
N THR A 58 46.03 -45.95 -33.74
CA THR A 58 45.93 -44.68 -33.01
C THR A 58 46.92 -44.61 -31.85
N ASN A 59 47.91 -45.50 -31.81
CA ASN A 59 48.89 -45.53 -30.71
C ASN A 59 48.20 -45.65 -29.35
N HIS A 60 47.05 -46.33 -29.34
CA HIS A 60 46.34 -46.64 -28.10
C HIS A 60 45.88 -45.37 -27.39
N MET A 61 45.26 -44.48 -28.16
CA MET A 61 44.70 -43.26 -27.61
C MET A 61 43.33 -42.95 -28.19
N GLY A 62 42.39 -42.75 -27.28
CA GLY A 62 41.11 -42.17 -27.55
C GLY A 62 40.68 -41.53 -26.25
N ASN A 63 39.65 -40.71 -26.34
CA ASN A 63 39.16 -39.98 -25.20
C ASN A 63 37.67 -40.22 -25.07
N VAL A 64 37.11 -39.81 -23.95
CA VAL A 64 35.70 -39.98 -23.66
C VAL A 64 35.07 -38.59 -23.45
N THR A 65 34.10 -38.26 -24.30
CA THR A 65 33.35 -37.03 -24.14
C THR A 65 32.05 -37.35 -23.42
N PHE A 66 31.88 -36.75 -22.25
CA PHE A 66 30.77 -37.12 -21.38
C PHE A 66 30.36 -35.93 -20.53
N THR A 67 29.07 -35.88 -20.18
CA THR A 67 28.53 -34.86 -19.27
C THR A 67 27.91 -35.62 -18.10
N ILE A 68 28.29 -35.25 -16.88
CA ILE A 68 27.60 -35.84 -15.72
C ILE A 68 26.14 -35.38 -15.61
N PRO A 69 25.18 -36.31 -15.57
CA PRO A 69 23.80 -35.92 -15.26
C PRO A 69 23.58 -35.73 -13.77
N ALA A 70 22.73 -34.76 -13.43
CA ALA A 70 22.35 -34.54 -12.05
C ALA A 70 21.15 -35.38 -11.64
N ASN A 71 21.08 -35.70 -10.36
CA ASN A 71 19.91 -36.39 -9.83
C ASN A 71 19.47 -35.72 -8.53
N ARG A 72 19.54 -34.41 -8.51
CA ARG A 72 19.10 -33.59 -7.39
C ARG A 72 19.65 -34.08 -6.05
N GLU A 73 20.97 -34.23 -5.97
CA GLU A 73 21.63 -34.71 -4.74
C GLU A 73 22.77 -33.82 -4.27
N PHE A 74 22.59 -33.23 -3.10
CA PHE A 74 23.56 -32.39 -2.40
C PHE A 74 23.12 -32.28 -0.94
N LYS A 75 23.66 -31.30 -0.23
CA LYS A 75 23.23 -31.06 1.17
C LYS A 75 23.21 -29.56 1.50
N SER A 76 22.12 -29.05 2.06
CA SER A 76 22.07 -27.63 2.45
C SER A 76 22.49 -27.46 3.90
N GLU A 77 22.42 -26.24 4.43
CA GLU A 77 22.91 -25.99 5.80
C GLU A 77 24.37 -26.43 5.83
N LYS A 78 24.79 -27.31 6.72
CA LYS A 78 26.23 -27.66 6.70
C LYS A 78 26.55 -28.35 5.39
N GLY A 79 27.68 -28.02 4.77
CA GLY A 79 27.99 -28.58 3.44
C GLY A 79 28.97 -29.73 3.44
N ARG A 80 28.50 -30.90 3.02
CA ARG A 80 29.29 -32.10 2.88
C ARG A 80 29.54 -32.30 1.39
N ASN A 81 30.73 -32.78 1.07
CA ASN A 81 31.19 -32.87 -0.33
C ASN A 81 30.69 -34.16 -0.98
N LYS A 82 30.19 -34.04 -2.20
CA LYS A 82 29.63 -35.17 -2.90
C LYS A 82 30.70 -35.79 -3.79
N PHE A 83 30.58 -37.10 -4.03
CA PHE A 83 31.59 -37.86 -4.75
C PHE A 83 30.93 -38.84 -5.69
N VAL A 84 31.71 -39.30 -6.64
CA VAL A 84 31.28 -40.35 -7.55
C VAL A 84 32.44 -41.32 -7.75
N THR A 85 32.11 -42.55 -8.07
CA THR A 85 33.13 -43.54 -8.35
C THR A 85 33.10 -43.75 -9.86
N VAL A 86 34.23 -43.48 -10.50
CA VAL A 86 34.45 -43.72 -11.93
C VAL A 86 35.04 -45.11 -12.11
N GLN A 87 34.56 -45.87 -13.08
CA GLN A 87 35.02 -47.25 -13.19
C GLN A 87 35.44 -47.56 -14.63
N ALA A 88 36.70 -47.94 -14.80
CA ALA A 88 37.28 -48.21 -16.11
C ALA A 88 37.66 -49.68 -16.24
N THR A 89 37.28 -50.26 -17.36
CA THR A 89 37.43 -51.69 -17.58
C THR A 89 38.15 -51.90 -18.91
N PHE A 90 39.42 -52.24 -18.84
CA PHE A 90 40.20 -52.48 -20.04
C PHE A 90 40.08 -53.95 -20.37
N GLY A 91 39.05 -54.29 -21.14
CA GLY A 91 38.81 -55.71 -21.30
C GLY A 91 38.43 -56.31 -19.96
N THR A 92 39.39 -57.02 -19.33
CA THR A 92 39.23 -57.67 -18.03
C THR A 92 39.71 -56.80 -16.85
N GLN A 93 40.83 -56.10 -17.01
CA GLN A 93 41.30 -55.24 -15.93
C GLN A 93 40.35 -54.07 -15.65
N VAL A 94 40.07 -53.86 -14.36
CA VAL A 94 39.24 -52.76 -13.89
C VAL A 94 40.10 -51.80 -13.08
N VAL A 95 40.07 -50.52 -13.46
CA VAL A 95 40.79 -49.49 -12.73
C VAL A 95 39.75 -48.49 -12.25
N GLU A 96 39.62 -48.34 -10.94
CA GLU A 96 38.59 -47.51 -10.36
C GLU A 96 39.23 -46.38 -9.56
N LYS A 97 38.49 -45.27 -9.42
CA LYS A 97 38.98 -44.00 -8.89
C LYS A 97 37.82 -43.13 -8.41
N VAL A 98 37.86 -42.77 -7.14
CA VAL A 98 36.82 -41.92 -6.54
C VAL A 98 37.19 -40.47 -6.76
N VAL A 99 36.29 -39.73 -7.40
CA VAL A 99 36.53 -38.36 -7.82
C VAL A 99 35.56 -37.44 -7.08
N LEU A 100 36.03 -36.25 -6.67
CA LEU A 100 35.13 -35.24 -6.11
C LEU A 100 34.24 -34.68 -7.21
N VAL A 101 33.08 -34.15 -6.82
CA VAL A 101 32.18 -33.52 -7.78
C VAL A 101 31.68 -32.20 -7.21
N SER A 102 31.51 -31.22 -8.10
CA SER A 102 31.01 -29.90 -7.76
C SER A 102 29.71 -29.62 -8.50
N LEU A 103 28.81 -28.93 -7.78
CA LEU A 103 27.49 -28.55 -8.26
C LEU A 103 27.57 -27.41 -9.27
N GLN A 104 28.56 -26.54 -9.11
CA GLN A 104 28.72 -25.31 -9.88
C GLN A 104 28.57 -25.58 -11.38
N SER A 105 27.54 -24.98 -11.96
CA SER A 105 27.15 -25.23 -13.33
C SER A 105 27.88 -24.31 -14.31
N GLY A 106 28.14 -23.07 -13.90
CA GLY A 106 28.81 -22.12 -14.77
C GLY A 106 28.99 -20.80 -14.05
N TYR A 107 28.81 -19.69 -14.76
CA TYR A 107 29.09 -18.36 -14.21
C TYR A 107 27.95 -17.41 -14.50
N LEU A 108 27.84 -16.38 -13.66
CA LEU A 108 26.80 -15.35 -13.75
C LEU A 108 27.36 -13.96 -13.50
N PHE A 109 27.12 -13.04 -14.42
CA PHE A 109 27.76 -11.74 -14.37
C PHE A 109 26.76 -10.60 -14.35
N ILE A 110 26.86 -9.78 -13.34
CA ILE A 110 25.85 -8.80 -13.02
C ILE A 110 26.30 -7.46 -13.57
N GLN A 111 25.53 -6.89 -14.48
CA GLN A 111 25.80 -5.54 -14.94
C GLN A 111 24.74 -4.58 -14.47
N THR A 112 25.12 -3.57 -13.70
CA THR A 112 24.29 -2.38 -13.61
C THR A 112 24.72 -1.35 -14.65
N ASP A 113 23.74 -0.54 -15.11
CA ASP A 113 24.01 0.61 -15.97
C ASP A 113 25.21 1.40 -15.44
N LYS A 114 25.17 1.78 -14.18
CA LYS A 114 26.14 2.63 -13.58
C LYS A 114 26.38 2.11 -12.18
N THR A 115 27.17 2.87 -11.42
CA THR A 115 27.64 2.42 -10.13
C THR A 115 26.81 2.93 -8.97
N ILE A 116 26.20 4.10 -9.12
CA ILE A 116 25.59 4.78 -7.99
C ILE A 116 24.28 5.40 -8.44
N TYR A 117 23.28 5.33 -7.55
CA TYR A 117 21.93 5.78 -7.84
C TYR A 117 21.43 6.61 -6.66
N THR A 118 20.41 7.44 -6.94
CA THR A 118 19.67 8.34 -6.04
C THR A 118 18.29 7.77 -5.68
N PRO A 119 17.74 8.17 -4.53
CA PRO A 119 16.37 7.78 -4.18
C PRO A 119 15.37 8.13 -5.28
N GLY A 120 14.57 7.13 -5.69
CA GLY A 120 13.57 7.38 -6.70
C GLY A 120 14.03 7.05 -8.10
N SER A 121 15.18 6.43 -8.24
CA SER A 121 15.73 6.04 -9.53
C SER A 121 15.46 4.57 -9.83
N THR A 122 15.58 4.21 -11.10
CA THR A 122 15.41 2.83 -11.52
C THR A 122 16.79 2.21 -11.67
N VAL A 123 17.02 1.08 -11.03
CA VAL A 123 18.27 0.35 -11.18
C VAL A 123 18.09 -0.57 -12.37
N LEU A 124 18.79 -0.32 -13.47
CA LEU A 124 18.79 -1.20 -14.64
C LEU A 124 19.96 -2.18 -14.60
N TYR A 125 19.67 -3.46 -14.53
CA TYR A 125 20.76 -4.39 -14.49
C TYR A 125 20.50 -5.59 -15.36
N ARG A 126 21.55 -6.07 -16.00
CA ARG A 126 21.52 -7.24 -16.85
C ARG A 126 22.29 -8.31 -16.11
N ILE A 127 22.03 -9.57 -16.43
CA ILE A 127 22.80 -10.68 -15.87
C ILE A 127 23.23 -11.60 -16.99
N PHE A 128 24.46 -12.09 -16.89
CA PHE A 128 25.13 -12.77 -18.00
C PHE A 128 25.38 -14.21 -17.64
N THR A 129 24.67 -15.08 -18.33
CA THR A 129 24.62 -16.51 -18.03
C THR A 129 25.53 -17.20 -19.03
N VAL A 130 26.57 -17.85 -18.50
CA VAL A 130 27.51 -18.63 -19.30
C VAL A 130 27.85 -19.95 -18.61
N ASN A 131 28.23 -20.91 -19.43
CA ASN A 131 28.69 -22.18 -18.95
C ASN A 131 30.15 -22.05 -18.52
N HIS A 132 30.75 -23.19 -18.21
CA HIS A 132 32.14 -23.20 -17.80
C HIS A 132 33.08 -22.69 -18.88
N LYS A 133 32.61 -22.50 -20.12
CA LYS A 133 33.42 -22.05 -21.23
C LYS A 133 33.08 -20.64 -21.71
N LEU A 134 32.34 -19.88 -20.90
CA LEU A 134 31.87 -18.53 -21.23
C LEU A 134 31.01 -18.48 -22.49
N LEU A 135 30.17 -19.50 -22.68
CA LEU A 135 29.19 -19.62 -23.75
C LEU A 135 27.79 -19.61 -23.16
N PRO A 136 26.79 -19.18 -23.93
CA PRO A 136 25.46 -18.95 -23.33
C PRO A 136 24.81 -20.25 -22.86
N VAL A 137 24.15 -20.18 -21.69
CA VAL A 137 23.37 -21.30 -21.18
C VAL A 137 22.06 -20.77 -20.62
N GLY A 138 21.05 -21.65 -20.57
CA GLY A 138 19.80 -21.21 -20.00
C GLY A 138 19.39 -21.93 -18.73
N ARG A 139 19.37 -21.25 -17.58
CA ARG A 139 18.89 -21.81 -16.32
C ARG A 139 18.08 -20.76 -15.59
N THR A 140 17.34 -21.17 -14.59
CA THR A 140 16.66 -20.19 -13.76
C THR A 140 17.63 -19.62 -12.74
N VAL A 141 17.50 -18.34 -12.47
CA VAL A 141 18.37 -17.62 -11.55
C VAL A 141 17.49 -16.86 -10.56
N MET A 142 18.04 -16.50 -9.41
CA MET A 142 17.25 -15.74 -8.45
C MET A 142 18.00 -14.46 -8.08
N VAL A 143 17.36 -13.30 -8.30
CA VAL A 143 18.00 -12.00 -8.13
C VAL A 143 17.46 -11.28 -6.91
N ASN A 144 18.35 -10.92 -6.01
CA ASN A 144 17.94 -10.35 -4.74
C ASN A 144 18.64 -9.02 -4.60
N ILE A 145 17.88 -8.01 -4.25
CA ILE A 145 18.43 -6.70 -3.99
C ILE A 145 18.50 -6.53 -2.49
N GLU A 146 19.70 -6.39 -1.96
CA GLU A 146 19.94 -6.47 -0.53
C GLU A 146 20.60 -5.19 -0.08
N ASN A 147 19.96 -4.52 0.83
CA ASN A 147 20.41 -3.24 1.35
C ASN A 147 21.71 -3.46 2.14
N PRO A 148 22.29 -2.38 2.66
CA PRO A 148 23.42 -2.54 3.59
C PRO A 148 23.20 -3.50 4.77
N GLU A 149 22.02 -3.50 5.40
CA GLU A 149 21.72 -4.47 6.46
C GLU A 149 21.90 -5.92 6.00
N GLY A 150 21.65 -6.17 4.71
CA GLY A 150 21.68 -7.49 4.10
C GLY A 150 20.33 -8.10 3.77
N ILE A 151 19.25 -7.35 3.92
CA ILE A 151 17.87 -7.86 3.87
C ILE A 151 17.34 -7.75 2.44
N PRO A 152 16.78 -8.81 1.85
CA PRO A 152 16.35 -8.71 0.44
C PRO A 152 15.08 -7.86 0.34
N VAL A 153 15.18 -6.80 -0.43
CA VAL A 153 14.10 -5.86 -0.56
C VAL A 153 13.48 -5.96 -1.92
N LYS A 154 13.97 -6.87 -2.73
CA LYS A 154 13.29 -7.20 -3.95
C LYS A 154 13.91 -8.50 -4.40
N GLN A 155 13.09 -9.45 -4.79
CA GLN A 155 13.53 -10.78 -5.17
C GLN A 155 12.72 -11.19 -6.38
N ASP A 156 13.30 -12.06 -7.20
CA ASP A 156 12.68 -12.52 -8.44
C ASP A 156 13.26 -13.86 -8.81
N SER A 157 12.53 -14.60 -9.65
CA SER A 157 12.94 -15.90 -10.16
C SER A 157 12.69 -15.98 -11.65
N LEU A 158 13.75 -16.07 -12.44
CA LEU A 158 13.60 -15.97 -13.87
C LEU A 158 14.45 -16.99 -14.59
N SER A 159 14.08 -17.29 -15.80
CA SER A 159 14.81 -18.29 -16.55
C SER A 159 15.58 -17.59 -17.65
N SER A 160 16.73 -18.15 -18.00
CA SER A 160 17.53 -17.60 -19.08
C SER A 160 17.45 -18.45 -20.33
N GLN A 161 16.49 -19.35 -20.42
CA GLN A 161 16.43 -20.17 -21.61
C GLN A 161 16.03 -19.30 -22.80
N ASN A 162 16.84 -19.38 -23.86
CA ASN A 162 16.67 -18.61 -25.10
C ASN A 162 16.63 -17.08 -24.93
N GLN A 163 17.23 -16.54 -23.85
CA GLN A 163 17.43 -15.10 -23.66
C GLN A 163 18.86 -14.67 -23.99
N LEU A 164 19.64 -15.59 -24.60
CA LEU A 164 21.06 -15.44 -24.99
C LEU A 164 21.96 -14.98 -23.85
N GLY A 165 21.77 -15.57 -22.66
CA GLY A 165 22.65 -15.26 -21.58
C GLY A 165 22.49 -13.90 -20.96
N VAL A 166 21.44 -13.13 -21.30
CA VAL A 166 21.23 -11.76 -20.82
C VAL A 166 19.85 -11.63 -20.21
N LEU A 167 19.80 -11.21 -18.96
CA LEU A 167 18.50 -11.05 -18.30
C LEU A 167 18.31 -9.60 -17.95
N PRO A 168 17.84 -8.78 -18.88
CA PRO A 168 17.56 -7.39 -18.53
C PRO A 168 16.52 -7.33 -17.41
N LEU A 169 16.85 -6.57 -16.36
CA LEU A 169 15.99 -6.41 -15.17
C LEU A 169 15.85 -4.95 -14.79
N SER A 170 15.09 -4.69 -13.73
CA SER A 170 15.17 -3.39 -13.11
C SER A 170 14.62 -3.46 -11.69
N TRP A 171 14.89 -2.42 -10.95
CA TRP A 171 14.20 -2.21 -9.69
C TRP A 171 14.19 -0.75 -9.35
N ASP A 172 13.02 -0.27 -8.95
CA ASP A 172 12.81 1.13 -8.69
C ASP A 172 13.18 1.44 -7.25
N ILE A 173 14.02 2.44 -7.03
CA ILE A 173 14.47 2.80 -5.69
C ILE A 173 13.52 3.74 -4.97
N PRO A 174 13.17 3.44 -3.72
CA PRO A 174 12.20 4.25 -2.98
C PRO A 174 12.73 5.59 -2.47
N GLU A 175 11.83 6.56 -2.36
CA GLU A 175 12.22 7.86 -1.84
C GLU A 175 12.71 7.73 -0.41
N LEU A 176 12.04 6.93 0.38
CA LEU A 176 12.49 6.65 1.74
C LEU A 176 13.22 5.32 1.69
N VAL A 177 14.53 5.37 1.91
CA VAL A 177 15.42 4.25 1.64
C VAL A 177 16.67 4.41 2.50
N ASN A 178 17.31 3.28 2.87
CA ASN A 178 18.62 3.27 3.53
C ASN A 178 19.77 3.58 2.59
N MET A 179 20.54 4.62 2.92
CA MET A 179 21.70 4.98 2.13
C MET A 179 22.85 4.02 2.42
N GLY A 180 23.69 3.77 1.39
CA GLY A 180 24.89 3.00 1.56
C GLY A 180 25.07 2.01 0.44
N GLN A 181 25.82 0.96 0.74
CA GLN A 181 26.23 -0.01 -0.27
C GLN A 181 25.16 -1.09 -0.40
N TRP A 182 24.38 -1.02 -1.45
CA TRP A 182 23.38 -2.04 -1.72
C TRP A 182 23.98 -3.07 -2.65
N LYS A 183 23.40 -4.27 -2.65
CA LYS A 183 23.95 -5.43 -3.34
C LYS A 183 23.00 -5.91 -4.43
N ILE A 184 23.53 -6.69 -5.36
CA ILE A 184 22.74 -7.45 -6.32
C ILE A 184 23.29 -8.87 -6.34
N ARG A 185 22.60 -9.81 -5.69
CA ARG A 185 23.04 -11.19 -5.67
C ARG A 185 22.21 -12.03 -6.64
N ALA A 186 22.88 -12.89 -7.37
CA ALA A 186 22.29 -13.81 -8.32
C ALA A 186 23.09 -15.10 -8.30
N TYR A 187 22.47 -16.17 -8.76
CA TYR A 187 23.01 -17.53 -8.65
C TYR A 187 22.13 -18.46 -9.45
N TYR A 188 22.75 -19.46 -10.06
CA TYR A 188 21.99 -20.43 -10.83
C TYR A 188 21.06 -21.22 -9.91
N GLU A 189 19.92 -21.66 -10.48
CA GLU A 189 18.99 -22.51 -9.76
C GLU A 189 19.71 -23.72 -9.13
N ASN A 190 20.60 -24.35 -9.90
CA ASN A 190 21.25 -25.59 -9.49
C ASN A 190 22.19 -25.40 -8.31
N SER A 191 22.99 -24.32 -8.33
CA SER A 191 24.15 -24.17 -7.45
C SER A 191 24.08 -22.86 -6.68
N PRO A 192 23.35 -22.86 -5.57
CA PRO A 192 23.19 -21.64 -4.80
C PRO A 192 24.36 -21.29 -3.88
N GLN A 193 25.17 -22.24 -3.39
CA GLN A 193 26.28 -21.84 -2.51
C GLN A 193 27.24 -20.87 -3.20
N GLN A 194 27.29 -20.94 -4.53
CA GLN A 194 28.01 -20.03 -5.42
C GLN A 194 27.18 -18.78 -5.70
N VAL A 195 27.49 -17.67 -5.02
CA VAL A 195 26.76 -16.40 -5.09
C VAL A 195 27.54 -15.38 -5.90
N PHE A 196 26.90 -14.72 -6.85
CA PHE A 196 27.56 -13.64 -7.60
C PHE A 196 27.02 -12.29 -7.16
N SER A 197 27.90 -11.34 -6.86
CA SER A 197 27.51 -10.09 -6.23
C SER A 197 28.07 -8.86 -6.94
N THR A 198 27.35 -7.76 -6.74
CA THR A 198 27.73 -6.41 -7.13
C THR A 198 27.08 -5.43 -6.15
N GLU A 199 27.85 -4.45 -5.70
CA GLU A 199 27.33 -3.46 -4.79
C GLU A 199 27.12 -2.14 -5.53
N PHE A 200 26.28 -1.29 -4.99
CA PHE A 200 26.06 0.02 -5.57
C PHE A 200 25.63 0.96 -4.45
N GLU A 201 26.12 2.20 -4.51
CA GLU A 201 25.87 3.16 -3.46
C GLU A 201 24.57 3.88 -3.71
N VAL A 202 23.83 4.10 -2.64
CA VAL A 202 22.64 4.92 -2.72
C VAL A 202 22.81 6.07 -1.74
N LYS A 203 22.83 7.29 -2.27
CA LYS A 203 23.00 8.54 -1.53
C LYS A 203 22.23 9.64 -2.26
N GLU A 204 21.83 10.65 -1.48
CA GLU A 204 21.15 11.82 -2.04
C GLU A 204 22.21 12.75 -2.64
N TYR A 205 22.21 12.89 -3.96
CA TYR A 205 23.22 13.70 -4.63
C TYR A 205 22.68 14.40 -5.87
N VAL A 206 23.49 15.35 -6.34
CA VAL A 206 23.27 16.03 -7.60
C VAL A 206 24.58 16.05 -8.37
N LEU A 207 24.51 15.74 -9.66
CA LEU A 207 25.74 15.68 -10.43
C LEU A 207 26.42 17.05 -10.43
N PRO A 208 27.75 17.12 -10.19
CA PRO A 208 28.50 18.39 -10.28
C PRO A 208 28.69 18.99 -11.68
N SER A 209 29.52 20.05 -11.79
CA SER A 209 29.92 20.57 -13.09
C SER A 209 31.36 20.26 -13.46
N PHE A 210 32.23 19.93 -12.50
CA PHE A 210 33.65 19.72 -12.76
C PHE A 210 34.21 18.59 -11.91
N GLU A 211 35.22 17.91 -12.45
CA GLU A 211 35.93 16.86 -11.75
C GLU A 211 37.28 17.35 -11.21
N VAL A 212 37.68 16.77 -10.08
CA VAL A 212 38.86 17.16 -9.34
C VAL A 212 39.68 15.91 -9.10
N ILE A 213 40.95 15.91 -9.50
CA ILE A 213 41.84 14.76 -9.31
C ILE A 213 43.01 15.17 -8.42
N VAL A 214 43.05 14.57 -7.24
CA VAL A 214 44.10 14.81 -6.26
C VAL A 214 45.05 13.60 -6.30
N GLU A 215 46.26 13.77 -6.84
CA GLU A 215 47.14 12.63 -7.12
C GLU A 215 48.59 12.89 -6.73
N PRO A 216 49.16 12.14 -5.80
CA PRO A 216 50.57 12.36 -5.38
C PRO A 216 51.59 11.88 -6.39
N THR A 217 52.77 12.51 -6.35
CA THR A 217 53.76 12.25 -7.41
C THR A 217 54.19 10.79 -7.37
N GLU A 218 54.42 10.26 -6.17
CA GLU A 218 54.86 8.89 -5.99
C GLU A 218 53.93 8.23 -4.97
N LYS A 219 53.77 6.91 -5.13
CA LYS A 219 52.63 6.16 -4.60
C LYS A 219 52.67 5.96 -3.09
N PHE A 220 53.77 6.30 -2.44
CA PHE A 220 54.01 6.06 -1.03
C PHE A 220 54.67 7.29 -0.45
N TYR A 221 54.97 7.27 0.84
CA TYR A 221 55.84 8.29 1.44
C TYR A 221 57.07 7.62 2.03
N TYR A 222 58.25 7.85 1.44
CA TYR A 222 59.45 7.37 2.11
C TYR A 222 59.63 8.12 3.43
N ILE A 223 59.86 7.36 4.49
CA ILE A 223 59.81 7.92 5.83
C ILE A 223 60.76 9.11 6.02
N TYR A 224 61.94 9.06 5.40
CA TYR A 224 62.91 10.12 5.53
C TYR A 224 62.90 11.06 4.32
N ASN A 225 61.85 11.05 3.51
CA ASN A 225 61.85 11.81 2.27
C ASN A 225 61.74 13.30 2.55
N GLU A 226 62.80 14.02 2.19
CA GLU A 226 62.94 15.43 2.49
C GLU A 226 61.86 16.28 1.80
N LYS A 227 61.56 15.95 0.54
CA LYS A 227 60.61 16.73 -0.24
C LYS A 227 59.25 16.81 0.44
N GLY A 228 58.93 15.84 1.30
CA GLY A 228 57.63 15.74 1.91
C GLY A 228 56.62 15.13 0.95
N LEU A 229 55.36 15.41 1.26
CA LEU A 229 54.24 14.86 0.50
C LEU A 229 53.93 15.76 -0.69
N GLU A 230 54.34 15.35 -1.88
CA GLU A 230 54.10 16.14 -3.07
C GLU A 230 52.92 15.57 -3.84
N VAL A 231 52.02 16.46 -4.23
CA VAL A 231 50.75 16.11 -4.86
C VAL A 231 50.46 17.06 -6.01
N THR A 232 50.05 16.48 -7.14
CA THR A 232 49.62 17.23 -8.32
C THR A 232 48.09 17.29 -8.33
N ILE A 233 47.53 18.49 -8.28
CA ILE A 233 46.08 18.68 -8.27
C ILE A 233 45.63 19.02 -9.69
N THR A 234 44.82 18.14 -10.32
CA THR A 234 44.17 18.43 -11.60
C THR A 234 42.68 18.68 -11.42
N ALA A 235 42.19 19.80 -11.92
CA ALA A 235 40.77 20.15 -11.81
C ALA A 235 40.25 20.60 -13.16
N ARG A 236 39.21 19.94 -13.65
CA ARG A 236 38.77 20.25 -15.00
C ARG A 236 37.29 19.91 -15.20
N PHE A 237 36.64 20.75 -16.01
CA PHE A 237 35.31 20.52 -16.53
C PHE A 237 35.28 19.24 -17.34
N LEU A 238 34.08 18.72 -17.49
CA LEU A 238 33.94 17.38 -18.04
C LEU A 238 34.26 17.33 -19.52
N TYR A 239 34.07 18.43 -20.24
CA TYR A 239 34.34 18.40 -21.67
C TYR A 239 35.84 18.57 -21.98
N GLY A 240 36.66 18.95 -21.00
CA GLY A 240 38.10 19.01 -21.19
C GLY A 240 38.72 20.38 -20.98
N LYS A 241 38.02 21.28 -20.30
CA LYS A 241 38.40 22.66 -20.13
C LYS A 241 38.71 22.91 -18.66
N LYS A 242 39.74 23.72 -18.39
CA LYS A 242 40.32 23.83 -17.05
C LYS A 242 39.65 24.89 -16.19
N VAL A 243 39.64 24.59 -14.90
CA VAL A 243 38.71 25.14 -13.93
C VAL A 243 39.40 26.24 -13.12
N GLU A 244 38.62 27.22 -12.68
CA GLU A 244 39.12 28.26 -11.78
C GLU A 244 38.34 28.27 -10.48
N GLY A 245 39.08 28.10 -9.36
CA GLY A 245 38.57 27.86 -8.02
C GLY A 245 39.58 28.04 -6.89
N THR A 246 39.35 27.35 -5.74
CA THR A 246 40.19 27.33 -4.55
C THR A 246 40.18 25.93 -3.96
N ALA A 247 41.29 25.52 -3.31
CA ALA A 247 41.38 24.16 -2.75
C ALA A 247 41.67 24.15 -1.25
N PHE A 248 41.04 23.20 -0.57
CA PHE A 248 41.18 23.00 0.88
C PHE A 248 41.56 21.55 1.14
N VAL A 249 42.78 21.37 1.60
CA VAL A 249 43.36 20.05 1.77
C VAL A 249 43.68 19.80 3.24
N ILE A 250 43.10 18.73 3.80
CA ILE A 250 43.45 18.22 5.13
C ILE A 250 44.06 16.84 4.94
N PHE A 251 44.83 16.43 5.94
CA PHE A 251 45.54 15.17 5.89
C PHE A 251 45.06 14.26 7.03
N GLY A 252 45.29 12.97 6.85
CA GLY A 252 44.81 12.00 7.81
C GLY A 252 45.54 10.70 7.60
N ILE A 253 45.44 9.83 8.61
CA ILE A 253 46.09 8.52 8.61
C ILE A 253 45.04 7.43 8.78
N GLN A 254 45.25 6.31 8.09
CA GLN A 254 44.28 5.22 7.96
C GLN A 254 44.92 3.92 8.44
N ASP A 255 44.30 3.26 9.43
CA ASP A 255 44.81 2.03 10.06
C ASP A 255 43.76 0.93 9.87
N GLY A 256 43.93 0.10 8.84
CA GLY A 256 42.90 -0.88 8.53
C GLY A 256 41.63 -0.18 8.09
N GLU A 257 40.65 -0.15 8.98
CA GLU A 257 39.50 0.72 8.82
C GLU A 257 39.47 1.86 9.85
N GLN A 258 40.49 1.94 10.70
CA GLN A 258 40.67 2.98 11.73
C GLN A 258 41.46 4.16 11.15
N ARG A 259 40.82 5.34 11.11
CA ARG A 259 41.41 6.52 10.49
C ARG A 259 41.57 7.65 11.52
N ILE A 260 42.70 8.36 11.43
CA ILE A 260 43.09 9.39 12.36
C ILE A 260 43.37 10.67 11.59
N SER A 261 42.57 11.70 11.83
CA SER A 261 42.65 12.94 11.09
C SER A 261 43.75 13.85 11.63
N LEU A 262 44.28 14.71 10.75
CA LEU A 262 45.36 15.65 11.09
C LEU A 262 44.85 17.08 10.97
N PRO A 263 44.18 17.59 12.01
CA PRO A 263 43.54 18.92 11.88
C PRO A 263 44.52 20.08 11.63
N GLU A 264 45.74 20.05 12.17
CA GLU A 264 46.68 21.15 11.93
C GLU A 264 47.19 21.19 10.48
N SER A 265 46.96 20.13 9.68
CA SER A 265 47.52 19.94 8.36
C SER A 265 46.74 20.65 7.26
N LEU A 266 45.53 21.11 7.56
CA LEU A 266 44.69 21.76 6.57
C LEU A 266 45.35 23.03 6.03
N LYS A 267 45.60 23.06 4.71
CA LYS A 267 46.16 24.21 4.00
C LYS A 267 45.29 24.62 2.80
N ARG A 268 45.10 25.93 2.64
CA ARG A 268 44.32 26.50 1.54
C ARG A 268 45.23 26.95 0.41
N ILE A 269 44.94 26.47 -0.80
CA ILE A 269 45.88 26.63 -1.89
C ILE A 269 45.22 27.18 -3.15
N PRO A 270 45.87 28.13 -3.81
CA PRO A 270 45.33 28.72 -5.03
C PRO A 270 45.26 27.70 -6.17
N ILE A 271 44.52 28.08 -7.24
CA ILE A 271 44.28 27.22 -8.40
C ILE A 271 44.91 27.82 -9.66
N GLU A 272 45.98 27.18 -10.16
CA GLU A 272 46.88 27.74 -11.16
C GLU A 272 46.70 27.04 -12.50
N ASP A 273 45.99 27.69 -13.42
CA ASP A 273 45.69 27.15 -14.74
C ASP A 273 45.12 25.74 -14.63
N GLY A 274 44.12 25.56 -13.77
CA GLY A 274 43.46 24.25 -13.72
C GLY A 274 44.40 23.13 -13.36
N SER A 275 45.37 23.42 -12.54
CA SER A 275 46.37 22.47 -12.12
C SER A 275 46.99 23.09 -10.88
N GLY A 276 47.79 22.31 -10.19
CA GLY A 276 48.41 22.85 -9.02
C GLY A 276 49.47 21.88 -8.55
N GLU A 277 50.33 22.38 -7.68
CA GLU A 277 51.18 21.51 -6.88
C GLU A 277 50.98 21.86 -5.40
N VAL A 278 51.08 20.85 -4.55
CA VAL A 278 50.90 21.07 -3.14
C VAL A 278 51.77 20.12 -2.35
N VAL A 279 52.23 20.61 -1.21
CA VAL A 279 53.18 19.91 -0.37
C VAL A 279 52.63 19.88 1.03
N LEU A 280 52.79 18.73 1.68
CA LEU A 280 52.75 18.68 3.13
C LEU A 280 54.20 18.89 3.59
N SER A 281 54.53 20.12 3.98
CA SER A 281 55.90 20.44 4.36
C SER A 281 56.34 19.55 5.52
N ARG A 282 57.59 19.08 5.46
CA ARG A 282 58.20 18.53 6.66
C ARG A 282 57.99 19.50 7.82
N LYS A 283 58.10 20.81 7.55
CA LYS A 283 57.83 21.85 8.54
C LYS A 283 56.39 21.77 9.07
N VAL A 284 55.42 21.57 8.17
CA VAL A 284 54.01 21.56 8.58
C VAL A 284 53.72 20.37 9.50
N LEU A 285 54.11 19.17 9.09
CA LEU A 285 53.70 17.96 9.79
C LEU A 285 54.16 17.97 11.25
N LEU A 286 55.41 18.38 11.49
CA LEU A 286 56.04 18.10 12.78
C LEU A 286 55.42 18.92 13.92
N ASP A 287 54.90 20.10 13.62
CA ASP A 287 54.30 20.94 14.65
C ASP A 287 53.10 20.25 15.26
N GLY A 288 53.05 20.24 16.58
CA GLY A 288 52.01 19.49 17.28
C GLY A 288 52.05 18.01 16.97
N VAL A 289 53.09 17.31 17.41
CA VAL A 289 53.27 15.91 17.07
C VAL A 289 52.36 15.02 17.92
N GLN A 290 51.89 13.91 17.31
CA GLN A 290 50.83 13.05 17.86
C GLN A 290 51.19 11.60 17.56
N ASN A 291 51.43 10.87 18.61
CA ASN A 291 51.65 9.42 18.58
C ASN A 291 52.69 9.05 17.51
N PRO A 292 53.88 9.68 17.56
CA PRO A 292 54.74 9.66 16.35
C PRO A 292 55.22 8.26 16.03
N ARG A 293 55.88 7.59 16.98
CA ARG A 293 56.34 6.22 16.84
C ARG A 293 56.93 5.94 15.46
N ALA A 294 57.98 6.68 15.10
CA ALA A 294 58.62 6.62 13.79
C ALA A 294 58.77 5.20 13.28
N GLU A 295 59.42 4.34 14.07
CA GLU A 295 59.59 2.95 13.65
C GLU A 295 58.26 2.24 13.46
N ASP A 296 57.24 2.60 14.26
CA ASP A 296 55.96 1.89 14.22
C ASP A 296 55.13 2.24 12.98
N LEU A 297 55.32 3.44 12.40
CA LEU A 297 54.37 3.94 11.40
C LEU A 297 54.31 3.06 10.14
N VAL A 298 55.37 2.30 9.84
CA VAL A 298 55.34 1.48 8.63
C VAL A 298 54.27 0.39 8.77
N GLY A 299 53.41 0.27 7.74
CA GLY A 299 52.33 -0.69 7.69
C GLY A 299 50.93 -0.08 7.68
N LYS A 300 50.80 1.20 8.04
CA LYS A 300 49.56 1.97 7.98
C LYS A 300 49.56 2.79 6.68
N SER A 301 48.53 3.62 6.53
CA SER A 301 48.35 4.39 5.30
C SER A 301 47.72 5.74 5.63
N LEU A 302 47.77 6.66 4.65
CA LEU A 302 47.26 8.01 4.82
C LEU A 302 46.16 8.31 3.80
N TYR A 303 45.25 9.20 4.20
CA TYR A 303 44.18 9.65 3.33
C TYR A 303 44.18 11.17 3.28
N VAL A 304 43.88 11.72 2.11
CA VAL A 304 43.80 13.17 2.00
C VAL A 304 42.59 13.58 1.17
N SER A 305 41.82 14.49 1.75
CA SER A 305 40.60 15.07 1.20
C SER A 305 40.85 16.51 0.79
N ALA A 306 40.52 16.84 -0.46
CA ALA A 306 40.47 18.23 -0.91
C ALA A 306 39.03 18.59 -1.18
N THR A 307 38.61 19.73 -0.66
CA THR A 307 37.31 20.27 -1.01
C THR A 307 37.54 21.46 -1.92
N VAL A 308 37.12 21.36 -3.17
CA VAL A 308 37.43 22.38 -4.15
C VAL A 308 36.19 23.17 -4.46
N ILE A 309 36.30 24.50 -4.46
CA ILE A 309 35.20 25.40 -4.79
C ILE A 309 35.54 26.25 -6.01
N LEU A 310 34.61 26.29 -6.97
CA LEU A 310 34.73 27.10 -8.16
C LEU A 310 35.03 28.56 -7.81
N HIS A 311 35.63 29.26 -8.77
CA HIS A 311 35.72 30.71 -8.67
C HIS A 311 34.40 31.41 -9.00
N SER A 312 33.46 30.75 -9.72
CA SER A 312 32.15 31.36 -9.97
C SER A 312 31.20 31.26 -8.78
N GLY A 313 31.22 30.14 -8.05
CA GLY A 313 30.48 30.01 -6.80
C GLY A 313 29.45 28.89 -6.76
N SER A 314 29.22 28.21 -7.87
CA SER A 314 28.05 27.35 -7.96
C SER A 314 28.26 25.96 -7.38
N ASP A 315 29.47 25.40 -7.53
CA ASP A 315 29.68 23.99 -7.24
C ASP A 315 30.95 23.77 -6.43
N MET A 316 30.82 22.99 -5.36
CA MET A 316 31.97 22.61 -4.54
C MET A 316 32.18 21.10 -4.62
N VAL A 317 33.44 20.68 -4.78
CA VAL A 317 33.77 19.27 -4.91
C VAL A 317 34.76 18.88 -3.82
N GLN A 318 34.45 17.81 -3.10
CA GLN A 318 35.34 17.20 -2.13
C GLN A 318 35.97 15.98 -2.76
N ALA A 319 37.30 15.96 -2.90
CA ALA A 319 38.00 14.81 -3.49
C ALA A 319 38.95 14.20 -2.46
N GLU A 320 39.27 12.92 -2.61
CA GLU A 320 40.11 12.34 -1.60
C GLU A 320 40.95 11.21 -2.16
N ARG A 321 42.20 11.19 -1.73
CA ARG A 321 43.06 10.04 -1.92
C ARG A 321 43.31 9.44 -0.55
N SER A 322 42.99 8.17 -0.39
CA SER A 322 43.21 7.42 0.83
C SER A 322 44.18 6.28 0.56
N GLY A 323 44.84 5.87 1.65
CA GLY A 323 45.72 4.73 1.65
C GLY A 323 47.19 4.99 1.41
N ILE A 324 47.71 6.16 1.80
CA ILE A 324 49.09 6.56 1.50
C ILE A 324 50.08 5.94 2.49
N PRO A 325 50.87 4.94 2.07
CA PRO A 325 51.76 4.26 3.02
C PRO A 325 53.05 5.04 3.23
N ILE A 326 53.44 5.16 4.50
CA ILE A 326 54.72 5.72 4.95
C ILE A 326 55.74 4.57 4.99
N VAL A 327 56.59 4.49 3.98
CA VAL A 327 57.45 3.33 3.80
C VAL A 327 58.89 3.70 4.10
N THR A 328 59.69 2.66 4.34
CA THR A 328 61.13 2.71 4.21
C THR A 328 61.60 2.13 2.90
N SER A 329 60.68 1.59 2.09
CA SER A 329 61.01 0.74 0.97
C SER A 329 59.97 1.11 -0.07
N PRO A 330 60.40 1.63 -1.23
CA PRO A 330 59.42 2.01 -2.26
C PRO A 330 58.57 0.86 -2.77
N TYR A 331 58.94 -0.37 -2.45
CA TYR A 331 58.38 -1.59 -3.02
C TYR A 331 57.98 -2.58 -1.92
N GLN A 332 57.59 -3.77 -2.37
CA GLN A 332 57.28 -4.96 -1.58
C GLN A 332 57.47 -6.16 -2.50
N ILE A 333 58.11 -7.23 -2.04
CA ILE A 333 58.26 -8.43 -2.84
C ILE A 333 57.30 -9.51 -2.36
N HIS A 334 56.58 -10.12 -3.29
CA HIS A 334 55.68 -11.23 -3.03
C HIS A 334 55.99 -12.38 -3.97
N PHE A 335 55.70 -13.60 -3.51
CA PHE A 335 56.00 -14.83 -4.24
C PHE A 335 54.75 -15.55 -4.75
N THR A 336 53.66 -14.80 -4.99
CA THR A 336 52.39 -15.41 -5.33
C THR A 336 52.38 -16.13 -6.67
N LYS A 337 53.27 -15.77 -7.60
CA LYS A 337 53.30 -16.47 -8.88
C LYS A 337 54.45 -17.46 -8.96
N THR A 338 55.01 -17.88 -7.80
CA THR A 338 56.20 -18.74 -7.76
C THR A 338 55.90 -20.17 -7.32
N PRO A 339 56.33 -21.18 -8.11
CA PRO A 339 56.21 -22.59 -7.68
C PRO A 339 57.00 -22.84 -6.39
N LYS A 340 56.49 -23.75 -5.56
CA LYS A 340 57.15 -24.12 -4.31
C LYS A 340 58.01 -25.39 -4.44
N TYR A 341 58.17 -25.93 -5.62
CA TYR A 341 58.84 -27.21 -5.73
C TYR A 341 59.62 -27.26 -7.03
N PHE A 342 60.84 -27.79 -6.96
CA PHE A 342 61.81 -27.76 -8.04
C PHE A 342 62.38 -29.13 -8.38
N LYS A 343 62.96 -29.20 -9.57
CA LYS A 343 63.71 -30.33 -10.07
C LYS A 343 65.20 -30.11 -9.82
N PRO A 344 65.83 -30.89 -8.94
CA PRO A 344 67.24 -30.63 -8.56
C PRO A 344 68.23 -30.76 -9.71
N GLY A 345 69.13 -29.78 -9.78
CA GLY A 345 70.08 -29.67 -10.87
C GLY A 345 69.53 -29.03 -12.12
N MET A 346 68.34 -28.49 -12.06
CA MET A 346 67.67 -27.93 -13.21
C MET A 346 67.35 -26.48 -12.92
N PRO A 347 67.25 -25.66 -13.97
CA PRO A 347 66.94 -24.24 -13.78
C PRO A 347 65.66 -24.04 -12.99
N PHE A 348 65.67 -23.08 -12.09
CA PHE A 348 64.46 -22.71 -11.36
C PHE A 348 63.98 -21.32 -11.72
N ASP A 349 62.82 -21.25 -12.38
CA ASP A 349 62.29 -20.02 -12.98
C ASP A 349 61.33 -19.36 -11.98
N LEU A 350 61.69 -18.18 -11.50
CA LEU A 350 60.86 -17.43 -10.56
C LEU A 350 60.05 -16.39 -11.29
N MET A 351 58.76 -16.30 -10.98
CA MET A 351 57.96 -15.13 -11.33
C MET A 351 57.69 -14.41 -10.01
N VAL A 352 58.68 -13.63 -9.57
CA VAL A 352 58.52 -12.82 -8.37
C VAL A 352 57.70 -11.59 -8.68
N PHE A 353 56.76 -11.26 -7.80
CA PHE A 353 55.94 -10.08 -8.06
C PHE A 353 56.50 -8.94 -7.23
N VAL A 354 57.14 -8.02 -7.93
CA VAL A 354 57.51 -6.73 -7.37
C VAL A 354 56.26 -5.89 -7.34
N THR A 355 55.90 -5.41 -6.16
CA THR A 355 54.64 -4.72 -5.96
C THR A 355 54.93 -3.33 -5.43
N ASN A 356 54.26 -2.34 -5.98
CA ASN A 356 54.35 -1.05 -5.35
C ASN A 356 53.38 -1.07 -4.16
N PRO A 357 53.57 -0.19 -3.18
CA PRO A 357 52.89 -0.39 -1.88
C PRO A 357 51.38 -0.46 -1.97
N ASP A 358 50.76 0.26 -2.92
CA ASP A 358 49.32 0.19 -3.12
C ASP A 358 48.89 -1.10 -3.81
N GLY A 359 49.78 -1.71 -4.58
CA GLY A 359 49.46 -2.89 -5.35
C GLY A 359 49.90 -2.82 -6.79
N SER A 360 50.40 -1.70 -7.25
CA SER A 360 50.74 -1.55 -8.64
C SER A 360 52.12 -2.15 -8.96
N PRO A 361 52.30 -2.65 -10.18
CA PRO A 361 53.64 -3.12 -10.61
C PRO A 361 54.68 -2.01 -10.75
N ALA A 362 55.95 -2.42 -10.74
CA ALA A 362 57.11 -1.54 -10.78
C ALA A 362 57.84 -1.64 -12.11
N TYR A 363 58.05 -0.49 -12.76
CA TYR A 363 58.67 -0.41 -14.08
C TYR A 363 60.17 -0.09 -13.96
N ARG A 364 60.99 -0.83 -14.74
CA ARG A 364 62.43 -0.63 -14.90
C ARG A 364 63.18 -0.68 -13.56
N VAL A 365 63.01 -1.80 -12.84
CA VAL A 365 63.64 -2.00 -11.53
C VAL A 365 64.63 -3.16 -11.67
N PRO A 366 65.93 -2.94 -11.48
CA PRO A 366 66.86 -4.07 -11.40
C PRO A 366 66.67 -4.87 -10.11
N VAL A 367 66.63 -6.19 -10.26
CA VAL A 367 66.38 -7.08 -9.13
C VAL A 367 67.26 -8.31 -9.27
N ALA A 368 67.61 -8.93 -8.15
CA ALA A 368 68.42 -10.14 -8.19
C ALA A 368 68.25 -10.89 -6.89
N VAL A 369 68.68 -12.16 -6.90
CA VAL A 369 68.67 -12.98 -5.69
C VAL A 369 69.99 -12.79 -4.96
N GLN A 370 69.91 -12.54 -3.64
CA GLN A 370 71.10 -12.49 -2.80
C GLN A 370 71.90 -13.79 -2.90
N GLY A 371 73.23 -13.69 -3.00
CA GLY A 371 74.02 -14.79 -3.48
C GLY A 371 73.97 -14.86 -5.00
N GLU A 372 74.68 -15.84 -5.56
CA GLU A 372 74.82 -15.91 -7.02
C GLU A 372 75.22 -14.54 -7.56
N ASP A 373 76.43 -14.16 -7.19
CA ASP A 373 76.94 -12.86 -7.58
C ASP A 373 76.97 -12.71 -9.11
N THR A 374 76.78 -13.81 -9.85
CA THR A 374 76.97 -13.79 -11.31
C THR A 374 76.17 -12.70 -12.01
N VAL A 375 74.85 -12.62 -11.77
CA VAL A 375 73.99 -11.75 -12.59
C VAL A 375 72.85 -11.13 -11.75
N GLN A 376 72.41 -9.94 -12.20
CA GLN A 376 71.20 -9.22 -11.77
C GLN A 376 70.25 -9.05 -12.96
N SER A 377 68.94 -8.92 -12.69
CA SER A 377 67.94 -8.76 -13.75
C SER A 377 67.08 -7.51 -13.52
N LEU A 378 66.20 -7.26 -14.48
CA LEU A 378 65.44 -6.02 -14.57
C LEU A 378 63.95 -6.32 -14.60
N THR A 379 63.18 -5.61 -13.76
CA THR A 379 61.73 -5.79 -13.77
C THR A 379 61.09 -5.16 -15.01
N GLN A 380 60.08 -5.84 -15.54
CA GLN A 380 59.28 -5.32 -16.65
C GLN A 380 58.32 -4.23 -16.17
N GLY A 381 57.46 -3.76 -17.07
CA GLY A 381 56.37 -2.88 -16.67
C GLY A 381 55.42 -3.50 -15.67
N ASP A 382 55.36 -4.84 -15.61
CA ASP A 382 54.52 -5.57 -14.67
C ASP A 382 55.19 -5.82 -13.30
N GLY A 383 56.38 -5.28 -13.06
CA GLY A 383 57.02 -5.55 -11.77
C GLY A 383 57.37 -7.00 -11.61
N VAL A 384 57.65 -7.69 -12.70
CA VAL A 384 57.95 -9.10 -12.68
C VAL A 384 59.14 -9.36 -13.61
N ALA A 385 60.12 -10.10 -13.11
CA ALA A 385 61.21 -10.59 -13.91
C ALA A 385 61.15 -12.11 -13.88
N LYS A 386 61.69 -12.74 -14.91
CA LYS A 386 61.79 -14.19 -14.85
C LYS A 386 63.20 -14.57 -14.37
N LEU A 387 63.39 -14.33 -13.06
CA LEU A 387 64.62 -14.73 -12.40
C LEU A 387 64.73 -16.23 -12.50
N SER A 388 65.60 -16.69 -13.37
CA SER A 388 65.84 -18.10 -13.56
C SER A 388 67.18 -18.45 -12.91
N ILE A 389 67.14 -19.21 -11.82
CA ILE A 389 68.35 -19.54 -11.09
C ILE A 389 68.72 -21.00 -11.31
N ASN A 390 70.01 -21.26 -11.21
CA ASN A 390 70.49 -22.61 -11.40
C ASN A 390 70.50 -23.29 -10.05
N THR A 391 69.95 -24.51 -10.03
CA THR A 391 69.89 -25.32 -8.81
C THR A 391 71.22 -26.06 -8.59
N HIS A 392 71.66 -26.12 -7.32
CA HIS A 392 72.71 -27.14 -7.39
C HIS A 392 72.10 -28.52 -7.21
N PRO A 393 72.51 -29.54 -8.04
CA PRO A 393 72.08 -30.92 -7.75
C PRO A 393 72.45 -31.33 -6.32
N SER A 394 71.43 -31.46 -5.47
CA SER A 394 71.54 -31.64 -4.03
C SER A 394 70.13 -31.66 -3.48
N GLN A 395 69.92 -32.44 -2.42
CA GLN A 395 68.58 -32.60 -1.91
C GLN A 395 68.35 -31.68 -0.72
N LYS A 396 69.17 -30.67 -0.57
CA LYS A 396 68.88 -29.66 0.43
C LYS A 396 67.71 -28.80 -0.03
N PRO A 397 66.79 -28.46 0.86
CA PRO A 397 65.78 -27.46 0.52
C PRO A 397 66.48 -26.21 0.03
N LEU A 398 66.11 -25.77 -1.17
CA LEU A 398 66.60 -24.51 -1.70
C LEU A 398 65.86 -23.33 -1.08
N SER A 399 66.60 -22.35 -0.54
CA SER A 399 65.99 -21.20 0.11
C SER A 399 66.39 -19.95 -0.66
N ILE A 400 65.39 -19.16 -1.08
CA ILE A 400 65.57 -18.00 -1.94
C ILE A 400 64.99 -16.76 -1.27
N THR A 401 65.78 -15.71 -1.23
CA THR A 401 65.38 -14.38 -0.76
C THR A 401 65.68 -13.39 -1.88
N VAL A 402 64.65 -12.72 -2.38
CA VAL A 402 64.82 -11.82 -3.51
C VAL A 402 64.89 -10.39 -3.02
N ARG A 403 65.90 -9.67 -3.48
CA ARG A 403 66.01 -8.27 -3.15
C ARG A 403 66.11 -7.48 -4.44
N THR A 404 65.60 -6.25 -4.37
CA THR A 404 65.71 -5.34 -5.48
C THR A 404 67.04 -4.60 -5.41
N LYS A 405 67.55 -4.21 -6.57
CA LYS A 405 68.79 -3.46 -6.68
C LYS A 405 68.57 -2.14 -7.41
N LYS A 406 67.42 -1.51 -7.18
CA LYS A 406 67.04 -0.31 -7.92
C LYS A 406 67.96 0.85 -7.54
N GLN A 407 68.69 1.37 -8.53
CA GLN A 407 69.57 2.51 -8.35
C GLN A 407 68.78 3.75 -7.92
N GLU A 408 69.46 4.68 -7.25
CA GLU A 408 68.96 5.98 -6.74
C GLU A 408 68.17 5.77 -5.44
N LEU A 409 68.15 4.55 -4.89
CA LEU A 409 67.50 4.20 -3.65
C LEU A 409 68.53 3.79 -2.60
N SER A 410 68.20 3.99 -1.34
CA SER A 410 69.08 3.51 -0.30
C SER A 410 69.12 1.99 -0.33
N GLU A 411 70.26 1.44 0.06
CA GLU A 411 70.37 -0.01 0.09
C GLU A 411 69.51 -0.63 1.19
N ALA A 412 69.24 0.11 2.27
CA ALA A 412 68.29 -0.35 3.28
C ALA A 412 66.89 -0.47 2.69
N GLU A 413 66.53 0.48 1.82
CA GLU A 413 65.19 0.51 1.24
C GLU A 413 64.86 -0.79 0.51
N GLN A 414 65.81 -1.31 -0.27
CA GLN A 414 65.52 -2.39 -1.20
C GLN A 414 64.60 -3.44 -0.62
N ALA A 415 63.62 -3.82 -1.42
CA ALA A 415 62.59 -4.75 -0.97
C ALA A 415 63.13 -6.17 -1.02
N THR A 416 62.68 -6.99 -0.08
CA THR A 416 63.12 -8.37 0.06
C THR A 416 61.92 -9.30 0.28
N ARG A 417 62.11 -10.57 -0.10
CA ARG A 417 61.17 -11.62 0.30
C ARG A 417 61.87 -12.96 0.19
N THR A 418 61.54 -13.87 1.12
CA THR A 418 62.17 -15.18 1.20
C THR A 418 61.13 -16.26 0.98
N MET A 419 61.52 -17.36 0.31
CA MET A 419 60.72 -18.57 0.19
C MET A 419 61.68 -19.75 0.40
N GLN A 420 61.17 -20.98 0.25
CA GLN A 420 61.97 -22.20 0.33
C GLN A 420 61.41 -23.17 -0.68
N ALA A 421 62.25 -23.82 -1.46
CA ALA A 421 61.79 -24.75 -2.48
C ALA A 421 62.31 -26.15 -2.17
N LEU A 422 61.45 -27.17 -2.39
CA LEU A 422 61.72 -28.53 -1.95
C LEU A 422 61.88 -29.48 -3.13
N PRO A 423 62.75 -30.47 -2.99
CA PRO A 423 63.05 -31.33 -4.13
C PRO A 423 61.89 -32.27 -4.44
N TYR A 424 61.68 -32.53 -5.73
CA TYR A 424 60.78 -33.60 -6.18
C TYR A 424 61.32 -34.96 -5.73
N SER A 425 60.65 -35.64 -4.81
CA SER A 425 61.14 -36.95 -4.36
C SER A 425 61.08 -37.97 -5.50
N THR A 426 62.18 -38.66 -5.75
CA THR A 426 62.14 -39.67 -6.79
C THR A 426 61.89 -41.01 -6.13
N VAL A 427 61.38 -41.95 -6.94
CA VAL A 427 61.01 -43.27 -6.47
C VAL A 427 62.25 -43.97 -5.96
N GLY A 428 62.32 -44.24 -4.66
CA GLY A 428 63.58 -44.65 -4.07
C GLY A 428 64.69 -43.65 -4.27
N ASN A 429 64.33 -42.38 -4.48
CA ASN A 429 65.27 -41.33 -4.84
C ASN A 429 66.27 -41.85 -5.89
N SER A 430 65.75 -42.45 -6.97
CA SER A 430 66.54 -42.96 -8.10
C SER A 430 67.04 -41.83 -9.01
N ASN A 431 66.52 -40.63 -8.81
CA ASN A 431 67.01 -39.43 -9.50
C ASN A 431 66.92 -39.60 -11.01
N ASN A 432 65.83 -40.19 -11.46
CA ASN A 432 65.38 -40.08 -12.84
C ASN A 432 64.29 -39.01 -12.88
N TYR A 433 64.52 -37.96 -13.67
CA TYR A 433 63.66 -36.78 -13.64
C TYR A 433 63.16 -36.40 -15.02
N LEU A 434 62.17 -35.50 -15.01
CA LEU A 434 61.64 -34.86 -16.20
C LEU A 434 61.57 -33.36 -15.97
N HIS A 435 62.04 -32.59 -16.94
CA HIS A 435 62.01 -31.15 -16.88
C HIS A 435 61.34 -30.57 -18.10
N LEU A 436 60.38 -29.72 -17.82
CA LEU A 436 59.63 -28.99 -18.82
C LEU A 436 60.16 -27.56 -18.84
N SER A 437 60.61 -27.13 -19.99
CA SER A 437 61.05 -25.75 -20.10
C SER A 437 60.32 -25.12 -21.27
N VAL A 438 59.81 -23.93 -21.04
CA VAL A 438 59.04 -23.19 -22.03
C VAL A 438 59.13 -21.70 -21.70
N LEU A 439 59.34 -20.86 -22.74
CA LEU A 439 59.63 -19.44 -22.52
C LEU A 439 58.38 -18.66 -22.10
N ARG A 440 58.54 -17.97 -20.96
CA ARG A 440 57.49 -17.27 -20.25
C ARG A 440 57.44 -15.81 -20.73
N THR A 441 56.56 -15.56 -21.69
CA THR A 441 56.28 -14.23 -22.23
C THR A 441 54.82 -14.21 -22.65
N GLU A 442 54.20 -13.03 -22.54
CA GLU A 442 52.77 -12.90 -22.75
C GLU A 442 52.40 -13.49 -24.11
N LEU A 443 51.72 -14.62 -24.04
CA LEU A 443 51.46 -15.43 -25.22
C LEU A 443 50.11 -15.08 -25.77
N ARG A 444 50.07 -14.87 -27.03
CA ARG A 444 48.87 -14.44 -27.69
C ARG A 444 48.29 -15.60 -28.51
N PRO A 445 46.95 -15.74 -28.56
CA PRO A 445 46.36 -16.78 -29.42
C PRO A 445 46.83 -16.66 -30.86
N GLY A 446 47.47 -17.70 -31.36
CA GLY A 446 48.05 -17.74 -32.69
C GLY A 446 49.55 -17.86 -32.68
N GLU A 447 50.19 -17.57 -31.55
CA GLU A 447 51.61 -17.77 -31.38
C GLU A 447 51.85 -19.26 -31.18
N THR A 448 53.08 -19.70 -31.47
CA THR A 448 53.49 -21.08 -31.25
C THR A 448 54.40 -21.18 -30.01
N LEU A 449 54.07 -22.10 -29.14
CA LEU A 449 54.82 -22.31 -27.93
C LEU A 449 55.58 -23.62 -28.02
N ASN A 450 56.90 -23.51 -28.04
CA ASN A 450 57.77 -24.66 -28.10
C ASN A 450 57.83 -25.30 -26.72
N VAL A 451 57.55 -26.59 -26.69
CA VAL A 451 57.48 -27.31 -25.45
C VAL A 451 58.68 -28.24 -25.38
N ASN A 452 59.49 -28.09 -24.33
CA ASN A 452 60.78 -28.75 -24.24
C ASN A 452 60.71 -29.84 -23.17
N PHE A 453 61.02 -31.06 -23.60
CA PHE A 453 60.91 -32.26 -22.77
C PHE A 453 62.31 -32.70 -22.40
N LEU A 454 62.69 -32.45 -21.16
CA LEU A 454 64.03 -32.71 -20.70
C LEU A 454 64.03 -34.00 -19.88
N LEU A 455 64.80 -35.00 -20.34
CA LEU A 455 64.82 -36.33 -19.75
C LEU A 455 66.16 -36.58 -19.07
N ARG A 456 66.12 -37.03 -17.82
CA ARG A 456 67.34 -37.25 -17.01
C ARG A 456 67.30 -38.63 -16.36
N MET A 457 68.18 -39.52 -16.82
CA MET A 457 68.29 -40.90 -16.39
C MET A 457 69.48 -41.54 -17.08
N ASP A 458 69.91 -42.68 -16.55
CA ASP A 458 70.98 -43.51 -17.10
C ASP A 458 70.72 -43.87 -18.56
N ARG A 459 71.77 -44.34 -19.25
CA ARG A 459 71.59 -44.82 -20.62
C ARG A 459 70.89 -46.16 -20.68
N ALA A 460 70.73 -46.81 -19.52
CA ALA A 460 70.09 -48.12 -19.46
C ALA A 460 68.64 -48.02 -19.89
N HIS A 461 68.01 -46.89 -19.59
CA HIS A 461 66.59 -46.77 -19.79
C HIS A 461 66.20 -45.79 -20.89
N GLU A 462 67.07 -44.83 -21.21
CA GLU A 462 66.67 -43.73 -22.08
C GLU A 462 66.11 -44.23 -23.42
N ALA A 463 66.58 -45.38 -23.92
CA ALA A 463 66.08 -45.87 -25.20
C ALA A 463 64.63 -46.32 -25.09
N LYS A 464 64.20 -46.65 -23.87
CA LYS A 464 62.86 -47.18 -23.64
C LYS A 464 61.78 -46.12 -23.91
N ILE A 465 61.98 -44.89 -23.43
CA ILE A 465 60.98 -43.83 -23.59
C ILE A 465 60.92 -43.40 -25.05
N ARG A 466 59.81 -43.69 -25.71
CA ARG A 466 59.70 -43.50 -27.15
C ARG A 466 58.64 -42.50 -27.55
N TYR A 467 58.03 -41.83 -26.58
CA TYR A 467 57.08 -40.76 -26.79
C TYR A 467 56.77 -40.20 -25.42
N TYR A 468 56.23 -39.00 -25.42
CA TYR A 468 55.77 -38.33 -24.21
C TYR A 468 54.31 -37.94 -24.40
N THR A 469 53.53 -38.10 -23.33
CA THR A 469 52.10 -37.81 -23.38
C THR A 469 51.76 -36.59 -22.55
N TYR A 470 51.15 -35.61 -23.22
CA TYR A 470 50.97 -34.25 -22.74
C TYR A 470 49.52 -33.90 -22.60
N LEU A 471 49.27 -32.97 -21.68
CA LEU A 471 47.93 -32.66 -21.28
C LEU A 471 47.86 -31.18 -20.90
N ILE A 472 46.80 -30.52 -21.34
CA ILE A 472 46.62 -29.11 -21.07
C ILE A 472 45.33 -28.95 -20.30
N MET A 473 45.42 -28.47 -19.08
CA MET A 473 44.25 -28.29 -18.23
C MET A 473 43.86 -26.82 -18.30
N ASN A 474 42.60 -26.52 -18.67
CA ASN A 474 42.18 -25.12 -18.78
C ASN A 474 40.83 -24.85 -18.13
N LYS A 475 40.76 -23.75 -17.39
CA LYS A 475 39.54 -23.20 -16.76
C LYS A 475 38.85 -24.23 -15.87
N GLY A 476 39.61 -25.25 -15.45
CA GLY A 476 39.04 -26.41 -14.80
C GLY A 476 38.69 -27.60 -15.71
N ARG A 477 39.21 -27.67 -16.93
CA ARG A 477 38.93 -28.84 -17.72
C ARG A 477 40.14 -29.25 -18.52
N LEU A 478 40.21 -30.55 -18.77
CA LEU A 478 41.15 -31.14 -19.71
C LEU A 478 40.83 -30.67 -21.13
N LEU A 479 41.75 -29.96 -21.74
CA LEU A 479 41.40 -29.36 -23.03
C LEU A 479 41.92 -30.16 -24.22
N LYS A 480 43.17 -30.61 -24.17
CA LYS A 480 43.82 -31.37 -25.23
C LYS A 480 44.83 -32.30 -24.61
N ALA A 481 45.03 -33.43 -25.25
CA ALA A 481 46.10 -34.32 -24.85
C ALA A 481 46.59 -35.01 -26.11
N GLY A 482 47.81 -35.52 -26.03
CA GLY A 482 48.38 -36.22 -27.16
C GLY A 482 49.70 -36.87 -26.83
N ARG A 483 50.38 -37.31 -27.88
CA ARG A 483 51.69 -37.92 -27.76
C ARG A 483 52.65 -37.30 -28.75
N GLN A 484 53.87 -37.01 -28.26
CA GLN A 484 55.00 -36.58 -29.07
C GLN A 484 55.98 -37.73 -29.06
N VAL A 485 56.12 -38.36 -30.22
CA VAL A 485 57.03 -39.48 -30.40
C VAL A 485 58.46 -39.10 -30.01
N ARG A 486 59.21 -40.07 -29.48
CA ARG A 486 60.62 -39.90 -29.17
C ARG A 486 61.41 -41.13 -29.61
N GLU A 487 62.57 -40.90 -30.18
CA GLU A 487 63.53 -41.90 -30.65
C GLU A 487 64.65 -42.03 -29.61
N PRO A 488 65.17 -43.24 -29.39
CA PRO A 488 66.20 -43.41 -28.35
C PRO A 488 67.43 -42.53 -28.54
N GLY A 489 67.73 -41.67 -27.58
CA GLY A 489 68.94 -40.87 -27.64
C GLY A 489 68.72 -39.37 -27.54
N GLN A 490 67.61 -38.85 -28.05
CA GLN A 490 67.33 -37.44 -27.85
C GLN A 490 66.90 -37.21 -26.42
N ASP A 491 67.77 -36.60 -25.64
CA ASP A 491 67.43 -36.35 -24.25
C ASP A 491 66.35 -35.26 -24.13
N LEU A 492 66.32 -34.35 -25.10
CA LEU A 492 65.41 -33.21 -25.09
C LEU A 492 64.64 -33.19 -26.40
N VAL A 493 63.32 -33.10 -26.32
CA VAL A 493 62.50 -32.97 -27.51
C VAL A 493 61.59 -31.78 -27.29
N VAL A 494 61.25 -31.11 -28.40
CA VAL A 494 60.34 -29.99 -28.38
C VAL A 494 59.13 -30.25 -29.25
N LEU A 495 57.96 -29.89 -28.68
CA LEU A 495 56.67 -29.94 -29.33
C LEU A 495 56.28 -28.51 -29.69
N PRO A 496 56.18 -28.24 -30.94
CA PRO A 496 55.69 -26.94 -31.40
C PRO A 496 54.19 -26.83 -31.16
N LEU A 497 53.82 -26.45 -29.95
CA LEU A 497 52.42 -26.40 -29.56
C LEU A 497 51.79 -25.09 -30.03
N SER A 498 50.94 -25.14 -31.06
CA SER A 498 50.30 -23.93 -31.54
C SER A 498 49.15 -23.52 -30.62
N ILE A 499 49.12 -22.26 -30.19
CA ILE A 499 48.23 -21.79 -29.13
C ILE A 499 46.96 -21.20 -29.76
N THR A 500 45.80 -21.64 -29.27
CA THR A 500 44.49 -21.21 -29.75
C THR A 500 43.74 -20.41 -28.68
N THR A 501 42.59 -19.87 -29.11
CA THR A 501 41.76 -19.05 -28.25
C THR A 501 41.23 -19.78 -27.02
N ASP A 502 41.31 -21.10 -26.99
CA ASP A 502 40.79 -21.79 -25.83
C ASP A 502 41.66 -21.54 -24.62
N PHE A 503 42.91 -21.17 -24.85
CA PHE A 503 43.93 -21.20 -23.82
C PHE A 503 43.82 -20.02 -22.86
N ILE A 504 43.07 -18.99 -23.26
CA ILE A 504 42.93 -17.73 -22.53
C ILE A 504 42.45 -18.04 -21.13
N PRO A 505 42.84 -17.28 -20.10
CA PRO A 505 43.87 -16.24 -20.04
C PRO A 505 45.18 -16.92 -19.69
N SER A 506 45.14 -18.24 -19.43
CA SER A 506 46.25 -18.97 -18.85
C SER A 506 45.83 -20.42 -18.74
N PHE A 507 46.82 -21.28 -18.59
CA PHE A 507 46.60 -22.70 -18.41
C PHE A 507 47.84 -23.35 -17.79
N ARG A 508 47.63 -24.50 -17.20
CA ARG A 508 48.73 -25.36 -16.78
C ARG A 508 48.88 -26.49 -17.80
N LEU A 509 50.09 -27.00 -17.95
CA LEU A 509 50.31 -28.13 -18.83
C LEU A 509 51.06 -29.21 -18.06
N VAL A 510 50.47 -30.39 -17.97
CA VAL A 510 51.16 -31.57 -17.43
C VAL A 510 51.37 -32.59 -18.55
N ALA A 511 52.32 -33.48 -18.30
CA ALA A 511 52.70 -34.47 -19.28
C ALA A 511 53.52 -35.52 -18.55
N TYR A 512 53.84 -36.60 -19.25
CA TYR A 512 54.43 -37.74 -18.57
C TYR A 512 54.98 -38.74 -19.58
N TYR A 513 55.78 -39.67 -19.04
CA TYR A 513 56.30 -40.86 -19.73
C TYR A 513 56.31 -42.03 -18.73
N THR A 514 56.38 -43.26 -19.27
CA THR A 514 56.30 -44.46 -18.44
C THR A 514 57.24 -45.56 -18.91
N LEU A 515 57.76 -46.27 -17.91
CA LEU A 515 58.75 -47.31 -18.06
C LEU A 515 58.69 -48.18 -16.81
N ILE A 516 59.52 -49.23 -16.80
CA ILE A 516 59.49 -50.30 -15.80
C ILE A 516 60.84 -50.33 -15.11
N GLY A 517 60.98 -49.64 -13.97
CA GLY A 517 62.30 -49.32 -13.42
C GLY A 517 62.72 -50.20 -12.26
N ALA A 518 63.31 -49.56 -11.23
CA ALA A 518 63.90 -50.27 -10.09
C ALA A 518 62.91 -51.17 -9.38
N SER A 519 63.40 -52.30 -8.87
CA SER A 519 62.56 -53.32 -8.24
C SER A 519 61.36 -53.71 -9.11
N GLY A 520 61.62 -54.00 -10.41
CA GLY A 520 60.63 -54.44 -11.38
C GLY A 520 59.34 -53.63 -11.46
N GLN A 521 59.37 -52.35 -11.07
CA GLN A 521 58.18 -51.55 -10.84
C GLN A 521 57.91 -50.64 -12.04
N ARG A 522 56.67 -50.64 -12.49
CA ARG A 522 56.24 -49.74 -13.56
C ARG A 522 56.26 -48.32 -13.02
N GLU A 523 56.94 -47.43 -13.75
CA GLU A 523 57.27 -46.12 -13.23
C GLU A 523 56.81 -45.05 -14.22
N VAL A 524 56.22 -43.98 -13.66
CA VAL A 524 55.69 -42.86 -14.41
C VAL A 524 56.25 -41.58 -13.80
N VAL A 525 56.86 -40.73 -14.63
CA VAL A 525 57.36 -39.44 -14.18
C VAL A 525 56.58 -38.36 -14.92
N ALA A 526 56.08 -37.38 -14.18
CA ALA A 526 55.32 -36.28 -14.77
C ALA A 526 55.75 -34.97 -14.13
N ASP A 527 55.47 -33.88 -14.85
CA ASP A 527 55.85 -32.54 -14.43
C ASP A 527 54.82 -31.55 -14.97
N SER A 528 54.70 -30.40 -14.30
CA SER A 528 53.65 -29.44 -14.61
C SER A 528 54.17 -28.02 -14.54
N VAL A 529 53.60 -27.18 -15.39
CA VAL A 529 53.98 -25.78 -15.54
C VAL A 529 52.72 -24.96 -15.80
N TRP A 530 52.61 -23.80 -15.13
CA TRP A 530 51.53 -22.85 -15.41
C TRP A 530 51.95 -21.84 -16.47
N VAL A 531 51.16 -21.71 -17.52
CA VAL A 531 51.44 -20.80 -18.61
C VAL A 531 50.35 -19.73 -18.65
N ASP A 532 50.75 -18.45 -18.66
CA ASP A 532 49.80 -17.35 -18.76
C ASP A 532 49.66 -16.91 -20.22
N VAL A 533 48.44 -16.50 -20.60
CA VAL A 533 48.13 -16.16 -21.99
C VAL A 533 47.59 -14.74 -22.03
N LYS A 534 47.92 -14.01 -23.10
CA LYS A 534 47.49 -12.62 -23.30
C LYS A 534 45.99 -12.45 -23.04
N ASP A 535 45.67 -11.65 -22.01
CA ASP A 535 44.28 -11.48 -21.61
C ASP A 535 43.57 -10.58 -22.63
N SER A 536 42.39 -11.03 -23.05
CA SER A 536 41.57 -10.52 -24.15
C SER A 536 40.27 -11.34 -24.19
N CYS A 537 39.37 -10.96 -25.08
CA CYS A 537 38.16 -11.76 -25.34
C CYS A 537 38.45 -12.85 -26.36
N VAL A 538 37.66 -13.91 -26.27
CA VAL A 538 37.73 -15.01 -27.24
C VAL A 538 37.49 -14.47 -28.63
N GLY A 539 36.45 -13.67 -28.74
CA GLY A 539 36.16 -13.01 -29.97
C GLY A 539 36.75 -11.63 -29.79
N SER A 540 35.93 -10.60 -29.92
CA SER A 540 36.40 -9.26 -30.11
C SER A 540 35.20 -8.32 -30.24
N LEU A 541 35.35 -7.10 -29.70
CA LEU A 541 34.30 -6.09 -29.78
C LEU A 541 34.88 -4.67 -29.81
N VAL A 542 34.56 -3.91 -30.87
CA VAL A 542 35.08 -2.55 -31.05
C VAL A 542 33.95 -1.56 -31.34
N VAL A 543 34.03 -0.44 -30.65
CA VAL A 543 33.13 0.71 -30.78
C VAL A 543 33.95 1.89 -31.26
N LYS A 544 33.57 2.44 -32.41
CA LYS A 544 34.17 3.64 -32.98
C LYS A 544 33.03 4.47 -33.56
N SER A 545 33.31 5.72 -33.90
CA SER A 545 32.29 6.48 -34.61
C SER A 545 32.10 5.94 -36.03
N GLY A 546 30.85 5.98 -36.48
CA GLY A 546 30.46 5.54 -37.81
C GLY A 546 30.34 6.68 -38.78
N GLN A 547 30.70 7.89 -38.37
CA GLN A 547 30.69 9.01 -39.28
C GLN A 547 32.12 9.55 -39.31
N SER A 548 32.79 9.40 -40.46
CA SER A 548 34.12 9.92 -40.71
C SER A 548 34.10 11.44 -40.64
N GLU A 549 32.90 11.98 -40.35
CA GLU A 549 32.64 13.37 -40.01
C GLU A 549 33.13 13.67 -38.58
N ASP A 550 34.43 13.89 -38.45
CA ASP A 550 34.97 14.29 -37.14
C ASP A 550 34.44 15.68 -36.81
N ARG A 551 33.98 15.81 -35.59
CA ARG A 551 33.51 17.11 -35.03
C ARG A 551 33.25 16.89 -33.56
N GLN A 552 33.16 17.95 -32.78
CA GLN A 552 32.85 17.60 -31.41
C GLN A 552 31.33 17.68 -31.18
N PRO A 553 30.74 16.65 -30.55
CA PRO A 553 29.28 16.63 -30.31
C PRO A 553 28.68 17.86 -29.61
N VAL A 554 27.39 18.06 -29.90
CA VAL A 554 26.57 19.20 -29.50
C VAL A 554 25.34 18.66 -28.76
N PRO A 555 24.85 19.35 -27.74
CA PRO A 555 23.56 18.96 -27.16
C PRO A 555 22.50 18.80 -28.23
N GLY A 556 21.92 17.60 -28.28
CA GLY A 556 20.94 17.25 -29.30
C GLY A 556 21.54 16.97 -30.65
N GLN A 557 22.84 16.82 -30.75
CA GLN A 557 23.37 16.50 -32.06
C GLN A 557 23.13 15.03 -32.39
N GLN A 558 22.82 14.78 -33.66
CA GLN A 558 22.70 13.41 -34.11
C GLN A 558 24.07 12.81 -34.34
N MET A 559 24.12 11.50 -34.17
CA MET A 559 25.35 10.77 -34.31
C MET A 559 25.04 9.41 -34.88
N THR A 560 25.96 8.89 -35.66
CA THR A 560 25.91 7.52 -36.14
C THR A 560 26.92 6.72 -35.35
N LEU A 561 26.51 5.54 -34.93
CA LEU A 561 27.29 4.67 -34.07
C LEU A 561 27.74 3.49 -34.89
N LYS A 562 29.02 3.16 -34.82
CA LYS A 562 29.61 2.04 -35.55
C LYS A 562 29.96 0.99 -34.54
N ILE A 563 29.37 -0.18 -34.72
CA ILE A 563 29.76 -1.34 -33.94
C ILE A 563 30.29 -2.38 -34.92
N GLU A 564 31.54 -2.78 -34.69
CA GLU A 564 32.21 -3.85 -35.40
C GLU A 564 32.39 -4.99 -34.40
N GLY A 565 32.02 -6.19 -34.81
CA GLY A 565 32.15 -7.32 -33.92
C GLY A 565 31.84 -8.61 -34.64
N ASP A 566 31.89 -9.69 -33.86
CA ASP A 566 31.70 -11.03 -34.41
C ASP A 566 30.28 -11.17 -34.93
N HIS A 567 30.14 -11.99 -35.97
CA HIS A 567 28.86 -12.10 -36.64
C HIS A 567 27.84 -12.83 -35.77
N GLY A 568 26.60 -12.34 -35.84
CA GLY A 568 25.50 -12.92 -35.09
C GLY A 568 25.51 -12.60 -33.62
N ALA A 569 26.54 -11.97 -33.10
CA ALA A 569 26.61 -11.74 -31.68
C ALA A 569 25.66 -10.63 -31.25
N ARG A 570 25.07 -10.81 -30.09
CA ARG A 570 24.11 -9.88 -29.51
C ARG A 570 24.86 -8.79 -28.75
N VAL A 571 24.44 -7.54 -28.91
CA VAL A 571 25.12 -6.40 -28.29
C VAL A 571 24.14 -5.53 -27.52
N VAL A 572 24.36 -5.38 -26.21
CA VAL A 572 23.55 -4.54 -25.33
C VAL A 572 24.31 -3.25 -25.05
N LEU A 573 23.61 -2.12 -25.05
CA LEU A 573 24.29 -0.86 -24.90
C LEU A 573 23.83 -0.10 -23.67
N VAL A 574 24.62 0.91 -23.36
CA VAL A 574 24.36 1.89 -22.32
C VAL A 574 25.35 3.05 -22.50
N ALA A 575 24.86 4.29 -22.35
CA ALA A 575 25.70 5.49 -22.39
C ALA A 575 25.63 6.20 -21.04
N VAL A 576 26.77 6.39 -20.38
CA VAL A 576 26.80 6.99 -19.05
C VAL A 576 27.62 8.28 -19.10
N ASP A 577 27.14 9.29 -18.37
CA ASP A 577 27.92 10.49 -18.18
C ASP A 577 29.19 10.17 -17.39
N LYS A 578 30.36 10.45 -18.01
CA LYS A 578 31.62 10.26 -17.31
C LYS A 578 31.60 10.95 -15.95
N GLY A 579 30.92 12.09 -15.85
CA GLY A 579 30.84 12.80 -14.58
C GLY A 579 30.34 11.94 -13.44
N VAL A 580 29.52 10.93 -13.76
CA VAL A 580 29.03 10.05 -12.71
C VAL A 580 30.20 9.41 -11.98
N PHE A 581 31.19 8.99 -12.75
CA PHE A 581 32.26 8.19 -12.18
C PHE A 581 33.06 8.95 -11.16
N VAL A 582 33.10 10.28 -11.25
CA VAL A 582 33.87 11.03 -10.26
C VAL A 582 33.34 10.73 -8.87
N LEU A 583 32.06 10.41 -8.76
CA LEU A 583 31.53 10.11 -7.45
C LEU A 583 31.62 8.63 -7.10
N ASN A 584 31.57 7.75 -8.10
CA ASN A 584 31.73 6.33 -7.85
C ASN A 584 32.09 5.57 -9.14
N LYS A 585 33.10 4.69 -9.05
CA LYS A 585 33.56 3.88 -10.18
C LYS A 585 33.63 2.39 -9.89
N LYS A 586 33.26 1.94 -8.68
CA LYS A 586 33.42 0.56 -8.27
C LYS A 586 32.27 -0.29 -8.78
N ASN A 587 32.59 -1.57 -9.02
CA ASN A 587 31.67 -2.55 -9.59
C ASN A 587 31.17 -2.14 -10.98
N LYS A 588 32.06 -1.54 -11.76
CA LYS A 588 31.84 -1.34 -13.17
C LYS A 588 32.29 -2.60 -13.91
N LEU A 589 31.47 -3.07 -14.85
CA LEU A 589 31.76 -4.33 -15.52
C LEU A 589 32.97 -4.20 -16.46
N THR A 590 34.00 -5.07 -16.25
CA THR A 590 35.20 -5.13 -17.09
C THR A 590 35.56 -6.56 -17.49
N GLN A 591 36.19 -6.69 -18.66
CA GLN A 591 36.67 -8.00 -19.08
C GLN A 591 37.61 -8.55 -18.03
N SER A 592 38.29 -7.66 -17.33
CA SER A 592 39.18 -8.02 -16.23
C SER A 592 38.43 -8.71 -15.10
N LYS A 593 37.33 -8.11 -14.61
CA LYS A 593 36.62 -8.69 -13.47
C LYS A 593 36.11 -10.08 -13.82
N ILE A 594 35.83 -10.30 -15.10
CA ILE A 594 35.58 -11.65 -15.60
C ILE A 594 36.73 -12.56 -15.21
N TRP A 595 37.91 -12.28 -15.73
CA TRP A 595 38.98 -13.23 -15.62
C TRP A 595 39.42 -13.43 -14.19
N ASP A 596 39.23 -12.43 -13.35
CA ASP A 596 39.76 -12.54 -11.99
C ASP A 596 38.98 -13.59 -11.18
N VAL A 597 37.64 -13.59 -11.33
CA VAL A 597 36.78 -14.63 -10.75
C VAL A 597 37.12 -16.00 -11.34
N VAL A 598 37.26 -16.06 -12.66
CA VAL A 598 37.59 -17.28 -13.39
C VAL A 598 38.82 -17.95 -12.80
N GLU A 599 39.92 -17.20 -12.65
CA GLU A 599 41.15 -17.75 -12.12
C GLU A 599 40.93 -18.18 -10.68
N LYS A 600 40.17 -17.41 -9.89
CA LYS A 600 39.76 -17.89 -8.58
C LYS A 600 39.11 -19.27 -8.68
N ALA A 601 38.30 -19.50 -9.73
CA ALA A 601 37.57 -20.76 -9.95
C ALA A 601 38.49 -21.95 -10.22
N ASP A 602 39.75 -21.71 -10.55
CA ASP A 602 40.67 -22.78 -10.85
C ASP A 602 40.84 -23.74 -9.66
N ILE A 603 41.02 -25.03 -9.97
CA ILE A 603 41.31 -26.11 -9.00
C ILE A 603 42.80 -26.38 -8.74
N GLY A 604 43.69 -25.90 -9.62
CA GLY A 604 45.11 -26.02 -9.36
C GLY A 604 45.52 -25.12 -8.21
N CYS A 605 46.53 -25.57 -7.46
CA CYS A 605 46.95 -24.89 -6.24
C CYS A 605 48.38 -24.34 -6.25
N THR A 606 49.25 -24.83 -7.11
CA THR A 606 50.64 -24.40 -7.15
C THR A 606 51.00 -23.96 -8.57
N PRO A 607 51.77 -22.88 -8.69
CA PRO A 607 52.14 -22.35 -10.02
C PRO A 607 52.92 -23.34 -10.89
N GLY A 608 53.37 -24.45 -10.31
CA GLY A 608 54.40 -25.25 -10.92
C GLY A 608 54.24 -26.72 -10.67
N SER A 609 55.32 -27.28 -10.15
CA SER A 609 55.46 -28.66 -9.75
C SER A 609 54.95 -28.81 -8.32
N GLY A 610 55.27 -29.94 -7.68
CA GLY A 610 54.82 -30.34 -6.35
C GLY A 610 55.86 -31.15 -5.60
N LYS A 611 55.56 -31.57 -4.35
CA LYS A 611 56.53 -32.31 -3.54
C LYS A 611 57.01 -33.58 -4.24
N ASP A 612 56.15 -34.20 -5.03
CA ASP A 612 56.52 -35.39 -5.76
C ASP A 612 55.56 -35.49 -6.94
N TYR A 613 55.70 -36.55 -7.73
CA TYR A 613 54.94 -36.67 -8.98
C TYR A 613 53.45 -36.84 -8.78
N ALA A 614 53.04 -37.39 -7.65
CA ALA A 614 51.65 -37.31 -7.24
C ALA A 614 51.19 -35.88 -7.06
N GLY A 615 51.93 -35.09 -6.27
CA GLY A 615 51.56 -33.69 -6.10
C GLY A 615 51.44 -32.91 -7.41
N VAL A 616 52.20 -33.32 -8.43
CA VAL A 616 52.05 -32.69 -9.74
C VAL A 616 50.59 -32.65 -10.13
N PHE A 617 49.96 -33.82 -10.18
CA PHE A 617 48.56 -33.94 -10.61
C PHE A 617 47.62 -33.27 -9.61
N SER A 618 47.77 -33.56 -8.32
CA SER A 618 46.91 -32.94 -7.33
C SER A 618 47.03 -31.42 -7.33
N ASP A 619 48.27 -30.90 -7.26
CA ASP A 619 48.49 -29.46 -7.27
C ASP A 619 47.97 -28.84 -8.55
N ALA A 620 48.13 -29.53 -9.68
CA ALA A 620 47.55 -29.10 -10.95
C ALA A 620 46.03 -29.22 -10.98
N GLY A 621 45.42 -30.09 -10.13
CA GLY A 621 44.00 -30.45 -10.24
C GLY A 621 43.67 -31.55 -11.26
N LEU A 622 44.38 -32.68 -11.19
CA LEU A 622 44.21 -33.78 -12.12
C LEU A 622 44.26 -35.10 -11.40
N THR A 623 43.52 -36.06 -11.94
CA THR A 623 43.52 -37.46 -11.53
C THR A 623 44.07 -38.35 -12.64
N PHE A 624 45.12 -39.09 -12.29
CA PHE A 624 45.71 -40.12 -13.11
C PHE A 624 45.44 -41.43 -12.39
N THR A 625 44.99 -42.43 -13.14
CA THR A 625 44.78 -43.76 -12.59
C THR A 625 45.23 -44.76 -13.63
N SER A 626 46.13 -45.64 -13.24
CA SER A 626 46.73 -46.58 -14.16
C SER A 626 46.45 -48.01 -13.70
N SER A 627 46.53 -48.95 -14.64
CA SER A 627 46.28 -50.35 -14.31
C SER A 627 47.33 -50.92 -13.38
N SER A 628 48.49 -50.28 -13.32
CA SER A 628 49.61 -50.80 -12.55
C SER A 628 49.41 -50.58 -11.06
N GLY A 629 48.67 -49.55 -10.69
CA GLY A 629 48.47 -49.30 -9.28
C GLY A 629 48.77 -47.87 -8.92
N GLN A 630 49.48 -47.17 -9.82
CA GLN A 630 49.78 -45.77 -9.63
C GLN A 630 48.58 -44.88 -9.98
N GLN A 631 48.20 -44.03 -9.04
CA GLN A 631 47.09 -43.13 -9.21
C GLN A 631 47.20 -42.02 -8.18
N THR A 632 46.44 -40.95 -8.42
CA THR A 632 46.56 -39.74 -7.59
C THR A 632 45.93 -39.90 -6.21
N ALA A 633 46.49 -39.22 -5.21
CA ALA A 633 45.85 -39.24 -3.91
C ALA A 633 44.49 -38.57 -4.00
N GLN A 634 43.70 -38.73 -2.93
CA GLN A 634 42.32 -38.27 -2.97
C GLN A 634 42.21 -36.81 -2.56
N ARG A 635 41.26 -36.12 -3.20
CA ARG A 635 41.00 -34.69 -3.00
C ARG A 635 39.66 -34.48 -2.30
N ALA A 636 39.70 -34.02 -1.06
CA ALA A 636 38.50 -33.89 -0.28
C ALA A 636 38.19 -32.45 0.10
N GLU A 637 39.00 -31.50 -0.32
CA GLU A 637 38.76 -30.11 0.00
C GLU A 637 38.52 -29.32 -1.28
N LEU A 638 37.55 -28.40 -1.24
CA LEU A 638 37.26 -27.59 -2.42
C LEU A 638 38.27 -26.48 -2.63
N GLN A 639 38.88 -25.94 -1.57
CA GLN A 639 39.83 -24.85 -1.70
C GLN A 639 41.26 -25.32 -1.42
N CYS A 640 42.21 -24.63 -2.05
CA CYS A 640 43.63 -24.96 -1.98
C CYS A 640 44.28 -24.55 -0.67
N PRO A 641 44.26 -23.27 -0.32
CA PRO A 641 45.38 -22.69 0.41
C PRO A 641 45.63 -23.34 1.76
N GLN A 642 46.88 -23.25 2.20
CA GLN A 642 47.21 -23.54 3.60
C GLN A 642 46.34 -22.75 4.55
N PRO A 643 46.23 -21.41 4.45
CA PRO A 643 45.10 -20.72 5.10
C PRO A 643 43.86 -20.69 4.21
N ALA A 644 42.79 -21.38 4.61
CA ALA A 644 41.59 -21.53 3.80
C ALA A 644 40.95 -20.19 3.42
N ALA A 645 40.01 -20.21 2.45
CA ALA A 645 39.45 -18.96 1.91
C ALA A 645 38.06 -18.61 2.47
N ASP B 4 12.92 43.02 -27.30
CA ASP B 4 13.79 43.88 -28.09
C ASP B 4 14.06 43.31 -29.50
N GLU B 5 14.44 44.20 -30.42
CA GLU B 5 14.75 43.88 -31.80
C GLU B 5 16.24 44.08 -31.98
N ASP B 6 16.72 43.72 -33.19
CA ASP B 6 18.17 43.58 -33.41
C ASP B 6 18.75 42.51 -32.46
N ILE B 7 17.88 41.59 -32.03
CA ILE B 7 18.16 40.50 -31.09
C ILE B 7 16.99 39.53 -31.17
N ILE B 8 17.25 38.23 -31.00
CA ILE B 8 16.18 37.26 -30.80
C ILE B 8 15.69 37.30 -29.35
N ALA B 9 14.38 37.49 -29.18
CA ALA B 9 13.70 37.57 -27.90
C ALA B 9 13.18 36.19 -27.47
N GLU B 10 12.76 36.10 -26.19
CA GLU B 10 12.25 34.88 -25.56
C GLU B 10 11.40 34.09 -26.53
N GLU B 11 10.66 34.82 -27.31
CA GLU B 11 9.64 34.40 -28.21
C GLU B 11 10.15 33.44 -29.23
N ASN B 12 11.42 33.02 -29.20
CA ASN B 12 11.89 32.08 -30.21
C ASN B 12 12.87 31.03 -29.70
N ILE B 13 13.15 30.95 -28.40
CA ILE B 13 14.29 30.19 -27.87
C ILE B 13 13.82 28.83 -27.36
N VAL B 14 14.26 27.75 -28.04
CA VAL B 14 14.00 26.37 -27.65
C VAL B 14 15.03 25.93 -26.62
N SER B 15 14.59 25.26 -25.56
CA SER B 15 15.48 24.89 -24.48
C SER B 15 15.99 23.46 -24.62
N ARG B 16 16.92 23.14 -23.74
CA ARG B 16 17.56 21.84 -23.68
C ARG B 16 16.97 21.20 -22.41
N SER B 17 16.20 20.12 -22.58
CA SER B 17 15.33 19.61 -21.54
C SER B 17 15.78 18.32 -20.88
N GLU B 18 16.46 17.43 -21.62
CA GLU B 18 16.66 16.06 -21.15
C GLU B 18 18.12 15.76 -20.88
N PHE B 19 18.41 15.43 -19.61
CA PHE B 19 19.76 15.27 -19.07
C PHE B 19 19.94 13.93 -18.33
N PRO B 20 19.74 12.79 -19.00
CA PRO B 20 19.73 11.52 -18.29
C PRO B 20 21.13 10.97 -18.08
N GLU B 21 21.55 10.76 -16.82
CA GLU B 21 22.91 10.26 -16.59
C GLU B 21 23.22 9.03 -17.41
N SER B 22 22.27 8.13 -17.54
CA SER B 22 22.38 6.95 -18.37
C SER B 22 21.41 7.05 -19.56
N TRP B 23 21.78 6.49 -20.70
CA TRP B 23 20.84 6.45 -21.80
C TRP B 23 21.36 5.43 -22.80
N LEU B 24 20.63 5.24 -23.88
CA LEU B 24 21.03 4.30 -24.90
C LEU B 24 21.03 2.85 -24.38
N TRP B 25 20.10 2.52 -23.48
CA TRP B 25 19.94 1.15 -23.01
C TRP B 25 19.23 0.35 -24.10
N ASN B 26 19.81 0.37 -25.27
CA ASN B 26 19.17 -0.21 -26.41
C ASN B 26 19.75 -1.61 -26.58
N VAL B 27 19.48 -2.20 -27.72
CA VAL B 27 20.01 -3.51 -28.10
C VAL B 27 20.12 -3.44 -29.60
N GLU B 28 21.14 -4.09 -30.14
CA GLU B 28 21.22 -4.32 -31.57
C GLU B 28 22.04 -5.58 -31.81
N ASP B 29 21.57 -6.41 -32.73
CA ASP B 29 22.15 -7.73 -32.91
C ASP B 29 22.68 -7.87 -34.32
N LEU B 30 23.85 -8.48 -34.42
CA LEU B 30 24.68 -8.48 -35.63
C LEU B 30 24.27 -9.59 -36.58
N LYS B 31 22.99 -9.61 -36.92
CA LYS B 31 22.56 -10.51 -37.99
C LYS B 31 23.11 -10.08 -39.34
N GLU B 32 23.84 -8.95 -39.39
CA GLU B 32 24.44 -8.47 -40.62
C GLU B 32 25.53 -9.45 -41.05
N PRO B 33 25.52 -9.88 -42.31
CA PRO B 33 26.39 -11.00 -42.76
C PRO B 33 27.85 -10.78 -42.38
N PRO B 34 28.64 -11.86 -42.29
CA PRO B 34 30.00 -11.72 -41.74
C PRO B 34 30.86 -10.89 -42.67
N LYS B 35 31.96 -10.37 -42.12
CA LYS B 35 32.97 -9.65 -42.90
C LYS B 35 34.29 -10.18 -42.36
N ASN B 36 34.80 -11.27 -42.95
CA ASN B 36 36.03 -11.94 -42.50
C ASN B 36 35.94 -12.30 -41.01
N GLY B 37 34.84 -12.94 -40.64
CA GLY B 37 34.59 -13.32 -39.26
C GLY B 37 34.14 -12.17 -38.37
N ILE B 38 33.58 -11.13 -38.97
CA ILE B 38 33.18 -9.93 -38.25
C ILE B 38 31.99 -9.37 -39.01
N SER B 39 31.17 -8.60 -38.31
CA SER B 39 30.05 -7.91 -38.92
C SER B 39 30.12 -6.43 -38.53
N THR B 40 29.54 -5.58 -39.40
CA THR B 40 29.56 -4.13 -39.18
C THR B 40 28.11 -3.69 -38.96
N LYS B 41 27.78 -3.40 -37.71
CA LYS B 41 26.50 -2.81 -37.38
C LYS B 41 26.64 -1.30 -37.24
N LEU B 42 25.63 -0.58 -37.71
CA LEU B 42 25.55 0.87 -37.58
C LEU B 42 24.26 1.23 -36.86
N MET B 43 24.39 1.81 -35.67
CA MET B 43 23.25 2.44 -35.03
C MET B 43 23.14 3.90 -35.46
N ASN B 44 22.15 4.54 -34.88
CA ASN B 44 21.77 5.89 -35.26
C ASN B 44 21.37 6.50 -33.93
N ILE B 45 22.18 7.40 -33.40
CA ILE B 45 21.87 7.90 -32.05
C ILE B 45 21.70 9.41 -32.10
N PHE B 46 20.92 9.86 -31.14
CA PHE B 46 20.43 11.23 -31.05
C PHE B 46 20.70 11.63 -29.61
N LEU B 47 21.69 12.49 -29.44
CA LEU B 47 22.30 12.69 -28.16
C LEU B 47 21.36 13.35 -27.16
N LYS B 48 21.84 13.46 -25.94
CA LYS B 48 21.13 14.25 -24.97
C LYS B 48 21.54 15.69 -25.16
N ASP B 49 21.21 16.51 -24.17
CA ASP B 49 21.47 17.94 -24.12
C ASP B 49 22.48 18.34 -23.06
N SER B 50 22.81 17.50 -22.09
CA SER B 50 23.66 18.00 -21.02
C SER B 50 25.12 18.01 -21.46
N ILE B 51 25.76 19.13 -21.11
CA ILE B 51 27.07 19.50 -21.62
C ILE B 51 28.10 18.80 -20.74
N THR B 52 28.64 17.74 -21.33
CA THR B 52 29.52 16.83 -20.60
C THR B 52 30.12 15.82 -21.56
N THR B 53 30.57 14.70 -21.02
CA THR B 53 31.22 13.60 -21.71
C THR B 53 30.69 12.26 -21.22
N TRP B 54 30.04 11.54 -22.13
CA TRP B 54 29.45 10.24 -21.85
C TRP B 54 30.45 9.14 -22.15
N GLU B 55 30.44 8.10 -21.33
CA GLU B 55 31.06 6.83 -21.63
C GLU B 55 30.00 5.88 -22.15
N ILE B 56 30.17 5.37 -23.35
CA ILE B 56 29.26 4.35 -23.85
C ILE B 56 29.97 3.01 -23.78
N LEU B 57 29.33 2.03 -23.15
CA LEU B 57 29.89 0.69 -23.01
C LEU B 57 29.05 -0.36 -23.77
N ALA B 58 29.74 -1.17 -24.60
CA ALA B 58 29.11 -2.26 -25.35
C ALA B 58 29.55 -3.62 -24.78
N VAL B 59 28.55 -4.47 -24.52
CA VAL B 59 28.73 -5.82 -24.02
C VAL B 59 28.10 -6.74 -25.05
N SER B 60 28.85 -7.71 -25.52
CA SER B 60 28.34 -8.57 -26.56
C SER B 60 28.60 -10.02 -26.19
N MET B 61 27.68 -10.89 -26.63
CA MET B 61 27.90 -12.32 -26.51
C MET B 61 27.44 -12.96 -27.80
N SER B 62 28.29 -13.80 -28.38
CA SER B 62 27.87 -14.64 -29.48
C SER B 62 27.69 -16.03 -28.89
N ASP B 63 27.27 -16.99 -29.72
CA ASP B 63 27.19 -18.32 -29.14
C ASP B 63 28.57 -18.95 -29.00
N LYS B 64 29.47 -18.74 -29.98
CA LYS B 64 30.78 -19.40 -30.03
C LYS B 64 31.93 -18.47 -29.65
N LYS B 65 31.83 -17.17 -29.96
CA LYS B 65 32.90 -16.22 -29.67
C LYS B 65 32.82 -15.70 -28.23
N GLY B 66 32.21 -16.49 -27.33
CA GLY B 66 32.29 -16.26 -25.90
C GLY B 66 31.50 -15.06 -25.42
N ILE B 67 32.22 -14.05 -24.92
CA ILE B 67 31.64 -12.81 -24.42
C ILE B 67 32.72 -11.74 -24.43
N CYS B 68 32.32 -10.49 -24.68
CA CYS B 68 33.31 -9.43 -24.74
C CYS B 68 32.66 -8.16 -24.24
N VAL B 69 33.22 -7.57 -23.21
CA VAL B 69 32.95 -6.18 -22.90
C VAL B 69 34.01 -5.38 -23.62
N ALA B 70 33.61 -4.55 -24.59
CA ALA B 70 34.60 -3.72 -25.29
C ALA B 70 35.02 -2.53 -24.43
N ASP B 71 36.18 -1.95 -24.79
CA ASP B 71 36.66 -0.74 -24.16
C ASP B 71 35.58 0.34 -24.33
N PRO B 72 35.43 1.24 -23.35
CA PRO B 72 34.45 2.34 -23.49
C PRO B 72 34.68 3.24 -24.69
N PHE B 73 33.65 4.03 -24.99
CA PHE B 73 33.71 5.03 -26.04
C PHE B 73 33.20 6.32 -25.43
N GLU B 74 34.07 7.32 -25.34
CA GLU B 74 33.65 8.58 -24.75
C GLU B 74 32.97 9.45 -25.80
N VAL B 75 32.08 10.33 -25.35
CA VAL B 75 31.40 11.27 -26.24
C VAL B 75 31.16 12.55 -25.50
N THR B 76 31.50 13.68 -26.16
CA THR B 76 31.68 14.97 -25.50
C THR B 76 30.59 15.93 -25.98
N VAL B 77 29.59 16.19 -25.13
CA VAL B 77 28.53 17.16 -25.44
C VAL B 77 29.01 18.51 -24.92
N MET B 78 29.22 19.43 -25.86
CA MET B 78 29.84 20.72 -25.62
C MET B 78 29.44 21.67 -26.74
N GLN B 79 29.05 22.88 -26.31
CA GLN B 79 28.52 23.97 -27.12
C GLN B 79 29.36 25.23 -26.90
N ASP B 80 29.13 26.21 -27.78
CA ASP B 80 29.80 27.51 -27.73
C ASP B 80 29.29 28.34 -26.58
N PHE B 81 27.97 28.38 -26.44
CA PHE B 81 27.27 29.17 -25.43
C PHE B 81 26.18 28.31 -24.82
N PHE B 82 26.08 28.33 -23.49
CA PHE B 82 25.10 27.50 -22.83
C PHE B 82 24.94 27.95 -21.39
N ILE B 83 23.96 27.35 -20.72
CA ILE B 83 23.65 27.61 -19.32
C ILE B 83 24.02 26.35 -18.55
N ASP B 84 24.81 26.50 -17.51
CA ASP B 84 24.88 25.48 -16.47
C ASP B 84 23.93 25.93 -15.36
N LEU B 85 23.01 25.06 -14.98
CA LEU B 85 21.86 25.42 -14.17
C LEU B 85 21.89 24.63 -12.88
N ARG B 86 22.21 25.29 -11.79
CA ARG B 86 22.67 24.55 -10.63
C ARG B 86 21.55 24.45 -9.59
N LEU B 87 20.78 23.37 -9.73
CA LEU B 87 19.57 22.98 -9.02
C LEU B 87 19.82 21.82 -8.07
N PRO B 88 19.33 21.99 -6.83
CA PRO B 88 19.50 20.97 -5.81
C PRO B 88 18.66 19.73 -6.09
N TYR B 89 19.10 18.63 -5.47
CA TYR B 89 18.41 17.36 -5.65
C TYR B 89 16.92 17.55 -5.42
N SER B 90 16.58 18.00 -4.21
CA SER B 90 15.25 18.36 -3.76
C SER B 90 15.36 19.72 -3.09
N VAL B 91 14.21 20.32 -2.74
CA VAL B 91 14.16 21.35 -1.69
C VAL B 91 12.94 21.14 -0.84
N VAL B 92 12.87 21.91 0.17
CA VAL B 92 11.72 21.97 1.04
C VAL B 92 10.75 22.99 0.45
N ARG B 93 9.44 22.72 0.62
CA ARG B 93 8.41 23.65 0.17
C ARG B 93 8.46 24.95 0.96
N ASN B 94 8.21 26.05 0.27
CA ASN B 94 8.15 27.40 0.84
C ASN B 94 9.48 27.82 1.48
N GLU B 95 10.56 27.05 1.26
CA GLU B 95 11.88 27.33 1.85
C GLU B 95 12.67 28.08 0.76
N GLN B 96 12.85 29.39 0.96
CA GLN B 96 13.53 30.24 -0.02
C GLN B 96 15.04 30.00 0.02
N VAL B 97 15.62 29.79 -1.15
CA VAL B 97 17.02 30.00 -1.40
C VAL B 97 17.15 30.63 -2.79
N GLU B 98 18.41 30.81 -3.21
CA GLU B 98 18.80 31.27 -4.55
C GLU B 98 19.26 30.07 -5.36
N ILE B 99 19.39 30.26 -6.66
CA ILE B 99 20.25 29.32 -7.37
C ILE B 99 21.13 30.05 -8.34
N ARG B 100 21.85 29.29 -9.17
CA ARG B 100 22.79 29.85 -10.13
C ARG B 100 22.63 29.21 -11.49
N ALA B 101 22.55 30.04 -12.52
CA ALA B 101 22.61 29.63 -13.92
C ALA B 101 23.85 30.25 -14.57
N VAL B 102 24.89 29.42 -14.78
CA VAL B 102 26.23 29.91 -15.10
C VAL B 102 26.37 29.94 -16.62
N LEU B 103 26.48 31.14 -17.16
CA LEU B 103 26.64 31.28 -18.59
C LEU B 103 28.10 31.09 -18.95
N TYR B 104 28.33 30.20 -19.89
CA TYR B 104 29.68 29.85 -20.31
C TYR B 104 29.91 30.48 -21.68
N ASN B 105 30.81 31.48 -21.69
CA ASN B 105 31.21 32.18 -22.91
C ASN B 105 32.49 31.55 -23.46
N TYR B 106 32.33 30.36 -24.02
CA TYR B 106 33.45 29.66 -24.61
C TYR B 106 33.58 29.97 -26.07
N ARG B 107 33.19 31.20 -26.42
CA ARG B 107 33.58 31.80 -27.67
C ARG B 107 34.98 32.40 -27.59
N GLN B 108 35.62 32.45 -28.75
CA GLN B 108 37.07 32.57 -28.83
C GLN B 108 37.55 33.95 -28.37
N ASN B 109 37.16 35.00 -29.08
CA ASN B 109 37.85 36.28 -28.97
C ASN B 109 36.89 37.46 -28.95
N GLN B 110 35.73 37.31 -28.31
CA GLN B 110 34.75 38.40 -28.29
C GLN B 110 33.92 38.33 -27.03
N GLU B 111 33.91 39.41 -26.26
CA GLU B 111 33.01 39.40 -25.12
C GLU B 111 31.59 39.45 -25.64
N LEU B 112 30.64 38.97 -24.81
CA LEU B 112 29.29 38.69 -25.27
C LEU B 112 28.26 39.38 -24.39
N LYS B 113 27.49 40.28 -25.01
CA LYS B 113 26.41 41.00 -24.36
C LYS B 113 25.16 40.14 -24.52
N VAL B 114 24.72 39.55 -23.40
CA VAL B 114 23.61 38.62 -23.38
C VAL B 114 22.51 39.25 -22.54
N ARG B 115 21.27 38.87 -22.84
CA ARG B 115 20.16 39.13 -21.92
C ARG B 115 19.77 37.80 -21.29
N VAL B 116 19.77 37.81 -19.98
CA VAL B 116 19.54 36.63 -19.18
C VAL B 116 18.17 36.81 -18.52
N GLU B 117 17.43 35.71 -18.43
CA GLU B 117 15.98 35.77 -18.34
C GLU B 117 15.44 34.49 -17.69
N LEU B 118 14.25 34.59 -17.11
CA LEU B 118 13.54 33.47 -16.52
C LEU B 118 12.07 33.54 -16.96
N LEU B 119 11.35 32.40 -16.87
CA LEU B 119 9.96 32.31 -17.32
C LEU B 119 9.01 32.00 -16.16
N HIS B 120 7.70 32.21 -16.38
CA HIS B 120 6.75 32.31 -15.26
C HIS B 120 6.18 30.97 -14.84
N ASN B 121 6.62 30.47 -13.68
CA ASN B 121 5.92 29.35 -13.08
C ASN B 121 5.14 29.88 -11.88
N PRO B 122 3.84 29.89 -11.97
CA PRO B 122 3.00 30.33 -10.84
C PRO B 122 3.18 29.50 -9.56
N ALA B 123 3.95 28.40 -9.61
CA ALA B 123 4.28 27.62 -8.42
C ALA B 123 5.54 28.12 -7.71
N PHE B 124 6.18 29.15 -8.25
CA PHE B 124 7.28 29.85 -7.61
C PHE B 124 6.99 31.34 -7.56
N CYS B 125 7.50 32.00 -6.50
CA CYS B 125 7.47 33.47 -6.41
C CYS B 125 8.88 34.00 -6.69
N SER B 126 9.05 34.48 -7.92
CA SER B 126 10.14 35.32 -8.41
C SER B 126 9.53 36.58 -9.02
N LEU B 127 10.39 37.52 -9.43
CA LEU B 127 9.92 38.79 -9.99
C LEU B 127 9.36 38.66 -11.40
N ALA B 128 9.35 37.46 -11.96
CA ALA B 128 8.93 37.25 -13.34
C ALA B 128 7.42 36.99 -13.40
N THR B 129 6.77 37.58 -14.40
CA THR B 129 5.40 37.24 -14.69
C THR B 129 5.23 37.19 -16.18
N THR B 130 4.03 36.85 -16.58
CA THR B 130 3.58 37.15 -17.93
C THR B 130 3.38 38.67 -18.10
N LYS B 131 3.03 39.36 -17.01
CA LYS B 131 2.89 40.82 -17.06
C LYS B 131 4.27 41.52 -17.14
N ARG B 132 5.17 41.28 -16.16
CA ARG B 132 6.54 41.80 -16.16
C ARG B 132 7.57 40.70 -15.95
N ARG B 133 8.65 40.70 -16.75
CA ARG B 133 9.64 39.62 -16.70
C ARG B 133 10.72 39.96 -15.69
N HIS B 134 11.73 39.10 -15.62
CA HIS B 134 12.86 39.22 -14.69
C HIS B 134 14.15 38.97 -15.46
N GLN B 135 14.80 40.04 -15.91
CA GLN B 135 15.96 39.95 -16.76
C GLN B 135 17.05 40.94 -16.35
N GLN B 136 18.29 40.48 -16.48
CA GLN B 136 19.47 41.31 -16.50
C GLN B 136 19.84 41.55 -17.95
N THR B 137 20.95 42.25 -18.13
CA THR B 137 21.61 42.36 -19.43
C THR B 137 23.09 42.41 -19.11
N VAL B 138 23.82 41.37 -19.52
CA VAL B 138 25.17 41.12 -19.02
C VAL B 138 26.13 40.82 -20.16
N THR B 139 27.39 41.21 -19.94
CA THR B 139 28.47 41.16 -20.94
C THR B 139 29.55 40.21 -20.46
N ILE B 140 29.87 39.22 -21.28
CA ILE B 140 30.70 38.09 -20.89
C ILE B 140 31.96 38.10 -21.75
N PRO B 141 33.15 38.20 -21.15
CA PRO B 141 34.42 38.07 -21.91
C PRO B 141 34.56 36.65 -22.45
N PRO B 142 35.45 36.44 -23.42
CA PRO B 142 35.56 35.10 -24.00
C PRO B 142 36.18 34.16 -22.99
N LYS B 143 35.80 32.89 -23.11
CA LYS B 143 36.34 31.80 -22.29
C LYS B 143 36.18 32.06 -20.79
N SER B 144 34.93 32.23 -20.38
CA SER B 144 34.65 32.63 -19.00
C SER B 144 33.25 32.15 -18.61
N SER B 145 32.92 32.34 -17.32
CA SER B 145 31.80 31.69 -16.61
C SER B 145 31.08 32.73 -15.75
N LEU B 146 30.05 33.34 -16.32
CA LEU B 146 29.25 34.38 -15.67
C LEU B 146 27.99 33.72 -15.10
N SER B 147 27.80 33.84 -13.79
CA SER B 147 26.71 33.15 -13.11
C SER B 147 25.70 34.17 -12.58
N VAL B 148 24.46 34.04 -13.08
CA VAL B 148 23.34 34.94 -12.79
C VAL B 148 22.47 34.44 -11.64
N PRO B 149 22.19 35.29 -10.65
CA PRO B 149 21.43 34.83 -9.50
C PRO B 149 19.93 35.00 -9.70
N TYR B 150 19.20 33.94 -9.34
CA TYR B 150 17.75 33.98 -9.26
C TYR B 150 17.33 33.32 -7.97
N VAL B 151 16.57 34.05 -7.16
CA VAL B 151 16.06 33.54 -5.90
C VAL B 151 14.56 33.33 -6.06
N ILE B 152 14.08 32.25 -5.44
CA ILE B 152 12.79 31.68 -5.77
C ILE B 152 12.31 30.89 -4.55
N VAL B 153 11.01 30.76 -4.44
CA VAL B 153 10.35 29.91 -3.45
C VAL B 153 9.42 28.94 -4.17
N PRO B 154 9.21 27.76 -3.60
CA PRO B 154 8.24 26.83 -4.17
C PRO B 154 6.85 27.00 -3.56
N LEU B 155 5.85 26.70 -4.36
CA LEU B 155 4.47 26.65 -3.88
C LEU B 155 3.86 25.25 -3.96
N LYS B 156 3.85 24.67 -5.16
CA LYS B 156 3.21 23.38 -5.43
C LYS B 156 4.21 22.29 -5.10
N THR B 157 3.80 21.30 -4.31
CA THR B 157 4.73 20.30 -3.78
C THR B 157 5.16 19.31 -4.87
N GLY B 158 5.89 18.30 -4.44
CA GLY B 158 6.32 17.27 -5.34
C GLY B 158 7.42 17.76 -6.21
N LEU B 159 7.32 17.45 -7.49
CA LEU B 159 8.31 17.81 -8.47
C LEU B 159 7.80 19.02 -9.23
N GLN B 160 8.58 20.09 -9.23
CA GLN B 160 8.27 21.29 -9.99
C GLN B 160 9.48 21.75 -10.83
N GLU B 161 9.18 22.45 -11.94
CA GLU B 161 10.12 22.68 -13.02
C GLU B 161 10.64 24.13 -13.04
N VAL B 162 11.88 24.29 -13.53
CA VAL B 162 12.65 25.52 -13.53
C VAL B 162 13.27 25.73 -14.92
N GLU B 163 12.86 26.80 -15.60
CA GLU B 163 13.32 27.16 -16.93
C GLU B 163 13.90 28.57 -16.93
N VAL B 164 15.08 28.69 -17.54
CA VAL B 164 15.73 29.96 -17.78
C VAL B 164 16.24 29.96 -19.21
N LYS B 165 16.15 31.11 -19.83
CA LYS B 165 16.59 31.30 -21.19
C LYS B 165 17.54 32.47 -21.20
N ALA B 166 18.37 32.53 -22.23
CA ALA B 166 19.24 33.66 -22.50
C ALA B 166 19.80 33.52 -23.92
N ALA B 167 19.90 34.64 -24.63
CA ALA B 167 20.48 34.67 -25.96
C ALA B 167 21.21 36.00 -26.11
N VAL B 168 22.15 36.05 -27.05
CA VAL B 168 23.09 37.16 -27.12
C VAL B 168 22.57 38.20 -28.10
N TYR B 169 22.77 39.48 -27.72
CA TYR B 169 22.40 40.62 -28.52
C TYR B 169 23.18 40.61 -29.84
N HIS B 170 22.64 41.35 -30.84
CA HIS B 170 23.26 41.52 -32.17
C HIS B 170 23.71 40.20 -32.77
N HIS B 171 23.10 39.10 -32.38
CA HIS B 171 23.67 37.84 -32.77
C HIS B 171 22.59 36.85 -33.13
N PHE B 172 23.08 35.67 -33.45
CA PHE B 172 22.24 34.53 -33.70
C PHE B 172 21.92 33.74 -32.44
N ILE B 173 22.74 33.87 -31.42
CA ILE B 173 22.93 32.77 -30.49
C ILE B 173 21.91 32.81 -29.37
N SER B 174 21.60 31.61 -28.89
CA SER B 174 20.49 31.32 -28.02
C SER B 174 20.84 30.11 -27.15
N ASP B 175 20.31 30.16 -25.93
CA ASP B 175 20.36 29.04 -25.03
C ASP B 175 19.16 29.13 -24.10
N GLY B 176 18.77 27.96 -23.56
CA GLY B 176 17.79 27.83 -22.48
C GLY B 176 17.82 26.47 -21.81
N VAL B 177 17.69 26.42 -20.51
CA VAL B 177 17.75 25.14 -19.81
C VAL B 177 16.48 24.99 -18.98
N ARG B 178 15.91 23.77 -19.06
CA ARG B 178 14.62 23.36 -18.48
C ARG B 178 14.83 22.11 -17.60
N LYS B 179 15.16 22.34 -16.33
CA LYS B 179 15.36 21.31 -15.33
C LYS B 179 14.12 21.30 -14.41
N SER B 180 14.20 20.56 -13.31
CA SER B 180 13.12 20.40 -12.33
C SER B 180 13.78 19.83 -11.08
N LEU B 181 13.10 19.94 -9.95
CA LEU B 181 13.66 19.39 -8.73
C LEU B 181 12.55 18.82 -7.87
N LYS B 182 12.84 18.57 -6.60
CA LYS B 182 11.89 17.95 -5.71
C LYS B 182 11.57 18.96 -4.63
N VAL B 183 10.32 18.94 -4.17
CA VAL B 183 9.87 19.88 -3.16
C VAL B 183 9.40 19.10 -1.94
N VAL B 184 10.32 18.77 -1.06
CA VAL B 184 9.95 18.10 0.20
C VAL B 184 9.00 19.00 1.00
N PRO B 185 7.92 18.48 1.58
CA PRO B 185 7.19 19.26 2.59
C PRO B 185 8.01 19.36 3.86
N GLU B 186 7.58 20.23 4.75
CA GLU B 186 8.47 20.81 5.76
C GLU B 186 9.03 19.79 6.78
N GLY B 187 8.84 18.49 6.57
CA GLY B 187 9.51 17.48 7.36
C GLY B 187 9.11 17.58 8.81
N ILE B 188 7.84 17.86 9.07
CA ILE B 188 7.28 17.97 10.40
C ILE B 188 5.84 17.43 10.37
N ARG B 189 5.29 17.13 11.56
CA ARG B 189 3.87 16.85 11.73
C ARG B 189 3.03 17.97 11.11
N MET B 190 1.86 17.62 10.57
CA MET B 190 1.03 18.59 9.84
C MET B 190 -0.10 19.15 10.70
N ASN B 191 -0.03 20.45 10.99
CA ASN B 191 -1.09 21.28 11.57
C ASN B 191 -1.74 20.65 12.81
N LYS B 192 -0.98 20.62 13.90
CA LYS B 192 -1.60 20.31 15.18
C LYS B 192 -2.58 21.41 15.62
N THR B 193 -2.28 22.68 15.30
CA THR B 193 -2.98 23.83 15.86
C THR B 193 -4.49 23.80 15.61
N VAL B 194 -5.25 24.41 16.55
CA VAL B 194 -6.71 24.50 16.42
C VAL B 194 -7.09 25.52 15.34
N ALA B 195 -8.32 25.41 14.84
CA ALA B 195 -8.85 26.29 13.81
C ALA B 195 -9.53 27.52 14.45
N VAL B 196 -9.97 28.46 13.60
CA VAL B 196 -10.65 29.68 14.08
C VAL B 196 -11.87 29.32 14.90
N ARG B 197 -12.67 28.39 14.41
CA ARG B 197 -13.72 27.72 15.16
C ARG B 197 -13.21 26.28 15.40
N THR B 198 -13.09 25.89 16.65
CA THR B 198 -12.58 24.56 16.97
C THR B 198 -13.50 23.50 16.35
N LEU B 199 -12.90 22.39 15.90
CA LEU B 199 -13.56 21.48 14.97
C LEU B 199 -14.11 20.21 15.59
N ASP B 200 -13.43 19.57 16.54
CA ASP B 200 -13.93 18.35 17.16
C ASP B 200 -13.86 18.41 18.68
N PRO B 201 -14.68 17.60 19.38
CA PRO B 201 -14.96 17.87 20.80
C PRO B 201 -13.77 17.83 21.77
N GLU B 202 -13.09 16.69 21.92
CA GLU B 202 -12.25 16.50 23.11
C GLU B 202 -10.83 17.06 22.92
N ARG B 203 -10.23 16.83 21.75
CA ARG B 203 -8.87 17.29 21.45
C ARG B 203 -7.94 17.02 22.64
N LEU B 204 -8.05 15.82 23.20
CA LEU B 204 -7.20 15.36 24.30
C LEU B 204 -6.40 14.14 23.87
N GLY B 205 -5.13 14.13 24.28
CA GLY B 205 -4.30 12.95 24.23
C GLY B 205 -4.18 12.38 25.62
N ARG B 206 -4.65 11.13 25.78
CA ARG B 206 -4.99 10.55 27.08
C ARG B 206 -3.95 10.82 28.18
N GLU B 207 -2.67 10.63 27.89
CA GLU B 207 -1.61 10.93 28.84
C GLU B 207 -0.45 11.72 28.23
N GLY B 208 -0.59 12.21 26.99
CA GLY B 208 0.30 13.24 26.48
C GLY B 208 0.16 14.52 27.30
N VAL B 209 1.05 15.49 27.05
CA VAL B 209 1.03 16.75 27.79
C VAL B 209 1.39 17.89 26.84
N GLN B 210 1.23 19.14 27.31
CA GLN B 210 1.71 20.33 26.61
C GLN B 210 3.24 20.43 26.78
N LYS B 211 3.97 20.43 25.66
CA LYS B 211 5.43 20.31 25.71
C LYS B 211 6.06 21.69 25.64
N GLU B 212 6.53 22.17 26.78
CA GLU B 212 7.39 23.34 26.85
C GLU B 212 8.46 23.09 27.92
N ASP B 213 9.49 23.96 27.92
CA ASP B 213 10.73 23.67 28.64
C ASP B 213 10.51 23.55 30.14
N ILE B 214 10.12 24.65 30.79
CA ILE B 214 10.12 24.76 32.25
C ILE B 214 8.91 24.04 32.82
N PRO B 215 9.07 23.20 33.84
CA PRO B 215 7.91 22.58 34.49
C PRO B 215 7.37 23.47 35.60
N PRO B 216 6.06 23.80 35.57
CA PRO B 216 5.48 24.55 36.69
C PRO B 216 5.56 23.82 38.02
N ALA B 217 5.34 22.50 38.03
CA ALA B 217 5.52 21.69 39.24
C ALA B 217 5.59 20.23 38.84
N ASP B 218 6.39 19.43 39.56
CA ASP B 218 6.42 18.00 39.25
C ASP B 218 6.02 17.08 40.40
N LEU B 219 6.58 17.20 41.61
CA LEU B 219 6.40 16.12 42.61
C LEU B 219 6.14 16.68 44.00
N SER B 220 5.50 15.84 44.83
CA SER B 220 5.32 16.04 46.27
C SER B 220 4.65 14.79 46.83
N ASP B 221 4.35 14.82 48.13
CA ASP B 221 3.74 13.67 48.82
C ASP B 221 2.72 14.18 49.82
N GLN B 222 1.42 13.95 49.54
CA GLN B 222 0.34 14.46 50.37
C GLN B 222 -0.89 13.54 50.25
N VAL B 223 -1.64 13.45 51.33
CA VAL B 223 -2.95 12.80 51.33
C VAL B 223 -4.00 13.80 51.82
N PRO B 224 -4.67 14.54 50.92
CA PRO B 224 -5.56 15.62 51.35
C PRO B 224 -7.04 15.26 51.44
N ASP B 225 -7.75 15.94 52.33
CA ASP B 225 -9.20 15.83 52.41
C ASP B 225 -9.84 16.83 51.46
N THR B 226 -10.75 16.35 50.60
CA THR B 226 -11.24 17.17 49.52
C THR B 226 -12.17 18.28 50.02
N GLU B 227 -12.18 19.40 49.28
CA GLU B 227 -13.16 20.49 49.24
C GLU B 227 -13.07 21.58 50.32
N SER B 228 -12.18 21.49 51.33
CA SER B 228 -12.03 22.58 52.31
C SER B 228 -10.55 22.99 52.45
N GLU B 229 -10.08 23.86 51.54
CA GLU B 229 -8.78 24.47 51.68
C GLU B 229 -8.90 25.98 51.79
N THR B 230 -9.98 26.46 52.40
CA THR B 230 -10.18 27.87 52.71
C THR B 230 -10.42 28.05 54.20
N ARG B 231 -9.84 29.11 54.76
CA ARG B 231 -9.96 29.49 56.17
C ARG B 231 -10.02 31.02 56.26
N ILE B 232 -11.17 31.55 56.65
CA ILE B 232 -11.44 32.99 56.54
C ILE B 232 -12.66 33.29 57.39
N LEU B 233 -12.84 34.58 57.75
CA LEU B 233 -13.93 35.01 58.62
C LEU B 233 -15.30 34.87 57.95
N LEU B 234 -16.35 34.93 58.76
CA LEU B 234 -17.72 34.71 58.29
C LEU B 234 -18.70 35.65 59.00
N GLN B 235 -19.82 35.91 58.31
CA GLN B 235 -20.95 36.66 58.85
C GLN B 235 -21.95 35.63 59.35
N GLY B 236 -22.04 35.47 60.67
CA GLY B 236 -22.82 34.38 61.24
C GLY B 236 -24.32 34.53 61.02
N THR B 237 -24.81 35.77 60.97
CA THR B 237 -26.22 36.13 61.01
C THR B 237 -27.06 35.29 62.01
N PRO B 238 -26.67 35.29 63.29
CA PRO B 238 -27.34 34.39 64.26
C PRO B 238 -28.73 34.88 64.68
N VAL B 239 -29.56 33.90 65.08
CA VAL B 239 -30.98 34.09 65.38
C VAL B 239 -31.42 32.91 66.25
N ALA B 240 -32.55 33.08 66.97
CA ALA B 240 -33.14 32.02 67.79
C ALA B 240 -33.98 31.00 67.00
N GLN B 241 -34.49 31.39 65.84
CA GLN B 241 -35.28 30.50 65.01
C GLN B 241 -34.44 29.31 64.53
N MET B 242 -34.95 28.10 64.75
CA MET B 242 -34.17 26.90 64.43
C MET B 242 -33.91 26.78 62.94
N THR B 243 -34.97 26.77 62.16
CA THR B 243 -34.94 26.27 60.80
C THR B 243 -36.12 26.90 60.05
N GLU B 244 -36.28 26.52 58.77
CA GLU B 244 -37.39 27.01 57.93
C GLU B 244 -38.57 26.03 57.95
N ASP B 245 -39.63 26.38 57.21
CA ASP B 245 -40.95 25.73 57.31
C ASP B 245 -40.85 24.30 56.76
N ALA B 246 -40.71 23.32 57.65
CA ALA B 246 -40.61 21.90 57.33
C ALA B 246 -40.55 21.14 58.66
N VAL B 247 -40.58 19.82 58.57
CA VAL B 247 -40.31 19.02 59.77
C VAL B 247 -38.85 19.17 60.11
N ASP B 248 -38.56 19.30 61.38
CA ASP B 248 -37.20 19.61 61.76
C ASP B 248 -36.30 18.38 61.55
N ALA B 249 -35.00 18.65 61.39
CA ALA B 249 -34.01 17.63 61.10
C ALA B 249 -32.98 17.46 62.20
N GLU B 250 -33.03 18.26 63.27
CA GLU B 250 -32.09 18.10 64.37
C GLU B 250 -32.35 16.81 65.16
N ARG B 251 -33.63 16.44 65.31
CA ARG B 251 -34.03 15.16 65.89
C ARG B 251 -33.47 13.96 65.15
N LEU B 252 -33.15 14.10 63.88
CA LEU B 252 -32.90 12.97 62.97
C LEU B 252 -31.46 12.45 63.01
N LYS B 253 -30.75 12.67 64.10
CA LYS B 253 -29.33 12.34 64.16
C LYS B 253 -29.02 10.85 64.23
N HIS B 254 -30.03 9.96 64.24
CA HIS B 254 -29.81 8.55 64.51
C HIS B 254 -30.08 7.67 63.30
N LEU B 255 -29.68 8.15 62.10
CA LEU B 255 -29.92 7.49 60.82
C LEU B 255 -28.66 7.12 60.04
N ILE B 256 -27.55 7.83 60.18
CA ILE B 256 -26.30 7.35 59.63
C ILE B 256 -25.88 6.12 60.44
N VAL B 257 -25.95 4.93 59.82
CA VAL B 257 -25.72 3.69 60.54
C VAL B 257 -24.64 2.90 59.83
N THR B 258 -23.95 2.03 60.61
CA THR B 258 -22.91 1.12 60.13
C THR B 258 -23.51 -0.06 59.36
N PRO B 259 -23.24 -0.17 58.05
CA PRO B 259 -23.66 -1.38 57.32
C PRO B 259 -22.84 -2.59 57.71
N SER B 260 -23.50 -3.75 57.68
CA SER B 260 -22.90 -4.98 58.14
C SER B 260 -23.66 -6.14 57.51
N GLY B 261 -23.40 -7.35 57.99
CA GLY B 261 -24.23 -8.49 57.63
C GLY B 261 -24.07 -9.10 56.25
N CYS B 262 -24.16 -10.42 56.23
CA CYS B 262 -23.84 -11.18 55.02
C CYS B 262 -24.67 -10.70 53.84
N GLY B 263 -25.98 -10.87 53.93
CA GLY B 263 -26.79 -10.73 52.74
C GLY B 263 -27.42 -9.39 52.53
N GLU B 264 -28.05 -8.84 53.57
CA GLU B 264 -28.78 -7.60 53.37
C GLU B 264 -28.58 -6.58 54.48
N GLN B 265 -28.01 -6.94 55.63
CA GLN B 265 -27.87 -5.97 56.72
C GLN B 265 -27.05 -4.76 56.30
N ASN B 266 -26.10 -4.95 55.36
CA ASN B 266 -25.39 -3.83 54.77
C ASN B 266 -26.38 -2.85 54.16
N MET B 267 -27.33 -3.36 53.40
CA MET B 267 -28.41 -2.53 52.90
C MET B 267 -29.28 -2.02 54.05
N ILE B 268 -29.58 -2.87 55.02
CA ILE B 268 -30.31 -2.43 56.21
C ILE B 268 -29.64 -1.21 56.82
N GLY B 269 -28.31 -1.21 56.87
CA GLY B 269 -27.58 -0.02 57.26
C GLY B 269 -27.38 0.96 56.15
N MET B 270 -27.53 0.52 54.89
CA MET B 270 -27.34 1.43 53.77
C MET B 270 -28.55 2.31 53.52
N THR B 271 -29.73 1.86 53.93
CA THR B 271 -30.92 2.65 53.69
C THR B 271 -31.02 3.88 54.60
N PRO B 272 -30.84 3.77 55.92
CA PRO B 272 -30.76 4.99 56.73
C PRO B 272 -29.55 5.83 56.43
N THR B 273 -28.51 5.23 55.83
CA THR B 273 -27.36 6.00 55.33
C THR B 273 -27.60 6.60 53.94
N VAL B 274 -28.66 6.18 53.23
CA VAL B 274 -28.95 6.71 51.90
C VAL B 274 -30.21 7.58 51.86
N ILE B 275 -31.10 7.47 52.84
CA ILE B 275 -32.32 8.27 52.84
C ILE B 275 -32.09 9.63 53.50
N ALA B 276 -31.08 9.74 54.38
CA ALA B 276 -30.73 11.01 55.01
C ALA B 276 -30.23 12.01 53.99
N VAL B 277 -29.13 11.68 53.30
CA VAL B 277 -28.57 12.51 52.25
C VAL B 277 -29.56 12.81 51.13
N HIS B 278 -30.69 12.10 51.09
CA HIS B 278 -31.75 12.36 50.12
C HIS B 278 -32.81 13.32 50.65
N TYR B 279 -33.18 13.23 51.93
CA TYR B 279 -34.02 14.29 52.47
C TYR B 279 -33.21 15.55 52.62
N LEU B 280 -32.12 15.46 53.39
CA LEU B 280 -31.36 16.63 53.80
C LEU B 280 -30.93 17.47 52.61
N ASP B 281 -30.55 16.82 51.51
CA ASP B 281 -30.01 17.54 50.35
C ASP B 281 -31.10 18.32 49.65
N GLU B 282 -32.08 17.62 49.07
CA GLU B 282 -33.10 18.30 48.29
C GLU B 282 -33.76 19.42 49.09
N THR B 283 -33.91 19.25 50.38
CA THR B 283 -34.60 20.20 51.23
C THR B 283 -33.73 21.35 51.70
N GLU B 284 -32.48 21.42 51.23
CA GLU B 284 -31.60 22.56 51.50
C GLU B 284 -31.33 22.72 52.98
N GLN B 285 -31.33 21.60 53.69
CA GLN B 285 -31.13 21.54 55.14
C GLN B 285 -29.67 21.33 55.54
N TRP B 286 -28.73 21.73 54.69
CA TRP B 286 -27.31 21.51 54.94
C TRP B 286 -26.64 22.80 55.47
N GLU B 287 -27.11 23.26 56.63
CA GLU B 287 -26.64 24.51 57.21
C GLU B 287 -26.43 24.47 58.72
N LYS B 288 -26.93 23.46 59.45
CA LYS B 288 -26.77 23.39 60.89
C LYS B 288 -25.51 22.63 61.30
N PHE B 289 -25.04 21.70 60.46
CA PHE B 289 -24.01 20.75 60.84
C PHE B 289 -22.60 21.24 60.55
N GLY B 290 -22.40 22.07 59.54
CA GLY B 290 -21.08 22.59 59.17
C GLY B 290 -20.65 22.19 57.77
N LEU B 291 -21.19 21.08 57.25
CA LEU B 291 -21.06 20.59 55.88
C LEU B 291 -19.80 19.80 55.53
N GLU B 292 -19.10 19.21 56.52
CA GLU B 292 -17.89 18.46 56.22
C GLU B 292 -18.15 16.94 56.16
N LYS B 293 -19.38 16.50 56.39
CA LYS B 293 -19.70 15.08 56.43
C LYS B 293 -20.22 14.55 55.11
N ARG B 294 -20.74 15.43 54.25
CA ARG B 294 -21.50 15.02 53.09
C ARG B 294 -20.79 13.89 52.36
N GLN B 295 -19.48 14.02 52.18
CA GLN B 295 -18.76 12.96 51.52
C GLN B 295 -18.57 11.76 52.45
N GLY B 296 -18.46 12.00 53.76
CA GLY B 296 -18.39 10.88 54.69
C GLY B 296 -19.47 9.84 54.43
N ALA B 297 -20.71 10.30 54.20
CA ALA B 297 -21.78 9.38 53.82
C ALA B 297 -21.49 8.70 52.49
N LEU B 298 -21.20 9.50 51.45
CA LEU B 298 -20.83 8.91 50.16
C LEU B 298 -19.66 7.96 50.30
N GLU B 299 -18.72 8.30 51.18
CA GLU B 299 -17.73 7.33 51.64
C GLU B 299 -18.40 6.12 52.27
N LEU B 300 -19.28 6.36 53.24
CA LEU B 300 -20.02 5.26 53.84
C LEU B 300 -20.79 4.50 52.76
N ILE B 301 -21.37 5.22 51.80
CA ILE B 301 -22.15 4.56 50.75
C ILE B 301 -21.25 3.75 49.83
N LYS B 302 -20.11 4.32 49.41
CA LYS B 302 -19.18 3.57 48.59
C LYS B 302 -18.56 2.39 49.34
N LYS B 303 -18.80 2.26 50.63
CA LYS B 303 -18.31 1.12 51.40
C LYS B 303 -19.32 -0.02 51.47
N GLY B 304 -20.61 0.30 51.39
CA GLY B 304 -21.66 -0.69 51.58
C GLY B 304 -22.28 -1.23 50.31
N TYR B 305 -22.66 -0.33 49.40
CA TYR B 305 -23.16 -0.73 48.10
C TYR B 305 -22.14 -1.56 47.35
N THR B 306 -20.90 -1.12 47.40
CA THR B 306 -19.76 -1.88 46.91
C THR B 306 -19.64 -3.24 47.58
N GLN B 307 -19.75 -3.26 48.93
CA GLN B 307 -19.80 -4.51 49.67
C GLN B 307 -21.04 -5.32 49.30
N GLN B 308 -22.15 -4.63 49.04
CA GLN B 308 -23.34 -5.27 48.51
C GLN B 308 -23.08 -5.94 47.17
N LEU B 309 -21.95 -5.67 46.53
CA LEU B 309 -21.62 -6.28 45.25
C LEU B 309 -20.61 -7.39 45.41
N ALA B 310 -20.13 -7.62 46.63
CA ALA B 310 -19.29 -8.77 46.90
C ALA B 310 -20.00 -10.09 46.56
N PHE B 311 -21.32 -10.06 46.36
CA PHE B 311 -22.12 -11.26 46.09
C PHE B 311 -23.10 -11.01 44.92
N ARG B 312 -22.54 -10.56 43.81
CA ARG B 312 -23.26 -10.57 42.54
C ARG B 312 -23.53 -12.00 42.09
N GLN B 313 -24.53 -12.15 41.21
CA GLN B 313 -24.95 -13.39 40.58
C GLN B 313 -24.96 -13.23 39.06
N PRO B 314 -24.87 -14.34 38.30
CA PRO B 314 -24.50 -14.23 36.87
C PRO B 314 -25.46 -13.41 36.04
N SER B 315 -26.75 -13.50 36.33
CA SER B 315 -27.74 -12.63 35.71
C SER B 315 -27.86 -11.30 36.44
N SER B 316 -26.79 -10.86 37.11
CA SER B 316 -26.77 -9.67 37.98
C SER B 316 -27.75 -9.79 39.13
N ALA B 317 -28.26 -11.00 39.37
CA ALA B 317 -29.26 -11.23 40.40
C ALA B 317 -28.69 -10.98 41.79
N PHE B 318 -29.57 -10.79 42.76
CA PHE B 318 -29.18 -10.55 44.14
C PHE B 318 -29.95 -11.48 45.07
N ALA B 319 -29.23 -12.33 45.79
CA ALA B 319 -29.74 -12.93 46.99
C ALA B 319 -28.94 -12.41 48.17
N ALA B 320 -29.38 -12.77 49.37
CA ALA B 320 -28.48 -12.68 50.52
C ALA B 320 -27.27 -13.60 50.32
N PHE B 321 -27.44 -14.72 49.61
CA PHE B 321 -26.45 -15.78 49.44
C PHE B 321 -26.26 -16.09 47.95
N VAL B 322 -24.99 -16.26 47.54
CA VAL B 322 -24.66 -16.42 46.12
C VAL B 322 -25.05 -17.80 45.60
N LYS B 323 -24.45 -18.85 46.16
CA LYS B 323 -24.68 -20.21 45.66
C LYS B 323 -26.17 -20.56 45.65
N ARG B 324 -26.96 -19.92 46.53
CA ARG B 324 -28.40 -20.10 46.61
C ARG B 324 -29.08 -19.61 45.34
N ALA B 325 -30.23 -20.22 45.01
CA ALA B 325 -31.11 -19.64 44.00
C ALA B 325 -31.60 -18.27 44.49
N PRO B 326 -31.22 -17.19 43.82
CA PRO B 326 -31.41 -15.85 44.40
C PRO B 326 -32.85 -15.37 44.39
N SER B 327 -33.12 -14.42 45.29
CA SER B 327 -34.45 -13.91 45.54
C SER B 327 -34.82 -12.84 44.51
N THR B 328 -35.91 -12.12 44.79
CA THR B 328 -36.35 -11.00 43.98
C THR B 328 -36.68 -9.76 44.81
N TRP B 329 -36.89 -9.87 46.13
CA TRP B 329 -37.12 -8.68 46.95
C TRP B 329 -35.82 -7.91 47.19
N LEU B 330 -34.78 -8.60 47.61
CA LEU B 330 -33.48 -7.95 47.68
C LEU B 330 -32.90 -7.69 46.30
N THR B 331 -33.31 -8.50 45.31
CA THR B 331 -32.85 -8.32 43.92
C THR B 331 -33.31 -6.99 43.33
N ALA B 332 -34.52 -6.56 43.67
CA ALA B 332 -35.06 -5.31 43.13
C ALA B 332 -35.08 -4.19 44.17
N TYR B 333 -35.05 -4.51 45.46
CA TYR B 333 -35.11 -3.45 46.45
C TYR B 333 -33.75 -2.74 46.60
N VAL B 334 -32.65 -3.47 46.54
CA VAL B 334 -31.38 -2.76 46.50
C VAL B 334 -31.30 -1.94 45.23
N VAL B 335 -31.97 -2.37 44.16
CA VAL B 335 -32.05 -1.55 42.96
C VAL B 335 -32.77 -0.23 43.26
N LYS B 336 -33.85 -0.28 44.05
CA LYS B 336 -34.59 0.91 44.43
C LYS B 336 -33.86 1.75 45.49
N VAL B 337 -32.99 1.15 46.29
CA VAL B 337 -32.26 1.98 47.23
C VAL B 337 -31.25 2.80 46.47
N PHE B 338 -30.92 2.39 45.24
CA PHE B 338 -29.95 3.09 44.41
C PHE B 338 -30.58 4.26 43.65
N SER B 339 -31.88 4.20 43.36
CA SER B 339 -32.53 5.33 42.68
C SER B 339 -32.39 6.63 43.48
N LEU B 340 -32.20 6.52 44.81
CA LEU B 340 -31.87 7.66 45.65
C LEU B 340 -30.37 7.91 45.72
N ALA B 341 -29.56 6.89 45.42
CA ALA B 341 -28.12 7.06 45.37
C ALA B 341 -27.69 7.94 44.20
N VAL B 342 -28.38 7.87 43.05
CA VAL B 342 -27.99 8.63 41.87
C VAL B 342 -27.88 10.13 42.16
N ASN B 343 -28.51 10.60 43.25
CA ASN B 343 -28.38 11.99 43.66
C ASN B 343 -26.92 12.41 43.79
N LEU B 344 -26.10 11.60 44.46
CA LEU B 344 -24.71 11.97 44.70
C LEU B 344 -23.69 10.92 44.26
N ILE B 345 -23.97 9.63 44.54
CA ILE B 345 -22.99 8.57 44.30
C ILE B 345 -22.87 8.28 42.80
N ALA B 346 -21.67 7.85 42.39
CA ALA B 346 -21.39 7.48 41.02
C ALA B 346 -21.51 5.97 40.93
N ILE B 347 -22.58 5.50 40.31
CA ILE B 347 -22.70 4.08 40.02
C ILE B 347 -22.85 3.91 38.51
N ASP B 348 -22.57 2.69 38.07
CA ASP B 348 -22.72 2.29 36.68
C ASP B 348 -24.16 1.84 36.45
N SER B 349 -24.51 1.62 35.18
CA SER B 349 -25.90 1.39 34.81
C SER B 349 -26.17 0.06 34.10
N GLN B 350 -25.21 -0.49 33.36
CA GLN B 350 -25.41 -1.79 32.73
C GLN B 350 -25.77 -2.89 33.75
N VAL B 351 -25.46 -2.71 35.02
CA VAL B 351 -25.64 -3.76 36.03
C VAL B 351 -27.12 -4.02 36.30
N LEU B 352 -27.92 -2.96 36.34
CA LEU B 352 -29.33 -3.13 36.62
C LEU B 352 -30.08 -3.70 35.42
N CYS B 353 -29.75 -3.22 34.21
CA CYS B 353 -30.36 -3.76 33.01
C CYS B 353 -29.98 -5.21 32.78
N GLY B 354 -28.77 -5.59 33.19
CA GLY B 354 -28.38 -6.99 33.21
C GLY B 354 -29.03 -7.76 34.34
N ALA B 355 -29.63 -7.05 35.31
CA ALA B 355 -30.46 -7.69 36.34
C ALA B 355 -31.90 -7.87 35.85
N VAL B 356 -32.47 -6.83 35.22
CA VAL B 356 -33.87 -6.84 34.81
C VAL B 356 -34.14 -7.82 33.68
N LYS B 357 -33.18 -7.96 32.75
CA LYS B 357 -33.32 -8.94 31.68
C LYS B 357 -33.67 -10.33 32.24
N TRP B 358 -33.09 -10.70 33.38
CA TRP B 358 -33.48 -11.96 34.03
C TRP B 358 -34.84 -11.86 34.71
N LEU B 359 -35.11 -10.75 35.39
CA LEU B 359 -36.37 -10.60 36.12
C LEU B 359 -37.59 -10.58 35.20
N ILE B 360 -37.38 -10.44 33.88
CA ILE B 360 -38.48 -10.54 32.91
C ILE B 360 -38.40 -11.86 32.15
N LEU B 361 -37.20 -12.42 31.98
CA LEU B 361 -37.09 -13.70 31.30
C LEU B 361 -37.45 -14.87 32.21
N GLU B 362 -37.32 -14.73 33.53
CA GLU B 362 -37.52 -15.86 34.44
C GLU B 362 -38.23 -15.47 35.73
N LYS B 363 -38.84 -14.27 35.80
CA LYS B 363 -39.61 -13.88 36.98
C LYS B 363 -40.90 -13.09 36.64
N GLN B 364 -41.48 -13.25 35.44
CA GLN B 364 -42.81 -12.73 35.12
C GLN B 364 -43.60 -13.73 34.29
N LYS B 365 -44.87 -13.94 34.66
CA LYS B 365 -45.74 -14.89 34.01
C LYS B 365 -46.54 -14.21 32.90
N PRO B 366 -47.03 -14.96 31.89
CA PRO B 366 -47.65 -14.31 30.71
C PRO B 366 -48.75 -13.33 31.05
N ASP B 367 -49.18 -13.33 32.31
CA ASP B 367 -50.39 -12.64 32.74
C ASP B 367 -50.11 -11.45 33.65
N GLY B 368 -48.85 -11.13 33.92
CA GLY B 368 -48.52 -10.07 34.83
C GLY B 368 -48.32 -10.52 36.27
N VAL B 369 -48.39 -11.81 36.54
CA VAL B 369 -48.07 -12.28 37.88
C VAL B 369 -46.57 -12.15 38.14
N PHE B 370 -46.23 -12.02 39.42
CA PHE B 370 -44.83 -12.05 39.85
C PHE B 370 -44.77 -12.92 41.09
N GLN B 371 -44.45 -14.20 40.91
CA GLN B 371 -44.26 -15.14 42.00
C GLN B 371 -42.79 -15.07 42.42
N GLU B 372 -42.54 -14.64 43.67
CA GLU B 372 -41.18 -14.57 44.18
C GLU B 372 -40.66 -15.99 44.28
N ASP B 373 -40.01 -16.46 43.20
CA ASP B 373 -39.57 -17.86 43.15
C ASP B 373 -38.46 -18.17 44.19
N ALA B 374 -38.18 -17.23 45.10
CA ALA B 374 -37.31 -17.48 46.25
C ALA B 374 -37.62 -16.49 47.38
N PRO B 375 -38.56 -16.82 48.28
CA PRO B 375 -38.71 -16.04 49.52
C PRO B 375 -37.43 -16.08 50.35
N VAL B 376 -37.29 -15.11 51.25
CA VAL B 376 -36.03 -14.97 51.97
C VAL B 376 -36.20 -15.38 53.43
N ILE B 377 -35.10 -15.32 54.17
CA ILE B 377 -35.10 -15.60 55.60
C ILE B 377 -35.34 -14.35 56.43
N HIS B 378 -35.33 -13.17 55.82
CA HIS B 378 -35.60 -11.95 56.58
C HIS B 378 -36.81 -11.24 56.00
N GLN B 379 -37.97 -11.58 56.55
CA GLN B 379 -39.26 -10.99 56.24
C GLN B 379 -39.58 -9.82 57.17
N GLU B 380 -38.62 -9.37 57.99
CA GLU B 380 -38.82 -8.16 58.79
C GLU B 380 -38.35 -6.93 58.04
N MET B 381 -37.39 -7.10 57.13
CA MET B 381 -36.93 -6.01 56.29
C MET B 381 -37.98 -5.61 55.26
N ILE B 382 -38.96 -6.48 55.00
CA ILE B 382 -39.87 -6.31 53.87
C ILE B 382 -41.06 -5.43 54.20
N GLY B 383 -41.20 -4.95 55.42
CA GLY B 383 -42.37 -4.16 55.75
C GLY B 383 -43.60 -5.05 55.73
N GLY B 384 -44.66 -4.55 55.10
CA GLY B 384 -45.94 -5.21 55.21
C GLY B 384 -46.21 -6.25 54.14
N LEU B 385 -45.30 -7.23 54.02
CA LEU B 385 -45.42 -8.24 52.97
C LEU B 385 -45.36 -9.67 53.52
N ARG B 386 -45.65 -9.84 54.82
CA ARG B 386 -45.39 -11.12 55.47
C ARG B 386 -46.62 -12.01 55.44
N ASN B 387 -47.71 -11.57 56.09
CA ASN B 387 -48.87 -12.41 56.42
C ASN B 387 -50.16 -11.78 55.88
N ASN B 388 -50.11 -11.29 54.65
CA ASN B 388 -51.29 -10.89 53.92
C ASN B 388 -51.77 -12.07 53.08
N ASN B 389 -53.07 -12.13 52.83
CA ASN B 389 -53.56 -13.21 51.99
C ASN B 389 -53.31 -12.95 50.50
N GLU B 390 -53.31 -11.68 50.08
CA GLU B 390 -53.32 -11.31 48.67
C GLU B 390 -51.97 -11.75 48.10
N LYS B 391 -51.97 -12.94 47.48
CA LYS B 391 -50.75 -13.69 47.24
C LYS B 391 -49.66 -12.84 46.59
N ASP B 392 -49.93 -12.36 45.36
CA ASP B 392 -48.92 -11.69 44.54
C ASP B 392 -49.43 -10.39 43.93
N MET B 393 -50.49 -9.79 44.47
CA MET B 393 -50.83 -8.44 44.04
C MET B 393 -49.81 -7.43 44.58
N ALA B 394 -49.58 -7.44 45.89
CA ALA B 394 -48.57 -6.56 46.49
C ALA B 394 -47.19 -6.77 45.88
N LEU B 395 -46.90 -7.97 45.40
CA LEU B 395 -45.60 -8.25 44.79
C LEU B 395 -45.54 -7.68 43.38
N THR B 396 -46.54 -8.00 42.55
CA THR B 396 -46.61 -7.56 41.15
C THR B 396 -46.44 -6.04 41.02
N ALA B 397 -46.91 -5.28 42.00
CA ALA B 397 -46.73 -3.83 42.01
C ALA B 397 -45.44 -3.39 42.71
N PHE B 398 -44.96 -4.16 43.68
CA PHE B 398 -43.68 -3.82 44.28
C PHE B 398 -42.54 -4.04 43.29
N VAL B 399 -42.69 -5.05 42.43
CA VAL B 399 -41.77 -5.22 41.31
C VAL B 399 -41.89 -4.04 40.36
N LEU B 400 -43.14 -3.68 40.02
CA LEU B 400 -43.40 -2.62 39.04
C LEU B 400 -42.81 -1.27 39.50
N ILE B 401 -42.92 -0.95 40.80
CA ILE B 401 -42.38 0.32 41.29
C ILE B 401 -40.85 0.28 41.33
N SER B 402 -40.26 -0.84 41.78
CA SER B 402 -38.80 -0.97 41.71
C SER B 402 -38.29 -0.80 40.29
N LEU B 403 -38.94 -1.43 39.31
CA LEU B 403 -38.59 -1.28 37.91
C LEU B 403 -38.76 0.16 37.43
N GLN B 404 -39.96 0.71 37.61
CA GLN B 404 -40.25 2.06 37.13
C GLN B 404 -39.54 3.16 37.90
N GLU B 405 -39.00 2.89 39.10
CA GLU B 405 -38.21 3.93 39.75
C GLU B 405 -36.99 4.29 38.89
N ALA B 406 -36.30 3.27 38.36
CA ALA B 406 -35.14 3.46 37.49
C ALA B 406 -35.49 3.33 36.01
N LYS B 407 -36.68 3.74 35.60
CA LYS B 407 -36.97 3.94 34.19
C LYS B 407 -36.13 5.10 33.65
N ASP B 408 -36.19 5.25 32.31
CA ASP B 408 -35.32 6.18 31.58
C ASP B 408 -33.86 6.00 32.00
N ILE B 409 -33.51 4.80 32.42
CA ILE B 409 -32.14 4.44 32.78
C ILE B 409 -31.74 3.20 31.97
N CYS B 410 -32.52 2.12 32.10
CA CYS B 410 -32.21 0.87 31.42
C CYS B 410 -32.95 0.73 30.10
N GLU B 411 -33.32 1.85 29.50
CA GLU B 411 -34.00 1.84 28.22
C GLU B 411 -33.04 1.55 27.06
N GLU B 412 -31.80 2.05 27.12
CA GLU B 412 -30.86 1.75 26.03
C GLU B 412 -30.41 0.30 26.06
N GLN B 413 -29.89 -0.16 27.21
CA GLN B 413 -29.24 -1.47 27.28
C GLN B 413 -30.24 -2.63 27.20
N VAL B 414 -31.47 -2.44 27.67
CA VAL B 414 -32.49 -3.48 27.74
C VAL B 414 -33.83 -2.89 27.29
N ASN B 415 -34.26 -3.19 26.05
CA ASN B 415 -35.53 -2.69 25.52
C ASN B 415 -36.67 -3.68 25.72
N SER B 416 -36.56 -4.58 26.70
CA SER B 416 -37.57 -5.55 27.12
C SER B 416 -38.48 -4.98 28.19
N LEU B 417 -37.88 -4.24 29.13
CA LEU B 417 -38.44 -3.60 30.32
C LEU B 417 -39.83 -2.99 30.13
N PRO B 418 -40.06 -2.10 29.16
CA PRO B 418 -41.39 -1.46 29.08
C PRO B 418 -42.52 -2.46 29.00
N GLY B 419 -42.28 -3.64 28.41
CA GLY B 419 -43.29 -4.68 28.41
C GLY B 419 -43.62 -5.18 29.80
N SER B 420 -42.60 -5.51 30.59
CA SER B 420 -42.86 -6.00 31.94
C SER B 420 -43.61 -4.95 32.77
N ILE B 421 -43.32 -3.67 32.56
CA ILE B 421 -44.04 -2.62 33.29
C ILE B 421 -45.51 -2.58 32.89
N THR B 422 -45.78 -2.52 31.58
CA THR B 422 -47.14 -2.39 31.08
C THR B 422 -48.03 -3.55 31.52
N LYS B 423 -47.71 -4.80 31.11
CA LYS B 423 -48.57 -5.94 31.41
C LYS B 423 -48.71 -6.20 32.90
N ALA B 424 -47.71 -5.84 33.71
CA ALA B 424 -47.85 -5.92 35.16
C ALA B 424 -48.86 -4.90 35.65
N GLY B 425 -48.82 -3.67 35.13
CA GLY B 425 -49.81 -2.67 35.49
C GLY B 425 -51.19 -2.96 34.91
N ASP B 426 -51.24 -3.57 33.73
CA ASP B 426 -52.52 -4.04 33.20
C ASP B 426 -53.16 -5.05 34.15
N PHE B 427 -52.41 -6.10 34.48
CA PHE B 427 -52.85 -7.05 35.52
C PHE B 427 -53.33 -6.30 36.75
N LEU B 428 -52.71 -5.16 37.08
CA LEU B 428 -53.17 -4.35 38.19
C LEU B 428 -54.53 -3.74 37.90
N GLU B 429 -54.63 -2.92 36.85
CA GLU B 429 -55.83 -2.12 36.65
C GLU B 429 -57.06 -3.00 36.44
N ALA B 430 -56.96 -4.07 35.64
CA ALA B 430 -58.10 -4.95 35.48
C ALA B 430 -58.46 -5.66 36.79
N ASN B 431 -57.45 -5.90 37.65
CA ASN B 431 -57.62 -6.63 38.90
C ASN B 431 -57.14 -5.80 40.10
N TYR B 432 -57.28 -4.47 40.04
CA TYR B 432 -56.96 -3.67 41.22
C TYR B 432 -58.18 -3.39 42.07
N MET B 433 -59.35 -3.23 41.44
CA MET B 433 -60.54 -2.86 42.21
C MET B 433 -60.88 -3.94 43.23
N ASN B 434 -60.69 -5.20 42.87
CA ASN B 434 -61.09 -6.33 43.71
C ASN B 434 -59.96 -6.69 44.68
N LEU B 435 -59.67 -5.75 45.59
CA LEU B 435 -58.81 -5.97 46.74
C LEU B 435 -59.61 -5.63 48.00
N GLN B 436 -59.12 -6.05 49.16
CA GLN B 436 -59.78 -5.73 50.43
C GLN B 436 -58.96 -4.82 51.32
N ARG B 437 -57.69 -5.13 51.53
CA ARG B 437 -56.77 -4.39 52.39
C ARG B 437 -56.27 -3.11 51.69
N SER B 438 -55.79 -2.16 52.51
CA SER B 438 -55.37 -0.84 52.06
C SER B 438 -53.92 -0.82 51.60
N TYR B 439 -53.08 -1.65 52.23
CA TYR B 439 -51.69 -1.83 51.80
C TYR B 439 -51.63 -2.10 50.30
N THR B 440 -52.34 -3.14 49.83
CA THR B 440 -52.38 -3.48 48.42
C THR B 440 -53.02 -2.39 47.58
N VAL B 441 -54.10 -1.82 48.08
CA VAL B 441 -54.66 -0.58 47.56
C VAL B 441 -53.58 0.46 47.31
N ALA B 442 -52.79 0.79 48.34
CA ALA B 442 -51.86 1.91 48.28
C ALA B 442 -50.77 1.71 47.22
N ILE B 443 -50.05 0.59 47.31
CA ILE B 443 -48.89 0.40 46.44
C ILE B 443 -49.30 0.32 44.98
N ALA B 444 -50.33 -0.49 44.68
CA ALA B 444 -50.74 -0.67 43.30
C ALA B 444 -51.40 0.58 42.73
N GLY B 445 -52.02 1.39 43.58
CA GLY B 445 -52.45 2.70 43.12
C GLY B 445 -51.28 3.52 42.60
N TYR B 446 -50.18 3.52 43.35
CA TYR B 446 -49.02 4.32 42.98
C TYR B 446 -48.44 3.87 41.64
N ALA B 447 -48.37 2.56 41.40
CA ALA B 447 -47.77 2.08 40.16
C ALA B 447 -48.64 2.40 38.95
N LEU B 448 -49.96 2.30 39.08
CA LEU B 448 -50.82 2.84 38.05
C LEU B 448 -50.65 4.35 37.93
N ALA B 449 -50.40 5.03 39.07
CA ALA B 449 -50.01 6.43 39.02
C ALA B 449 -48.70 6.62 38.27
N GLN B 450 -47.71 5.74 38.52
CA GLN B 450 -46.49 5.74 37.70
C GLN B 450 -46.81 5.58 36.21
N MET B 451 -47.69 4.65 35.85
CA MET B 451 -48.17 4.56 34.48
C MET B 451 -49.26 5.57 34.16
N GLY B 452 -49.49 6.55 35.02
CA GLY B 452 -50.53 7.54 34.82
C GLY B 452 -51.94 7.01 34.86
N ARG B 453 -52.13 5.69 35.02
CA ARG B 453 -53.41 5.04 34.79
C ARG B 453 -54.35 5.04 36.00
N LEU B 454 -54.10 5.88 37.01
CA LEU B 454 -54.93 5.85 38.22
C LEU B 454 -56.04 6.91 38.11
N LYS B 455 -56.96 6.63 37.20
CA LYS B 455 -58.11 7.48 36.91
C LYS B 455 -59.32 6.57 36.80
N GLY B 456 -60.26 6.69 37.72
CA GLY B 456 -61.46 5.90 37.64
C GLY B 456 -61.82 5.25 38.94
N PRO B 457 -62.80 4.35 38.90
CA PRO B 457 -63.21 3.68 40.16
C PRO B 457 -62.05 3.02 40.88
N LEU B 458 -61.09 2.46 40.13
CA LEU B 458 -59.83 2.00 40.70
C LEU B 458 -59.25 3.03 41.65
N LEU B 459 -59.33 4.31 41.26
CA LEU B 459 -58.98 5.41 42.13
C LEU B 459 -59.90 5.50 43.33
N ASN B 460 -61.22 5.47 43.10
CA ASN B 460 -62.14 5.68 44.20
C ASN B 460 -61.83 4.74 45.35
N LYS B 461 -61.67 3.44 45.06
CA LYS B 461 -61.39 2.51 46.14
C LYS B 461 -60.16 2.93 46.91
N PHE B 462 -59.10 3.24 46.19
CA PHE B 462 -57.88 3.66 46.85
C PHE B 462 -58.12 4.95 47.61
N LEU B 463 -58.79 5.91 46.98
CA LEU B 463 -59.10 7.16 47.66
C LEU B 463 -59.98 6.92 48.86
N THR B 464 -61.06 6.18 48.66
CA THR B 464 -62.04 5.83 49.69
C THR B 464 -61.38 5.38 50.98
N THR B 465 -60.53 4.37 50.86
CA THR B 465 -59.91 3.67 51.98
C THR B 465 -59.28 4.62 53.01
N ALA B 466 -59.04 5.89 52.65
CA ALA B 466 -58.57 6.88 53.61
C ALA B 466 -59.49 6.93 54.82
N LYS B 467 -58.94 6.57 55.97
CA LYS B 467 -59.60 6.75 57.27
C LYS B 467 -59.34 8.16 57.74
N ASP B 468 -60.41 8.94 57.90
CA ASP B 468 -60.31 10.36 58.25
C ASP B 468 -59.52 11.15 57.20
N LYS B 469 -59.42 10.62 55.97
CA LYS B 469 -58.75 11.27 54.84
C LYS B 469 -57.24 11.45 55.06
N ASN B 470 -56.67 10.95 56.16
CA ASN B 470 -55.25 11.18 56.42
C ASN B 470 -54.47 9.90 56.76
N ARG B 471 -55.01 8.72 56.46
CA ARG B 471 -54.31 7.47 56.67
C ARG B 471 -55.05 6.36 55.93
N TRP B 472 -54.30 5.32 55.58
CA TRP B 472 -54.83 4.03 55.15
C TRP B 472 -54.72 3.11 56.35
N GLU B 473 -55.84 2.93 57.07
CA GLU B 473 -55.88 2.21 58.34
C GLU B 473 -55.92 0.69 58.20
N ASP B 474 -54.94 0.04 58.82
CA ASP B 474 -54.89 -1.39 59.10
C ASP B 474 -54.24 -1.60 60.46
N PRO B 475 -54.45 -2.75 61.09
CA PRO B 475 -53.86 -3.02 62.41
C PRO B 475 -52.56 -3.82 62.41
N GLY B 476 -52.04 -4.21 61.24
CA GLY B 476 -50.90 -5.11 61.19
C GLY B 476 -49.70 -4.56 61.96
N LYS B 477 -49.28 -3.35 61.63
CA LYS B 477 -48.20 -2.63 62.29
C LYS B 477 -48.29 -1.21 61.79
N GLN B 478 -47.85 -0.26 62.61
CA GLN B 478 -47.82 1.12 62.13
C GLN B 478 -46.89 1.27 60.93
N LEU B 479 -45.81 0.48 60.89
CA LEU B 479 -44.88 0.49 59.76
C LEU B 479 -45.58 0.16 58.45
N TYR B 480 -46.62 -0.68 58.50
CA TYR B 480 -47.38 -0.96 57.29
C TYR B 480 -48.23 0.24 56.90
N ASN B 481 -48.94 0.81 57.87
CA ASN B 481 -49.76 1.98 57.62
C ASN B 481 -48.91 3.19 57.25
N VAL B 482 -47.86 3.47 58.04
CA VAL B 482 -47.03 4.64 57.77
C VAL B 482 -46.35 4.51 56.42
N GLU B 483 -45.94 3.29 56.06
CA GLU B 483 -45.32 3.08 54.76
C GLU B 483 -46.34 3.29 53.64
N ALA B 484 -47.51 2.68 53.75
CA ALA B 484 -48.52 2.83 52.69
C ALA B 484 -49.06 4.25 52.64
N THR B 485 -49.10 4.95 53.77
CA THR B 485 -49.44 6.37 53.71
C THR B 485 -48.41 7.14 52.88
N SER B 486 -47.13 6.79 53.01
CA SER B 486 -46.07 7.34 52.18
C SER B 486 -46.10 6.79 50.75
N TYR B 487 -46.71 5.62 50.50
CA TYR B 487 -47.01 5.18 49.14
C TYR B 487 -48.08 6.03 48.49
N ALA B 488 -49.21 6.20 49.18
CA ALA B 488 -50.31 7.00 48.68
C ALA B 488 -49.90 8.44 48.49
N LEU B 489 -49.04 8.94 49.39
CA LEU B 489 -48.55 10.31 49.28
C LEU B 489 -47.71 10.50 48.01
N LEU B 490 -46.75 9.62 47.78
CA LEU B 490 -46.11 9.64 46.48
C LEU B 490 -47.13 9.38 45.39
N ALA B 491 -48.05 8.45 45.62
CA ALA B 491 -49.15 8.25 44.68
C ALA B 491 -50.02 9.48 44.50
N LEU B 492 -49.98 10.44 45.43
CA LEU B 492 -50.76 11.68 45.35
C LEU B 492 -50.04 12.81 44.59
N LEU B 493 -48.73 12.97 44.84
CA LEU B 493 -47.94 14.02 44.18
C LEU B 493 -47.91 13.83 42.66
N GLN B 494 -48.25 12.62 42.19
CA GLN B 494 -48.18 12.27 40.77
C GLN B 494 -49.42 12.69 40.00
N LEU B 495 -50.53 12.95 40.68
CA LEU B 495 -51.69 13.60 40.08
C LEU B 495 -51.79 15.08 40.47
N LYS B 496 -50.76 15.59 41.15
CA LYS B 496 -50.57 16.99 41.51
C LYS B 496 -51.66 17.48 42.47
N ASP B 497 -52.31 16.57 43.19
CA ASP B 497 -53.28 16.96 44.20
C ASP B 497 -52.63 17.88 45.21
N PHE B 498 -53.32 18.96 45.55
CA PHE B 498 -52.92 19.83 46.66
C PHE B 498 -54.11 20.12 47.57
N ASP B 499 -55.00 19.12 47.71
CA ASP B 499 -56.12 19.13 48.65
C ASP B 499 -55.92 18.12 49.78
N PHE B 500 -55.83 16.82 49.44
CA PHE B 500 -55.67 15.72 50.38
C PHE B 500 -54.28 15.62 50.95
N VAL B 501 -53.37 16.45 50.47
CA VAL B 501 -51.96 16.37 50.86
C VAL B 501 -51.71 16.94 52.25
N PRO B 502 -52.21 18.13 52.60
CA PRO B 502 -51.97 18.68 53.94
C PRO B 502 -52.46 17.77 55.06
N PRO B 503 -53.70 17.19 54.96
CA PRO B 503 -54.11 16.20 55.96
C PRO B 503 -53.01 15.20 56.27
N VAL B 504 -52.58 14.47 55.23
CA VAL B 504 -51.49 13.51 55.36
C VAL B 504 -50.29 14.15 56.02
N VAL B 505 -49.84 15.26 55.44
CA VAL B 505 -48.74 16.02 56.00
C VAL B 505 -48.95 16.28 57.48
N ARG B 506 -50.13 16.79 57.86
CA ARG B 506 -50.43 17.02 59.27
C ARG B 506 -50.14 15.77 60.10
N TRP B 507 -50.86 14.68 59.82
CA TRP B 507 -50.69 13.44 60.57
C TRP B 507 -49.26 12.96 60.50
N LEU B 508 -48.73 12.81 59.28
CA LEU B 508 -47.34 12.41 59.06
C LEU B 508 -46.36 13.34 59.77
N ASN B 509 -46.84 14.47 60.32
CA ASN B 509 -46.01 15.40 61.09
C ASN B 509 -46.56 15.60 62.49
N GLU B 510 -47.46 14.74 62.94
CA GLU B 510 -47.74 14.62 64.36
C GLU B 510 -47.33 13.28 64.92
N GLN B 511 -47.05 12.31 64.05
CA GLN B 511 -46.55 11.03 64.50
C GLN B 511 -45.16 11.12 65.11
N ARG B 512 -44.37 12.14 64.72
CA ARG B 512 -43.04 12.37 65.28
C ARG B 512 -42.14 11.14 65.11
N TYR B 513 -42.25 10.50 63.95
CA TYR B 513 -41.35 9.41 63.55
C TYR B 513 -40.19 10.01 62.77
N TYR B 514 -38.97 9.59 63.13
CA TYR B 514 -37.79 10.18 62.51
C TYR B 514 -36.80 9.09 62.08
N GLY B 515 -37.27 7.86 61.87
CA GLY B 515 -36.44 6.75 61.43
C GLY B 515 -35.66 6.10 62.57
N GLY B 516 -35.70 4.76 62.70
CA GLY B 516 -34.91 4.05 63.71
C GLY B 516 -35.46 2.76 64.32
N GLY B 517 -34.60 1.75 64.45
CA GLY B 517 -34.98 0.49 65.05
C GLY B 517 -34.76 -0.72 64.15
N TYR B 518 -34.39 -1.85 64.75
CA TYR B 518 -34.45 -3.12 64.06
C TYR B 518 -35.81 -3.29 63.39
N GLY B 519 -35.80 -3.75 62.14
CA GLY B 519 -37.02 -3.90 61.36
C GLY B 519 -37.49 -2.62 60.70
N SER B 520 -37.26 -1.48 61.34
CA SER B 520 -37.70 -0.20 60.80
C SER B 520 -36.83 0.10 59.61
N THR B 521 -37.03 -0.66 58.53
CA THR B 521 -36.22 -0.56 57.33
C THR B 521 -37.01 0.01 56.17
N GLN B 522 -38.15 -0.59 55.83
CA GLN B 522 -38.97 -0.07 54.74
C GLN B 522 -39.49 1.33 55.03
N ALA B 523 -40.19 1.48 56.16
CA ALA B 523 -40.83 2.77 56.44
C ALA B 523 -39.81 3.90 56.47
N THR B 524 -38.68 3.68 57.15
CA THR B 524 -37.56 4.61 57.16
C THR B 524 -37.29 5.26 55.80
N PHE B 525 -37.04 4.44 54.80
CA PHE B 525 -36.89 4.85 53.41
C PHE B 525 -38.08 5.71 52.99
N MET B 526 -39.28 5.12 53.02
CA MET B 526 -40.46 5.81 52.51
C MET B 526 -40.81 7.05 53.31
N VAL B 527 -40.54 7.02 54.61
CA VAL B 527 -40.95 8.15 55.45
C VAL B 527 -40.44 9.43 54.87
N PHE B 528 -39.14 9.48 54.59
CA PHE B 528 -38.55 10.72 54.19
C PHE B 528 -38.37 10.83 52.69
N GLN B 529 -38.46 9.72 51.96
CA GLN B 529 -38.46 9.79 50.50
C GLN B 529 -39.64 10.60 49.99
N ALA B 530 -40.81 10.40 50.61
CA ALA B 530 -42.01 11.15 50.26
C ALA B 530 -42.05 12.53 50.91
N LEU B 531 -41.55 12.66 52.14
CA LEU B 531 -41.41 13.99 52.73
C LEU B 531 -40.45 14.86 51.92
N ALA B 532 -39.50 14.23 51.20
CA ALA B 532 -38.56 14.95 50.36
C ALA B 532 -39.12 15.33 48.99
N GLN B 533 -39.70 14.37 48.25
CA GLN B 533 -40.34 14.73 46.98
C GLN B 533 -41.47 15.73 47.15
N TYR B 534 -42.10 15.74 48.33
CA TYR B 534 -43.12 16.74 48.65
C TYR B 534 -42.57 18.15 48.53
N GLN B 535 -41.47 18.43 49.24
CA GLN B 535 -40.88 19.76 49.21
C GLN B 535 -40.31 20.11 47.84
N LYS B 536 -40.02 19.09 47.01
CA LYS B 536 -39.55 19.30 45.64
C LYS B 536 -40.66 19.83 44.72
N ASP B 537 -41.92 19.44 44.96
CA ASP B 537 -43.08 19.88 44.19
C ASP B 537 -43.79 21.08 44.80
N ALA B 538 -44.09 21.02 46.11
CA ALA B 538 -44.81 22.05 46.82
C ALA B 538 -44.06 23.37 46.73
N PRO B 539 -44.62 24.35 45.99
CA PRO B 539 -43.98 25.68 45.94
C PRO B 539 -43.93 26.35 47.30
N ASP B 540 -42.72 26.52 47.81
CA ASP B 540 -42.51 27.18 49.11
C ASP B 540 -41.78 28.51 48.99
N THR B 592 18.12 24.67 9.27
CA THR B 592 17.77 25.93 9.92
C THR B 592 18.99 26.55 10.65
N CYS B 593 20.18 26.41 10.04
CA CYS B 593 21.42 26.96 10.60
C CYS B 593 21.70 26.41 12.00
N ASN B 594 21.38 25.11 12.22
CA ASN B 594 21.39 24.57 13.59
C ASN B 594 22.71 24.85 14.32
N LYS B 595 23.82 24.83 13.60
CA LYS B 595 25.14 24.98 14.21
C LYS B 595 25.63 26.43 14.21
N PHE B 596 25.03 27.31 13.39
CA PHE B 596 25.61 28.62 13.12
C PHE B 596 24.64 29.77 13.33
N ASP B 597 25.15 30.83 13.96
CA ASP B 597 24.54 32.16 13.94
C ASP B 597 24.95 32.90 12.69
N LEU B 598 24.02 33.61 12.10
CA LEU B 598 24.34 34.37 10.91
C LEU B 598 23.41 35.57 10.85
N LYS B 599 23.98 36.77 10.97
CA LYS B 599 23.20 38.01 10.90
C LYS B 599 23.79 38.94 9.86
N VAL B 600 23.04 39.19 8.80
CA VAL B 600 23.43 40.11 7.74
C VAL B 600 22.78 41.45 8.00
N THR B 601 23.48 42.53 7.62
CA THR B 601 22.97 43.90 7.73
C THR B 601 23.27 44.63 6.43
N ILE B 602 22.23 45.06 5.76
CA ILE B 602 22.33 46.04 4.69
C ILE B 602 21.70 47.34 5.18
N LYS B 603 22.53 48.36 5.37
CA LYS B 603 22.09 49.72 5.62
C LYS B 603 22.42 50.62 4.43
N PRO B 604 21.96 51.87 4.41
CA PRO B 604 22.39 52.82 3.36
C PRO B 604 23.61 53.62 3.78
N ALA B 605 24.25 54.26 2.79
CA ALA B 605 25.48 54.89 3.20
C ALA B 605 25.37 56.41 3.20
N PRO B 606 26.15 57.12 4.04
CA PRO B 606 26.33 58.55 3.84
C PRO B 606 26.83 58.87 2.45
N GLU B 607 26.01 59.60 1.70
CA GLU B 607 26.36 60.00 0.36
C GLU B 607 27.40 61.13 0.43
N THR B 608 28.10 61.35 -0.69
CA THR B 608 29.02 62.46 -0.84
C THR B 608 28.24 63.69 -1.34
N GLU B 609 28.94 64.78 -1.72
CA GLU B 609 28.25 66.00 -2.15
C GLU B 609 27.47 65.80 -3.44
N LYS B 610 27.84 64.80 -4.25
CA LYS B 610 27.14 64.38 -5.46
C LYS B 610 27.77 63.06 -5.89
N ARG B 611 27.32 62.56 -7.05
CA ARG B 611 27.51 61.14 -7.41
C ARG B 611 28.96 60.81 -7.79
N PRO B 612 29.61 59.74 -7.16
CA PRO B 612 30.99 59.39 -7.52
C PRO B 612 31.12 58.33 -8.61
N GLN B 613 31.97 58.60 -9.59
CA GLN B 613 32.16 57.70 -10.73
C GLN B 613 30.82 57.32 -11.35
N ASP B 614 29.85 58.23 -11.29
CA ASP B 614 28.56 58.16 -11.95
C ASP B 614 27.58 57.19 -11.26
N ALA B 615 27.92 56.68 -10.06
CA ALA B 615 27.02 55.83 -9.28
C ALA B 615 25.81 56.63 -8.79
N LYS B 616 24.70 55.93 -8.55
CA LYS B 616 23.47 56.60 -8.13
C LYS B 616 23.13 56.40 -6.67
N ASN B 617 23.29 55.20 -6.13
CA ASN B 617 22.94 54.94 -4.74
C ASN B 617 24.03 54.18 -4.01
N THR B 618 24.04 54.37 -2.69
CA THR B 618 25.09 53.88 -1.81
C THR B 618 24.45 53.06 -0.70
N MET B 619 24.97 51.85 -0.48
CA MET B 619 24.52 51.07 0.66
C MET B 619 25.71 50.32 1.28
N ILE B 620 25.50 49.88 2.51
CA ILE B 620 26.55 49.31 3.35
C ILE B 620 26.15 47.88 3.70
N LEU B 621 26.95 46.93 3.28
CA LEU B 621 26.67 45.54 3.55
C LEU B 621 27.54 45.08 4.72
N GLU B 622 26.92 44.71 5.83
CA GLU B 622 27.64 44.15 6.98
C GLU B 622 27.13 42.75 7.31
N ILE B 623 28.05 41.88 7.75
CA ILE B 623 27.73 40.48 8.00
C ILE B 623 28.32 40.05 9.31
N CYS B 624 27.57 39.24 10.06
CA CYS B 624 27.88 38.97 11.45
C CYS B 624 27.63 37.52 11.82
N THR B 625 28.67 36.79 12.18
CA THR B 625 28.58 35.35 12.20
C THR B 625 29.19 34.76 13.47
N ARG B 626 28.87 33.49 13.71
CA ARG B 626 29.19 32.79 14.95
C ARG B 626 28.79 31.31 14.83
N TYR B 627 29.46 30.45 15.61
CA TYR B 627 29.17 29.01 15.69
C TYR B 627 28.76 28.61 17.11
N ARG B 628 27.91 27.59 17.21
CA ARG B 628 27.50 27.04 18.51
C ARG B 628 28.41 25.87 18.84
N GLY B 629 29.57 26.17 19.40
CA GLY B 629 30.49 25.12 19.72
C GLY B 629 31.38 25.40 20.92
N ASP B 630 32.47 24.64 21.04
CA ASP B 630 33.37 24.72 22.19
C ASP B 630 34.64 25.50 21.94
N GLN B 631 35.31 25.28 20.82
CA GLN B 631 36.48 26.05 20.41
C GLN B 631 36.07 26.95 19.26
N ASP B 632 36.88 27.98 19.00
CA ASP B 632 36.70 28.75 17.78
C ASP B 632 37.08 27.90 16.56
N ALA B 633 36.45 28.19 15.43
CA ALA B 633 36.43 27.29 14.29
C ALA B 633 37.52 27.59 13.24
N THR B 634 37.72 26.61 12.37
CA THR B 634 38.66 26.68 11.26
C THR B 634 37.98 27.36 10.07
N MET B 635 38.50 27.12 8.86
CA MET B 635 38.15 27.90 7.66
C MET B 635 36.64 28.01 7.44
N SER B 636 36.25 29.18 6.95
CA SER B 636 34.87 29.63 6.86
C SER B 636 34.71 30.40 5.56
N ILE B 637 33.59 30.24 4.87
CA ILE B 637 33.46 30.82 3.54
C ILE B 637 32.11 31.48 3.37
N LEU B 638 32.13 32.64 2.72
CA LEU B 638 30.93 33.39 2.36
C LEU B 638 30.67 33.30 0.87
N ASP B 639 29.44 32.96 0.52
CA ASP B 639 28.96 32.93 -0.85
C ASP B 639 27.78 33.90 -0.87
N ILE B 640 27.95 35.00 -1.59
CA ILE B 640 27.03 36.14 -1.50
C ILE B 640 26.50 36.42 -2.89
N SER B 641 25.20 36.61 -2.98
CA SER B 641 24.62 37.13 -4.20
C SER B 641 24.14 38.54 -3.90
N MET B 642 24.28 39.39 -4.91
CA MET B 642 23.99 40.79 -4.77
C MET B 642 22.53 41.10 -4.99
N MET B 643 22.08 42.18 -4.36
CA MET B 643 20.84 42.82 -4.77
C MET B 643 20.97 43.38 -6.18
N THR B 644 19.88 43.34 -6.93
CA THR B 644 19.97 43.49 -8.37
C THR B 644 20.61 44.80 -8.75
N GLY B 645 21.58 44.72 -9.66
CA GLY B 645 22.31 45.89 -10.08
C GLY B 645 23.10 46.52 -8.96
N PHE B 646 23.82 45.72 -8.16
CA PHE B 646 24.69 46.26 -7.13
C PHE B 646 26.06 45.59 -7.19
N ALA B 647 27.12 46.39 -6.98
CA ALA B 647 28.51 45.95 -6.92
C ALA B 647 29.17 46.36 -5.59
N PRO B 648 30.05 45.52 -5.07
CA PRO B 648 30.67 45.76 -3.75
C PRO B 648 31.62 46.95 -3.72
N ASP B 649 32.30 47.19 -2.59
CA ASP B 649 33.24 48.31 -2.45
C ASP B 649 34.65 47.88 -2.87
N THR B 650 34.96 48.08 -4.15
CA THR B 650 36.27 47.85 -4.74
C THR B 650 37.40 48.28 -3.80
N ASP B 651 37.21 49.43 -3.14
CA ASP B 651 38.13 49.92 -2.14
C ASP B 651 38.24 48.97 -0.93
N ASP B 652 37.11 48.49 -0.41
CA ASP B 652 37.17 47.73 0.84
C ASP B 652 37.65 46.31 0.63
N LEU B 653 37.70 45.85 -0.61
CA LEU B 653 38.25 44.54 -0.94
C LEU B 653 39.69 44.43 -0.44
N LYS B 654 40.55 45.36 -0.87
CA LYS B 654 41.99 45.39 -0.59
C LYS B 654 42.32 45.19 0.90
N GLN B 655 41.90 46.14 1.76
CA GLN B 655 42.29 46.09 3.18
C GLN B 655 41.70 44.86 3.88
N LEU B 656 40.55 44.39 3.42
CA LEU B 656 39.97 43.17 3.93
C LEU B 656 40.80 41.95 3.48
N ALA B 657 41.01 41.81 2.15
CA ALA B 657 41.65 40.62 1.61
C ALA B 657 43.08 40.46 2.13
N ASN B 658 43.86 41.53 2.11
CA ASN B 658 45.16 41.52 2.74
C ASN B 658 45.11 40.87 4.13
N GLY B 659 44.10 41.26 4.93
CA GLY B 659 43.98 40.86 6.32
C GLY B 659 44.43 39.45 6.60
N VAL B 660 45.30 39.30 7.60
CA VAL B 660 45.78 37.98 7.92
C VAL B 660 44.61 37.15 8.39
N ASP B 661 44.71 35.84 8.17
CA ASP B 661 43.59 34.93 8.43
C ASP B 661 42.34 35.44 7.69
N ARG B 662 42.57 36.07 6.55
CA ARG B 662 41.54 36.52 5.62
C ARG B 662 42.09 36.31 4.21
N TYR B 663 41.18 36.19 3.23
CA TYR B 663 41.60 35.87 1.87
C TYR B 663 40.51 36.18 0.86
N ILE B 664 40.93 36.74 -0.27
CA ILE B 664 40.08 36.94 -1.44
C ILE B 664 40.91 36.67 -2.69
N SER B 665 40.34 35.93 -3.62
CA SER B 665 41.10 35.47 -4.77
C SER B 665 41.45 36.60 -5.71
N LYS B 666 42.57 36.43 -6.41
CA LYS B 666 42.89 37.25 -7.57
C LYS B 666 41.71 37.27 -8.54
N TYR B 667 41.06 36.11 -8.75
CA TYR B 667 40.01 35.89 -9.74
C TYR B 667 38.95 36.98 -9.75
N GLU B 668 38.16 37.10 -8.66
CA GLU B 668 37.22 38.20 -8.59
C GLU B 668 37.91 39.49 -8.20
N LEU B 669 39.12 39.42 -7.64
CA LEU B 669 39.76 40.67 -7.29
C LEU B 669 40.29 41.39 -8.53
N ASP B 670 40.86 40.64 -9.49
CA ASP B 670 41.59 41.27 -10.58
C ASP B 670 40.73 42.35 -11.25
N LYS B 671 39.47 42.05 -11.50
CA LYS B 671 38.54 43.02 -12.08
C LYS B 671 37.21 42.93 -11.35
N ALA B 672 36.42 44.01 -11.48
CA ALA B 672 35.17 44.19 -10.75
C ALA B 672 34.26 45.20 -11.48
N PHE B 673 33.03 45.31 -10.98
CA PHE B 673 31.92 46.10 -11.53
C PHE B 673 31.46 45.51 -12.87
N SER B 674 32.19 44.54 -13.40
CA SER B 674 31.77 43.88 -14.64
C SER B 674 30.80 42.76 -14.29
N ASP B 675 29.63 43.17 -13.81
CA ASP B 675 28.51 42.28 -13.47
C ASP B 675 29.04 41.10 -12.64
N ARG B 676 29.70 41.46 -11.56
CA ARG B 676 30.08 40.48 -10.55
C ARG B 676 29.20 40.75 -9.35
N ASN B 677 28.13 39.97 -9.28
CA ASN B 677 27.14 39.94 -8.23
C ASN B 677 27.30 38.70 -7.36
N THR B 678 28.23 37.83 -7.72
CA THR B 678 28.64 36.66 -6.95
C THR B 678 29.91 37.00 -6.18
N LEU B 679 29.93 36.73 -4.87
CA LEU B 679 31.11 37.01 -4.06
C LEU B 679 31.44 35.86 -3.12
N ILE B 680 32.74 35.52 -3.07
CA ILE B 680 33.27 34.49 -2.17
C ILE B 680 34.33 35.10 -1.27
N ILE B 681 34.19 34.92 0.04
CA ILE B 681 35.10 35.52 0.99
C ILE B 681 35.66 34.45 1.92
N TYR B 682 36.97 34.34 1.97
CA TYR B 682 37.66 33.28 2.70
C TYR B 682 38.07 33.80 4.07
N LEU B 683 37.74 33.02 5.11
CA LEU B 683 38.06 33.35 6.50
C LEU B 683 38.71 32.16 7.20
N ASP B 684 39.84 32.39 7.87
CA ASP B 684 40.50 31.31 8.57
C ASP B 684 39.74 30.89 9.83
N LYS B 685 38.89 31.75 10.37
CA LYS B 685 38.24 31.37 11.61
C LYS B 685 37.06 32.30 11.89
N VAL B 686 36.17 31.84 12.78
CA VAL B 686 35.14 32.64 13.43
C VAL B 686 35.16 32.30 14.93
N SER B 687 34.70 33.23 15.77
CA SER B 687 34.67 33.00 17.21
C SER B 687 33.34 32.36 17.64
N HIS B 688 33.45 31.35 18.51
CA HIS B 688 32.28 30.69 19.09
C HIS B 688 31.79 31.38 20.36
N SER B 689 32.35 32.54 20.67
CA SER B 689 31.93 33.36 21.81
C SER B 689 30.88 34.40 21.41
N GLU B 690 31.24 35.27 20.47
CA GLU B 690 30.43 36.41 20.06
C GLU B 690 30.62 36.57 18.56
N ASP B 691 30.01 37.62 18.01
CA ASP B 691 29.93 37.82 16.57
C ASP B 691 31.24 38.32 15.96
N ASP B 692 31.82 37.52 15.09
CA ASP B 692 32.91 37.98 14.26
C ASP B 692 32.30 38.58 13.00
N CYS B 693 32.51 39.86 12.79
CA CYS B 693 31.82 40.57 11.74
C CYS B 693 32.80 41.21 10.77
N LEU B 694 32.27 41.57 9.62
CA LEU B 694 32.98 42.36 8.63
C LEU B 694 31.94 42.93 7.67
N ALA B 695 32.37 43.91 6.89
CA ALA B 695 31.47 44.64 6.04
C ALA B 695 32.25 45.17 4.85
N PHE B 696 31.53 45.87 3.96
CA PHE B 696 32.10 46.61 2.85
C PHE B 696 30.96 47.32 2.16
N LYS B 697 31.30 48.36 1.40
CA LYS B 697 30.25 49.09 0.76
C LYS B 697 29.75 48.32 -0.46
N VAL B 698 28.52 48.64 -0.86
CA VAL B 698 27.89 48.10 -2.05
C VAL B 698 27.29 49.25 -2.84
N HIS B 699 27.48 49.26 -4.17
CA HIS B 699 27.09 50.36 -5.04
C HIS B 699 26.41 49.84 -6.30
N GLN B 700 25.54 50.69 -6.89
CA GLN B 700 24.54 50.30 -7.88
C GLN B 700 25.04 50.29 -9.33
N TYR B 701 24.68 49.23 -10.08
CA TYR B 701 24.91 49.18 -11.53
C TYR B 701 24.08 50.22 -12.27
N PHE B 702 22.77 49.97 -12.28
CA PHE B 702 21.73 50.75 -12.94
C PHE B 702 20.45 50.32 -12.24
N ASN B 703 19.79 51.24 -11.57
CA ASN B 703 18.53 50.90 -10.92
C ASN B 703 17.47 50.60 -11.99
N VAL B 704 16.98 49.36 -11.97
CA VAL B 704 15.82 48.98 -12.79
C VAL B 704 14.60 48.88 -11.88
N GLU B 705 13.41 48.71 -12.49
CA GLU B 705 12.17 48.85 -11.76
C GLU B 705 12.12 47.94 -10.53
N LEU B 706 12.25 46.64 -10.71
CA LEU B 706 12.24 45.75 -9.58
C LEU B 706 13.60 45.10 -9.45
N ILE B 707 14.11 45.03 -8.22
CA ILE B 707 15.45 44.53 -7.96
C ILE B 707 15.37 43.31 -7.06
N GLN B 708 15.60 42.13 -7.63
CA GLN B 708 15.73 40.90 -6.85
C GLN B 708 16.68 41.14 -5.68
N PRO B 709 16.43 40.56 -4.51
CA PRO B 709 17.33 40.73 -3.37
C PRO B 709 18.65 40.02 -3.58
N GLY B 710 19.58 40.37 -2.74
CA GLY B 710 20.78 39.60 -2.61
C GLY B 710 20.59 38.53 -1.57
N ALA B 711 21.54 37.60 -1.52
CA ALA B 711 21.45 36.52 -0.56
C ALA B 711 22.85 36.12 -0.14
N VAL B 712 22.92 35.39 0.96
CA VAL B 712 24.18 35.05 1.58
C VAL B 712 24.09 33.61 2.06
N LYS B 713 25.07 32.79 1.66
CA LYS B 713 25.26 31.43 2.17
C LYS B 713 26.60 31.32 2.88
N VAL B 714 26.58 30.62 4.01
CA VAL B 714 27.76 30.43 4.84
C VAL B 714 28.08 28.94 4.92
N TYR B 715 29.36 28.61 4.82
CA TYR B 715 29.74 27.24 5.14
C TYR B 715 31.22 27.11 5.49
N ALA B 716 31.52 26.09 6.30
CA ALA B 716 32.87 25.60 6.50
C ALA B 716 33.18 24.54 5.45
N TYR B 717 34.40 24.01 5.51
CA TYR B 717 35.02 23.41 4.33
C TYR B 717 34.45 22.03 3.96
N TYR B 718 34.05 21.24 4.95
CA TYR B 718 33.71 19.86 4.66
C TYR B 718 32.25 19.68 4.23
N ASN B 719 31.31 20.25 4.98
CA ASN B 719 29.90 19.87 4.90
C ASN B 719 29.03 21.03 4.48
N LEU B 720 28.16 20.78 3.49
CA LEU B 720 27.27 21.77 2.88
C LEU B 720 25.82 21.70 3.37
N GLU B 721 25.42 20.59 4.00
CA GLU B 721 24.02 20.44 4.37
C GLU B 721 23.67 21.24 5.61
N GLU B 722 24.63 21.42 6.51
CA GLU B 722 24.38 22.24 7.69
C GLU B 722 24.68 23.71 7.41
N SER B 723 24.14 24.17 6.27
CA SER B 723 24.40 25.51 5.78
C SER B 723 23.57 26.54 6.58
N CYS B 724 23.68 27.78 6.13
CA CYS B 724 22.86 28.89 6.62
C CYS B 724 22.79 29.94 5.51
N THR B 725 21.59 30.32 5.14
CA THR B 725 21.41 31.40 4.19
C THR B 725 20.61 32.50 4.89
N ARG B 726 21.19 33.67 4.97
CA ARG B 726 20.43 34.86 5.31
C ARG B 726 20.40 35.73 4.06
N PHE B 727 19.42 36.61 3.99
CA PHE B 727 19.13 37.30 2.74
C PHE B 727 19.20 38.79 3.00
N TYR B 728 19.20 39.58 1.92
CA TYR B 728 19.11 41.02 2.05
C TYR B 728 18.44 41.63 0.82
N HIS B 729 17.76 42.77 1.05
CA HIS B 729 17.12 43.67 0.08
C HIS B 729 16.69 44.91 0.89
N PRO B 730 16.64 46.10 0.28
CA PRO B 730 16.29 47.32 1.04
C PRO B 730 14.96 47.26 1.74
N GLU B 731 13.97 46.63 1.12
CA GLU B 731 12.61 46.62 1.64
C GLU B 731 12.16 45.26 2.16
N LYS B 732 12.55 44.16 1.54
CA LYS B 732 12.10 42.84 2.00
C LYS B 732 12.66 42.51 3.38
N GLU B 733 11.81 41.99 4.26
CA GLU B 733 12.26 41.60 5.59
C GLU B 733 13.15 40.37 5.46
N ASP B 734 14.33 40.42 6.10
CA ASP B 734 15.41 39.45 5.94
C ASP B 734 15.42 38.88 4.52
N GLY B 735 15.33 39.77 3.54
CA GLY B 735 15.46 39.40 2.14
C GLY B 735 14.34 38.56 1.63
N LYS B 736 13.27 38.45 2.40
CA LYS B 736 12.21 37.51 2.07
C LYS B 736 11.19 38.21 1.18
N LEU B 737 11.06 37.71 -0.05
CA LEU B 737 10.05 38.23 -0.98
C LEU B 737 8.67 38.09 -0.37
N ASN B 738 7.77 38.99 -0.73
CA ASN B 738 6.46 39.00 -0.07
C ASN B 738 5.63 37.77 -0.48
N LYS B 739 5.25 36.99 0.52
CA LYS B 739 4.37 35.86 0.31
C LYS B 739 3.21 35.99 1.29
N LEU B 740 2.04 35.53 0.85
CA LEU B 740 0.86 35.47 1.69
C LEU B 740 0.77 34.05 2.26
N CYS B 741 0.95 33.91 3.57
CA CYS B 741 1.05 32.58 4.17
C CYS B 741 -0.01 32.36 5.24
N ARG B 742 -0.97 31.47 4.96
CA ARG B 742 -1.95 30.98 5.93
C ARG B 742 -1.44 29.66 6.55
N ASP B 743 -2.33 28.90 7.21
CA ASP B 743 -1.96 27.78 8.08
C ASP B 743 -0.77 26.93 7.61
N GLU B 744 -0.74 26.51 6.33
CA GLU B 744 0.48 25.94 5.77
C GLU B 744 0.77 26.26 4.30
N LEU B 745 -0.17 26.85 3.57
CA LEU B 745 -0.06 27.12 2.14
C LEU B 745 0.26 28.59 1.89
N CYS B 746 0.97 28.87 0.79
CA CYS B 746 1.40 30.23 0.49
C CYS B 746 1.32 30.53 -1.00
N ARG B 747 1.04 31.81 -1.32
CA ARG B 747 0.86 32.29 -2.69
C ARG B 747 1.62 33.60 -2.91
N CYS B 748 2.06 33.80 -4.16
CA CYS B 748 3.02 34.87 -4.44
C CYS B 748 2.37 36.24 -4.28
N ALA B 749 2.98 37.06 -3.43
CA ALA B 749 2.75 38.49 -3.44
C ALA B 749 4.05 39.18 -3.86
N GLU B 750 4.30 39.25 -5.18
CA GLU B 750 5.40 40.06 -5.68
C GLU B 750 5.10 40.68 -7.03
N GLU B 751 3.85 40.64 -7.47
CA GLU B 751 3.45 41.28 -8.71
C GLU B 751 3.28 42.77 -8.49
N ASN B 752 3.02 43.48 -9.60
CA ASN B 752 2.62 44.87 -9.48
C ASN B 752 1.29 44.95 -8.73
N CYS B 753 1.11 46.04 -7.99
CA CYS B 753 0.05 46.10 -6.99
C CYS B 753 -1.33 46.27 -7.61
N PHE B 754 -1.46 47.13 -8.61
CA PHE B 754 -2.74 47.37 -9.27
C PHE B 754 -2.46 47.91 -10.68
N ILE B 755 -3.52 48.24 -11.41
CA ILE B 755 -3.42 48.74 -12.78
C ILE B 755 -2.91 50.18 -12.71
N GLN B 756 -2.62 50.80 -13.85
CA GLN B 756 -2.03 52.12 -13.82
C GLN B 756 -2.95 53.13 -13.14
N LYS B 757 -2.35 54.21 -12.65
CA LYS B 757 -3.04 55.21 -11.81
C LYS B 757 -3.61 56.38 -12.63
N ASP B 760 -4.94 58.68 -14.86
CA ASP B 760 -4.84 59.10 -16.25
C ASP B 760 -5.92 60.15 -16.54
N LYS B 761 -6.50 60.05 -17.74
CA LYS B 761 -7.62 60.88 -18.22
C LYS B 761 -8.84 60.04 -18.61
N VAL B 762 -8.92 58.79 -18.16
CA VAL B 762 -9.96 57.85 -18.56
C VAL B 762 -11.35 58.42 -18.27
N THR B 763 -12.27 58.24 -19.21
CA THR B 763 -13.60 58.82 -19.12
C THR B 763 -14.56 57.87 -18.41
N LEU B 764 -15.81 58.30 -18.27
CA LEU B 764 -16.88 57.37 -17.92
C LEU B 764 -16.89 56.20 -18.90
N GLU B 765 -16.85 56.51 -20.19
CA GLU B 765 -16.84 55.47 -21.22
C GLU B 765 -15.61 54.60 -21.11
N GLU B 766 -14.44 55.21 -20.92
CA GLU B 766 -13.20 54.43 -20.91
C GLU B 766 -13.18 53.42 -19.76
N ARG B 767 -13.48 53.85 -18.53
CA ARG B 767 -13.50 52.95 -17.38
C ARG B 767 -14.53 51.85 -17.55
N LEU B 768 -15.67 52.18 -18.15
CA LEU B 768 -16.73 51.21 -18.41
C LEU B 768 -16.21 50.07 -19.30
N ASP B 769 -15.50 50.41 -20.39
CA ASP B 769 -14.95 49.38 -21.26
C ASP B 769 -14.01 48.48 -20.49
N LYS B 770 -13.09 49.08 -19.75
CA LYS B 770 -12.20 48.33 -18.87
C LYS B 770 -12.93 47.75 -17.66
N ALA B 771 -14.21 48.08 -17.49
CA ALA B 771 -15.08 47.42 -16.52
C ALA B 771 -15.95 46.33 -17.15
N CYS B 772 -16.45 46.53 -18.38
CA CYS B 772 -17.33 45.58 -19.07
C CYS B 772 -16.59 44.42 -19.72
N GLU B 773 -15.39 44.13 -19.23
CA GLU B 773 -14.66 42.94 -19.59
C GLU B 773 -15.09 41.77 -18.70
N PRO B 774 -14.89 40.52 -19.15
CA PRO B 774 -15.44 39.39 -18.40
C PRO B 774 -14.68 39.06 -17.13
N GLY B 775 -13.43 39.53 -17.00
CA GLY B 775 -12.66 39.23 -15.80
C GLY B 775 -13.33 39.71 -14.53
N VAL B 776 -14.19 40.73 -14.62
CA VAL B 776 -14.79 41.32 -13.42
C VAL B 776 -15.84 40.37 -12.86
N ASP B 777 -15.48 39.60 -11.85
CA ASP B 777 -16.51 38.88 -11.14
C ASP B 777 -17.31 39.84 -10.28
N TYR B 778 -16.63 40.79 -9.64
CA TYR B 778 -17.29 41.75 -8.78
C TYR B 778 -16.80 43.16 -9.08
N VAL B 779 -17.66 44.14 -8.78
CA VAL B 779 -17.37 45.57 -8.82
C VAL B 779 -18.12 46.22 -7.65
N TYR B 780 -17.38 46.86 -6.73
CA TYR B 780 -17.95 47.43 -5.51
C TYR B 780 -17.70 48.94 -5.42
N LYS B 781 -18.27 49.58 -4.40
CA LYS B 781 -17.95 50.96 -4.05
C LYS B 781 -18.09 51.12 -2.54
N THR B 782 -16.99 51.49 -1.89
CA THR B 782 -16.90 51.42 -0.45
C THR B 782 -16.28 52.67 0.15
N ARG B 783 -16.00 52.63 1.44
CA ARG B 783 -15.42 53.78 2.14
C ARG B 783 -14.53 53.23 3.24
N LEU B 784 -13.25 53.61 3.24
CA LEU B 784 -12.31 52.96 4.15
C LEU B 784 -12.72 53.22 5.58
N VAL B 785 -12.91 52.16 6.34
CA VAL B 785 -13.43 52.29 7.69
C VAL B 785 -12.34 52.14 8.74
N LYS B 786 -11.70 50.99 8.78
CA LYS B 786 -10.62 50.75 9.72
C LYS B 786 -9.40 50.33 8.92
N VAL B 787 -8.24 50.44 9.55
CA VAL B 787 -6.98 50.03 8.94
C VAL B 787 -6.15 49.29 9.98
N GLN B 788 -5.56 48.17 9.57
CA GLN B 788 -4.69 47.37 10.43
C GLN B 788 -3.40 47.11 9.65
N LEU B 789 -2.31 47.73 10.10
CA LEU B 789 -1.00 47.51 9.48
C LEU B 789 -0.20 46.54 10.36
N SER B 790 0.88 46.00 9.81
CA SER B 790 1.68 45.01 10.53
C SER B 790 3.08 44.93 9.93
N ASN B 791 3.90 44.03 10.49
CA ASN B 791 5.16 43.64 9.85
C ASN B 791 4.92 42.93 8.54
N ASP B 792 3.99 41.99 8.52
CA ASP B 792 3.76 41.28 7.27
C ASP B 792 2.85 42.07 6.33
N PHE B 793 1.63 42.35 6.72
CA PHE B 793 0.67 42.87 5.75
C PHE B 793 -0.04 44.11 6.29
N ASP B 794 -0.76 44.75 5.39
CA ASP B 794 -1.64 45.88 5.68
C ASP B 794 -3.08 45.50 5.34
N GLU B 795 -3.97 45.68 6.30
CA GLU B 795 -5.35 45.22 6.22
C GLU B 795 -6.25 46.42 6.00
N TYR B 796 -6.92 46.44 4.85
CA TYR B 796 -7.82 47.53 4.49
C TYR B 796 -9.26 47.00 4.54
N ILE B 797 -9.95 47.24 5.67
CA ILE B 797 -11.32 46.81 5.89
C ILE B 797 -12.28 47.82 5.26
N MET B 798 -13.04 47.39 4.26
CA MET B 798 -13.82 48.30 3.43
C MET B 798 -15.30 48.20 3.79
N ALA B 799 -15.94 49.36 3.95
CA ALA B 799 -17.38 49.47 4.27
C ALA B 799 -18.17 49.57 2.98
N ILE B 800 -18.65 48.42 2.51
CA ILE B 800 -19.40 48.39 1.26
C ILE B 800 -20.76 49.06 1.50
N GLU B 801 -21.05 50.08 0.71
CA GLU B 801 -22.31 50.80 0.80
C GLU B 801 -23.30 50.39 -0.28
N GLN B 802 -22.82 50.14 -1.50
CA GLN B 802 -23.67 49.73 -2.63
C GLN B 802 -23.05 48.53 -3.34
N THR B 803 -23.90 47.59 -3.78
CA THR B 803 -23.48 46.44 -4.58
C THR B 803 -23.81 46.72 -6.05
N ILE B 804 -22.81 47.17 -6.82
CA ILE B 804 -22.94 47.20 -8.29
C ILE B 804 -23.14 45.79 -8.84
N LYS B 805 -22.22 44.87 -8.51
CA LYS B 805 -22.37 43.43 -8.81
C LYS B 805 -21.52 42.61 -7.85
N SER B 806 -22.15 41.70 -7.10
CA SER B 806 -21.39 40.75 -6.31
C SER B 806 -20.76 39.71 -7.26
N GLY B 807 -19.97 38.80 -6.69
CA GLY B 807 -19.23 37.85 -7.50
C GLY B 807 -19.56 36.41 -7.21
N SER B 808 -18.56 35.55 -7.08
CA SER B 808 -18.81 34.15 -6.77
C SER B 808 -18.87 33.93 -5.24
N ASP B 809 -19.73 34.71 -4.57
CA ASP B 809 -19.95 34.58 -3.14
C ASP B 809 -21.41 34.97 -2.84
N GLU B 810 -21.92 34.46 -1.71
CA GLU B 810 -23.23 34.83 -1.18
C GLU B 810 -23.04 35.87 -0.08
N VAL B 811 -22.94 37.12 -0.53
CA VAL B 811 -22.63 38.28 0.31
C VAL B 811 -23.74 39.31 0.11
N GLN B 812 -24.15 39.96 1.21
CA GLN B 812 -25.31 40.86 1.24
C GLN B 812 -24.91 42.32 0.97
N VAL B 813 -25.91 43.12 0.57
CA VAL B 813 -25.69 44.55 0.35
C VAL B 813 -25.51 45.27 1.68
N GLY B 814 -24.42 46.04 1.80
CA GLY B 814 -24.10 46.72 3.04
C GLY B 814 -23.25 45.94 4.03
N GLN B 815 -22.39 45.05 3.55
CA GLN B 815 -21.55 44.19 4.37
C GLN B 815 -20.19 44.85 4.63
N GLN B 816 -19.35 44.18 5.44
CA GLN B 816 -17.98 44.58 5.71
C GLN B 816 -17.02 43.48 5.29
N ARG B 817 -16.00 43.84 4.51
CA ARG B 817 -15.06 42.88 3.99
C ARG B 817 -13.64 43.44 4.03
N THR B 818 -12.70 42.60 4.41
CA THR B 818 -11.33 43.01 4.65
C THR B 818 -10.50 42.87 3.37
N PHE B 819 -9.80 43.94 2.99
CA PHE B 819 -8.85 43.89 1.88
C PHE B 819 -7.42 43.79 2.40
N ILE B 820 -6.60 43.06 1.65
CA ILE B 820 -5.23 42.79 2.01
C ILE B 820 -4.34 43.43 0.96
N SER B 821 -3.13 43.81 1.38
CA SER B 821 -2.13 44.24 0.42
C SER B 821 -0.76 44.15 1.07
N PRO B 822 0.29 43.80 0.32
CA PRO B 822 1.66 43.87 0.87
C PRO B 822 1.97 45.29 1.31
N ILE B 823 3.03 45.42 2.11
CA ILE B 823 3.49 46.75 2.50
C ILE B 823 4.09 47.50 1.30
N LYS B 824 4.57 46.77 0.29
CA LYS B 824 5.02 47.39 -0.96
C LYS B 824 3.93 48.29 -1.56
N CYS B 825 2.68 47.80 -1.56
CA CYS B 825 1.56 48.51 -2.16
C CYS B 825 1.13 49.70 -1.33
N ARG B 826 1.12 49.54 0.00
CA ARG B 826 0.67 50.57 0.93
C ARG B 826 1.06 51.95 0.43
N GLU B 827 2.34 52.08 0.06
CA GLU B 827 2.89 53.35 -0.38
C GLU B 827 2.17 53.87 -1.63
N ALA B 828 1.96 53.00 -2.63
CA ALA B 828 1.23 53.43 -3.84
C ALA B 828 -0.27 53.59 -3.61
N LEU B 829 -0.81 52.98 -2.54
CA LEU B 829 -2.25 52.90 -2.37
C LEU B 829 -2.86 54.23 -1.92
N LYS B 830 -2.12 55.02 -1.15
CA LYS B 830 -2.55 56.36 -0.69
C LYS B 830 -3.98 56.31 -0.16
N LEU B 831 -4.15 55.49 0.87
CA LEU B 831 -5.46 55.13 1.41
C LEU B 831 -5.68 55.79 2.75
N GLU B 832 -6.95 56.08 3.04
CA GLU B 832 -7.27 56.74 4.29
C GLU B 832 -8.70 56.37 4.69
N GLU B 833 -8.88 56.14 5.99
CA GLU B 833 -10.18 55.82 6.53
C GLU B 833 -11.19 56.90 6.20
N LYS B 834 -12.47 56.51 6.23
CA LYS B 834 -13.58 57.40 5.97
C LYS B 834 -13.56 57.88 4.52
N LYS B 835 -12.54 57.54 3.75
CA LYS B 835 -12.54 57.97 2.37
C LYS B 835 -13.27 56.95 1.54
N HIS B 836 -14.02 57.45 0.55
CA HIS B 836 -14.84 56.63 -0.31
C HIS B 836 -14.11 56.29 -1.60
N TYR B 837 -14.47 55.15 -2.19
CA TYR B 837 -13.66 54.64 -3.28
C TYR B 837 -14.49 53.71 -4.15
N LEU B 838 -14.07 53.57 -5.41
CA LEU B 838 -14.61 52.60 -6.35
C LEU B 838 -13.51 51.66 -6.79
N MET B 839 -13.83 50.37 -6.80
CA MET B 839 -12.84 49.31 -6.91
C MET B 839 -13.47 48.14 -7.66
N TRP B 840 -12.62 47.28 -8.22
CA TRP B 840 -13.15 46.07 -8.83
C TRP B 840 -12.04 45.03 -8.90
N GLY B 841 -12.44 43.76 -9.01
CA GLY B 841 -11.50 42.65 -8.91
C GLY B 841 -11.85 41.41 -9.72
N LEU B 842 -11.33 40.26 -9.29
CA LEU B 842 -11.49 39.00 -10.03
C LEU B 842 -11.86 37.89 -9.06
N SER B 843 -12.32 36.79 -9.63
CA SER B 843 -12.60 35.59 -8.83
C SER B 843 -11.30 35.00 -8.27
N SER B 844 -10.20 35.14 -9.00
CA SER B 844 -8.93 34.58 -8.50
C SER B 844 -8.49 35.27 -7.23
N ASP B 845 -8.71 36.60 -7.13
CA ASP B 845 -8.27 37.41 -5.99
C ASP B 845 -9.16 37.20 -4.77
N PHE B 846 -9.20 35.95 -4.31
CA PHE B 846 -9.97 35.56 -3.16
C PHE B 846 -9.05 34.88 -2.15
N TRP B 847 -9.30 35.14 -0.87
CA TRP B 847 -8.51 34.63 0.25
C TRP B 847 -9.44 33.95 1.26
N GLY B 848 -9.57 32.62 1.16
CA GLY B 848 -10.47 31.89 2.02
C GLY B 848 -11.67 31.31 1.29
N GLU B 849 -12.79 31.11 1.99
CA GLU B 849 -14.01 30.61 1.37
C GLU B 849 -15.22 31.35 1.95
N LYS B 850 -16.34 31.30 1.19
CA LYS B 850 -17.55 32.11 1.10
C LYS B 850 -18.55 31.80 2.22
N PRO B 851 -19.22 32.84 2.78
CA PRO B 851 -19.05 34.26 2.49
C PRO B 851 -18.04 34.88 3.45
N ASN B 852 -17.34 34.05 4.22
CA ASN B 852 -16.37 34.53 5.22
C ASN B 852 -15.01 34.76 4.58
N LEU B 853 -14.99 35.54 3.49
CA LEU B 853 -13.86 35.65 2.59
C LEU B 853 -12.99 36.89 2.94
N SER B 854 -11.79 36.95 2.31
CA SER B 854 -10.86 38.07 2.39
C SER B 854 -10.37 38.43 1.00
N TYR B 855 -10.11 39.72 0.78
CA TYR B 855 -10.01 40.24 -0.58
C TYR B 855 -8.59 40.68 -0.88
N ILE B 856 -8.20 40.49 -2.15
CA ILE B 856 -6.85 40.70 -2.62
C ILE B 856 -6.83 41.95 -3.52
N ILE B 857 -5.77 42.75 -3.38
CA ILE B 857 -5.54 43.93 -4.20
C ILE B 857 -4.40 43.66 -5.19
N GLY B 858 -4.71 43.16 -6.39
CA GLY B 858 -3.71 42.52 -7.24
C GLY B 858 -3.40 43.16 -8.58
N LYS B 859 -2.62 42.47 -9.42
CA LYS B 859 -2.14 43.08 -10.65
C LYS B 859 -3.26 43.62 -11.51
N ASP B 860 -4.45 43.06 -11.34
CA ASP B 860 -5.61 43.46 -12.10
C ASP B 860 -6.54 44.35 -11.29
N THR B 861 -6.19 44.62 -10.04
CA THR B 861 -7.07 45.39 -9.18
C THR B 861 -7.20 46.81 -9.71
N TRP B 862 -8.43 47.25 -9.93
CA TRP B 862 -8.72 48.65 -10.22
C TRP B 862 -9.00 49.39 -8.91
N VAL B 863 -8.37 50.54 -8.74
CA VAL B 863 -8.69 51.44 -7.63
C VAL B 863 -8.73 52.86 -8.17
N GLU B 864 -9.66 53.66 -7.64
CA GLU B 864 -9.74 55.08 -7.96
C GLU B 864 -10.55 55.78 -6.86
N HIS B 865 -10.03 56.91 -6.38
CA HIS B 865 -10.64 57.62 -5.27
C HIS B 865 -11.97 58.27 -5.66
N TRP B 866 -12.88 58.36 -4.66
CA TRP B 866 -14.18 59.01 -4.76
C TRP B 866 -14.42 59.91 -3.55
N PRO B 867 -14.63 61.24 -3.74
CA PRO B 867 -15.04 62.10 -2.62
C PRO B 867 -16.51 61.91 -2.25
N GLU B 868 -17.08 62.77 -1.39
CA GLU B 868 -18.51 62.70 -1.03
C GLU B 868 -19.25 63.95 -1.56
N GLU B 869 -20.54 64.08 -1.20
CA GLU B 869 -21.39 65.11 -1.79
C GLU B 869 -20.90 66.52 -1.45
N ASP B 870 -20.43 66.72 -0.22
CA ASP B 870 -19.93 68.05 0.11
C ASP B 870 -18.48 68.28 -0.30
N GLU B 871 -17.72 67.23 -0.67
CA GLU B 871 -16.35 67.37 -1.15
C GLU B 871 -16.16 67.14 -2.66
N CYS B 872 -17.19 66.67 -3.39
CA CYS B 872 -17.08 66.52 -4.85
C CYS B 872 -17.45 67.78 -5.62
N GLN B 873 -18.01 68.79 -4.95
CA GLN B 873 -18.52 69.97 -5.63
C GLN B 873 -17.42 70.84 -6.24
N ASP B 874 -16.14 70.55 -5.97
CA ASP B 874 -15.08 71.37 -6.52
C ASP B 874 -14.96 71.13 -8.02
N GLU B 875 -14.63 72.20 -8.76
CA GLU B 875 -14.58 72.16 -10.21
C GLU B 875 -13.45 71.28 -10.77
N GLU B 876 -12.48 70.87 -9.95
CA GLU B 876 -11.52 69.86 -10.39
C GLU B 876 -12.19 68.49 -10.46
N ASN B 877 -13.13 68.23 -9.55
CA ASN B 877 -13.73 66.92 -9.36
C ASN B 877 -15.13 66.84 -9.97
N GLN B 878 -15.43 67.66 -10.98
CA GLN B 878 -16.67 67.46 -11.72
C GLN B 878 -16.61 66.17 -12.51
N LYS B 879 -15.65 66.05 -13.43
CA LYS B 879 -15.62 64.94 -14.36
C LYS B 879 -15.53 63.62 -13.63
N GLN B 880 -14.68 63.54 -12.60
CA GLN B 880 -14.60 62.31 -11.82
C GLN B 880 -15.96 61.97 -11.22
N CYS B 881 -16.52 62.90 -10.44
CA CYS B 881 -17.72 62.54 -9.68
C CYS B 881 -18.95 62.37 -10.55
N GLN B 882 -19.06 63.12 -11.66
CA GLN B 882 -20.24 62.98 -12.51
C GLN B 882 -20.26 61.61 -13.21
N ASP B 883 -19.14 61.22 -13.83
CA ASP B 883 -19.04 59.92 -14.50
C ASP B 883 -19.24 58.76 -13.53
N LEU B 884 -18.84 58.93 -12.27
CA LEU B 884 -18.89 57.85 -11.28
C LEU B 884 -20.33 57.41 -11.01
N GLY B 885 -21.20 58.36 -10.66
CA GLY B 885 -22.61 58.05 -10.61
C GLY B 885 -23.14 57.54 -11.94
N ALA B 886 -22.65 58.10 -13.05
CA ALA B 886 -23.09 57.68 -14.39
C ALA B 886 -22.52 56.31 -14.77
N PHE B 887 -21.39 55.95 -14.18
CA PHE B 887 -20.95 54.57 -14.17
C PHE B 887 -21.92 53.71 -13.36
N THR B 888 -22.30 54.18 -12.18
CA THR B 888 -23.15 53.41 -11.28
C THR B 888 -24.48 53.06 -11.92
N GLU B 889 -25.25 54.09 -12.31
CA GLU B 889 -26.61 53.88 -12.81
C GLU B 889 -26.61 53.02 -14.07
N SER B 890 -25.67 53.27 -14.98
CA SER B 890 -25.56 52.46 -16.20
C SER B 890 -25.39 50.98 -15.87
N MET B 891 -24.80 50.66 -14.71
CA MET B 891 -24.50 49.29 -14.32
C MET B 891 -25.71 48.54 -13.79
N VAL B 892 -26.63 49.23 -13.10
CA VAL B 892 -27.74 48.55 -12.47
C VAL B 892 -28.77 48.10 -13.51
N VAL B 893 -29.30 49.04 -14.29
CA VAL B 893 -30.37 48.74 -15.23
C VAL B 893 -29.85 47.99 -16.44
N PHE B 894 -28.89 48.59 -17.15
CA PHE B 894 -28.32 47.92 -18.31
C PHE B 894 -27.65 46.61 -17.91
N GLY B 895 -26.98 46.58 -16.74
CA GLY B 895 -26.01 45.53 -16.54
C GLY B 895 -24.92 45.72 -17.59
N CYS B 896 -24.08 44.69 -17.74
CA CYS B 896 -23.13 44.74 -18.83
C CYS B 896 -23.90 44.59 -20.15
N PRO B 897 -23.30 45.02 -21.27
CA PRO B 897 -23.94 44.70 -22.56
C PRO B 897 -24.26 43.23 -22.64
N ASN B 898 -23.30 42.40 -22.24
CA ASN B 898 -23.52 41.03 -21.88
C ASN B 898 -23.22 40.87 -20.40
N GLU C 5 -84.15 46.77 50.64
CA GLU C 5 -84.60 46.27 51.94
C GLU C 5 -85.10 44.83 51.82
N ASP C 6 -85.24 44.37 50.56
CA ASP C 6 -85.27 42.94 50.25
C ASP C 6 -83.83 42.44 50.09
N SER C 7 -83.49 41.31 50.73
CA SER C 7 -82.12 40.80 50.57
C SER C 7 -81.82 39.36 50.99
N ASP C 8 -81.43 38.48 50.03
CA ASP C 8 -81.05 37.10 50.37
C ASP C 8 -79.58 36.81 50.02
N ILE C 9 -78.78 36.48 51.03
CA ILE C 9 -77.33 36.32 50.87
C ILE C 9 -76.93 34.87 51.16
N ALA C 10 -76.28 34.22 50.22
CA ALA C 10 -75.80 32.87 50.44
C ALA C 10 -74.29 32.81 50.60
N PHE C 11 -73.83 31.71 51.19
CA PHE C 11 -72.42 31.44 51.40
C PHE C 11 -72.05 30.08 50.82
N LEU C 12 -71.11 30.07 49.89
CA LEU C 12 -70.56 28.83 49.33
C LEU C 12 -69.07 28.76 49.69
N ILE C 13 -68.79 28.05 50.77
CA ILE C 13 -67.49 28.04 51.39
C ILE C 13 -66.75 26.79 50.95
N ASP C 14 -65.47 26.94 50.62
CA ASP C 14 -64.68 25.77 50.32
C ASP C 14 -64.35 25.03 51.61
N GLY C 15 -64.58 23.73 51.61
CA GLY C 15 -64.23 22.93 52.77
C GLY C 15 -63.25 21.84 52.40
N SER C 16 -62.52 22.01 51.28
CA SER C 16 -61.57 21.01 50.77
C SER C 16 -60.33 20.88 51.64
N GLY C 17 -59.58 19.80 51.40
CA GLY C 17 -58.36 19.57 52.16
C GLY C 17 -57.30 20.65 51.96
N SER C 18 -57.39 21.39 50.86
CA SER C 18 -56.50 22.51 50.66
C SER C 18 -56.83 23.67 51.58
N ILE C 19 -57.95 23.62 52.29
CA ILE C 19 -58.22 24.62 53.32
C ILE C 19 -57.60 24.11 54.61
N ILE C 20 -56.60 24.82 55.10
CA ILE C 20 -55.99 24.44 56.37
C ILE C 20 -56.93 24.85 57.51
N PRO C 21 -56.97 24.11 58.61
CA PRO C 21 -57.96 24.40 59.65
C PRO C 21 -57.98 25.85 60.11
N HIS C 22 -56.84 26.53 60.18
CA HIS C 22 -56.86 27.96 60.53
C HIS C 22 -57.66 28.77 59.51
N ASP C 23 -57.48 28.48 58.22
CA ASP C 23 -58.38 29.08 57.25
C ASP C 23 -59.81 28.76 57.60
N PHE C 24 -60.08 27.53 57.98
CA PHE C 24 -61.44 27.16 58.35
C PHE C 24 -61.86 27.83 59.64
N ARG C 25 -60.98 27.83 60.65
CA ARG C 25 -61.23 28.67 61.82
C ARG C 25 -61.56 30.09 61.38
N ARG C 26 -60.71 30.65 60.51
CA ARG C 26 -60.88 32.05 60.14
C ARG C 26 -62.13 32.25 59.29
N MET C 27 -62.54 31.23 58.54
CA MET C 27 -63.82 31.33 57.84
C MET C 27 -64.98 31.46 58.80
N LYS C 28 -64.96 30.67 59.88
CA LYS C 28 -66.08 30.66 60.80
C LYS C 28 -66.15 31.96 61.60
N GLU C 29 -65.00 32.47 62.03
CA GLU C 29 -64.97 33.73 62.75
C GLU C 29 -65.25 34.91 61.82
N PHE C 30 -65.06 34.72 60.52
CA PHE C 30 -65.35 35.75 59.54
C PHE C 30 -66.83 35.79 59.18
N VAL C 31 -67.37 34.64 58.77
CA VAL C 31 -68.77 34.60 58.38
C VAL C 31 -69.67 35.05 59.53
N SER C 32 -69.30 34.71 60.78
CA SER C 32 -70.06 35.19 61.93
C SER C 32 -70.10 36.71 61.99
N THR C 33 -68.92 37.36 62.02
CA THR C 33 -68.89 38.80 62.22
C THR C 33 -69.67 39.57 61.17
N VAL C 34 -69.80 39.01 59.96
CA VAL C 34 -70.71 39.57 58.96
C VAL C 34 -72.13 39.55 59.46
N MET C 35 -72.51 38.45 60.11
CA MET C 35 -73.87 38.31 60.61
C MET C 35 -74.12 39.25 61.79
N GLU C 36 -73.31 39.13 62.86
CA GLU C 36 -73.62 39.86 64.09
C GLU C 36 -73.93 41.33 63.84
N GLN C 37 -73.03 42.05 63.15
CA GLN C 37 -73.21 43.49 62.93
C GLN C 37 -74.11 43.82 61.72
N LEU C 38 -74.84 42.84 61.17
CA LEU C 38 -75.66 43.07 59.98
C LEU C 38 -77.02 42.39 60.07
N LYS C 39 -77.73 42.67 61.16
CA LYS C 39 -79.17 42.43 61.23
C LYS C 39 -79.85 43.69 60.69
N LYS C 40 -79.97 43.74 59.37
CA LYS C 40 -80.50 44.91 58.69
C LYS C 40 -81.56 44.52 57.68
N SER C 41 -82.60 45.36 57.58
CA SER C 41 -83.65 45.27 56.56
C SER C 41 -84.09 43.84 56.34
N LYS C 42 -84.05 43.04 57.39
CA LYS C 42 -84.35 41.61 57.32
C LYS C 42 -83.44 40.92 56.30
N THR C 43 -82.13 41.07 56.50
CA THR C 43 -81.18 40.37 55.65
C THR C 43 -81.20 38.87 55.94
N LEU C 44 -81.39 38.05 54.89
CA LEU C 44 -81.54 36.60 55.03
C LEU C 44 -80.28 35.86 54.56
N PHE C 45 -79.87 34.89 55.37
CA PHE C 45 -78.60 34.21 55.21
C PHE C 45 -78.80 32.71 55.01
N SER C 46 -78.04 32.13 54.09
CA SER C 46 -77.94 30.69 53.96
C SER C 46 -76.49 30.30 53.71
N LEU C 47 -76.11 29.13 54.20
CA LEU C 47 -74.77 28.62 53.97
C LEU C 47 -74.83 27.19 53.49
N MET C 48 -73.79 26.82 52.77
CA MET C 48 -73.58 25.44 52.44
C MET C 48 -72.09 25.24 52.38
N GLN C 49 -71.59 24.22 53.02
CA GLN C 49 -70.18 23.90 52.92
C GLN C 49 -69.95 22.91 51.78
N TYR C 50 -68.96 23.18 50.95
CA TYR C 50 -68.73 22.31 49.81
C TYR C 50 -67.30 21.81 49.79
N SER C 51 -67.14 20.69 49.11
CA SER C 51 -65.94 19.90 49.04
C SER C 51 -66.21 18.85 47.96
N GLU C 52 -65.59 17.67 48.10
CA GLU C 52 -66.02 16.52 47.32
C GLU C 52 -67.51 16.22 47.54
N GLU C 53 -68.03 16.52 48.76
CA GLU C 53 -69.41 16.33 49.18
C GLU C 53 -69.94 17.66 49.75
N PHE C 54 -71.26 17.77 49.96
CA PHE C 54 -71.86 19.06 50.30
C PHE C 54 -72.90 18.99 51.41
N ARG C 55 -72.96 20.08 52.19
CA ARG C 55 -73.70 20.11 53.44
C ARG C 55 -74.42 21.44 53.59
N ILE C 56 -75.72 21.44 53.38
CA ILE C 56 -76.49 22.63 53.70
C ILE C 56 -76.60 22.73 55.22
N HIS C 57 -75.82 23.59 55.82
CA HIS C 57 -75.88 23.72 57.27
C HIS C 57 -77.18 24.36 57.72
N PHE C 58 -77.63 25.36 56.99
CA PHE C 58 -78.95 25.90 57.24
C PHE C 58 -79.46 26.48 55.95
N THR C 59 -80.76 26.31 55.74
CA THR C 59 -81.48 27.01 54.71
C THR C 59 -81.99 28.29 55.32
N PHE C 60 -82.79 29.03 54.56
CA PHE C 60 -83.30 30.30 55.09
C PHE C 60 -84.27 30.10 56.25
N LYS C 61 -85.18 29.12 56.16
CA LYS C 61 -86.07 28.90 57.30
C LYS C 61 -85.30 28.51 58.55
N GLU C 62 -84.60 27.38 58.50
CA GLU C 62 -83.74 26.95 59.60
C GLU C 62 -82.95 28.14 60.13
N PHE C 63 -82.59 29.05 59.23
CA PHE C 63 -81.96 30.31 59.61
C PHE C 63 -82.98 31.28 60.22
N GLN C 64 -84.18 31.39 59.65
CA GLN C 64 -85.12 32.40 60.13
C GLN C 64 -85.55 32.12 61.57
N ASN C 65 -85.62 30.85 61.94
CA ASN C 65 -86.04 30.50 63.29
C ASN C 65 -84.95 30.76 64.32
N ASN C 66 -83.68 30.56 63.98
CA ASN C 66 -82.61 30.92 64.91
C ASN C 66 -81.73 32.02 64.37
N PRO C 67 -81.78 33.21 64.98
CA PRO C 67 -80.91 34.33 64.57
C PRO C 67 -79.57 34.44 65.28
N ASN C 68 -79.29 33.64 66.32
CA ASN C 68 -78.03 33.78 67.07
C ASN C 68 -76.85 33.11 66.36
N PRO C 69 -75.94 33.88 65.74
CA PRO C 69 -74.90 33.29 64.89
C PRO C 69 -73.90 32.46 65.67
N ARG C 70 -73.28 33.08 66.69
CA ARG C 70 -72.20 32.43 67.40
C ARG C 70 -72.62 31.03 67.80
N SER C 71 -73.86 30.89 68.27
CA SER C 71 -74.41 29.57 68.49
C SER C 71 -74.53 28.77 67.20
N LEU C 72 -74.73 29.42 66.06
CA LEU C 72 -74.88 28.67 64.82
C LEU C 72 -73.54 28.14 64.33
N VAL C 73 -72.49 28.93 64.52
CA VAL C 73 -71.34 28.79 63.66
C VAL C 73 -70.20 28.02 64.33
N LYS C 74 -70.08 28.13 65.64
CA LYS C 74 -69.03 27.39 66.33
C LYS C 74 -68.95 25.92 65.91
N PRO C 75 -70.04 25.14 65.86
CA PRO C 75 -69.88 23.68 65.67
C PRO C 75 -69.51 23.25 64.26
N ILE C 76 -69.66 24.13 63.27
CA ILE C 76 -69.41 23.75 61.89
C ILE C 76 -68.01 23.18 61.73
N THR C 77 -67.90 22.03 61.08
CA THR C 77 -66.63 21.31 60.95
C THR C 77 -66.30 21.01 59.49
N GLN C 78 -65.09 20.49 59.27
CA GLN C 78 -64.53 20.40 57.94
C GLN C 78 -64.78 19.05 57.32
N LEU C 79 -64.78 19.04 55.98
CA LEU C 79 -65.08 17.89 55.15
C LEU C 79 -63.86 17.25 54.51
N LEU C 80 -62.78 18.02 54.30
CA LEU C 80 -61.44 17.55 53.97
C LEU C 80 -61.36 16.85 52.61
N GLY C 81 -62.32 17.09 51.72
CA GLY C 81 -62.27 16.58 50.37
C GLY C 81 -61.54 17.45 49.36
N ARG C 82 -61.95 17.28 48.10
CA ARG C 82 -61.48 18.03 46.94
C ARG C 82 -62.24 19.34 46.81
N THR C 83 -62.15 19.98 45.66
CA THR C 83 -62.79 21.29 45.45
C THR C 83 -63.78 21.23 44.28
N HIS C 84 -65.05 20.95 44.57
CA HIS C 84 -66.12 21.01 43.54
C HIS C 84 -66.88 22.32 43.72
N THR C 85 -66.31 23.42 43.20
CA THR C 85 -66.91 24.73 43.42
C THR C 85 -68.17 24.93 42.57
N ALA C 86 -68.06 24.66 41.26
CA ALA C 86 -69.10 24.98 40.29
C ALA C 86 -70.33 24.11 40.50
N THR C 87 -70.12 22.84 40.80
CA THR C 87 -71.21 21.97 41.19
C THR C 87 -71.83 22.41 42.51
N GLY C 88 -71.08 23.07 43.39
CA GLY C 88 -71.68 23.69 44.56
C GLY C 88 -72.43 24.96 44.22
N ILE C 89 -72.04 25.63 43.13
CA ILE C 89 -72.72 26.85 42.71
C ILE C 89 -74.16 26.55 42.31
N ARG C 90 -74.36 25.67 41.33
CA ARG C 90 -75.70 25.42 40.83
C ARG C 90 -76.58 24.86 41.94
N LYS C 91 -76.00 24.08 42.85
CA LYS C 91 -76.79 23.55 43.96
C LYS C 91 -77.24 24.64 44.90
N VAL C 92 -76.44 25.69 45.09
CA VAL C 92 -76.91 26.78 45.95
C VAL C 92 -78.11 27.48 45.33
N VAL C 93 -77.96 27.89 44.07
CA VAL C 93 -79.01 28.64 43.40
C VAL C 93 -80.22 27.81 43.07
N ARG C 94 -80.05 26.51 42.89
CA ARG C 94 -81.18 25.63 42.68
C ARG C 94 -81.77 25.13 44.00
N GLU C 95 -80.99 25.04 45.07
CA GLU C 95 -81.52 24.51 46.32
C GLU C 95 -81.62 25.57 47.40
N LEU C 96 -80.55 26.31 47.68
CA LEU C 96 -80.64 27.34 48.70
C LEU C 96 -81.46 28.53 48.21
N PHE C 97 -81.38 28.81 46.90
CA PHE C 97 -82.08 29.93 46.27
C PHE C 97 -83.33 29.43 45.56
N ASN C 98 -83.95 28.45 46.19
CA ASN C 98 -85.32 28.02 45.94
C ASN C 98 -86.21 28.55 47.06
N ILE C 99 -87.41 28.93 46.68
CA ILE C 99 -88.36 29.41 47.67
C ILE C 99 -88.69 28.29 48.65
N THR C 100 -88.66 27.04 48.18
CA THR C 100 -88.94 25.90 49.03
C THR C 100 -88.01 25.84 50.24
N ASN C 101 -86.91 26.59 50.23
CA ASN C 101 -86.00 26.58 51.35
C ASN C 101 -86.02 27.87 52.14
N GLY C 102 -86.95 28.77 51.85
CA GLY C 102 -87.03 30.03 52.58
C GLY C 102 -86.78 31.24 51.71
N ALA C 103 -86.41 31.08 50.44
CA ALA C 103 -86.12 32.22 49.60
C ALA C 103 -87.38 33.06 49.37
N ARG C 104 -87.26 34.37 49.60
CA ARG C 104 -88.39 35.30 49.51
C ARG C 104 -88.55 35.83 48.09
N LYS C 105 -89.80 35.95 47.63
CA LYS C 105 -90.03 36.58 46.35
C LYS C 105 -89.56 38.02 46.42
N ASN C 106 -88.86 38.45 45.37
CA ASN C 106 -88.43 39.85 45.22
C ASN C 106 -87.36 40.22 46.25
N ALA C 107 -86.36 39.36 46.40
CA ALA C 107 -85.24 39.66 47.27
C ALA C 107 -83.95 39.67 46.49
N PHE C 108 -82.98 40.41 46.98
CA PHE C 108 -81.71 40.51 46.30
C PHE C 108 -80.82 39.33 46.64
N LYS C 109 -80.41 38.63 45.61
CA LYS C 109 -79.65 37.41 45.75
C LYS C 109 -78.16 37.70 45.62
N ILE C 110 -77.42 37.46 46.69
CA ILE C 110 -75.96 37.61 46.67
C ILE C 110 -75.35 36.32 47.21
N LEU C 111 -74.32 35.85 46.56
CA LEU C 111 -73.62 34.66 47.01
C LEU C 111 -72.17 35.02 47.34
N VAL C 112 -71.69 34.64 48.52
CA VAL C 112 -70.34 34.96 48.98
C VAL C 112 -69.49 33.69 49.00
N VAL C 113 -68.74 33.45 47.92
CA VAL C 113 -67.93 32.22 47.80
C VAL C 113 -66.61 32.40 48.52
N ILE C 114 -66.37 31.58 49.52
CA ILE C 114 -65.12 31.61 50.26
C ILE C 114 -64.33 30.38 49.81
N THR C 115 -63.35 30.59 48.94
CA THR C 115 -62.62 29.48 48.32
C THR C 115 -61.15 29.86 48.20
N ASP C 116 -60.31 28.88 47.92
CA ASP C 116 -58.89 29.14 47.71
C ASP C 116 -58.50 29.16 46.23
N GLY C 117 -59.47 29.11 45.32
CA GLY C 117 -59.20 29.30 43.90
C GLY C 117 -58.57 28.15 43.16
N GLU C 118 -58.86 26.91 43.56
CA GLU C 118 -58.30 25.78 42.81
C GLU C 118 -59.42 24.74 42.58
N LYS C 119 -60.14 24.86 41.46
CA LYS C 119 -61.16 23.88 41.13
C LYS C 119 -60.51 22.53 40.84
N PHE C 120 -61.08 21.49 41.42
CA PHE C 120 -60.39 20.22 41.48
C PHE C 120 -61.41 19.12 41.68
N GLY C 121 -61.52 18.23 40.69
CA GLY C 121 -62.36 17.06 40.80
C GLY C 121 -63.81 17.33 40.59
N ASP C 122 -64.15 18.54 40.22
CA ASP C 122 -65.51 18.86 39.91
C ASP C 122 -65.83 18.25 38.55
N PRO C 123 -66.78 17.34 38.46
CA PRO C 123 -67.20 16.84 37.14
C PRO C 123 -67.88 17.91 36.31
N LEU C 124 -68.33 18.98 36.95
CA LEU C 124 -68.83 20.16 36.29
C LEU C 124 -67.70 21.17 36.19
N GLY C 125 -67.63 21.84 35.04
CA GLY C 125 -66.76 22.98 34.89
C GLY C 125 -67.42 24.28 35.30
N TYR C 126 -66.62 25.35 35.19
CA TYR C 126 -67.09 26.68 35.52
C TYR C 126 -67.96 27.25 34.40
N GLU C 127 -67.70 26.89 33.15
CA GLU C 127 -68.46 27.43 32.03
C GLU C 127 -69.94 27.09 32.07
N ASP C 128 -70.36 26.19 32.95
CA ASP C 128 -71.75 25.79 33.02
C ASP C 128 -72.54 26.65 33.98
N VAL C 129 -71.90 27.10 35.06
CA VAL C 129 -72.63 27.52 36.25
C VAL C 129 -72.61 29.02 36.44
N ILE C 130 -71.89 29.76 35.60
CA ILE C 130 -71.86 31.21 35.67
C ILE C 130 -72.93 31.92 34.84
N PRO C 131 -73.10 31.62 33.56
CA PRO C 131 -74.14 32.32 32.78
C PRO C 131 -75.54 31.95 33.20
N GLU C 132 -75.71 30.78 33.83
CA GLU C 132 -76.94 30.55 34.58
C GLU C 132 -77.00 31.47 35.81
N ALA C 133 -75.87 31.71 36.49
CA ALA C 133 -75.92 32.63 37.62
C ALA C 133 -76.22 34.04 37.12
N ASP C 134 -75.84 34.32 35.87
CA ASP C 134 -76.19 35.57 35.21
C ASP C 134 -77.65 35.58 34.78
N ARG C 135 -78.10 34.52 34.08
CA ARG C 135 -79.49 34.53 33.66
C ARG C 135 -80.43 34.61 34.86
N GLU C 136 -79.98 34.23 36.06
CA GLU C 136 -80.86 34.18 37.23
C GLU C 136 -80.53 35.24 38.25
N GLY C 137 -79.54 36.09 37.99
CA GLY C 137 -79.39 37.30 38.78
C GLY C 137 -78.97 37.14 40.23
N VAL C 138 -77.89 36.41 40.47
CA VAL C 138 -77.23 36.39 41.78
C VAL C 138 -75.98 37.24 41.69
N ILE C 139 -75.83 38.14 42.65
CA ILE C 139 -74.61 38.90 42.76
C ILE C 139 -73.55 38.01 43.38
N ARG C 140 -72.44 37.81 42.66
CA ARG C 140 -71.43 36.80 43.01
C ARG C 140 -70.13 37.44 43.48
N TYR C 141 -69.96 37.56 44.79
CA TYR C 141 -68.68 37.96 45.37
C TYR C 141 -67.82 36.73 45.66
N VAL C 142 -66.50 36.89 45.63
CA VAL C 142 -65.56 35.80 45.92
C VAL C 142 -64.60 36.27 47.00
N ILE C 143 -64.49 35.49 48.07
CA ILE C 143 -63.54 35.82 49.14
C ILE C 143 -62.38 34.82 49.15
N GLY C 144 -61.30 35.16 48.47
CA GLY C 144 -60.19 34.21 48.27
C GLY C 144 -59.24 34.14 49.44
N VAL C 145 -58.74 32.93 49.71
CA VAL C 145 -58.09 32.63 50.96
C VAL C 145 -56.70 32.06 50.72
N GLY C 146 -55.93 32.00 51.80
CA GLY C 146 -54.62 31.40 51.83
C GLY C 146 -53.65 32.02 50.87
N ASP C 147 -53.26 31.23 49.87
CA ASP C 147 -52.28 31.63 48.88
C ASP C 147 -52.95 31.98 47.55
N ALA C 148 -54.17 32.52 47.62
CA ALA C 148 -55.03 32.57 46.44
C ALA C 148 -54.55 33.56 45.38
N PHE C 149 -53.68 34.48 45.75
CA PHE C 149 -53.20 35.53 44.84
C PHE C 149 -51.73 35.34 44.46
N ARG C 150 -51.06 34.33 45.03
CA ARG C 150 -49.64 34.14 44.77
C ARG C 150 -49.40 33.73 43.35
N SER C 151 -50.04 32.65 42.96
CA SER C 151 -49.86 32.05 41.66
C SER C 151 -50.81 32.73 40.70
N GLU C 152 -51.00 32.12 39.55
CA GLU C 152 -51.80 32.71 38.49
C GLU C 152 -53.19 32.10 38.33
N LYS C 153 -53.28 30.79 38.10
CA LYS C 153 -54.58 30.17 37.87
C LYS C 153 -55.48 30.29 39.10
N SER C 154 -54.90 30.44 40.29
CA SER C 154 -55.77 30.49 41.46
C SER C 154 -56.47 31.83 41.55
N ARG C 155 -55.80 32.91 41.19
CA ARG C 155 -56.53 34.17 41.20
C ARG C 155 -57.44 34.30 39.98
N GLN C 156 -57.06 33.71 38.84
CA GLN C 156 -57.92 33.79 37.67
C GLN C 156 -59.20 33.00 37.83
N GLU C 157 -59.14 31.83 38.47
CA GLU C 157 -60.39 31.11 38.73
C GLU C 157 -61.31 31.97 39.59
N LEU C 158 -60.75 32.85 40.44
CA LEU C 158 -61.58 33.74 41.28
C LEU C 158 -62.35 34.75 40.46
N ASN C 159 -61.66 35.48 39.59
CA ASN C 159 -62.40 36.43 38.76
C ASN C 159 -63.36 35.71 37.84
N THR C 160 -63.11 34.43 37.56
CA THR C 160 -64.10 33.68 36.79
C THR C 160 -65.29 33.30 37.67
N ILE C 161 -65.13 33.29 38.99
CA ILE C 161 -66.27 33.03 39.87
C ILE C 161 -67.04 34.31 40.14
N ALA C 162 -66.34 35.41 40.34
CA ALA C 162 -67.00 36.65 40.67
C ALA C 162 -67.67 37.28 39.46
N SER C 163 -68.72 38.05 39.72
CA SER C 163 -69.32 38.85 38.66
C SER C 163 -68.54 40.16 38.48
N LYS C 164 -68.82 40.83 37.33
CA LYS C 164 -68.20 42.10 36.92
C LYS C 164 -69.04 43.28 37.39
N PRO C 165 -68.40 44.32 37.94
CA PRO C 165 -66.95 44.41 38.05
C PRO C 165 -66.31 43.65 39.21
N PRO C 166 -65.09 43.16 38.99
CA PRO C 166 -64.38 42.48 40.07
C PRO C 166 -63.85 43.41 41.14
N ARG C 167 -63.70 44.71 40.86
CA ARG C 167 -63.19 45.65 41.86
C ARG C 167 -64.20 45.86 42.96
N ASP C 168 -65.42 45.44 42.74
CA ASP C 168 -66.47 45.51 43.73
C ASP C 168 -66.98 44.12 44.08
N HIS C 169 -66.43 43.09 43.46
CA HIS C 169 -66.91 41.72 43.63
C HIS C 169 -65.88 40.78 44.18
N VAL C 170 -64.62 40.90 43.81
CA VAL C 170 -63.61 40.01 44.30
C VAL C 170 -62.99 40.70 45.49
N PHE C 171 -62.83 39.98 46.59
CA PHE C 171 -62.18 40.54 47.76
C PHE C 171 -61.24 39.52 48.39
N GLN C 172 -60.38 40.01 49.27
CA GLN C 172 -59.49 39.17 50.05
C GLN C 172 -60.19 38.79 51.34
N VAL C 173 -59.74 37.71 51.96
CA VAL C 173 -60.41 37.25 53.17
C VAL C 173 -60.09 38.16 54.35
N ASN C 174 -58.81 38.46 54.56
CA ASN C 174 -58.40 39.22 55.73
C ASN C 174 -59.04 40.60 55.74
N ASN C 175 -59.24 41.20 54.59
CA ASN C 175 -59.86 42.52 54.65
C ASN C 175 -61.28 42.38 55.20
N PHE C 176 -61.52 43.11 56.29
CA PHE C 176 -62.83 43.23 56.92
C PHE C 176 -63.62 44.36 56.29
N GLU C 177 -63.32 44.66 55.03
CA GLU C 177 -63.89 45.78 54.29
C GLU C 177 -65.01 45.33 53.36
N ALA C 178 -64.96 44.08 52.89
CA ALA C 178 -65.95 43.60 51.95
C ALA C 178 -67.37 43.74 52.49
N LEU C 179 -67.56 43.47 53.79
CA LEU C 179 -68.88 43.62 54.38
C LEU C 179 -69.32 45.06 54.40
N LYS C 180 -68.45 45.97 54.80
CA LYS C 180 -68.81 47.36 54.68
C LYS C 180 -69.09 47.69 53.23
N THR C 181 -68.41 47.00 52.29
CA THR C 181 -68.55 47.24 50.86
C THR C 181 -69.87 46.76 50.32
N ILE C 182 -70.33 45.62 50.80
CA ILE C 182 -71.70 45.31 50.46
C ILE C 182 -72.65 46.14 51.29
N GLN C 183 -72.27 46.44 52.54
CA GLN C 183 -73.13 47.25 53.39
C GLN C 183 -73.43 48.58 52.73
N ASN C 184 -72.42 49.23 52.19
CA ASN C 184 -72.69 50.48 51.50
C ASN C 184 -73.29 50.22 50.12
N GLN C 185 -72.94 49.09 49.50
CA GLN C 185 -73.57 48.76 48.23
C GLN C 185 -75.05 48.47 48.41
N LEU C 186 -75.47 47.93 49.56
CA LEU C 186 -76.89 47.85 49.82
C LEU C 186 -77.40 49.18 50.35
N ARG C 187 -76.59 49.85 51.17
CA ARG C 187 -77.03 51.08 51.79
C ARG C 187 -77.57 52.03 50.76
N GLU C 188 -77.00 52.01 49.56
CA GLU C 188 -77.46 52.88 48.51
C GLU C 188 -78.49 52.21 47.63
N LYS C 189 -78.85 50.97 47.92
CA LYS C 189 -79.90 50.29 47.18
C LYS C 189 -81.26 50.42 47.88
N SER D 1 -34.12 42.28 -47.00
CA SER D 1 -33.18 42.74 -46.00
C SER D 1 -32.34 41.54 -45.57
N PRO D 2 -31.15 41.41 -46.13
CA PRO D 2 -30.28 40.28 -45.79
C PRO D 2 -29.90 40.22 -44.32
N MET D 3 -29.87 39.00 -43.77
CA MET D 3 -29.45 38.82 -42.38
C MET D 3 -28.21 37.94 -42.31
N TYR D 4 -27.18 38.47 -41.66
CA TYR D 4 -25.96 37.73 -41.44
C TYR D 4 -26.05 37.11 -40.06
N SER D 5 -25.88 35.79 -39.99
CA SER D 5 -25.86 35.04 -38.74
C SER D 5 -24.69 34.07 -38.70
N ILE D 6 -24.28 33.78 -37.47
CA ILE D 6 -23.12 32.97 -37.17
C ILE D 6 -23.34 32.19 -35.90
N ILE D 7 -22.94 30.92 -35.92
CA ILE D 7 -23.11 30.10 -34.73
C ILE D 7 -21.90 29.20 -34.56
N THR D 8 -21.44 29.09 -33.33
CA THR D 8 -20.22 28.40 -32.99
C THR D 8 -20.41 27.62 -31.70
N PRO D 9 -19.62 26.56 -31.47
CA PRO D 9 -19.66 25.91 -30.15
C PRO D 9 -19.50 26.94 -29.04
N ASN D 10 -20.34 26.80 -28.02
CA ASN D 10 -20.12 27.62 -26.83
C ASN D 10 -18.67 27.62 -26.36
N ILE D 11 -17.97 26.51 -26.54
CA ILE D 11 -16.61 26.38 -26.05
C ILE D 11 -15.71 25.77 -27.11
N LEU D 12 -14.60 26.45 -27.33
CA LEU D 12 -13.57 26.10 -28.30
C LEU D 12 -12.37 25.56 -27.54
N ARG D 13 -11.95 24.37 -27.91
CA ARG D 13 -10.75 23.78 -27.38
C ARG D 13 -9.61 24.14 -28.32
N LEU D 14 -8.46 24.39 -27.73
CA LEU D 14 -7.35 24.91 -28.49
C LEU D 14 -6.79 23.80 -29.34
N GLU D 15 -6.32 24.19 -30.51
CA GLU D 15 -5.65 23.29 -31.42
C GLU D 15 -6.58 22.13 -31.76
N SER D 16 -7.85 22.46 -31.90
CA SER D 16 -8.88 21.47 -32.06
C SER D 16 -9.79 21.96 -33.14
N GLU D 17 -10.14 21.07 -34.07
CA GLU D 17 -11.04 21.44 -35.14
C GLU D 17 -12.41 21.74 -34.55
N GLU D 18 -12.81 23.00 -34.62
CA GLU D 18 -14.14 23.42 -34.26
C GLU D 18 -14.75 24.08 -35.49
N THR D 19 -16.05 23.94 -35.65
CA THR D 19 -16.70 24.41 -36.86
C THR D 19 -17.51 25.65 -36.51
N MET D 20 -17.79 26.45 -37.54
CA MET D 20 -18.57 27.66 -37.39
C MET D 20 -19.50 27.82 -38.57
N VAL D 21 -20.72 28.15 -38.28
CA VAL D 21 -21.73 28.26 -39.31
C VAL D 21 -22.00 29.72 -39.63
N LEU D 22 -21.94 30.00 -40.93
CA LEU D 22 -22.17 31.30 -41.51
C LEU D 22 -23.44 31.26 -42.32
N GLU D 23 -24.33 32.20 -42.03
CA GLU D 23 -25.55 32.34 -42.80
C GLU D 23 -25.84 33.79 -43.15
N ALA D 24 -26.32 33.95 -44.39
CA ALA D 24 -26.68 35.23 -45.00
C ALA D 24 -28.10 35.08 -45.55
N HIS D 25 -29.09 35.32 -44.70
CA HIS D 25 -30.46 35.24 -45.13
C HIS D 25 -30.82 36.46 -45.95
N ASP D 26 -31.57 36.24 -47.03
CA ASP D 26 -32.20 37.31 -47.83
C ASP D 26 -31.16 38.20 -48.51
N ALA D 27 -30.03 37.61 -48.82
CA ALA D 27 -29.00 38.23 -49.58
C ALA D 27 -29.03 37.67 -51.00
N GLN D 28 -28.30 38.34 -51.90
CA GLN D 28 -28.34 38.03 -53.32
C GLN D 28 -26.95 37.77 -53.89
N GLY D 29 -26.93 37.00 -54.97
CA GLY D 29 -25.69 36.72 -55.62
C GLY D 29 -24.75 35.98 -54.69
N ASP D 30 -23.51 35.88 -55.14
CA ASP D 30 -22.52 35.10 -54.43
C ASP D 30 -21.94 35.97 -53.32
N VAL D 31 -21.67 35.37 -52.17
CA VAL D 31 -21.25 36.10 -50.98
C VAL D 31 -19.95 35.47 -50.44
N PRO D 32 -18.80 36.09 -50.72
CA PRO D 32 -17.54 35.61 -50.15
C PRO D 32 -17.44 35.89 -48.66
N VAL D 33 -16.76 34.99 -47.96
CA VAL D 33 -16.56 35.13 -46.51
C VAL D 33 -15.16 34.64 -46.16
N THR D 34 -14.43 35.41 -45.35
CA THR D 34 -13.17 35.00 -44.76
C THR D 34 -13.24 35.28 -43.26
N VAL D 35 -12.80 34.32 -42.44
CA VAL D 35 -13.01 34.38 -41.00
C VAL D 35 -11.68 34.34 -40.24
N THR D 36 -11.55 35.20 -39.24
CA THR D 36 -10.33 35.31 -38.47
C THR D 36 -10.60 35.41 -36.97
N VAL D 37 -9.75 34.76 -36.21
CA VAL D 37 -9.91 34.68 -34.77
C VAL D 37 -8.68 35.27 -34.12
N HIS D 38 -8.88 36.22 -33.22
CA HIS D 38 -7.80 36.89 -32.51
C HIS D 38 -7.99 36.69 -31.02
N ASP D 39 -6.89 36.78 -30.29
CA ASP D 39 -7.03 36.67 -28.85
C ASP D 39 -7.72 37.91 -28.30
N PHE D 40 -8.17 37.79 -27.05
CA PHE D 40 -8.63 38.94 -26.30
C PHE D 40 -7.53 40.01 -26.25
N PRO D 41 -7.88 41.32 -25.99
CA PRO D 41 -7.26 42.41 -26.71
C PRO D 41 -5.87 42.14 -27.21
N GLY D 42 -5.71 42.08 -28.52
CA GLY D 42 -4.49 41.49 -29.00
C GLY D 42 -4.55 41.35 -30.49
N LYS D 43 -3.37 41.39 -31.05
CA LYS D 43 -3.11 41.10 -32.45
C LYS D 43 -2.61 39.66 -32.65
N LYS D 44 -2.92 38.75 -31.72
CA LYS D 44 -2.30 37.42 -31.78
C LYS D 44 -2.58 36.72 -33.11
N LEU D 45 -3.76 36.94 -33.68
CA LEU D 45 -4.14 36.33 -34.97
C LEU D 45 -3.99 34.81 -34.88
N VAL D 46 -4.90 34.23 -34.09
CA VAL D 46 -4.82 32.82 -33.71
C VAL D 46 -5.09 31.91 -34.92
N LEU D 47 -5.96 32.34 -35.83
CA LEU D 47 -6.11 31.63 -37.09
C LEU D 47 -6.99 32.44 -38.04
N SER D 48 -6.82 32.18 -39.34
CA SER D 48 -7.80 32.65 -40.32
C SER D 48 -8.03 31.62 -41.42
N SER D 49 -7.81 30.33 -41.13
CA SER D 49 -7.69 29.29 -42.15
C SER D 49 -9.00 29.04 -42.91
N GLU D 50 -8.87 28.51 -44.14
CA GLU D 50 -9.92 27.94 -45.02
C GLU D 50 -11.05 28.90 -45.44
N LYS D 51 -10.74 29.87 -46.31
CA LYS D 51 -11.74 30.77 -46.87
C LYS D 51 -12.65 30.04 -47.87
N THR D 52 -13.94 30.43 -47.92
CA THR D 52 -14.94 29.77 -48.75
C THR D 52 -16.06 30.76 -49.08
N VAL D 53 -16.93 30.37 -50.02
CA VAL D 53 -17.99 31.24 -50.54
C VAL D 53 -19.37 30.61 -50.29
N LEU D 54 -20.34 31.48 -49.96
CA LEU D 54 -21.74 31.11 -49.73
C LEU D 54 -22.51 31.32 -51.03
N THR D 55 -22.66 30.30 -51.78
CA THR D 55 -23.30 30.57 -53.06
C THR D 55 -24.81 30.48 -52.95
N PRO D 56 -25.55 31.13 -53.85
CA PRO D 56 -27.01 30.89 -53.90
C PRO D 56 -27.37 29.42 -54.02
N ALA D 57 -26.59 28.64 -54.78
CA ALA D 57 -26.81 27.21 -54.89
C ALA D 57 -26.90 26.53 -53.52
N THR D 58 -26.15 27.01 -52.54
CA THR D 58 -26.31 26.59 -51.15
C THR D 58 -27.15 27.59 -50.38
N ASN D 59 -27.88 28.46 -51.11
CA ASN D 59 -28.80 29.40 -50.50
C ASN D 59 -28.18 30.10 -49.29
N HIS D 60 -26.94 30.53 -49.48
CA HIS D 60 -26.24 31.46 -48.59
C HIS D 60 -25.99 30.81 -47.22
N MET D 61 -25.56 29.55 -47.26
CA MET D 61 -25.18 28.80 -46.09
C MET D 61 -23.86 28.07 -46.32
N GLY D 62 -22.94 28.26 -45.38
CA GLY D 62 -21.68 27.56 -45.39
C GLY D 62 -21.10 27.56 -44.00
N ASN D 63 -20.00 26.82 -43.88
CA ASN D 63 -19.35 26.49 -42.61
C ASN D 63 -17.88 26.80 -42.76
N VAL D 64 -17.19 26.92 -41.62
CA VAL D 64 -15.76 27.21 -41.58
C VAL D 64 -15.04 26.26 -40.61
N THR D 65 -13.88 25.74 -41.04
CA THR D 65 -13.09 24.75 -40.31
C THR D 65 -11.74 25.35 -39.86
N PHE D 66 -11.44 25.27 -38.56
CA PHE D 66 -10.18 25.86 -38.06
C PHE D 66 -9.77 25.20 -36.75
N THR D 67 -8.47 25.32 -36.42
CA THR D 67 -7.87 24.77 -35.19
C THR D 67 -7.18 25.90 -34.43
N ILE D 68 -7.62 26.19 -33.20
CA ILE D 68 -7.03 27.31 -32.47
C ILE D 68 -5.69 26.97 -31.82
N PRO D 69 -4.59 27.60 -32.24
CA PRO D 69 -3.28 27.33 -31.63
C PRO D 69 -3.11 27.81 -30.19
N ALA D 70 -2.24 27.09 -29.48
CA ALA D 70 -2.05 27.18 -28.03
C ALA D 70 -0.77 27.91 -27.69
N ASN D 71 -0.90 29.14 -27.19
CA ASN D 71 0.25 29.97 -26.84
C ASN D 71 -0.09 30.89 -25.67
N ARG D 72 0.83 30.95 -24.70
CA ARG D 72 0.74 31.91 -23.59
C ARG D 72 -0.58 31.90 -22.83
N GLU D 73 -0.82 30.81 -22.12
CA GLU D 73 -2.04 30.64 -21.36
C GLU D 73 -1.65 29.93 -20.07
N PHE D 74 -2.07 30.48 -18.94
CA PHE D 74 -1.78 29.81 -17.68
C PHE D 74 -2.90 30.05 -16.70
N LYS D 75 -3.08 29.10 -15.77
CA LYS D 75 -3.89 29.20 -14.56
C LYS D 75 -3.76 27.97 -13.65
N SER D 76 -4.28 28.06 -12.42
CA SER D 76 -4.50 26.94 -11.50
C SER D 76 -5.44 27.47 -10.42
N GLU D 77 -5.72 26.63 -9.41
CA GLU D 77 -6.57 27.06 -8.29
C GLU D 77 -7.95 27.53 -8.74
N LYS D 78 -8.53 26.82 -9.74
CA LYS D 78 -9.74 27.25 -10.48
C LYS D 78 -9.48 28.57 -11.22
N GLY D 79 -8.27 28.71 -11.77
CA GLY D 79 -7.79 29.92 -12.39
C GLY D 79 -8.68 30.61 -13.40
N ARG D 80 -8.48 31.91 -13.54
CA ARG D 80 -9.29 32.76 -14.39
C ARG D 80 -9.23 32.36 -15.89
N ASN D 81 -10.35 32.56 -16.58
CA ASN D 81 -10.58 32.01 -17.92
C ASN D 81 -10.10 32.92 -19.05
N LYS D 82 -9.70 32.30 -20.16
CA LYS D 82 -9.13 32.96 -21.32
C LYS D 82 -10.16 33.00 -22.44
N PHE D 83 -10.03 33.96 -23.36
CA PHE D 83 -11.06 34.26 -24.34
C PHE D 83 -10.42 34.53 -25.69
N VAL D 84 -11.25 34.44 -26.73
CA VAL D 84 -10.87 34.85 -28.09
C VAL D 84 -11.94 35.75 -28.65
N THR D 85 -11.58 36.47 -29.71
CA THR D 85 -12.53 37.25 -30.49
C THR D 85 -12.56 36.67 -31.90
N VAL D 86 -13.64 36.01 -32.23
CA VAL D 86 -13.81 35.38 -33.54
C VAL D 86 -14.37 36.40 -34.53
N GLN D 87 -13.81 36.46 -35.72
CA GLN D 87 -14.22 37.48 -36.69
C GLN D 87 -14.45 36.88 -38.06
N ALA D 88 -15.66 37.01 -38.56
CA ALA D 88 -16.00 36.57 -39.90
C ALA D 88 -16.45 37.74 -40.76
N THR D 89 -16.08 37.71 -42.02
CA THR D 89 -16.28 38.83 -42.92
C THR D 89 -17.15 38.38 -44.09
N PHE D 90 -18.39 38.87 -44.14
CA PHE D 90 -19.33 38.41 -45.16
C PHE D 90 -19.25 39.30 -46.39
N GLY D 91 -18.37 38.92 -47.33
CA GLY D 91 -18.13 39.92 -48.35
C GLY D 91 -17.62 41.16 -47.62
N THR D 92 -18.50 42.16 -47.49
CA THR D 92 -18.17 43.34 -46.71
C THR D 92 -18.47 43.18 -45.23
N GLN D 93 -19.68 42.74 -44.89
CA GLN D 93 -20.09 42.78 -43.50
C GLN D 93 -19.24 41.86 -42.63
N VAL D 94 -18.92 42.34 -41.44
CA VAL D 94 -18.03 41.64 -40.53
C VAL D 94 -18.69 41.48 -39.18
N VAL D 95 -18.77 40.23 -38.73
CA VAL D 95 -19.53 39.85 -37.55
C VAL D 95 -18.55 39.20 -36.56
N GLU D 96 -18.45 39.77 -35.37
CA GLU D 96 -17.56 39.24 -34.35
C GLU D 96 -18.34 38.89 -33.08
N LYS D 97 -17.71 38.01 -32.30
CA LYS D 97 -18.21 37.46 -31.03
C LYS D 97 -17.03 37.13 -30.14
N VAL D 98 -17.17 37.44 -28.87
CA VAL D 98 -16.18 37.07 -27.89
C VAL D 98 -16.51 35.69 -27.31
N VAL D 99 -15.59 34.76 -27.43
CA VAL D 99 -15.85 33.38 -27.07
C VAL D 99 -14.80 32.91 -26.06
N LEU D 100 -15.24 32.07 -25.14
CA LEU D 100 -14.37 31.44 -24.15
C LEU D 100 -13.58 30.29 -24.78
N VAL D 101 -12.51 29.89 -24.10
CA VAL D 101 -11.74 28.71 -24.47
C VAL D 101 -11.42 27.86 -23.22
N SER D 102 -11.52 26.53 -23.36
CA SER D 102 -11.12 25.64 -22.30
C SER D 102 -9.85 24.92 -22.71
N LEU D 103 -9.04 24.72 -21.68
CA LEU D 103 -7.71 24.16 -21.81
C LEU D 103 -7.78 22.66 -22.01
N GLN D 104 -8.92 22.04 -21.68
CA GLN D 104 -9.19 20.63 -21.95
C GLN D 104 -8.76 20.24 -23.34
N SER D 105 -7.78 19.35 -23.41
CA SER D 105 -7.44 18.78 -24.70
C SER D 105 -8.39 17.65 -25.05
N GLY D 106 -8.55 16.71 -24.12
CA GLY D 106 -9.27 15.48 -24.35
C GLY D 106 -9.24 14.66 -23.09
N TYR D 107 -9.03 13.35 -23.25
CA TYR D 107 -9.17 12.40 -22.16
C TYR D 107 -7.95 11.46 -22.12
N LEU D 108 -7.75 10.87 -20.93
CA LEU D 108 -6.65 9.99 -20.55
C LEU D 108 -7.21 8.76 -19.84
N PHE D 109 -6.83 7.57 -20.29
CA PHE D 109 -7.45 6.35 -19.79
C PHE D 109 -6.44 5.34 -19.27
N ILE D 110 -6.61 4.98 -18.00
CA ILE D 110 -5.66 4.16 -17.24
C ILE D 110 -6.20 2.73 -17.15
N GLN D 111 -5.39 1.75 -17.55
CA GLN D 111 -5.66 0.33 -17.30
C GLN D 111 -4.56 -0.24 -16.39
N THR D 112 -4.96 -0.71 -15.22
CA THR D 112 -4.04 -1.47 -14.38
C THR D 112 -4.35 -2.95 -14.56
N ASP D 113 -3.33 -3.80 -14.42
CA ASP D 113 -3.54 -5.24 -14.58
C ASP D 113 -4.43 -5.76 -13.45
N LYS D 114 -4.19 -5.34 -12.23
CA LYS D 114 -4.97 -5.82 -11.12
C LYS D 114 -5.57 -4.62 -10.43
N THR D 115 -6.44 -4.89 -9.46
CA THR D 115 -7.04 -3.88 -8.60
C THR D 115 -6.44 -3.86 -7.21
N ILE D 116 -5.77 -4.91 -6.81
CA ILE D 116 -5.21 -5.03 -5.47
C ILE D 116 -3.84 -5.68 -5.63
N TYR D 117 -2.88 -5.28 -4.80
CA TYR D 117 -1.51 -5.75 -4.95
C TYR D 117 -0.90 -5.99 -3.58
N THR D 118 0.19 -6.95 -3.56
CA THR D 118 1.11 -7.26 -2.45
C THR D 118 2.37 -6.41 -2.57
N PRO D 119 2.92 -5.98 -1.43
CA PRO D 119 4.24 -5.36 -1.45
C PRO D 119 5.25 -6.22 -2.21
N GLY D 120 6.01 -5.55 -3.08
CA GLY D 120 7.00 -6.21 -3.90
C GLY D 120 6.46 -6.72 -5.20
N SER D 121 5.25 -6.32 -5.58
CA SER D 121 4.68 -6.72 -6.85
C SER D 121 4.95 -5.68 -7.94
N THR D 122 4.90 -6.16 -9.17
CA THR D 122 5.11 -5.35 -10.34
C THR D 122 3.76 -4.82 -10.83
N VAL D 123 3.59 -3.50 -10.88
CA VAL D 123 2.34 -2.91 -11.35
C VAL D 123 2.52 -2.57 -12.82
N LEU D 124 1.74 -3.22 -13.68
CA LEU D 124 1.72 -2.97 -15.12
C LEU D 124 0.54 -2.06 -15.48
N TYR D 125 0.78 -0.92 -16.13
CA TYR D 125 -0.29 0.04 -16.35
C TYR D 125 -0.14 0.79 -17.67
N ARG D 126 -1.26 0.95 -18.38
CA ARG D 126 -1.27 1.55 -19.70
C ARG D 126 -2.08 2.83 -19.67
N ILE D 127 -1.70 3.82 -20.46
CA ILE D 127 -2.45 5.06 -20.56
C ILE D 127 -2.84 5.32 -21.99
N PHE D 128 -4.11 5.66 -22.18
CA PHE D 128 -4.67 5.90 -23.48
C PHE D 128 -4.96 7.39 -23.60
N THR D 129 -4.29 8.02 -24.57
CA THR D 129 -4.35 9.46 -24.81
C THR D 129 -5.20 9.71 -26.05
N VAL D 130 -6.33 10.42 -25.85
CA VAL D 130 -7.22 10.80 -26.94
C VAL D 130 -7.78 12.18 -26.65
N ASN D 131 -8.20 12.83 -27.74
CA ASN D 131 -8.76 14.17 -27.73
C ASN D 131 -10.22 14.12 -27.31
N HIS D 132 -10.91 15.25 -27.39
CA HIS D 132 -12.33 15.17 -27.12
C HIS D 132 -13.08 14.49 -28.24
N LYS D 133 -12.43 14.23 -29.36
CA LYS D 133 -12.99 13.47 -30.46
C LYS D 133 -12.64 11.98 -30.36
N LEU D 134 -12.03 11.59 -29.24
CA LEU D 134 -11.70 10.19 -28.92
C LEU D 134 -10.73 9.57 -29.91
N LEU D 135 -9.73 10.36 -30.34
CA LEU D 135 -8.76 9.80 -31.28
C LEU D 135 -7.39 9.68 -30.66
N PRO D 136 -6.71 8.56 -30.87
CA PRO D 136 -5.37 8.41 -30.28
C PRO D 136 -4.45 9.51 -30.80
N VAL D 137 -3.69 10.09 -29.88
CA VAL D 137 -2.75 11.12 -30.24
C VAL D 137 -1.44 10.79 -29.52
N GLY D 138 -0.34 11.44 -29.96
CA GLY D 138 0.87 11.48 -29.16
C GLY D 138 1.12 12.86 -28.59
N ARG D 139 1.00 13.05 -27.27
CA ARG D 139 1.14 14.36 -26.65
C ARG D 139 1.90 14.19 -25.35
N THR D 140 2.22 15.31 -24.72
CA THR D 140 2.99 15.33 -23.47
C THR D 140 2.08 15.26 -22.26
N VAL D 141 2.40 14.39 -21.31
CA VAL D 141 1.49 14.03 -20.24
C VAL D 141 2.29 13.84 -18.96
N MET D 142 1.68 14.17 -17.84
CA MET D 142 2.34 14.07 -16.55
C MET D 142 1.62 13.02 -15.70
N VAL D 143 2.38 12.11 -15.11
CA VAL D 143 1.87 10.98 -14.34
C VAL D 143 2.31 11.08 -12.89
N ASN D 144 1.37 11.03 -11.96
CA ASN D 144 1.68 11.20 -10.54
C ASN D 144 1.12 10.02 -9.78
N ILE D 145 1.95 9.31 -9.04
CA ILE D 145 1.48 8.15 -8.30
C ILE D 145 1.35 8.52 -6.84
N GLU D 146 0.13 8.51 -6.32
CA GLU D 146 -0.16 8.99 -4.98
C GLU D 146 -0.33 7.80 -4.05
N ASN D 147 0.31 7.83 -2.90
CA ASN D 147 0.10 6.81 -1.88
C ASN D 147 -1.23 7.05 -1.17
N PRO D 148 -1.61 6.16 -0.24
CA PRO D 148 -2.86 6.42 0.50
C PRO D 148 -2.91 7.83 1.08
N GLU D 149 -1.76 8.35 1.52
CA GLU D 149 -1.66 9.72 2.03
C GLU D 149 -2.08 10.76 0.97
N GLY D 150 -1.97 10.40 -0.33
CA GLY D 150 -2.24 11.25 -1.49
C GLY D 150 -1.01 11.82 -2.18
N ILE D 151 0.18 11.39 -1.78
CA ILE D 151 1.44 12.10 -1.95
C ILE D 151 2.17 11.52 -3.16
N PRO D 152 2.46 12.31 -4.19
CA PRO D 152 2.94 11.73 -5.47
C PRO D 152 4.39 11.29 -5.38
N VAL D 153 4.60 9.97 -5.35
CA VAL D 153 5.89 9.38 -5.07
C VAL D 153 6.59 8.98 -6.34
N LYS D 154 6.00 9.27 -7.49
CA LYS D 154 6.70 9.06 -8.75
C LYS D 154 6.04 9.97 -9.75
N GLN D 155 6.84 10.58 -10.61
CA GLN D 155 6.31 11.37 -11.68
C GLN D 155 7.17 11.13 -12.93
N ASP D 156 6.59 11.38 -14.10
CA ASP D 156 7.25 11.18 -15.40
C ASP D 156 6.45 11.89 -16.49
N SER D 157 7.12 12.26 -17.58
CA SER D 157 6.55 13.09 -18.63
C SER D 157 6.98 12.54 -19.99
N LEU D 158 6.03 12.02 -20.74
CA LEU D 158 6.38 11.34 -21.97
C LEU D 158 5.36 11.68 -23.03
N SER D 159 5.68 11.35 -24.25
CA SER D 159 4.80 11.59 -25.39
C SER D 159 4.66 10.29 -26.16
N SER D 160 3.52 10.11 -26.77
CA SER D 160 3.17 8.80 -27.25
C SER D 160 3.11 8.70 -28.76
N GLN D 161 3.45 9.76 -29.52
CA GLN D 161 3.28 9.68 -30.97
C GLN D 161 4.08 8.52 -31.52
N ASN D 162 3.37 7.71 -32.31
CA ASN D 162 3.84 6.45 -32.87
C ASN D 162 3.90 5.32 -31.84
N GLN D 163 3.31 5.55 -30.65
CA GLN D 163 2.96 4.46 -29.74
C GLN D 163 1.45 4.18 -29.78
N LEU D 164 0.74 4.84 -30.72
CA LEU D 164 -0.71 4.73 -30.98
C LEU D 164 -1.57 5.02 -29.74
N GLY D 165 -1.32 6.16 -29.07
CA GLY D 165 -2.07 6.52 -27.88
C GLY D 165 -1.89 5.60 -26.69
N VAL D 166 -0.96 4.66 -26.78
CA VAL D 166 -0.79 3.59 -25.80
C VAL D 166 0.47 3.85 -25.04
N LEU D 167 0.36 4.04 -23.74
CA LEU D 167 1.59 4.24 -22.99
C LEU D 167 1.73 3.07 -22.05
N PRO D 168 2.37 1.98 -22.47
CA PRO D 168 2.61 0.87 -21.56
C PRO D 168 3.65 1.25 -20.51
N LEU D 169 3.34 1.00 -19.24
CA LEU D 169 4.18 1.46 -18.13
C LEU D 169 4.43 0.35 -17.10
N SER D 170 5.28 0.63 -16.11
CA SER D 170 5.60 -0.36 -15.09
C SER D 170 6.13 0.32 -13.84
N TRP D 171 5.76 -0.24 -12.71
CA TRP D 171 6.19 0.26 -11.42
C TRP D 171 6.44 -0.91 -10.47
N ASP D 172 7.58 -0.88 -9.79
CA ASP D 172 7.92 -1.85 -8.76
C ASP D 172 7.43 -1.33 -7.42
N ILE D 173 6.59 -2.11 -6.74
CA ILE D 173 6.05 -1.70 -5.44
C ILE D 173 7.08 -2.01 -4.36
N PRO D 174 7.45 -1.03 -3.54
CA PRO D 174 8.38 -1.28 -2.42
C PRO D 174 7.90 -2.29 -1.39
N GLU D 175 8.85 -3.08 -0.87
CA GLU D 175 8.56 -4.10 0.13
C GLU D 175 8.04 -3.49 1.42
N LEU D 176 8.60 -2.35 1.78
CA LEU D 176 8.15 -1.56 2.90
C LEU D 176 7.40 -0.41 2.26
N VAL D 177 6.07 -0.41 2.42
CA VAL D 177 5.23 0.60 1.79
C VAL D 177 3.94 0.67 2.58
N ASN D 178 3.30 1.86 2.58
CA ASN D 178 2.02 1.97 3.28
C ASN D 178 0.94 1.35 2.42
N MET D 179 0.26 0.37 3.00
CA MET D 179 -0.89 -0.30 2.40
C MET D 179 -2.12 0.59 2.47
N GLY D 180 -3.03 0.31 1.57
CA GLY D 180 -4.20 1.13 1.55
C GLY D 180 -4.51 1.51 0.13
N GLN D 181 -5.35 2.52 0.01
CA GLN D 181 -5.87 2.89 -1.28
C GLN D 181 -4.90 3.83 -1.99
N TRP D 182 -4.31 3.32 -3.05
CA TRP D 182 -3.41 4.06 -3.87
C TRP D 182 -4.16 4.56 -5.09
N LYS D 183 -3.68 5.68 -5.61
CA LYS D 183 -4.30 6.41 -6.70
C LYS D 183 -3.29 6.56 -7.84
N ILE D 184 -3.80 6.89 -9.00
CA ILE D 184 -2.99 7.26 -10.14
C ILE D 184 -3.60 8.51 -10.74
N ARG D 185 -3.05 9.66 -10.41
CA ARG D 185 -3.40 10.90 -11.08
C ARG D 185 -2.44 11.18 -12.26
N ALA D 186 -3.00 11.67 -13.37
CA ALA D 186 -2.19 12.02 -14.52
C ALA D 186 -2.92 13.10 -15.31
N TYR D 187 -2.13 13.92 -16.02
CA TYR D 187 -2.65 15.09 -16.70
C TYR D 187 -1.73 15.56 -17.82
N TYR D 188 -2.33 16.20 -18.81
CA TYR D 188 -1.55 16.82 -19.86
C TYR D 188 -0.68 17.91 -19.24
N GLU D 189 0.51 18.12 -19.82
CA GLU D 189 1.36 19.23 -19.37
C GLU D 189 0.58 20.54 -19.36
N ASN D 190 -0.22 20.76 -20.42
CA ASN D 190 -0.87 22.02 -20.73
C ASN D 190 -2.08 22.30 -19.84
N SER D 191 -2.81 21.27 -19.42
CA SER D 191 -4.01 21.43 -18.61
C SER D 191 -3.84 20.69 -17.28
N PRO D 192 -3.26 21.36 -16.28
CA PRO D 192 -3.04 20.70 -14.99
C PRO D 192 -4.31 20.60 -14.16
N GLN D 193 -5.25 21.52 -14.32
CA GLN D 193 -6.51 21.41 -13.59
C GLN D 193 -7.30 20.17 -14.03
N GLN D 194 -7.08 19.71 -15.28
CA GLN D 194 -7.71 18.52 -15.87
C GLN D 194 -6.97 17.22 -15.54
N VAL D 195 -7.26 16.66 -14.35
CA VAL D 195 -6.61 15.47 -13.78
C VAL D 195 -7.54 14.26 -13.87
N PHE D 196 -7.04 13.17 -14.43
CA PHE D 196 -7.83 11.94 -14.46
C PHE D 196 -7.28 10.90 -13.47
N SER D 197 -8.18 10.17 -12.78
CA SER D 197 -7.77 9.26 -11.70
C SER D 197 -8.13 7.79 -11.97
N THR D 198 -7.39 6.92 -11.27
CA THR D 198 -7.66 5.50 -11.03
C THR D 198 -7.01 5.13 -9.68
N GLU D 199 -7.68 4.29 -8.90
CA GLU D 199 -7.17 3.76 -7.65
C GLU D 199 -6.71 2.32 -7.83
N PHE D 200 -5.97 1.85 -6.83
CA PHE D 200 -5.63 0.44 -6.70
C PHE D 200 -5.20 0.24 -5.25
N GLU D 201 -5.54 -0.92 -4.69
CA GLU D 201 -5.33 -1.18 -3.29
C GLU D 201 -4.04 -1.94 -3.06
N VAL D 202 -3.40 -1.62 -1.94
CA VAL D 202 -2.20 -2.29 -1.50
C VAL D 202 -2.48 -2.85 -0.11
N LYS D 203 -2.33 -4.17 0.00
CA LYS D 203 -2.57 -4.93 1.20
C LYS D 203 -1.86 -6.25 1.04
N GLU D 204 -1.56 -6.85 2.18
CA GLU D 204 -1.04 -8.21 2.23
C GLU D 204 -2.18 -9.21 2.25
N TYR D 205 -2.23 -10.06 1.23
CA TYR D 205 -3.32 -11.00 1.03
C TYR D 205 -2.79 -12.22 0.29
N VAL D 206 -3.68 -13.22 0.17
CA VAL D 206 -3.51 -14.38 -0.71
C VAL D 206 -4.76 -14.53 -1.59
N LEU D 207 -4.55 -14.91 -2.83
CA LEU D 207 -5.71 -15.21 -3.67
C LEU D 207 -6.58 -16.27 -2.99
N PRO D 208 -7.91 -16.04 -2.85
CA PRO D 208 -8.82 -17.09 -2.37
C PRO D 208 -9.11 -18.17 -3.42
N SER D 209 -9.89 -19.19 -3.01
CA SER D 209 -10.23 -20.33 -3.87
C SER D 209 -11.69 -20.43 -4.25
N PHE D 210 -12.57 -19.75 -3.51
CA PHE D 210 -14.00 -19.63 -3.79
C PHE D 210 -14.50 -18.26 -3.34
N GLU D 211 -15.63 -17.82 -3.92
CA GLU D 211 -16.25 -16.53 -3.59
C GLU D 211 -17.54 -16.71 -2.78
N VAL D 212 -17.97 -15.64 -2.08
CA VAL D 212 -19.13 -15.65 -1.17
C VAL D 212 -20.03 -14.47 -1.52
N ILE D 213 -21.29 -14.75 -1.86
CA ILE D 213 -22.19 -13.71 -2.35
C ILE D 213 -23.42 -13.68 -1.45
N VAL D 214 -23.74 -12.49 -0.97
CA VAL D 214 -24.75 -12.26 0.05
C VAL D 214 -25.84 -11.40 -0.58
N GLU D 215 -27.07 -11.94 -0.69
CA GLU D 215 -28.15 -11.28 -1.43
C GLU D 215 -29.49 -11.24 -0.70
N PRO D 216 -29.93 -10.07 -0.28
CA PRO D 216 -31.29 -9.93 0.27
C PRO D 216 -32.31 -9.89 -0.85
N THR D 217 -33.50 -10.40 -0.52
CA THR D 217 -34.53 -10.60 -1.54
C THR D 217 -34.76 -9.32 -2.35
N GLU D 218 -34.94 -8.20 -1.66
CA GLU D 218 -35.16 -6.91 -2.30
C GLU D 218 -34.06 -5.97 -1.82
N LYS D 219 -33.61 -5.10 -2.75
CA LYS D 219 -32.39 -4.33 -2.55
C LYS D 219 -32.39 -3.48 -1.30
N PHE D 220 -33.55 -3.24 -0.75
CA PHE D 220 -33.76 -2.33 0.36
C PHE D 220 -34.18 -3.16 1.54
N TYR D 221 -34.60 -2.49 2.61
CA TYR D 221 -35.33 -3.15 3.68
C TYR D 221 -36.71 -2.52 3.83
N TYR D 222 -37.76 -3.29 3.54
CA TYR D 222 -39.12 -2.80 3.70
C TYR D 222 -39.52 -2.81 5.18
N ILE D 223 -39.92 -1.65 5.69
CA ILE D 223 -40.14 -1.50 7.13
C ILE D 223 -41.29 -2.38 7.65
N TYR D 224 -42.30 -2.64 6.83
CA TYR D 224 -43.43 -3.42 7.29
C TYR D 224 -43.39 -4.87 6.81
N ASN D 225 -42.28 -5.32 6.23
CA ASN D 225 -42.24 -6.68 5.70
C ASN D 225 -42.25 -7.64 6.86
N GLU D 226 -43.38 -8.32 7.04
CA GLU D 226 -43.55 -9.20 8.18
C GLU D 226 -42.55 -10.34 8.17
N LYS D 227 -42.19 -10.83 6.97
CA LYS D 227 -41.18 -11.87 6.87
C LYS D 227 -39.91 -11.50 7.65
N GLY D 228 -39.63 -10.20 7.80
CA GLY D 228 -38.34 -9.73 8.31
C GLY D 228 -37.35 -9.52 7.16
N LEU D 229 -36.43 -10.47 6.95
CA LEU D 229 -35.61 -10.50 5.74
C LEU D 229 -35.02 -11.88 5.43
N GLU D 230 -35.35 -12.38 4.24
CA GLU D 230 -34.81 -13.62 3.69
C GLU D 230 -33.60 -13.31 2.81
N VAL D 231 -32.53 -14.07 2.99
CA VAL D 231 -31.26 -13.81 2.31
C VAL D 231 -30.78 -15.10 1.67
N THR D 232 -30.27 -14.99 0.45
CA THR D 232 -29.75 -16.11 -0.29
C THR D 232 -28.23 -15.98 -0.38
N ILE D 233 -27.51 -17.01 0.06
CA ILE D 233 -26.05 -17.05 0.07
C ILE D 233 -25.59 -17.90 -1.11
N THR D 234 -24.92 -17.29 -2.09
CA THR D 234 -24.28 -18.06 -3.16
C THR D 234 -22.76 -18.03 -2.98
N ALA D 235 -22.15 -19.22 -2.87
CA ALA D 235 -20.72 -19.41 -2.61
C ALA D 235 -20.17 -20.39 -3.61
N ARG D 236 -19.15 -19.97 -4.37
CA ARG D 236 -18.66 -20.84 -5.43
C ARG D 236 -17.17 -20.63 -5.65
N PHE D 237 -16.51 -21.74 -6.03
CA PHE D 237 -15.11 -21.75 -6.42
C PHE D 237 -14.85 -21.00 -7.69
N LEU D 238 -13.61 -20.50 -7.80
CA LEU D 238 -13.25 -19.67 -8.93
C LEU D 238 -13.30 -20.46 -10.23
N TYR D 239 -12.98 -21.76 -10.17
CA TYR D 239 -12.80 -22.56 -11.37
C TYR D 239 -14.11 -22.93 -12.02
N GLY D 240 -15.22 -22.90 -11.25
CA GLY D 240 -16.61 -23.13 -11.69
C GLY D 240 -17.46 -24.15 -10.94
N LYS D 241 -17.05 -24.52 -9.72
CA LYS D 241 -17.76 -25.52 -8.93
C LYS D 241 -18.26 -24.90 -7.65
N LYS D 242 -19.36 -25.47 -7.14
CA LYS D 242 -20.07 -25.03 -5.94
C LYS D 242 -19.46 -25.57 -4.65
N VAL D 243 -19.68 -24.83 -3.58
CA VAL D 243 -18.97 -24.98 -2.32
C VAL D 243 -19.91 -25.56 -1.27
N GLU D 244 -19.36 -26.40 -0.37
CA GLU D 244 -20.11 -27.06 0.69
C GLU D 244 -19.53 -26.59 2.03
N GLY D 245 -20.33 -25.96 2.88
CA GLY D 245 -19.77 -25.41 4.09
C GLY D 245 -20.70 -24.81 5.11
N THR D 246 -20.23 -23.79 5.83
CA THR D 246 -20.99 -23.18 6.92
C THR D 246 -20.63 -21.70 7.01
N ALA D 247 -21.58 -20.87 7.43
CA ALA D 247 -21.47 -19.41 7.28
C ALA D 247 -21.57 -18.64 8.60
N PHE D 248 -20.94 -17.46 8.61
CA PHE D 248 -21.06 -16.47 9.69
C PHE D 248 -21.66 -15.19 9.13
N VAL D 249 -22.88 -14.85 9.54
CA VAL D 249 -23.60 -13.70 9.01
C VAL D 249 -23.77 -12.63 10.08
N ILE D 250 -23.24 -11.44 9.83
CA ILE D 250 -23.38 -10.29 10.71
C ILE D 250 -23.82 -9.09 9.87
N PHE D 251 -24.67 -8.26 10.47
CA PHE D 251 -25.22 -7.08 9.82
C PHE D 251 -24.81 -5.84 10.61
N GLY D 252 -25.09 -4.67 10.02
CA GLY D 252 -24.84 -3.42 10.71
C GLY D 252 -25.56 -2.29 10.02
N ILE D 253 -25.51 -1.11 10.64
CA ILE D 253 -26.10 0.09 10.08
C ILE D 253 -25.01 1.14 9.88
N GLN D 254 -25.15 1.90 8.79
CA GLN D 254 -24.27 3.00 8.43
C GLN D 254 -25.08 4.27 8.30
N ASP D 255 -24.66 5.31 9.00
CA ASP D 255 -25.28 6.64 8.91
C ASP D 255 -24.22 7.56 8.33
N GLY D 256 -24.24 7.74 7.02
CA GLY D 256 -23.24 8.56 6.36
C GLY D 256 -21.86 7.96 6.50
N GLU D 257 -21.04 8.55 7.37
CA GLU D 257 -19.76 7.98 7.75
C GLU D 257 -19.81 7.24 9.08
N GLN D 258 -20.96 7.29 9.75
CA GLN D 258 -21.15 6.73 11.08
C GLN D 258 -21.78 5.35 10.94
N ARG D 259 -21.06 4.31 11.33
CA ARG D 259 -21.56 2.96 11.27
C ARG D 259 -21.79 2.42 12.67
N ILE D 260 -22.88 1.70 12.83
CA ILE D 260 -23.22 1.07 14.09
C ILE D 260 -23.43 -0.42 13.83
N SER D 261 -22.71 -1.24 14.60
CA SER D 261 -22.77 -2.68 14.49
C SER D 261 -23.99 -3.23 15.22
N LEU D 262 -24.54 -4.33 14.70
CA LEU D 262 -25.77 -4.94 15.20
C LEU D 262 -25.47 -6.31 15.78
N PRO D 263 -25.04 -6.37 17.06
CA PRO D 263 -24.55 -7.65 17.61
C PRO D 263 -25.60 -8.75 17.79
N GLU D 264 -26.87 -8.44 18.04
CA GLU D 264 -27.80 -9.52 18.38
C GLU D 264 -28.19 -10.41 17.18
N SER D 265 -27.86 -9.99 15.95
CA SER D 265 -28.37 -10.60 14.73
C SER D 265 -27.47 -11.67 14.14
N LEU D 266 -26.26 -11.85 14.66
CA LEU D 266 -25.34 -12.85 14.10
C LEU D 266 -25.93 -14.25 14.15
N LYS D 267 -25.92 -14.93 12.99
CA LYS D 267 -26.49 -16.26 12.87
C LYS D 267 -25.44 -17.20 12.31
N ARG D 268 -25.33 -18.38 12.91
CA ARG D 268 -24.37 -19.41 12.49
C ARG D 268 -25.10 -20.50 11.72
N ILE D 269 -24.77 -20.62 10.43
CA ILE D 269 -25.71 -21.21 9.50
C ILE D 269 -25.02 -22.06 8.44
N PRO D 270 -25.63 -23.19 8.09
CA PRO D 270 -24.98 -24.16 7.19
C PRO D 270 -25.08 -23.74 5.73
N ILE D 271 -24.24 -24.35 4.88
CA ILE D 271 -24.21 -24.04 3.45
C ILE D 271 -24.31 -25.33 2.64
N GLU D 272 -25.30 -25.39 1.74
CA GLU D 272 -25.83 -26.63 1.18
C GLU D 272 -25.69 -26.64 -0.33
N ASP D 273 -24.74 -27.45 -0.78
CA ASP D 273 -24.47 -27.69 -2.19
C ASP D 273 -24.47 -26.37 -2.97
N GLY D 274 -23.63 -25.45 -2.53
CA GLY D 274 -23.48 -24.21 -3.27
C GLY D 274 -24.71 -23.35 -3.23
N SER D 275 -25.52 -23.49 -2.19
CA SER D 275 -26.78 -22.79 -2.07
C SER D 275 -27.12 -22.71 -0.59
N GLY D 276 -27.93 -21.72 -0.24
CA GLY D 276 -28.28 -21.54 1.15
C GLY D 276 -29.42 -20.56 1.27
N GLU D 277 -30.20 -20.67 2.33
CA GLU D 277 -31.16 -19.65 2.69
C GLU D 277 -30.97 -19.32 4.15
N VAL D 278 -31.12 -18.04 4.48
CA VAL D 278 -31.15 -17.62 5.87
C VAL D 278 -32.33 -16.68 6.00
N VAL D 279 -32.91 -16.67 7.19
CA VAL D 279 -34.10 -15.90 7.45
C VAL D 279 -33.91 -15.15 8.76
N LEU D 280 -34.14 -13.85 8.71
CA LEU D 280 -34.15 -13.00 9.88
C LEU D 280 -35.61 -12.70 10.19
N SER D 281 -36.18 -13.40 11.18
CA SER D 281 -37.58 -13.20 11.54
C SER D 281 -37.81 -11.79 12.08
N ARG D 282 -38.95 -11.21 11.70
CA ARG D 282 -39.27 -9.86 12.14
C ARG D 282 -39.27 -9.71 13.67
N LYS D 283 -39.59 -10.78 14.41
CA LYS D 283 -39.60 -10.71 15.87
C LYS D 283 -38.22 -10.35 16.41
N VAL D 284 -37.20 -11.10 15.98
CA VAL D 284 -35.82 -10.88 16.40
C VAL D 284 -35.33 -9.51 15.99
N LEU D 285 -35.64 -9.13 14.74
CA LEU D 285 -35.26 -7.84 14.19
C LEU D 285 -35.63 -6.68 15.11
N LEU D 286 -36.90 -6.63 15.53
CA LEU D 286 -37.41 -5.47 16.23
C LEU D 286 -36.93 -5.37 17.68
N ASP D 287 -36.52 -6.51 18.27
CA ASP D 287 -36.06 -6.49 19.65
C ASP D 287 -34.78 -5.70 19.79
N GLY D 288 -33.93 -5.75 18.76
CA GLY D 288 -32.68 -5.02 18.81
C GLY D 288 -32.86 -3.51 18.97
N VAL D 289 -33.74 -2.91 18.16
CA VAL D 289 -33.68 -1.49 17.81
C VAL D 289 -33.65 -0.60 19.06
N GLN D 290 -32.97 0.54 18.96
CA GLN D 290 -32.67 1.39 20.09
C GLN D 290 -33.83 2.35 20.36
N ASN D 291 -34.11 3.22 19.38
CA ASN D 291 -35.29 4.10 19.35
C ASN D 291 -36.34 3.42 18.49
N PRO D 292 -37.46 2.95 19.06
CA PRO D 292 -38.23 1.87 18.38
C PRO D 292 -38.74 2.22 16.98
N ARG D 293 -39.28 3.42 16.77
CA ARG D 293 -39.79 3.83 15.45
C ARG D 293 -39.74 5.36 15.42
N ALA D 294 -39.10 5.92 14.40
CA ALA D 294 -38.96 7.36 14.26
C ALA D 294 -38.60 7.68 12.82
N GLU D 295 -38.63 8.98 12.48
CA GLU D 295 -38.16 9.43 11.17
C GLU D 295 -36.64 9.45 11.10
N ASP D 296 -35.96 9.51 12.26
CA ASP D 296 -34.50 9.49 12.31
C ASP D 296 -33.93 8.22 11.65
N LEU D 297 -34.69 7.11 11.73
CA LEU D 297 -34.23 5.83 11.20
C LEU D 297 -34.01 5.89 9.67
N VAL D 298 -34.83 6.66 8.95
CA VAL D 298 -34.68 6.79 7.51
C VAL D 298 -33.41 7.57 7.19
N GLY D 299 -32.79 7.24 6.06
CA GLY D 299 -31.44 7.70 5.79
C GLY D 299 -30.35 6.78 6.33
N LYS D 300 -30.70 5.68 6.99
CA LYS D 300 -29.76 4.69 7.51
C LYS D 300 -29.79 3.45 6.60
N SER D 301 -28.60 2.99 6.22
CA SER D 301 -28.41 1.87 5.32
C SER D 301 -27.83 0.69 6.08
N LEU D 302 -27.88 -0.49 5.48
CA LEU D 302 -27.47 -1.72 6.13
C LEU D 302 -26.32 -2.36 5.37
N TYR D 303 -25.41 -2.98 6.11
CA TYR D 303 -24.22 -3.66 5.58
C TYR D 303 -24.11 -5.06 6.19
N VAL D 304 -23.71 -6.06 5.39
CA VAL D 304 -23.67 -7.44 5.86
C VAL D 304 -22.31 -8.07 5.59
N SER D 305 -21.65 -8.50 6.65
CA SER D 305 -20.35 -9.16 6.61
C SER D 305 -20.52 -10.68 6.76
N ALA D 306 -19.97 -11.44 5.82
CA ALA D 306 -20.10 -12.88 5.82
C ALA D 306 -18.73 -13.53 5.92
N THR D 307 -18.61 -14.47 6.84
CA THR D 307 -17.39 -15.24 7.03
C THR D 307 -17.76 -16.72 6.89
N VAL D 308 -17.31 -17.35 5.82
CA VAL D 308 -17.64 -18.74 5.54
C VAL D 308 -16.37 -19.58 5.62
N ILE D 309 -16.46 -20.74 6.29
CA ILE D 309 -15.36 -21.68 6.40
C ILE D 309 -15.72 -22.97 5.68
N LEU D 310 -14.79 -23.47 4.88
CA LEU D 310 -14.97 -24.73 4.19
C LEU D 310 -15.09 -25.89 5.17
N HIS D 311 -15.47 -27.05 4.63
CA HIS D 311 -15.33 -28.31 5.37
C HIS D 311 -13.86 -28.65 5.59
N SER D 312 -12.96 -28.07 4.77
CA SER D 312 -11.53 -28.24 4.96
C SER D 312 -11.04 -27.56 6.26
N GLY D 313 -11.81 -26.59 6.79
CA GLY D 313 -11.38 -25.77 7.92
C GLY D 313 -10.28 -24.80 7.60
N SER D 314 -9.80 -24.80 6.36
CA SER D 314 -8.57 -24.11 5.99
C SER D 314 -8.85 -22.74 5.36
N ASP D 315 -9.50 -22.71 4.19
CA ASP D 315 -9.72 -21.46 3.49
C ASP D 315 -10.90 -20.71 4.09
N MET D 316 -10.79 -19.38 4.13
CA MET D 316 -11.76 -18.51 4.78
C MET D 316 -11.98 -17.22 3.98
N VAL D 317 -13.24 -16.83 3.76
CA VAL D 317 -13.58 -15.67 2.91
C VAL D 317 -14.45 -14.68 3.67
N GLN D 318 -14.06 -13.40 3.63
CA GLN D 318 -14.85 -12.30 4.19
C GLN D 318 -15.62 -11.65 3.05
N ALA D 319 -16.95 -11.59 3.18
CA ALA D 319 -17.77 -11.00 2.14
C ALA D 319 -18.70 -9.93 2.72
N GLU D 320 -19.18 -9.04 1.86
CA GLU D 320 -20.00 -7.96 2.36
C GLU D 320 -20.96 -7.46 1.29
N ARG D 321 -22.20 -7.23 1.71
CA ARG D 321 -23.16 -6.42 0.97
C ARG D 321 -23.36 -5.16 1.79
N SER D 322 -23.11 -4.01 1.18
CA SER D 322 -23.30 -2.73 1.83
C SER D 322 -24.25 -1.87 1.01
N GLY D 323 -24.82 -0.87 1.70
CA GLY D 323 -25.71 0.07 1.09
C GLY D 323 -27.16 -0.34 1.02
N ILE D 324 -27.63 -1.19 1.92
CA ILE D 324 -29.04 -1.61 1.93
C ILE D 324 -29.93 -0.59 2.62
N PRO D 325 -30.70 0.17 1.85
CA PRO D 325 -31.45 1.30 2.41
C PRO D 325 -32.71 0.80 3.13
N ILE D 326 -32.97 1.38 4.30
CA ILE D 326 -34.24 1.27 5.01
C ILE D 326 -35.22 2.26 4.37
N VAL D 327 -36.08 1.77 3.47
CA VAL D 327 -36.86 2.60 2.56
C VAL D 327 -38.33 2.59 2.95
N THR D 328 -39.02 3.62 2.50
CA THR D 328 -40.45 3.59 2.33
C THR D 328 -40.87 3.42 0.86
N SER D 329 -39.96 3.62 -0.11
CA SER D 329 -40.28 3.51 -1.54
C SER D 329 -39.34 2.53 -2.23
N PRO D 330 -39.86 1.47 -2.87
CA PRO D 330 -38.98 0.58 -3.64
C PRO D 330 -38.40 1.23 -4.85
N TYR D 331 -38.93 2.38 -5.27
CA TYR D 331 -38.59 3.04 -6.51
C TYR D 331 -38.01 4.43 -6.24
N GLN D 332 -37.61 5.05 -7.36
CA GLN D 332 -37.11 6.43 -7.46
C GLN D 332 -37.41 6.96 -8.86
N ILE D 333 -38.18 8.06 -8.95
CA ILE D 333 -38.65 8.59 -10.24
C ILE D 333 -37.82 9.79 -10.64
N HIS D 334 -37.49 9.90 -11.93
CA HIS D 334 -36.65 10.98 -12.38
C HIS D 334 -37.07 11.62 -13.70
N PHE D 335 -36.73 12.90 -13.76
CA PHE D 335 -36.92 13.79 -14.89
C PHE D 335 -35.59 14.19 -15.52
N THR D 336 -34.50 13.50 -15.15
CA THR D 336 -33.16 14.04 -15.38
C THR D 336 -32.91 14.36 -16.84
N LYS D 337 -33.69 13.80 -17.74
CA LYS D 337 -33.52 14.15 -19.14
C LYS D 337 -34.77 14.78 -19.72
N THR D 338 -35.60 15.46 -18.90
CA THR D 338 -36.80 16.15 -19.40
C THR D 338 -36.57 17.64 -19.49
N PRO D 339 -36.84 18.27 -20.65
CA PRO D 339 -36.62 19.71 -20.80
C PRO D 339 -37.28 20.47 -19.66
N LYS D 340 -36.71 21.61 -19.30
CA LYS D 340 -37.36 22.45 -18.29
C LYS D 340 -38.11 23.64 -18.91
N TYR D 341 -38.31 23.61 -20.24
CA TYR D 341 -39.09 24.58 -21.00
C TYR D 341 -39.96 23.86 -22.02
N PHE D 342 -41.20 24.34 -22.19
CA PHE D 342 -42.18 23.77 -23.12
C PHE D 342 -42.77 24.83 -24.03
N LYS D 343 -43.38 24.32 -25.11
CA LYS D 343 -44.12 25.15 -26.06
C LYS D 343 -45.61 25.08 -25.79
N PRO D 344 -46.22 26.15 -25.28
CA PRO D 344 -47.68 26.17 -25.05
C PRO D 344 -48.51 25.77 -26.26
N GLY D 345 -49.47 24.87 -26.04
CA GLY D 345 -50.25 24.32 -27.12
C GLY D 345 -49.58 23.21 -27.90
N MET D 346 -48.42 22.73 -27.44
CA MET D 346 -47.60 21.78 -28.17
C MET D 346 -47.29 20.59 -27.29
N PRO D 347 -47.25 19.38 -27.85
CA PRO D 347 -46.88 18.20 -27.04
C PRO D 347 -45.60 18.37 -26.23
N PHE D 348 -45.67 18.09 -24.94
CA PHE D 348 -44.54 18.17 -24.05
C PHE D 348 -44.06 16.77 -23.70
N ASP D 349 -42.85 16.42 -24.13
CA ASP D 349 -42.33 15.06 -23.99
C ASP D 349 -41.64 14.89 -22.63
N LEU D 350 -42.13 13.96 -21.83
CA LEU D 350 -41.47 13.57 -20.61
C LEU D 350 -40.76 12.25 -20.80
N MET D 351 -39.57 12.16 -20.22
CA MET D 351 -38.86 10.89 -20.11
C MET D 351 -38.70 10.65 -18.60
N VAL D 352 -39.69 9.97 -18.05
CA VAL D 352 -39.68 9.59 -16.63
C VAL D 352 -38.64 8.51 -16.42
N PHE D 353 -37.73 8.71 -15.45
CA PHE D 353 -36.77 7.65 -15.17
C PHE D 353 -37.00 7.05 -13.81
N VAL D 354 -37.22 5.76 -13.82
CA VAL D 354 -37.43 4.97 -12.62
C VAL D 354 -36.15 4.24 -12.27
N THR D 355 -35.73 4.36 -11.02
CA THR D 355 -34.54 3.69 -10.52
C THR D 355 -34.90 2.98 -9.24
N ASN D 356 -34.22 1.88 -9.02
CA ASN D 356 -34.28 1.19 -7.76
C ASN D 356 -33.36 1.92 -6.79
N PRO D 357 -33.48 1.65 -5.47
CA PRO D 357 -32.82 2.55 -4.48
C PRO D 357 -31.33 2.75 -4.70
N ASP D 358 -30.62 1.71 -5.17
CA ASP D 358 -29.21 1.83 -5.54
C ASP D 358 -29.03 2.78 -6.70
N GLY D 359 -30.07 2.96 -7.51
CA GLY D 359 -30.01 3.72 -8.75
C GLY D 359 -30.34 2.92 -9.99
N SER D 360 -30.51 1.61 -9.88
CA SER D 360 -30.65 0.76 -11.06
C SER D 360 -32.03 0.96 -11.70
N PRO D 361 -32.10 1.06 -13.02
CA PRO D 361 -33.40 1.27 -13.69
C PRO D 361 -34.38 0.10 -13.45
N ALA D 362 -35.67 0.40 -13.56
CA ALA D 362 -36.73 -0.56 -13.30
C ALA D 362 -37.47 -0.97 -14.58
N TYR D 363 -37.72 -2.28 -14.71
CA TYR D 363 -38.32 -2.90 -15.89
C TYR D 363 -39.83 -3.10 -15.69
N ARG D 364 -40.63 -2.67 -16.70
CA ARG D 364 -42.10 -2.85 -16.75
C ARG D 364 -42.80 -2.28 -15.51
N VAL D 365 -42.53 -1.02 -15.23
CA VAL D 365 -43.05 -0.35 -14.05
C VAL D 365 -44.10 0.64 -14.51
N PRO D 366 -45.36 0.44 -14.18
CA PRO D 366 -46.37 1.48 -14.45
C PRO D 366 -46.17 2.72 -13.60
N VAL D 367 -46.16 3.88 -14.26
CA VAL D 367 -46.01 5.20 -13.63
C VAL D 367 -47.05 6.12 -14.27
N ALA D 368 -47.41 7.18 -13.56
CA ALA D 368 -48.53 7.98 -14.05
C ALA D 368 -48.43 9.41 -13.53
N VAL D 369 -49.01 10.35 -14.30
CA VAL D 369 -49.01 11.76 -13.93
C VAL D 369 -50.21 11.98 -13.01
N GLN D 370 -50.07 12.99 -12.19
CA GLN D 370 -51.15 13.27 -11.24
C GLN D 370 -52.41 13.46 -12.05
N GLY D 371 -53.55 13.24 -11.40
CA GLY D 371 -54.86 13.26 -12.08
C GLY D 371 -55.26 11.84 -12.40
N GLU D 372 -54.40 10.87 -12.11
CA GLU D 372 -54.70 9.44 -12.31
C GLU D 372 -55.16 9.24 -13.75
N ASP D 373 -56.36 8.69 -13.89
CA ASP D 373 -57.03 8.47 -15.20
C ASP D 373 -56.22 7.51 -16.08
N THR D 374 -55.96 7.90 -17.32
CA THR D 374 -55.26 7.02 -18.30
C THR D 374 -53.81 7.42 -18.59
N VAL D 375 -53.18 8.29 -17.79
CA VAL D 375 -51.77 8.63 -18.11
C VAL D 375 -50.86 7.42 -17.95
N GLN D 376 -51.10 6.58 -16.95
CA GLN D 376 -50.16 5.54 -16.54
C GLN D 376 -49.42 4.84 -17.69
N SER D 377 -48.11 4.66 -17.53
CA SER D 377 -47.23 4.08 -18.55
C SER D 377 -46.19 3.20 -17.86
N LEU D 378 -45.62 2.28 -18.62
CA LEU D 378 -44.74 1.26 -18.06
C LEU D 378 -43.30 1.61 -18.40
N THR D 379 -42.42 1.55 -17.42
CA THR D 379 -41.02 1.73 -17.73
C THR D 379 -40.56 0.58 -18.60
N GLN D 380 -39.72 0.90 -19.56
CA GLN D 380 -39.10 -0.11 -20.40
C GLN D 380 -37.89 -0.68 -19.65
N GLY D 381 -37.10 -1.54 -20.28
CA GLY D 381 -36.01 -2.16 -19.53
C GLY D 381 -35.02 -1.16 -18.98
N ASP D 382 -34.86 -0.02 -19.65
CA ASP D 382 -33.95 1.05 -19.31
C ASP D 382 -34.45 1.93 -18.16
N GLY D 383 -35.63 1.67 -17.60
CA GLY D 383 -36.16 2.49 -16.52
C GLY D 383 -36.96 3.68 -17.00
N VAL D 384 -37.41 3.64 -18.24
CA VAL D 384 -37.98 4.81 -18.90
C VAL D 384 -39.34 4.46 -19.45
N ALA D 385 -40.29 5.36 -19.26
CA ALA D 385 -41.50 5.43 -20.05
C ALA D 385 -41.67 6.86 -20.57
N LYS D 386 -42.28 6.98 -21.74
CA LYS D 386 -42.41 8.28 -22.38
C LYS D 386 -43.85 8.77 -22.29
N LEU D 387 -44.01 9.98 -21.77
CA LEU D 387 -45.30 10.64 -21.57
C LEU D 387 -45.29 11.99 -22.27
N SER D 388 -46.09 12.10 -23.34
CA SER D 388 -46.32 13.31 -24.14
C SER D 388 -47.76 13.80 -23.97
N ILE D 389 -47.93 15.00 -23.42
CA ILE D 389 -49.18 15.39 -22.79
C ILE D 389 -49.80 16.55 -23.52
N ASN D 390 -50.84 17.09 -22.90
CA ASN D 390 -51.45 18.33 -23.33
C ASN D 390 -50.75 19.50 -22.61
N THR D 391 -50.26 20.47 -23.39
CA THR D 391 -49.73 21.73 -22.86
C THR D 391 -50.84 22.78 -22.71
N HIS D 392 -50.80 23.53 -21.62
CA HIS D 392 -51.82 24.58 -21.62
C HIS D 392 -51.42 25.67 -22.61
N PRO D 393 -52.36 26.17 -23.46
CA PRO D 393 -52.06 27.37 -24.27
C PRO D 393 -52.11 28.70 -23.50
N SER D 394 -51.02 28.97 -22.78
CA SER D 394 -50.82 30.09 -21.88
C SER D 394 -49.36 30.14 -21.47
N GLN D 395 -48.86 31.36 -21.24
CA GLN D 395 -47.50 31.55 -20.73
C GLN D 395 -47.42 31.32 -19.23
N LYS D 396 -48.45 30.78 -18.63
CA LYS D 396 -48.47 30.59 -17.20
C LYS D 396 -47.65 29.36 -16.81
N PRO D 397 -47.03 29.36 -15.63
CA PRO D 397 -46.23 28.20 -15.19
C PRO D 397 -47.02 26.89 -15.14
N LEU D 398 -46.43 25.85 -15.74
CA LEU D 398 -46.97 24.50 -15.70
C LEU D 398 -46.34 23.72 -14.55
N SER D 399 -47.18 23.02 -13.76
CA SER D 399 -46.76 22.28 -12.57
C SER D 399 -47.21 20.82 -12.75
N ILE D 400 -46.28 19.87 -12.55
CA ILE D 400 -46.44 18.46 -12.90
C ILE D 400 -46.03 17.53 -11.75
N THR D 401 -46.90 16.57 -11.43
CA THR D 401 -46.62 15.61 -10.37
C THR D 401 -46.96 14.23 -10.94
N VAL D 402 -46.01 13.30 -10.83
CA VAL D 402 -46.11 11.97 -11.40
C VAL D 402 -45.87 10.92 -10.31
N ARG D 403 -46.64 9.84 -10.40
CA ARG D 403 -46.58 8.72 -9.48
C ARG D 403 -46.40 7.46 -10.31
N THR D 404 -45.94 6.41 -9.65
CA THR D 404 -45.93 5.10 -10.28
C THR D 404 -47.23 4.36 -9.93
N LYS D 405 -47.93 3.90 -10.96
CA LYS D 405 -49.25 3.26 -10.77
C LYS D 405 -49.04 1.75 -10.66
N LYS D 406 -48.48 1.32 -9.54
CA LYS D 406 -48.28 -0.11 -9.26
C LYS D 406 -49.53 -0.65 -8.58
N GLN D 407 -50.53 -1.09 -9.36
CA GLN D 407 -51.76 -1.58 -8.75
C GLN D 407 -51.51 -2.95 -8.09
N GLU D 408 -52.32 -3.25 -7.06
CA GLU D 408 -52.19 -4.33 -6.05
C GLU D 408 -51.16 -3.94 -4.99
N LEU D 409 -50.71 -2.68 -5.00
CA LEU D 409 -49.97 -2.06 -3.92
C LEU D 409 -50.64 -0.73 -3.57
N SER D 410 -50.51 -0.31 -2.31
CA SER D 410 -51.21 0.88 -1.88
C SER D 410 -50.58 2.15 -2.45
N GLU D 411 -51.35 3.23 -2.44
CA GLU D 411 -50.85 4.52 -2.93
C GLU D 411 -49.70 5.04 -2.05
N ALA D 412 -49.75 4.80 -0.73
CA ALA D 412 -48.63 5.14 0.13
C ALA D 412 -47.32 4.51 -0.35
N GLU D 413 -47.39 3.27 -0.85
CA GLU D 413 -46.19 2.60 -1.36
C GLU D 413 -45.69 3.20 -2.68
N GLN D 414 -46.57 3.81 -3.48
CA GLN D 414 -46.11 4.41 -4.71
C GLN D 414 -45.29 5.67 -4.49
N ALA D 415 -44.42 5.92 -5.46
CA ALA D 415 -43.51 7.04 -5.44
C ALA D 415 -44.06 8.20 -6.27
N THR D 416 -43.89 9.42 -5.76
CA THR D 416 -44.37 10.62 -6.44
C THR D 416 -43.31 11.69 -6.45
N ARG D 417 -43.38 12.55 -7.47
CA ARG D 417 -42.49 13.70 -7.48
C ARG D 417 -43.06 14.81 -8.35
N THR D 418 -42.69 16.06 -8.02
CA THR D 418 -43.19 17.27 -8.67
C THR D 418 -42.05 18.13 -9.18
N MET D 419 -42.16 18.59 -10.43
CA MET D 419 -41.33 19.62 -11.04
C MET D 419 -42.24 20.66 -11.70
N GLN D 420 -41.63 21.72 -12.27
CA GLN D 420 -42.35 22.81 -12.91
C GLN D 420 -41.70 23.20 -14.23
N ALA D 421 -42.51 23.37 -15.29
CA ALA D 421 -42.01 23.69 -16.63
C ALA D 421 -42.62 24.99 -17.17
N LEU D 422 -41.79 25.78 -17.87
CA LEU D 422 -42.11 27.17 -18.16
C LEU D 422 -42.23 27.42 -19.65
N PRO D 423 -42.91 28.48 -20.04
CA PRO D 423 -43.15 28.72 -21.46
C PRO D 423 -41.93 29.28 -22.18
N TYR D 424 -41.71 28.83 -23.41
CA TYR D 424 -40.74 29.48 -24.27
C TYR D 424 -41.24 30.87 -24.61
N SER D 425 -40.66 31.91 -24.01
CA SER D 425 -41.08 33.29 -24.27
C SER D 425 -40.80 33.70 -25.72
N THR D 426 -41.80 34.30 -26.37
CA THR D 426 -41.75 34.65 -27.78
C THR D 426 -41.61 36.16 -27.94
N VAL D 427 -41.17 36.56 -29.13
CA VAL D 427 -40.85 37.96 -29.46
C VAL D 427 -42.13 38.78 -29.64
N GLY D 428 -42.29 39.81 -28.82
CA GLY D 428 -43.43 40.71 -28.93
C GLY D 428 -44.77 40.06 -28.66
N ASN D 429 -44.77 38.98 -27.86
CA ASN D 429 -45.92 38.10 -27.73
C ASN D 429 -46.52 37.81 -29.12
N SER D 430 -45.65 37.42 -30.06
CA SER D 430 -46.13 37.01 -31.39
C SER D 430 -46.61 35.57 -31.41
N ASN D 431 -46.24 34.78 -30.40
CA ASN D 431 -46.60 33.36 -30.28
C ASN D 431 -46.13 32.58 -31.50
N ASN D 432 -45.00 33.00 -32.03
CA ASN D 432 -44.31 32.23 -33.04
C ASN D 432 -43.46 31.21 -32.32
N TYR D 433 -43.74 29.93 -32.58
CA TYR D 433 -43.08 28.82 -31.90
C TYR D 433 -42.49 27.88 -32.92
N LEU D 434 -41.51 27.10 -32.50
CA LEU D 434 -41.11 25.93 -33.26
C LEU D 434 -41.11 24.74 -32.32
N HIS D 435 -41.80 23.67 -32.71
CA HIS D 435 -41.79 22.46 -31.91
C HIS D 435 -41.31 21.28 -32.74
N LEU D 436 -40.36 20.56 -32.17
CA LEU D 436 -39.74 19.41 -32.77
C LEU D 436 -40.25 18.16 -32.07
N SER D 437 -40.73 17.22 -32.86
CA SER D 437 -41.32 16.01 -32.34
C SER D 437 -40.69 14.82 -33.04
N VAL D 438 -40.24 13.84 -32.23
CA VAL D 438 -39.92 12.51 -32.71
C VAL D 438 -39.98 11.63 -31.47
N LEU D 439 -40.09 10.32 -31.64
CA LEU D 439 -40.23 9.47 -30.42
C LEU D 439 -38.88 8.97 -29.94
N ARG D 440 -38.71 8.89 -28.61
CA ARG D 440 -37.40 8.51 -28.04
C ARG D 440 -37.44 7.33 -27.07
N THR D 441 -36.78 6.25 -27.45
CA THR D 441 -36.57 5.03 -26.62
C THR D 441 -35.38 4.30 -27.22
N GLU D 442 -34.18 4.85 -27.00
CA GLU D 442 -32.84 4.40 -27.49
C GLU D 442 -32.67 4.80 -28.97
N LEU D 443 -31.52 4.48 -29.56
CA LEU D 443 -31.29 4.78 -30.99
C LEU D 443 -30.18 3.85 -31.50
N ARG D 444 -30.18 3.53 -32.78
CA ARG D 444 -29.15 2.61 -33.24
C ARG D 444 -28.47 3.06 -34.54
N PRO D 445 -27.17 2.79 -34.67
CA PRO D 445 -26.44 3.19 -35.89
C PRO D 445 -26.97 2.47 -37.12
N GLY D 446 -27.17 3.24 -38.18
CA GLY D 446 -27.67 2.74 -39.44
C GLY D 446 -29.13 3.07 -39.64
N GLU D 447 -29.84 3.34 -38.56
CA GLU D 447 -31.20 3.77 -38.70
C GLU D 447 -31.20 5.18 -39.25
N THR D 448 -32.26 5.50 -39.97
CA THR D 448 -32.56 6.84 -40.37
C THR D 448 -33.59 7.36 -39.37
N LEU D 449 -33.34 8.52 -38.76
CA LEU D 449 -34.22 9.05 -37.73
C LEU D 449 -35.02 10.22 -38.26
N ASN D 450 -36.32 10.04 -38.41
CA ASN D 450 -37.16 11.07 -39.01
C ASN D 450 -37.44 12.14 -37.98
N VAL D 451 -37.05 13.36 -38.28
CA VAL D 451 -37.26 14.48 -37.40
C VAL D 451 -38.44 15.28 -37.91
N ASN D 452 -39.38 15.56 -37.01
CA ASN D 452 -40.61 16.21 -37.43
C ASN D 452 -40.57 17.66 -36.96
N PHE D 453 -40.72 18.57 -37.92
CA PHE D 453 -40.65 19.99 -37.66
C PHE D 453 -42.06 20.53 -37.66
N LEU D 454 -42.58 20.76 -36.49
CA LEU D 454 -43.89 21.36 -36.39
C LEU D 454 -43.75 22.87 -36.16
N LEU D 455 -44.44 23.64 -37.00
CA LEU D 455 -44.44 25.09 -36.91
C LEU D 455 -45.68 25.58 -36.18
N ARG D 456 -45.54 26.62 -35.35
CA ARG D 456 -46.71 27.22 -34.69
C ARG D 456 -46.75 28.74 -34.83
N MET D 457 -47.76 29.22 -35.58
CA MET D 457 -48.00 30.62 -35.89
C MET D 457 -49.39 30.75 -36.51
N ASP D 458 -49.78 32.00 -36.77
CA ASP D 458 -50.99 32.27 -37.55
C ASP D 458 -50.82 31.71 -38.97
N ARG D 459 -51.92 31.15 -39.51
CA ARG D 459 -51.95 30.69 -40.90
C ARG D 459 -51.72 31.83 -41.91
N ALA D 460 -52.01 33.08 -41.50
CA ALA D 460 -51.82 34.21 -42.40
C ALA D 460 -50.35 34.40 -42.79
N HIS D 461 -49.43 34.04 -41.89
CA HIS D 461 -48.01 34.36 -42.01
C HIS D 461 -47.11 33.13 -42.04
N GLU D 462 -47.65 31.93 -41.78
CA GLU D 462 -46.85 30.72 -41.84
C GLU D 462 -46.13 30.61 -43.20
N ALA D 463 -46.64 31.26 -44.25
CA ALA D 463 -46.06 31.14 -45.60
C ALA D 463 -44.66 31.77 -45.69
N LYS D 464 -44.34 32.70 -44.79
CA LYS D 464 -43.01 33.35 -44.81
C LYS D 464 -41.89 32.35 -44.55
N ILE D 465 -42.06 31.47 -43.58
CA ILE D 465 -41.07 30.44 -43.30
C ILE D 465 -40.97 29.52 -44.53
N ARG D 466 -39.83 29.52 -45.20
CA ARG D 466 -39.67 28.65 -46.34
C ARG D 466 -38.51 27.66 -46.15
N TYR D 467 -37.89 27.65 -44.98
CA TYR D 467 -36.84 26.70 -44.63
C TYR D 467 -36.62 26.80 -43.12
N TYR D 468 -36.08 25.72 -42.56
CA TYR D 468 -35.63 25.68 -41.17
C TYR D 468 -34.14 25.38 -41.14
N THR D 469 -33.44 25.96 -40.14
CA THR D 469 -32.00 25.82 -39.98
C THR D 469 -31.65 24.92 -38.80
N TYR D 470 -30.91 23.81 -39.05
CA TYR D 470 -30.72 22.75 -38.06
C TYR D 470 -29.24 22.44 -37.83
N LEU D 471 -28.99 21.89 -36.65
CA LEU D 471 -27.63 21.66 -36.23
C LEU D 471 -27.58 20.40 -35.39
N ILE D 472 -26.49 19.65 -35.51
CA ILE D 472 -26.27 18.46 -34.71
C ILE D 472 -24.99 18.62 -33.91
N MET D 473 -25.09 18.52 -32.60
CA MET D 473 -23.96 18.66 -31.71
C MET D 473 -23.57 17.30 -31.17
N ASN D 474 -22.30 16.91 -31.35
CA ASN D 474 -21.84 15.61 -30.93
C ASN D 474 -20.55 15.78 -30.12
N LYS D 475 -20.50 15.12 -28.96
CA LYS D 475 -19.36 15.17 -28.00
C LYS D 475 -18.92 16.62 -27.66
N GLY D 476 -19.85 17.58 -27.65
CA GLY D 476 -19.51 19.00 -27.48
C GLY D 476 -19.02 19.73 -28.71
N ARG D 477 -19.17 19.15 -29.91
CA ARG D 477 -18.72 19.77 -31.16
C ARG D 477 -19.72 19.49 -32.27
N LEU D 478 -19.72 20.35 -33.28
CA LEU D 478 -20.70 20.30 -34.36
C LEU D 478 -20.43 19.12 -35.29
N LEU D 479 -21.42 18.23 -35.45
CA LEU D 479 -21.28 17.09 -36.36
C LEU D 479 -21.79 17.40 -37.77
N LYS D 480 -23.02 17.92 -37.90
CA LYS D 480 -23.68 18.17 -39.17
C LYS D 480 -24.64 19.35 -39.05
N ALA D 481 -24.85 20.05 -40.15
CA ALA D 481 -25.79 21.16 -40.11
C ALA D 481 -26.37 21.39 -41.50
N GLY D 482 -27.56 21.99 -41.52
CA GLY D 482 -28.25 22.16 -42.78
C GLY D 482 -29.58 22.86 -42.69
N ARG D 483 -30.34 22.71 -43.76
CA ARG D 483 -31.60 23.40 -43.94
C ARG D 483 -32.68 22.43 -44.38
N GLN D 484 -33.86 22.61 -43.76
CA GLN D 484 -35.06 21.87 -44.10
C GLN D 484 -35.94 22.87 -44.82
N VAL D 485 -35.91 22.79 -46.14
CA VAL D 485 -36.79 23.62 -46.93
C VAL D 485 -38.21 23.34 -46.48
N ARG D 486 -39.04 24.37 -46.55
CA ARG D 486 -40.46 24.21 -46.31
C ARG D 486 -41.22 25.01 -47.37
N GLU D 487 -42.28 24.40 -47.90
CA GLU D 487 -43.27 25.00 -48.75
C GLU D 487 -44.24 25.80 -47.90
N PRO D 488 -44.82 26.85 -48.46
CA PRO D 488 -45.89 27.58 -47.75
C PRO D 488 -47.06 26.63 -47.50
N GLY D 489 -47.54 26.59 -46.26
CA GLY D 489 -48.64 25.71 -45.89
C GLY D 489 -48.28 24.54 -44.96
N GLN D 490 -47.07 23.99 -45.05
CA GLN D 490 -46.70 22.80 -44.28
C GLN D 490 -46.34 23.26 -42.87
N ASP D 491 -47.20 22.98 -41.88
CA ASP D 491 -46.81 23.19 -40.50
C ASP D 491 -45.69 22.22 -40.12
N LEU D 492 -45.65 21.09 -40.81
CA LEU D 492 -44.89 19.92 -40.44
C LEU D 492 -44.02 19.45 -41.58
N VAL D 493 -42.73 19.31 -41.28
CA VAL D 493 -41.76 18.77 -42.21
C VAL D 493 -40.86 17.78 -41.49
N VAL D 494 -40.32 16.84 -42.27
CA VAL D 494 -39.59 15.68 -41.77
C VAL D 494 -38.13 15.75 -42.17
N LEU D 495 -37.25 15.61 -41.18
CA LEU D 495 -35.83 15.57 -41.48
C LEU D 495 -35.32 14.15 -41.37
N PRO D 496 -35.12 13.48 -42.47
CA PRO D 496 -34.58 12.13 -42.44
C PRO D 496 -33.10 12.15 -42.07
N LEU D 497 -32.79 11.86 -40.81
CA LEU D 497 -31.44 11.91 -40.27
C LEU D 497 -30.82 10.50 -40.25
N SER D 498 -29.86 10.25 -41.15
CA SER D 498 -29.15 8.98 -41.19
C SER D 498 -28.10 8.97 -40.08
N ILE D 499 -28.19 7.98 -39.20
CA ILE D 499 -27.37 7.94 -37.98
C ILE D 499 -26.19 7.00 -38.22
N THR D 500 -24.98 7.54 -38.10
CA THR D 500 -23.72 6.83 -38.26
C THR D 500 -22.99 6.72 -36.94
N THR D 501 -21.95 5.88 -36.94
CA THR D 501 -21.23 5.60 -35.70
C THR D 501 -20.58 6.87 -35.12
N ASP D 502 -20.44 7.94 -35.92
CA ASP D 502 -19.79 9.12 -35.38
C ASP D 502 -20.68 9.83 -34.38
N PHE D 503 -21.96 9.48 -34.39
CA PHE D 503 -22.96 10.08 -33.53
C PHE D 503 -22.91 9.57 -32.10
N ILE D 504 -22.33 8.39 -31.88
CA ILE D 504 -22.19 7.80 -30.54
C ILE D 504 -21.36 8.75 -29.67
N PRO D 505 -21.69 8.95 -28.39
CA PRO D 505 -22.74 8.29 -27.60
C PRO D 505 -24.09 9.01 -27.55
N SER D 506 -24.13 10.26 -27.97
CA SER D 506 -25.36 11.04 -27.89
C SER D 506 -25.18 12.26 -28.76
N PHE D 507 -26.28 12.99 -28.94
CA PHE D 507 -26.18 14.30 -29.52
C PHE D 507 -27.39 15.13 -29.16
N ARG D 508 -27.23 16.43 -29.29
CA ARG D 508 -28.34 17.35 -29.25
C ARG D 508 -28.68 17.74 -30.68
N LEU D 509 -29.95 17.91 -30.98
CA LEU D 509 -30.31 18.45 -32.28
C LEU D 509 -31.11 19.73 -32.07
N VAL D 510 -30.58 20.85 -32.55
CA VAL D 510 -31.24 22.14 -32.44
C VAL D 510 -31.59 22.63 -33.84
N ALA D 511 -32.81 23.16 -33.99
CA ALA D 511 -33.28 23.81 -35.21
C ALA D 511 -33.90 25.14 -34.85
N TYR D 512 -34.01 26.00 -35.86
CA TYR D 512 -34.67 27.26 -35.62
C TYR D 512 -35.15 27.81 -36.95
N TYR D 513 -35.99 28.83 -36.84
CA TYR D 513 -36.45 29.59 -37.98
C TYR D 513 -36.37 31.08 -37.66
N THR D 514 -36.16 31.88 -38.69
CA THR D 514 -36.30 33.31 -38.62
C THR D 514 -36.99 33.86 -39.87
N LEU D 515 -37.68 34.97 -39.66
CA LEU D 515 -38.48 35.62 -40.67
C LEU D 515 -38.68 37.08 -40.29
N ILE D 516 -39.35 37.79 -41.19
CA ILE D 516 -39.53 39.24 -41.15
C ILE D 516 -41.01 39.47 -40.88
N GLY D 517 -41.37 39.73 -39.62
CA GLY D 517 -42.77 39.85 -39.27
C GLY D 517 -43.31 41.26 -39.07
N ALA D 518 -43.98 41.47 -37.92
CA ALA D 518 -44.64 42.73 -37.58
C ALA D 518 -43.71 43.93 -37.65
N SER D 519 -44.08 44.90 -38.48
CA SER D 519 -43.29 46.11 -38.74
C SER D 519 -41.89 45.73 -39.21
N GLY D 520 -41.86 44.97 -40.30
CA GLY D 520 -40.60 44.49 -40.88
C GLY D 520 -39.61 43.89 -39.91
N GLN D 521 -40.07 43.20 -38.86
CA GLN D 521 -39.20 42.76 -37.77
C GLN D 521 -38.72 41.33 -37.96
N ARG D 522 -37.40 41.17 -38.02
CA ARG D 522 -36.74 39.88 -38.05
C ARG D 522 -36.93 39.18 -36.71
N GLU D 523 -37.46 37.96 -36.74
CA GLU D 523 -37.74 37.21 -35.53
C GLU D 523 -36.98 35.89 -35.54
N VAL D 524 -36.53 35.47 -34.35
CA VAL D 524 -35.83 34.20 -34.15
C VAL D 524 -36.63 33.35 -33.16
N VAL D 525 -37.05 32.17 -33.61
CA VAL D 525 -37.71 31.19 -32.77
C VAL D 525 -36.89 29.92 -32.79
N ALA D 526 -36.62 29.36 -31.61
CA ALA D 526 -35.66 28.26 -31.47
C ALA D 526 -36.19 27.14 -30.58
N ASP D 527 -35.64 25.95 -30.80
CA ASP D 527 -36.02 24.69 -30.16
C ASP D 527 -34.87 23.68 -30.25
N SER D 528 -34.71 22.88 -29.18
CA SER D 528 -33.61 21.90 -29.09
C SER D 528 -34.04 20.61 -28.39
N VAL D 529 -33.51 19.49 -28.89
CA VAL D 529 -33.80 18.15 -28.37
C VAL D 529 -32.53 17.32 -28.29
N TRP D 530 -32.38 16.63 -27.16
CA TRP D 530 -31.21 15.82 -26.83
C TRP D 530 -31.55 14.34 -27.03
N VAL D 531 -30.80 13.67 -27.88
CA VAL D 531 -31.07 12.29 -28.24
C VAL D 531 -29.93 11.43 -27.72
N ASP D 532 -30.25 10.42 -26.92
CA ASP D 532 -29.23 9.50 -26.45
C ASP D 532 -29.12 8.33 -27.44
N VAL D 533 -27.91 7.80 -27.61
CA VAL D 533 -27.65 6.67 -28.51
C VAL D 533 -27.01 5.54 -27.70
N LYS D 534 -27.40 4.30 -28.01
CA LYS D 534 -26.83 3.13 -27.33
C LYS D 534 -25.31 3.17 -27.46
N ASP D 535 -24.63 3.15 -26.31
CA ASP D 535 -23.17 3.18 -26.27
C ASP D 535 -22.63 1.77 -26.61
N SER D 536 -21.57 1.72 -27.42
CA SER D 536 -20.99 0.48 -27.95
C SER D 536 -19.71 0.85 -28.71
N CYS D 537 -19.04 -0.15 -29.28
CA CYS D 537 -17.91 0.13 -30.16
C CYS D 537 -18.38 0.70 -31.48
N VAL D 538 -17.63 1.70 -31.95
CA VAL D 538 -17.86 2.26 -33.27
C VAL D 538 -17.81 1.16 -34.32
N GLY D 539 -16.82 0.29 -34.22
CA GLY D 539 -16.87 -0.95 -34.94
C GLY D 539 -17.25 -2.07 -34.01
N SER D 540 -16.30 -2.96 -33.75
CA SER D 540 -16.57 -4.16 -32.97
C SER D 540 -15.26 -4.83 -32.57
N LEU D 541 -15.19 -5.27 -31.30
CA LEU D 541 -14.08 -6.05 -30.77
C LEU D 541 -14.59 -7.27 -30.01
N VAL D 542 -14.11 -8.46 -30.37
CA VAL D 542 -14.62 -9.70 -29.81
C VAL D 542 -13.47 -10.60 -29.37
N VAL D 543 -13.62 -11.21 -28.19
CA VAL D 543 -12.67 -12.15 -27.60
C VAL D 543 -13.43 -13.43 -27.24
N LYS D 544 -13.12 -14.50 -27.97
CA LYS D 544 -13.81 -15.77 -27.89
C LYS D 544 -12.75 -16.83 -28.13
N SER D 545 -13.08 -18.12 -27.89
CA SER D 545 -12.15 -19.19 -28.20
C SER D 545 -12.26 -19.60 -29.68
N GLY D 546 -11.14 -20.12 -30.18
CA GLY D 546 -10.96 -20.32 -31.61
C GLY D 546 -10.92 -21.80 -31.88
N GLN D 547 -10.90 -22.57 -30.79
CA GLN D 547 -11.07 -24.01 -30.85
C GLN D 547 -12.23 -24.32 -29.90
N SER D 548 -13.45 -24.23 -30.47
CA SER D 548 -14.65 -24.63 -29.74
C SER D 548 -14.59 -26.10 -29.32
N GLU D 549 -13.87 -26.95 -30.11
CA GLU D 549 -13.75 -28.37 -29.85
C GLU D 549 -12.78 -28.66 -28.69
N ASP D 550 -13.15 -28.22 -27.50
CA ASP D 550 -12.42 -28.53 -26.27
C ASP D 550 -13.47 -28.62 -25.18
N ARG D 551 -13.42 -29.69 -24.38
CA ARG D 551 -14.37 -29.79 -23.27
C ARG D 551 -14.03 -28.79 -22.17
N GLN D 552 -12.83 -28.86 -21.66
CA GLN D 552 -12.43 -27.98 -20.59
C GLN D 552 -10.92 -27.79 -20.70
N PRO D 553 -10.47 -26.53 -20.80
CA PRO D 553 -9.03 -26.26 -20.74
C PRO D 553 -8.32 -26.95 -19.57
N VAL D 554 -7.07 -27.29 -19.82
CA VAL D 554 -6.24 -28.00 -18.84
C VAL D 554 -4.99 -27.17 -18.62
N PRO D 555 -4.53 -27.04 -17.38
CA PRO D 555 -3.32 -26.27 -17.11
C PRO D 555 -2.12 -26.72 -17.93
N GLY D 556 -1.43 -25.74 -18.56
CA GLY D 556 -0.32 -26.05 -19.45
C GLY D 556 -0.70 -26.20 -20.91
N GLN D 557 -1.96 -26.05 -21.26
CA GLN D 557 -2.32 -26.41 -22.61
C GLN D 557 -2.44 -25.16 -23.49
N GLN D 558 -2.22 -25.33 -24.79
CA GLN D 558 -2.34 -24.21 -25.69
C GLN D 558 -3.78 -24.00 -26.11
N MET D 559 -4.20 -22.75 -26.13
CA MET D 559 -5.55 -22.42 -26.55
C MET D 559 -5.57 -21.36 -27.62
N THR D 560 -6.43 -21.60 -28.60
CA THR D 560 -6.58 -20.73 -29.75
C THR D 560 -7.66 -19.70 -29.44
N LEU D 561 -7.27 -18.44 -29.43
CA LEU D 561 -8.12 -17.32 -29.02
C LEU D 561 -8.48 -16.50 -30.24
N LYS D 562 -9.79 -16.41 -30.54
CA LYS D 562 -10.25 -15.68 -31.72
C LYS D 562 -10.68 -14.27 -31.34
N ILE D 563 -9.90 -13.30 -31.82
CA ILE D 563 -10.14 -11.89 -31.59
C ILE D 563 -10.68 -11.36 -32.90
N GLU D 564 -11.79 -10.66 -32.86
CA GLU D 564 -12.32 -9.99 -34.04
C GLU D 564 -12.27 -8.50 -33.78
N GLY D 565 -11.89 -7.72 -34.79
CA GLY D 565 -11.75 -6.34 -34.45
C GLY D 565 -11.56 -5.41 -35.62
N ASP D 566 -11.43 -4.13 -35.25
CA ASP D 566 -11.23 -3.00 -36.15
C ASP D 566 -9.88 -3.10 -36.87
N HIS D 567 -9.86 -2.67 -38.14
CA HIS D 567 -8.66 -2.90 -38.93
C HIS D 567 -7.55 -1.95 -38.55
N GLY D 568 -6.34 -2.49 -38.46
CA GLY D 568 -5.13 -1.75 -38.16
C GLY D 568 -4.98 -1.39 -36.71
N ALA D 569 -5.85 -1.89 -35.85
CA ALA D 569 -5.84 -1.45 -34.48
C ALA D 569 -4.73 -2.15 -33.70
N ARG D 570 -4.30 -1.49 -32.66
CA ARG D 570 -3.46 -2.07 -31.63
C ARG D 570 -4.36 -2.54 -30.49
N VAL D 571 -4.17 -3.77 -30.04
CA VAL D 571 -5.03 -4.34 -29.00
C VAL D 571 -4.25 -4.46 -27.69
N VAL D 572 -4.84 -4.01 -26.60
CA VAL D 572 -4.15 -4.13 -25.31
C VAL D 572 -4.89 -5.18 -24.48
N LEU D 573 -4.15 -6.17 -23.96
CA LEU D 573 -4.71 -7.37 -23.38
C LEU D 573 -4.48 -7.40 -21.88
N VAL D 574 -5.21 -8.29 -21.20
CA VAL D 574 -4.91 -8.71 -19.83
C VAL D 574 -5.68 -10.00 -19.57
N ALA D 575 -5.08 -10.91 -18.77
CA ALA D 575 -5.76 -12.03 -18.17
C ALA D 575 -5.67 -11.87 -16.66
N VAL D 576 -6.78 -11.96 -15.97
CA VAL D 576 -6.74 -11.78 -14.53
C VAL D 576 -7.28 -13.04 -13.87
N ASP D 577 -6.60 -13.45 -12.82
CA ASP D 577 -7.20 -14.38 -11.88
C ASP D 577 -8.40 -13.71 -11.26
N LYS D 578 -9.56 -14.28 -11.56
CA LYS D 578 -10.81 -13.79 -11.02
C LYS D 578 -10.79 -13.75 -9.49
N GLY D 579 -9.85 -14.48 -8.86
CA GLY D 579 -9.66 -14.37 -7.42
C GLY D 579 -9.32 -12.97 -6.98
N VAL D 580 -8.79 -12.18 -7.90
CA VAL D 580 -8.55 -10.78 -7.58
C VAL D 580 -9.86 -10.06 -7.30
N PHE D 581 -10.83 -10.28 -8.18
CA PHE D 581 -12.08 -9.57 -8.09
C PHE D 581 -12.83 -9.95 -6.84
N VAL D 582 -12.56 -11.14 -6.29
CA VAL D 582 -13.07 -11.50 -4.98
C VAL D 582 -12.53 -10.55 -3.92
N LEU D 583 -11.37 -9.96 -4.16
CA LEU D 583 -10.87 -9.00 -3.20
C LEU D 583 -11.34 -7.58 -3.49
N ASN D 584 -11.35 -7.19 -4.76
CA ASN D 584 -11.75 -5.84 -5.09
C ASN D 584 -12.14 -5.72 -6.57
N LYS D 585 -13.28 -5.06 -6.86
CA LYS D 585 -13.77 -4.88 -8.23
C LYS D 585 -14.28 -3.45 -8.45
N LYS D 586 -14.02 -2.55 -7.51
CA LYS D 586 -14.26 -1.14 -7.74
C LYS D 586 -13.25 -0.61 -8.74
N ASN D 587 -13.67 0.45 -9.44
CA ASN D 587 -12.79 1.20 -10.32
C ASN D 587 -12.24 0.30 -11.44
N LYS D 588 -13.09 -0.52 -12.02
CA LYS D 588 -12.73 -1.35 -13.17
C LYS D 588 -13.23 -0.71 -14.47
N LEU D 589 -12.50 -0.94 -15.57
CA LEU D 589 -12.78 -0.19 -16.81
C LEU D 589 -13.85 -0.83 -17.71
N THR D 590 -14.81 0.01 -18.16
CA THR D 590 -15.89 -0.36 -19.07
C THR D 590 -15.98 0.62 -20.24
N GLN D 591 -16.34 0.11 -21.43
CA GLN D 591 -16.65 1.04 -22.52
C GLN D 591 -17.73 2.02 -22.13
N SER D 592 -18.68 1.63 -21.30
CA SER D 592 -19.74 2.54 -20.91
C SER D 592 -19.26 3.57 -19.88
N LYS D 593 -18.30 3.20 -19.03
CA LYS D 593 -17.65 4.18 -18.18
C LYS D 593 -16.90 5.25 -18.97
N ILE D 594 -16.40 4.80 -20.09
CA ILE D 594 -15.67 5.68 -21.04
C ILE D 594 -16.63 6.72 -21.63
N TRP D 595 -17.80 6.33 -22.09
CA TRP D 595 -18.78 7.26 -22.60
C TRP D 595 -19.34 8.12 -21.48
N ASP D 596 -19.49 7.57 -20.28
CA ASP D 596 -19.89 8.42 -19.17
C ASP D 596 -18.99 9.63 -19.09
N VAL D 597 -17.69 9.38 -19.18
CA VAL D 597 -16.68 10.44 -19.12
C VAL D 597 -16.92 11.45 -20.24
N VAL D 598 -17.15 10.97 -21.45
CA VAL D 598 -17.33 11.85 -22.60
C VAL D 598 -18.62 12.62 -22.50
N GLU D 599 -19.70 11.95 -22.10
CA GLU D 599 -20.98 12.62 -22.00
C GLU D 599 -20.96 13.59 -20.83
N LYS D 600 -20.26 13.24 -19.74
CA LYS D 600 -20.05 14.17 -18.65
C LYS D 600 -19.37 15.45 -19.15
N ALA D 601 -18.50 15.32 -20.15
CA ALA D 601 -17.71 16.44 -20.67
C ALA D 601 -18.48 17.37 -21.61
N ASP D 602 -19.72 17.02 -21.95
CA ASP D 602 -20.51 17.78 -22.92
C ASP D 602 -20.67 19.24 -22.47
N ILE D 603 -20.65 20.15 -23.46
CA ILE D 603 -20.72 21.60 -23.26
C ILE D 603 -22.15 22.06 -23.01
N GLY D 604 -23.13 21.32 -23.52
CA GLY D 604 -24.51 21.65 -23.26
C GLY D 604 -24.83 21.49 -21.79
N CYS D 605 -25.78 22.29 -21.33
CA CYS D 605 -26.16 22.22 -19.94
C CYS D 605 -27.65 22.03 -19.73
N THR D 606 -28.45 21.92 -20.81
CA THR D 606 -29.88 21.66 -20.72
C THR D 606 -30.33 20.53 -21.64
N PRO D 607 -31.21 19.66 -21.15
CA PRO D 607 -31.75 18.58 -21.99
C PRO D 607 -32.70 19.06 -23.08
N GLY D 608 -33.19 20.30 -22.99
CA GLY D 608 -34.23 20.74 -23.91
C GLY D 608 -34.02 22.17 -24.39
N SER D 609 -35.15 22.87 -24.54
CA SER D 609 -35.21 24.18 -25.14
C SER D 609 -34.66 25.20 -24.14
N GLY D 610 -34.85 26.51 -24.44
CA GLY D 610 -34.51 27.57 -23.51
C GLY D 610 -35.63 28.61 -23.44
N LYS D 611 -35.38 29.68 -22.67
CA LYS D 611 -36.44 30.67 -22.44
C LYS D 611 -36.83 31.38 -23.73
N ASP D 612 -35.94 31.44 -24.70
CA ASP D 612 -36.13 32.23 -25.90
C ASP D 612 -35.28 31.61 -26.98
N TYR D 613 -35.26 32.25 -28.14
CA TYR D 613 -34.38 31.83 -29.23
C TYR D 613 -32.93 31.61 -28.77
N ALA D 614 -32.44 32.48 -27.87
CA ALA D 614 -31.05 32.48 -27.46
C ALA D 614 -30.71 31.28 -26.61
N GLY D 615 -31.52 31.05 -25.58
CA GLY D 615 -31.26 29.99 -24.62
C GLY D 615 -31.32 28.60 -25.22
N VAL D 616 -32.14 28.39 -26.24
CA VAL D 616 -32.09 27.12 -26.96
C VAL D 616 -30.67 26.84 -27.43
N PHE D 617 -29.99 27.86 -27.99
CA PHE D 617 -28.60 27.72 -28.40
C PHE D 617 -27.67 27.55 -27.21
N SER D 618 -27.78 28.41 -26.22
CA SER D 618 -26.81 28.40 -25.15
C SER D 618 -26.96 27.15 -24.29
N ASP D 619 -28.21 26.73 -24.04
CA ASP D 619 -28.44 25.50 -23.31
C ASP D 619 -27.85 24.31 -24.03
N ALA D 620 -27.86 24.33 -25.37
CA ALA D 620 -27.21 23.34 -26.20
C ALA D 620 -25.68 23.49 -26.29
N GLY D 621 -25.07 24.57 -25.78
CA GLY D 621 -23.64 24.82 -26.00
C GLY D 621 -23.33 25.52 -27.33
N LEU D 622 -24.18 26.50 -27.68
CA LEU D 622 -24.09 27.22 -28.92
C LEU D 622 -24.23 28.71 -28.71
N THR D 623 -23.65 29.45 -29.65
CA THR D 623 -23.68 30.90 -29.69
C THR D 623 -24.28 31.33 -31.02
N PHE D 624 -25.29 32.19 -30.93
CA PHE D 624 -25.94 32.76 -32.10
C PHE D 624 -25.71 34.26 -32.09
N THR D 625 -25.28 34.79 -33.24
CA THR D 625 -25.04 36.22 -33.38
C THR D 625 -25.29 36.65 -34.81
N SER D 626 -26.13 37.67 -34.93
CA SER D 626 -26.58 38.23 -36.18
C SER D 626 -26.27 39.72 -36.20
N SER D 627 -26.30 40.26 -37.42
CA SER D 627 -26.02 41.68 -37.60
C SER D 627 -27.06 42.55 -36.91
N SER D 628 -28.28 42.03 -36.68
CA SER D 628 -29.39 42.86 -36.20
C SER D 628 -29.33 43.11 -34.68
N GLY D 629 -28.56 42.28 -33.94
CA GLY D 629 -28.32 42.54 -32.52
C GLY D 629 -28.79 41.44 -31.60
N GLN D 630 -29.63 40.56 -32.14
CA GLN D 630 -30.07 39.42 -31.38
C GLN D 630 -28.93 38.44 -31.25
N GLN D 631 -28.58 38.10 -30.02
CA GLN D 631 -27.45 37.23 -29.79
C GLN D 631 -27.65 36.40 -28.54
N THR D 632 -26.97 35.25 -28.51
CA THR D 632 -26.95 34.42 -27.31
C THR D 632 -26.34 35.17 -26.14
N ALA D 633 -26.76 34.79 -24.94
CA ALA D 633 -26.11 35.39 -23.83
C ALA D 633 -24.63 35.02 -23.86
N GLN D 634 -23.88 35.63 -22.95
CA GLN D 634 -22.47 35.34 -22.84
C GLN D 634 -22.24 33.99 -22.16
N ARG D 635 -21.20 33.27 -22.63
CA ARG D 635 -20.74 32.04 -21.98
C ARG D 635 -19.45 32.40 -21.23
N ALA D 636 -19.52 32.47 -19.90
CA ALA D 636 -18.40 32.92 -19.08
C ALA D 636 -17.82 31.85 -18.18
N GLU D 637 -18.25 30.60 -18.30
CA GLU D 637 -17.88 29.57 -17.34
C GLU D 637 -17.62 28.29 -18.11
N LEU D 638 -16.57 27.56 -17.74
CA LEU D 638 -16.29 26.28 -18.38
C LEU D 638 -17.22 25.18 -17.87
N GLN D 639 -17.77 25.33 -16.65
CA GLN D 639 -18.60 24.34 -15.99
C GLN D 639 -20.05 24.81 -16.00
N CYS D 640 -20.97 23.85 -15.82
CA CYS D 640 -22.38 24.11 -16.06
C CYS D 640 -22.97 24.97 -14.91
N PRO D 641 -23.99 25.78 -15.21
CA PRO D 641 -24.29 26.96 -14.36
C PRO D 641 -24.82 26.68 -12.96
N GLN D 642 -25.12 25.46 -12.59
CA GLN D 642 -25.52 25.26 -11.19
C GLN D 642 -24.39 25.67 -10.25
N PRO D 643 -24.55 26.73 -9.47
CA PRO D 643 -23.47 27.11 -8.55
C PRO D 643 -23.59 26.38 -7.24
N ALA D 644 -22.47 25.84 -6.77
CA ALA D 644 -22.43 24.91 -5.64
C ALA D 644 -23.19 23.62 -5.98
N ALA D 645 -22.94 23.10 -7.18
CA ALA D 645 -23.42 21.79 -7.62
C ALA D 645 -22.43 21.13 -8.56
N ASN E 2 8.74 -50.21 -0.30
CA ASN E 2 8.80 -51.19 -1.38
C ASN E 2 7.63 -52.16 -1.34
N LEU E 3 6.61 -51.79 -0.56
CA LEU E 3 5.43 -52.63 -0.41
C LEU E 3 4.74 -52.83 -1.75
N ASP E 4 4.38 -51.72 -2.38
CA ASP E 4 3.54 -51.67 -3.57
C ASP E 4 4.28 -50.92 -4.66
N GLU E 5 4.20 -51.42 -5.88
CA GLU E 5 5.03 -50.91 -6.96
C GLU E 5 4.26 -49.97 -7.88
N ASP E 6 3.01 -49.68 -7.53
CA ASP E 6 2.02 -49.11 -8.47
C ASP E 6 1.65 -47.67 -8.10
N ILE E 7 2.62 -46.76 -8.22
CA ILE E 7 2.39 -45.33 -8.04
C ILE E 7 3.41 -44.59 -8.89
N ILE E 8 3.08 -43.35 -9.22
CA ILE E 8 4.01 -42.51 -9.99
C ILE E 8 5.05 -41.92 -9.06
N ALA E 9 6.33 -42.03 -9.46
CA ALA E 9 7.43 -41.61 -8.59
C ALA E 9 7.42 -40.10 -8.39
N GLU E 10 7.54 -39.67 -7.13
CA GLU E 10 7.65 -38.25 -6.80
C GLU E 10 8.60 -37.56 -7.75
N GLU E 11 9.74 -38.21 -8.02
CA GLU E 11 10.76 -37.76 -8.96
C GLU E 11 10.22 -37.48 -10.35
N ASN E 12 8.99 -37.90 -10.66
CA ASN E 12 8.41 -37.68 -11.97
C ASN E 12 7.03 -37.06 -11.81
N ILE E 13 6.92 -36.10 -10.93
CA ILE E 13 5.64 -35.47 -10.65
C ILE E 13 5.78 -33.99 -10.97
N VAL E 14 5.48 -33.61 -12.22
CA VAL E 14 5.60 -32.23 -12.69
C VAL E 14 4.57 -31.40 -11.94
N SER E 15 5.06 -30.59 -11.01
CA SER E 15 4.13 -29.87 -10.16
C SER E 15 3.45 -28.75 -10.94
N ARG E 16 2.48 -28.15 -10.25
CA ARG E 16 1.97 -26.88 -10.72
C ARG E 16 2.94 -25.81 -10.28
N SER E 17 3.33 -25.00 -11.24
CA SER E 17 4.44 -24.07 -11.10
C SER E 17 4.03 -22.60 -11.18
N GLU E 18 3.32 -22.17 -12.24
CA GLU E 18 3.06 -20.75 -12.51
C GLU E 18 1.71 -20.31 -11.96
N PHE E 19 1.73 -19.41 -10.96
CA PHE E 19 0.53 -18.85 -10.31
C PHE E 19 0.63 -17.32 -10.26
N PRO E 20 0.57 -16.66 -11.43
CA PRO E 20 0.58 -15.21 -11.43
C PRO E 20 -0.76 -14.66 -10.98
N GLU E 21 -0.72 -13.60 -10.19
CA GLU E 21 -2.05 -13.05 -9.93
C GLU E 21 -2.60 -12.28 -11.13
N SER E 22 -1.85 -12.14 -12.21
CA SER E 22 -2.24 -11.42 -13.41
C SER E 22 -1.13 -11.57 -14.45
N TRP E 23 -1.50 -11.56 -15.72
CA TRP E 23 -0.50 -11.71 -16.78
C TRP E 23 -1.12 -11.37 -18.13
N LEU E 24 -0.42 -11.74 -19.21
CA LEU E 24 -0.80 -11.43 -20.58
C LEU E 24 -1.14 -9.95 -20.75
N TRP E 25 -0.11 -9.11 -20.61
CA TRP E 25 -0.17 -7.65 -20.70
C TRP E 25 -0.08 -7.27 -22.17
N ASN E 26 -0.50 -8.19 -23.01
CA ASN E 26 -0.11 -8.22 -24.39
C ASN E 26 -0.64 -7.02 -25.15
N VAL E 27 -0.11 -6.90 -26.36
CA VAL E 27 -0.37 -5.82 -27.30
C VAL E 27 -0.21 -6.41 -28.68
N GLU E 28 -1.31 -6.64 -29.38
CA GLU E 28 -1.20 -7.34 -30.67
C GLU E 28 -1.99 -6.58 -31.73
N ASP E 29 -1.53 -6.69 -32.97
CA ASP E 29 -2.03 -5.84 -34.05
C ASP E 29 -2.78 -6.65 -35.10
N LEU E 30 -3.80 -5.99 -35.68
CA LEU E 30 -4.88 -6.66 -36.43
C LEU E 30 -4.66 -6.50 -37.93
N LYS E 31 -3.74 -7.32 -38.42
CA LYS E 31 -3.30 -7.23 -39.81
C LYS E 31 -4.15 -8.07 -40.73
N GLU E 32 -5.08 -8.83 -40.18
CA GLU E 32 -5.72 -9.85 -40.99
C GLU E 32 -6.59 -9.19 -42.06
N PRO E 33 -6.58 -9.72 -43.27
CA PRO E 33 -7.61 -9.36 -44.25
C PRO E 33 -9.00 -9.46 -43.64
N PRO E 34 -9.73 -8.35 -43.60
CA PRO E 34 -11.05 -8.36 -42.99
C PRO E 34 -12.08 -8.99 -43.93
N LYS E 35 -12.97 -9.76 -43.32
CA LYS E 35 -14.25 -10.11 -43.91
C LYS E 35 -15.35 -9.52 -43.04
N ASN E 36 -16.39 -8.97 -43.70
CA ASN E 36 -17.53 -8.31 -43.09
C ASN E 36 -17.13 -6.98 -42.46
N GLY E 37 -15.96 -6.47 -42.80
CA GLY E 37 -15.38 -5.39 -42.02
C GLY E 37 -14.80 -5.86 -40.69
N ILE E 38 -14.28 -7.08 -40.64
CA ILE E 38 -13.73 -7.66 -39.42
C ILE E 38 -12.46 -8.43 -39.75
N SER E 39 -11.32 -7.90 -39.31
CA SER E 39 -10.09 -8.68 -39.22
C SER E 39 -10.19 -9.56 -37.97
N THR E 40 -9.82 -10.83 -38.12
CA THR E 40 -9.94 -11.81 -37.04
C THR E 40 -8.57 -12.37 -36.65
N LYS E 41 -8.24 -12.30 -35.37
CA LYS E 41 -6.92 -12.71 -34.88
C LYS E 41 -7.06 -13.91 -33.97
N LEU E 42 -6.16 -14.89 -34.12
CA LEU E 42 -6.19 -16.13 -33.34
C LEU E 42 -4.82 -16.38 -32.70
N MET E 43 -4.62 -15.96 -31.45
CA MET E 43 -3.31 -16.10 -30.79
C MET E 43 -3.27 -17.38 -29.95
N ASN E 44 -2.62 -18.39 -30.49
CA ASN E 44 -2.42 -19.62 -29.75
C ASN E 44 -1.45 -19.35 -28.57
N ILE E 45 -1.86 -19.70 -27.36
CA ILE E 45 -1.11 -19.33 -26.15
C ILE E 45 -0.96 -20.57 -25.27
N PHE E 46 -0.50 -20.41 -24.02
CA PHE E 46 -0.35 -21.49 -23.05
C PHE E 46 -1.14 -21.21 -21.77
N LEU E 47 -1.64 -22.27 -21.15
CA LEU E 47 -2.51 -22.15 -19.98
C LEU E 47 -1.71 -22.36 -18.70
N LYS E 48 -1.70 -21.33 -17.86
CA LYS E 48 -0.86 -21.36 -16.68
C LYS E 48 -1.27 -22.47 -15.75
N ASP E 49 -0.32 -22.85 -14.88
CA ASP E 49 -0.52 -23.93 -13.93
C ASP E 49 -1.31 -23.39 -12.74
N SER E 50 -2.42 -22.73 -13.02
CA SER E 50 -3.30 -22.25 -11.97
C SER E 50 -4.72 -22.54 -12.43
N ILE E 51 -5.50 -23.10 -11.49
CA ILE E 51 -6.86 -23.59 -11.72
C ILE E 51 -7.83 -22.58 -11.14
N THR E 52 -8.47 -21.88 -12.06
CA THR E 52 -9.36 -20.74 -11.89
C THR E 52 -9.91 -20.44 -13.28
N THR E 53 -11.06 -19.78 -13.35
CA THR E 53 -11.47 -19.18 -14.61
C THR E 53 -10.68 -17.89 -14.82
N TRP E 54 -10.08 -17.81 -16.01
CA TRP E 54 -9.23 -16.72 -16.46
C TRP E 54 -10.11 -15.69 -17.18
N GLU E 55 -10.29 -14.55 -16.54
CA GLU E 55 -11.00 -13.45 -17.15
C GLU E 55 -10.07 -12.66 -18.06
N ILE E 56 -10.55 -12.30 -19.25
CA ILE E 56 -9.72 -11.66 -20.28
C ILE E 56 -10.31 -10.29 -20.63
N LEU E 57 -9.55 -9.21 -20.40
CA LEU E 57 -10.04 -7.86 -20.70
C LEU E 57 -9.13 -7.16 -21.72
N ALA E 58 -9.76 -6.47 -22.68
CA ALA E 58 -9.10 -6.01 -23.90
C ALA E 58 -9.62 -4.61 -24.27
N VAL E 59 -8.89 -3.93 -25.17
CA VAL E 59 -9.18 -2.56 -25.61
C VAL E 59 -8.60 -2.34 -27.01
N SER E 60 -9.46 -2.01 -27.98
CA SER E 60 -9.03 -1.86 -29.37
C SER E 60 -8.86 -0.37 -29.67
N MET E 61 -7.60 0.05 -29.86
CA MET E 61 -7.26 1.43 -30.18
C MET E 61 -6.87 1.57 -31.66
N SER E 62 -7.88 1.74 -32.51
CA SER E 62 -7.67 2.13 -33.89
C SER E 62 -7.75 3.64 -33.96
N ASP E 63 -6.90 4.24 -34.79
CA ASP E 63 -6.82 5.69 -34.91
C ASP E 63 -7.98 6.27 -35.68
N LYS E 64 -8.69 5.44 -36.44
CA LYS E 64 -9.78 5.81 -37.36
C LYS E 64 -11.14 5.78 -36.65
N LYS E 65 -11.49 4.65 -36.02
CA LYS E 65 -12.69 4.55 -35.17
C LYS E 65 -12.44 4.93 -33.71
N GLY E 66 -11.24 4.74 -33.19
CA GLY E 66 -10.97 5.06 -31.81
C GLY E 66 -10.92 3.85 -30.90
N ILE E 67 -11.05 4.14 -29.61
CA ILE E 67 -10.92 3.12 -28.59
C ILE E 67 -12.20 2.29 -28.55
N CYS E 68 -12.13 1.15 -27.85
CA CYS E 68 -13.24 0.22 -27.76
C CYS E 68 -12.95 -0.81 -26.67
N VAL E 69 -13.65 -0.76 -25.53
CA VAL E 69 -13.57 -1.88 -24.57
C VAL E 69 -14.30 -3.09 -25.13
N ALA E 70 -13.97 -4.26 -24.62
CA ALA E 70 -14.62 -5.49 -25.08
C ALA E 70 -15.45 -6.16 -23.99
N ASP E 71 -16.23 -7.14 -24.48
CA ASP E 71 -16.86 -8.13 -23.62
C ASP E 71 -15.77 -9.05 -23.08
N PRO E 72 -15.49 -9.00 -21.75
CA PRO E 72 -14.52 -9.93 -21.16
C PRO E 72 -14.77 -11.36 -21.59
N PHE E 73 -13.68 -12.13 -21.73
CA PHE E 73 -13.77 -13.52 -22.14
C PHE E 73 -13.38 -14.45 -21.01
N GLU E 74 -14.10 -15.57 -20.92
CA GLU E 74 -13.95 -16.52 -19.82
C GLU E 74 -13.46 -17.85 -20.37
N VAL E 75 -12.33 -18.27 -19.84
CA VAL E 75 -11.73 -19.56 -20.11
C VAL E 75 -11.69 -20.30 -18.79
N THR E 76 -12.47 -21.37 -18.75
CA THR E 76 -12.74 -22.16 -17.56
C THR E 76 -11.70 -23.25 -17.54
N VAL E 77 -10.83 -23.25 -16.53
CA VAL E 77 -9.74 -24.23 -16.47
C VAL E 77 -9.90 -25.10 -15.22
N MET E 78 -9.67 -26.41 -15.40
CA MET E 78 -9.57 -27.34 -14.27
C MET E 78 -9.17 -28.72 -14.78
N GLN E 79 -8.86 -29.59 -13.81
CA GLN E 79 -8.59 -31.02 -13.89
C GLN E 79 -9.58 -31.78 -12.97
N ASP E 80 -9.78 -33.07 -13.27
CA ASP E 80 -10.70 -33.87 -12.46
C ASP E 80 -10.28 -33.85 -11.00
N PHE E 81 -9.01 -34.12 -10.75
CA PHE E 81 -8.46 -34.16 -9.41
C PHE E 81 -7.19 -33.31 -9.32
N PHE E 82 -7.07 -32.55 -8.24
CA PHE E 82 -6.02 -31.56 -8.11
C PHE E 82 -5.84 -31.23 -6.62
N ILE E 83 -4.99 -30.24 -6.36
CA ILE E 83 -4.69 -29.73 -5.03
C ILE E 83 -4.82 -28.21 -5.12
N ASP E 84 -5.09 -27.58 -3.99
CA ASP E 84 -4.67 -26.19 -3.89
C ASP E 84 -4.15 -26.07 -2.48
N LEU E 85 -3.13 -25.24 -2.32
CA LEU E 85 -2.45 -25.13 -1.05
C LEU E 85 -2.75 -23.77 -0.46
N ARG E 86 -3.09 -23.76 0.82
CA ARG E 86 -3.53 -22.54 1.48
C ARG E 86 -2.57 -22.21 2.62
N LEU E 87 -1.92 -21.06 2.48
CA LEU E 87 -0.84 -20.62 3.33
C LEU E 87 -1.20 -19.30 3.98
N PRO E 88 -0.45 -18.87 4.96
CA PRO E 88 -0.54 -17.46 5.38
C PRO E 88 0.36 -16.66 4.49
N TYR E 89 0.52 -15.38 4.83
CA TYR E 89 1.42 -14.51 4.12
C TYR E 89 2.60 -14.11 5.00
N SER E 90 2.31 -13.44 6.11
CA SER E 90 3.36 -12.89 6.95
C SER E 90 3.71 -13.95 7.98
N VAL E 91 4.60 -14.86 7.60
CA VAL E 91 5.11 -15.82 8.57
C VAL E 91 6.42 -15.30 9.11
N VAL E 92 6.89 -15.87 10.21
CA VAL E 92 8.08 -15.40 10.89
C VAL E 92 9.11 -16.52 10.87
N ARG E 93 10.32 -16.23 10.35
CA ARG E 93 11.42 -17.19 10.40
C ARG E 93 11.62 -17.67 11.82
N ASN E 94 12.01 -18.94 11.93
CA ASN E 94 12.35 -19.54 13.21
C ASN E 94 11.17 -19.48 14.17
N GLU E 95 10.02 -19.97 13.69
CA GLU E 95 8.84 -20.15 14.51
C GLU E 95 7.95 -21.17 13.82
N GLN E 96 7.64 -22.26 14.56
CA GLN E 96 6.91 -23.40 14.02
C GLN E 96 5.48 -23.02 13.73
N VAL E 97 5.04 -23.41 12.54
CA VAL E 97 3.81 -22.95 11.99
C VAL E 97 3.06 -24.14 11.40
N GLU E 98 1.92 -23.82 10.82
CA GLU E 98 1.05 -24.84 10.28
C GLU E 98 0.62 -24.37 8.90
N ILE E 99 0.47 -25.33 8.00
CA ILE E 99 -0.15 -25.12 6.69
C ILE E 99 -1.23 -26.15 6.47
N ARG E 100 -2.11 -25.88 5.53
CA ARG E 100 -3.16 -26.85 5.22
C ARG E 100 -3.24 -27.04 3.71
N ALA E 101 -3.30 -28.29 3.29
CA ALA E 101 -3.33 -28.65 1.88
C ALA E 101 -4.62 -29.36 1.54
N VAL E 102 -5.40 -28.79 0.63
CA VAL E 102 -6.70 -29.34 0.28
C VAL E 102 -6.62 -29.93 -1.12
N LEU E 103 -6.82 -31.23 -1.16
CA LEU E 103 -6.94 -31.96 -2.40
C LEU E 103 -8.41 -32.05 -2.72
N TYR E 104 -8.81 -31.58 -3.88
CA TYR E 104 -10.19 -31.76 -4.28
C TYR E 104 -10.28 -32.92 -5.27
N ASN E 105 -11.43 -33.64 -5.22
CA ASN E 105 -11.81 -34.70 -6.16
C ASN E 105 -13.20 -34.46 -6.72
N TYR E 106 -13.27 -34.13 -8.01
CA TYR E 106 -14.52 -33.88 -8.71
C TYR E 106 -14.93 -35.05 -9.62
N ARG E 107 -14.20 -36.19 -9.57
CA ARG E 107 -14.73 -37.44 -10.11
C ARG E 107 -16.09 -37.74 -9.46
N GLN E 108 -17.06 -38.11 -10.31
CA GLN E 108 -18.42 -38.18 -9.82
C GLN E 108 -18.63 -39.42 -8.96
N ASN E 109 -18.13 -40.59 -9.41
CA ASN E 109 -18.40 -41.85 -8.74
C ASN E 109 -17.16 -42.60 -8.26
N GLN E 110 -15.94 -42.14 -8.54
CA GLN E 110 -14.75 -42.91 -8.21
C GLN E 110 -14.06 -42.39 -6.96
N GLU E 111 -13.97 -43.23 -5.93
CA GLU E 111 -13.10 -42.91 -4.82
C GLU E 111 -11.65 -43.04 -5.26
N LEU E 112 -10.74 -42.46 -4.45
CA LEU E 112 -9.31 -42.42 -4.75
C LEU E 112 -8.48 -42.69 -3.50
N LYS E 113 -7.35 -43.38 -3.71
CA LYS E 113 -6.31 -43.55 -2.71
C LYS E 113 -5.07 -42.81 -3.15
N VAL E 114 -4.57 -41.94 -2.30
CA VAL E 114 -3.46 -41.05 -2.61
C VAL E 114 -2.33 -41.37 -1.65
N ARG E 115 -1.12 -41.38 -2.17
CA ARG E 115 0.09 -41.25 -1.37
C ARG E 115 0.63 -39.88 -1.71
N VAL E 116 0.67 -39.00 -0.70
CA VAL E 116 1.10 -37.62 -0.89
C VAL E 116 2.24 -37.35 0.08
N GLU E 117 3.27 -36.70 -0.45
CA GLU E 117 4.49 -36.38 0.28
C GLU E 117 4.55 -34.87 0.44
N LEU E 118 4.70 -34.40 1.68
CA LEU E 118 5.28 -33.08 1.86
C LEU E 118 6.76 -33.16 1.46
N LEU E 119 7.19 -32.33 0.50
CA LEU E 119 8.52 -32.45 -0.10
C LEU E 119 9.61 -31.71 0.70
N HIS E 120 10.76 -32.38 0.88
CA HIS E 120 11.84 -31.91 1.74
C HIS E 120 12.48 -30.62 1.26
N ASN E 121 12.87 -29.77 2.22
CA ASN E 121 13.43 -28.46 1.91
C ASN E 121 14.34 -28.07 3.07
N PRO E 122 15.65 -27.86 2.79
CA PRO E 122 16.56 -27.45 3.85
C PRO E 122 16.28 -26.08 4.42
N ALA E 123 15.41 -25.28 3.79
CA ALA E 123 14.98 -24.01 4.35
C ALA E 123 13.91 -24.17 5.43
N PHE E 124 13.40 -25.38 5.58
CA PHE E 124 12.33 -25.66 6.51
C PHE E 124 12.70 -26.82 7.40
N CYS E 125 12.37 -26.68 8.68
CA CYS E 125 12.37 -27.81 9.60
C CYS E 125 11.01 -28.47 9.42
N SER E 126 11.03 -29.62 8.77
CA SER E 126 9.90 -30.47 8.53
C SER E 126 10.16 -31.82 9.20
N LEU E 127 9.30 -32.78 8.91
CA LEU E 127 9.54 -34.17 9.25
C LEU E 127 10.28 -34.91 8.14
N ALA E 128 10.52 -34.25 7.01
CA ALA E 128 11.05 -34.89 5.79
C ALA E 128 12.56 -34.65 5.69
N THR E 129 13.36 -35.62 6.12
CA THR E 129 14.79 -35.45 5.91
C THR E 129 15.08 -35.65 4.44
N THR E 130 16.34 -35.44 4.07
CA THR E 130 16.80 -35.80 2.75
C THR E 130 16.30 -37.19 2.35
N LYS E 131 16.73 -38.22 3.11
CA LYS E 131 16.48 -39.60 2.73
C LYS E 131 15.18 -40.19 3.28
N ARG E 132 14.70 -39.70 4.44
CA ARG E 132 13.48 -40.20 5.11
C ARG E 132 12.27 -39.41 4.61
N ARG E 133 11.58 -39.96 3.60
CA ARG E 133 10.41 -39.35 3.00
C ARG E 133 9.32 -39.12 4.05
N HIS E 134 8.33 -38.30 3.70
CA HIS E 134 7.14 -38.14 4.54
C HIS E 134 5.90 -38.31 3.66
N GLN E 135 5.51 -39.58 3.43
CA GLN E 135 4.41 -39.93 2.54
C GLN E 135 3.23 -40.38 3.40
N GLN E 136 2.09 -39.71 3.19
CA GLN E 136 0.84 -40.01 3.86
C GLN E 136 -0.12 -40.64 2.86
N THR E 137 -0.78 -41.71 3.27
CA THR E 137 -1.68 -42.41 2.37
C THR E 137 -3.11 -42.15 2.85
N VAL E 138 -3.96 -41.86 1.87
CA VAL E 138 -5.31 -41.36 2.10
C VAL E 138 -6.24 -41.77 0.96
N THR E 139 -7.54 -41.60 1.23
CA THR E 139 -8.64 -42.04 0.39
C THR E 139 -9.67 -40.93 0.30
N ILE E 140 -10.29 -40.81 -0.87
CA ILE E 140 -11.14 -39.66 -1.12
C ILE E 140 -12.50 -40.11 -1.66
N PRO E 141 -13.61 -39.68 -1.05
CA PRO E 141 -14.93 -39.94 -1.64
C PRO E 141 -15.13 -39.08 -2.87
N PRO E 142 -15.67 -39.65 -3.95
CA PRO E 142 -15.91 -38.86 -5.15
C PRO E 142 -16.68 -37.59 -4.79
N LYS E 143 -16.44 -36.54 -5.58
CA LYS E 143 -17.04 -35.22 -5.33
C LYS E 143 -16.89 -34.77 -3.86
N SER E 144 -15.67 -34.92 -3.34
CA SER E 144 -15.24 -34.43 -2.01
C SER E 144 -13.71 -34.23 -1.95
N SER E 145 -13.28 -33.39 -0.98
CA SER E 145 -11.91 -32.90 -0.83
C SER E 145 -11.48 -33.10 0.62
N LEU E 146 -10.16 -33.22 0.86
CA LEU E 146 -9.68 -33.47 2.21
C LEU E 146 -8.60 -32.50 2.62
N SER E 147 -8.67 -32.08 3.89
CA SER E 147 -7.76 -31.10 4.44
C SER E 147 -6.63 -31.80 5.16
N VAL E 148 -5.38 -31.50 4.76
CA VAL E 148 -4.19 -32.12 5.32
C VAL E 148 -3.32 -31.07 6.00
N PRO E 149 -3.07 -31.19 7.30
CA PRO E 149 -2.17 -30.27 7.98
C PRO E 149 -0.71 -30.68 7.89
N TYR E 150 0.14 -29.67 8.09
CA TYR E 150 1.57 -29.87 7.93
C TYR E 150 2.21 -28.77 8.73
N VAL E 151 2.88 -29.12 9.82
CA VAL E 151 3.52 -28.14 10.68
C VAL E 151 5.03 -28.21 10.44
N ILE E 152 5.65 -27.03 10.36
CA ILE E 152 6.96 -26.81 9.76
C ILE E 152 7.64 -25.70 10.57
N VAL E 153 8.92 -25.46 10.26
CA VAL E 153 9.63 -24.32 10.78
C VAL E 153 10.30 -23.58 9.63
N PRO E 154 9.98 -22.28 9.42
CA PRO E 154 10.69 -21.46 8.43
C PRO E 154 12.07 -21.12 8.93
N LEU E 155 13.05 -21.81 8.36
CA LEU E 155 14.40 -21.74 8.88
C LEU E 155 15.14 -20.51 8.38
N LYS E 156 14.65 -19.92 7.30
CA LYS E 156 15.34 -18.87 6.58
C LYS E 156 14.29 -17.78 6.28
N THR E 157 14.71 -16.72 5.63
CA THR E 157 13.86 -15.56 5.36
C THR E 157 13.51 -15.48 3.88
N GLY E 158 12.51 -14.64 3.60
CA GLY E 158 12.15 -14.22 2.27
C GLY E 158 11.13 -15.08 1.55
N LEU E 159 11.27 -15.09 0.23
CA LEU E 159 10.46 -15.88 -0.70
C LEU E 159 10.82 -17.35 -0.62
N GLN E 160 10.09 -18.08 0.22
CA GLN E 160 10.20 -19.53 0.30
C GLN E 160 9.03 -20.21 -0.41
N GLU E 161 9.36 -21.19 -1.24
CA GLU E 161 8.39 -22.00 -1.95
C GLU E 161 8.20 -23.30 -1.19
N VAL E 162 6.96 -23.81 -1.23
CA VAL E 162 6.58 -25.09 -0.65
C VAL E 162 6.11 -25.96 -1.79
N GLU E 163 6.44 -27.26 -1.72
CA GLU E 163 6.00 -28.25 -2.69
C GLU E 163 5.43 -29.47 -1.99
N VAL E 164 4.38 -30.04 -2.60
CA VAL E 164 3.72 -31.26 -2.17
C VAL E 164 3.24 -31.94 -3.43
N LYS E 165 3.63 -33.19 -3.59
CA LYS E 165 3.32 -33.97 -4.77
C LYS E 165 2.46 -35.15 -4.33
N ALA E 166 1.25 -35.23 -4.88
CA ALA E 166 0.33 -36.30 -4.53
C ALA E 166 0.14 -37.23 -5.74
N ALA E 167 0.34 -38.52 -5.51
CA ALA E 167 0.23 -39.52 -6.54
C ALA E 167 -0.80 -40.55 -6.09
N VAL E 168 -1.40 -41.21 -7.08
CA VAL E 168 -2.57 -42.05 -6.90
C VAL E 168 -2.23 -43.47 -7.33
N TYR E 169 -3.13 -44.38 -6.95
CA TYR E 169 -2.92 -45.79 -7.21
C TYR E 169 -4.00 -46.33 -8.12
N HIS E 170 -3.61 -47.25 -8.99
CA HIS E 170 -4.51 -47.88 -9.96
C HIS E 170 -5.23 -46.87 -10.85
N HIS E 171 -4.69 -45.66 -10.96
CA HIS E 171 -5.30 -44.65 -11.83
C HIS E 171 -4.20 -43.83 -12.51
N PHE E 172 -4.60 -42.71 -13.13
CA PHE E 172 -3.73 -41.97 -14.02
C PHE E 172 -2.92 -40.79 -13.42
N ILE E 173 -3.59 -39.67 -13.11
CA ILE E 173 -2.93 -38.37 -12.87
C ILE E 173 -2.09 -38.35 -11.59
N SER E 174 -1.14 -37.40 -11.54
CA SER E 174 -0.60 -36.82 -10.33
C SER E 174 -0.64 -35.29 -10.44
N ASP E 175 -0.33 -34.64 -9.33
CA ASP E 175 -0.29 -33.18 -9.30
C ASP E 175 0.80 -32.75 -8.31
N GLY E 176 1.20 -31.47 -8.41
CA GLY E 176 2.02 -30.86 -7.39
C GLY E 176 1.90 -29.36 -7.19
N VAL E 177 1.69 -28.95 -6.01
CA VAL E 177 1.66 -27.52 -5.73
C VAL E 177 3.08 -27.05 -5.42
N ARG E 178 3.43 -25.81 -5.86
CA ARG E 178 4.76 -25.21 -5.61
C ARG E 178 4.60 -23.68 -5.45
N LYS E 179 4.42 -23.23 -4.20
CA LYS E 179 3.89 -21.88 -3.97
C LYS E 179 4.73 -21.12 -2.96
N SER E 180 5.12 -19.89 -3.31
CA SER E 180 5.98 -19.09 -2.45
C SER E 180 5.16 -18.16 -1.55
N LEU E 181 5.85 -17.58 -0.59
CA LEU E 181 5.29 -16.53 0.26
C LEU E 181 6.46 -15.82 0.96
N LYS E 182 6.13 -14.93 1.89
CA LYS E 182 7.13 -14.13 2.59
C LYS E 182 7.43 -14.64 4.00
N VAL E 183 8.72 -14.91 4.27
CA VAL E 183 9.24 -15.20 5.60
C VAL E 183 10.08 -14.03 6.08
N VAL E 184 10.07 -13.79 7.38
CA VAL E 184 10.66 -12.56 7.88
C VAL E 184 11.31 -12.86 9.23
N PRO E 185 12.12 -11.92 9.84
CA PRO E 185 12.72 -12.18 11.17
C PRO E 185 12.04 -11.51 12.35
N GLU E 186 12.36 -11.92 13.58
CA GLU E 186 11.83 -11.21 14.78
C GLU E 186 12.80 -10.15 15.30
N GLY E 187 13.97 -10.57 15.80
CA GLY E 187 15.02 -9.67 16.25
C GLY E 187 15.21 -9.40 17.74
N ILE E 188 14.46 -10.08 18.63
CA ILE E 188 14.49 -9.72 20.05
C ILE E 188 15.72 -10.33 20.71
N ARG E 189 15.78 -11.67 20.72
CA ARG E 189 16.87 -12.40 21.35
C ARG E 189 17.23 -11.81 22.72
N MET E 190 16.22 -11.48 23.50
CA MET E 190 16.44 -10.77 24.76
C MET E 190 15.72 -11.45 25.90
N ASN E 191 15.63 -12.76 25.87
CA ASN E 191 14.79 -13.54 26.78
C ASN E 191 15.60 -13.81 28.04
N LYS E 192 15.28 -13.09 29.10
CA LYS E 192 15.79 -13.36 30.43
C LYS E 192 17.31 -13.50 30.44
N THR E 193 17.99 -12.59 29.72
CA THR E 193 19.45 -12.64 29.66
C THR E 193 20.07 -12.24 31.01
N VAL E 194 21.10 -12.99 31.43
CA VAL E 194 21.93 -12.53 32.54
C VAL E 194 22.92 -11.51 32.00
N ALA E 195 23.51 -10.72 32.91
CA ALA E 195 24.32 -9.57 32.49
C ALA E 195 25.51 -9.98 31.63
N VAL E 196 26.24 -11.04 32.01
CA VAL E 196 27.34 -11.51 31.17
C VAL E 196 27.26 -13.04 31.00
N ARG E 197 26.58 -13.49 29.95
CA ARG E 197 26.39 -14.92 29.76
C ARG E 197 27.33 -15.50 28.71
N THR E 198 28.38 -14.77 28.33
CA THR E 198 29.36 -15.23 27.34
C THR E 198 28.65 -15.62 26.05
N LEU E 199 27.60 -14.87 25.72
CA LEU E 199 26.93 -15.02 24.43
C LEU E 199 27.81 -14.50 23.29
N ASP E 200 28.64 -13.50 23.56
CA ASP E 200 29.38 -12.82 22.51
C ASP E 200 30.43 -13.74 21.89
N PRO E 201 30.73 -13.55 20.62
CA PRO E 201 31.76 -14.35 19.96
C PRO E 201 33.15 -13.76 20.17
N GLU E 202 34.13 -14.41 19.54
CA GLU E 202 35.55 -14.11 19.74
C GLU E 202 36.14 -13.26 18.64
N ARG E 203 35.59 -13.33 17.42
CA ARG E 203 36.23 -12.71 16.27
C ARG E 203 35.46 -11.53 15.67
N LEU E 204 34.25 -11.20 16.14
CA LEU E 204 33.57 -10.00 15.65
C LEU E 204 34.18 -8.74 16.26
N GLY E 205 34.23 -7.67 15.45
CA GLY E 205 34.70 -6.37 15.91
C GLY E 205 36.12 -5.99 15.51
N ARG E 206 36.29 -4.78 14.99
CA ARG E 206 37.61 -4.37 14.49
C ARG E 206 38.39 -3.58 15.56
N THR E 592 1.01 -13.40 19.13
CA THR E 592 1.38 -14.03 20.40
C THR E 592 0.19 -14.14 21.38
N CYS E 593 -0.98 -14.57 20.87
CA CYS E 593 -2.17 -14.91 21.68
C CYS E 593 -2.68 -13.74 22.53
N ASN E 594 -2.46 -12.49 22.10
CA ASN E 594 -2.78 -11.34 22.96
C ASN E 594 -4.26 -11.27 23.34
N LYS E 595 -5.13 -11.89 22.57
CA LYS E 595 -6.55 -11.93 22.89
C LYS E 595 -6.94 -13.15 23.73
N PHE E 596 -6.19 -14.26 23.62
CA PHE E 596 -6.62 -15.59 24.05
C PHE E 596 -5.69 -16.19 25.08
N ASP E 597 -6.28 -16.80 26.12
CA ASP E 597 -5.64 -17.83 26.94
C ASP E 597 -5.88 -19.19 26.32
N LEU E 598 -4.83 -19.97 26.11
CA LEU E 598 -5.03 -21.29 25.50
C LEU E 598 -4.02 -22.29 26.06
N LYS E 599 -4.51 -23.24 26.87
CA LYS E 599 -3.69 -24.28 27.48
C LYS E 599 -4.15 -25.63 26.92
N VAL E 600 -3.38 -26.21 26.01
CA VAL E 600 -3.72 -27.50 25.42
C VAL E 600 -2.68 -28.54 25.87
N THR E 601 -3.17 -29.70 26.36
CA THR E 601 -2.35 -30.80 26.84
C THR E 601 -2.99 -32.10 26.38
N ILE E 602 -2.24 -32.94 25.67
CA ILE E 602 -2.76 -34.25 25.27
C ILE E 602 -2.29 -35.30 26.29
N LYS E 603 -3.25 -35.95 26.97
CA LYS E 603 -3.04 -36.94 28.02
C LYS E 603 -3.40 -38.35 27.54
N PRO E 604 -2.97 -39.41 28.27
CA PRO E 604 -3.27 -40.79 27.82
C PRO E 604 -4.49 -41.42 28.49
N ALA E 605 -4.93 -42.59 27.97
CA ALA E 605 -6.16 -43.27 28.37
C ALA E 605 -5.93 -44.49 29.29
N PRO E 606 -6.94 -44.82 30.12
CA PRO E 606 -6.83 -45.94 31.08
C PRO E 606 -6.91 -47.38 30.53
N GLU E 607 -7.87 -47.62 29.62
CA GLU E 607 -8.46 -48.93 29.27
C GLU E 607 -9.48 -49.41 30.29
N LYS E 616 -6.48 -49.38 18.04
CA LYS E 616 -5.21 -49.44 18.73
C LYS E 616 -5.23 -48.39 19.82
N ASN E 617 -4.19 -47.55 19.84
CA ASN E 617 -3.97 -46.70 20.99
C ASN E 617 -4.86 -45.47 20.99
N THR E 618 -5.39 -45.11 22.17
CA THR E 618 -6.22 -43.93 22.28
C THR E 618 -5.67 -43.01 23.37
N MET E 619 -5.78 -41.69 23.14
CA MET E 619 -5.32 -40.73 24.12
C MET E 619 -6.38 -39.66 24.28
N ILE E 620 -6.14 -38.78 25.24
CA ILE E 620 -7.03 -37.69 25.59
C ILE E 620 -6.46 -36.43 24.97
N LEU E 621 -7.33 -35.62 24.39
CA LEU E 621 -6.96 -34.26 24.04
C LEU E 621 -7.60 -33.34 25.07
N GLU E 622 -6.82 -32.45 25.65
CA GLU E 622 -7.32 -31.48 26.61
C GLU E 622 -7.04 -30.07 26.10
N ILE E 623 -8.04 -29.20 26.18
CA ILE E 623 -7.90 -27.80 25.83
C ILE E 623 -8.45 -27.00 26.99
N CYS E 624 -7.96 -25.78 27.19
CA CYS E 624 -8.35 -24.94 28.32
C CYS E 624 -8.22 -23.46 27.94
N THR E 625 -9.34 -22.78 27.77
CA THR E 625 -9.39 -21.51 27.04
C THR E 625 -10.09 -20.40 27.82
N ARG E 626 -9.78 -19.14 27.45
CA ARG E 626 -10.32 -17.94 28.09
C ARG E 626 -10.06 -16.73 27.19
N TYR E 627 -10.79 -15.64 27.47
CA TYR E 627 -10.66 -14.33 26.81
C TYR E 627 -10.18 -13.27 27.80
N ARG E 628 -9.40 -12.29 27.33
CA ARG E 628 -8.82 -11.24 28.17
C ARG E 628 -9.41 -9.88 27.78
N GLY E 629 -10.47 -9.48 28.48
CA GLY E 629 -11.10 -8.23 28.15
C GLY E 629 -12.08 -7.84 29.22
N ASP E 630 -12.89 -6.83 28.90
CA ASP E 630 -13.82 -6.32 29.90
C ASP E 630 -15.13 -7.09 29.88
N GLN E 631 -15.65 -7.40 28.70
CA GLN E 631 -16.87 -8.18 28.56
C GLN E 631 -16.54 -9.45 27.80
N ASP E 632 -17.36 -10.48 28.00
CA ASP E 632 -17.21 -11.73 27.24
C ASP E 632 -17.30 -11.49 25.74
N ALA E 633 -16.71 -12.42 24.99
CA ALA E 633 -16.50 -12.26 23.55
C ALA E 633 -17.50 -13.09 22.73
N THR E 634 -17.49 -12.85 21.42
CA THR E 634 -18.46 -13.41 20.48
C THR E 634 -18.03 -14.82 20.05
N MET E 635 -18.68 -15.37 19.02
CA MET E 635 -18.37 -16.71 18.53
C MET E 635 -16.88 -16.86 18.24
N SER E 636 -16.27 -17.85 18.87
CA SER E 636 -14.88 -18.22 18.64
C SER E 636 -14.84 -19.54 17.90
N ILE E 637 -13.78 -19.77 17.16
CA ILE E 637 -13.68 -20.94 16.32
C ILE E 637 -12.40 -21.67 16.71
N LEU E 638 -12.41 -22.98 16.53
CA LEU E 638 -11.25 -23.83 16.74
C LEU E 638 -10.96 -24.60 15.47
N ASP E 639 -9.75 -24.49 14.96
CA ASP E 639 -9.31 -25.45 13.97
C ASP E 639 -8.34 -26.42 14.62
N ILE E 640 -8.69 -27.69 14.50
CA ILE E 640 -8.01 -28.78 15.16
C ILE E 640 -7.62 -29.81 14.10
N SER E 641 -6.40 -30.28 14.20
CA SER E 641 -5.85 -31.17 13.21
C SER E 641 -5.17 -32.36 13.90
N MET E 642 -5.19 -33.50 13.21
CA MET E 642 -4.89 -34.80 13.82
C MET E 642 -3.41 -35.18 13.67
N MET E 643 -2.76 -35.47 14.82
CA MET E 643 -1.47 -36.15 14.80
C MET E 643 -1.48 -37.23 13.74
N THR E 644 -0.36 -37.40 13.06
CA THR E 644 -0.39 -38.19 11.84
C THR E 644 -1.09 -39.49 12.17
N GLY E 645 -2.12 -39.79 11.37
CA GLY E 645 -2.96 -40.95 11.61
C GLY E 645 -3.78 -40.92 12.89
N PHE E 646 -4.57 -39.88 13.12
CA PHE E 646 -5.42 -39.88 14.29
C PHE E 646 -6.83 -39.49 13.91
N ALA E 647 -7.76 -39.82 14.83
CA ALA E 647 -9.19 -39.59 14.66
C ALA E 647 -9.85 -39.53 16.02
N PRO E 648 -10.88 -38.73 16.20
CA PRO E 648 -11.56 -38.66 17.49
C PRO E 648 -12.54 -39.82 17.65
N ASP E 649 -13.02 -39.95 18.88
CA ASP E 649 -14.06 -40.92 19.23
C ASP E 649 -15.40 -40.41 18.72
N THR E 650 -15.83 -40.97 17.60
CA THR E 650 -17.11 -40.61 17.00
C THR E 650 -18.27 -40.39 17.96
N ASP E 651 -18.48 -41.26 18.95
CA ASP E 651 -19.62 -41.07 19.85
C ASP E 651 -19.36 -39.98 20.91
N ASP E 652 -18.16 -39.91 21.48
CA ASP E 652 -17.86 -38.79 22.38
C ASP E 652 -17.90 -37.47 21.65
N LEU E 653 -17.48 -37.44 20.40
CA LEU E 653 -17.73 -36.29 19.54
C LEU E 653 -19.22 -35.92 19.54
N LYS E 654 -20.10 -36.90 19.26
CA LYS E 654 -21.54 -36.68 19.33
C LYS E 654 -21.95 -36.22 20.72
N GLN E 655 -21.42 -36.85 21.77
CA GLN E 655 -21.82 -36.48 23.12
C GLN E 655 -21.51 -35.01 23.39
N LEU E 656 -20.39 -34.53 22.88
CA LEU E 656 -19.96 -33.16 23.15
C LEU E 656 -20.79 -32.13 22.37
N ALA E 657 -21.29 -32.49 21.18
CA ALA E 657 -21.95 -31.52 20.29
C ALA E 657 -23.32 -31.08 20.82
N ASN E 658 -24.06 -32.01 21.41
CA ASN E 658 -25.27 -31.62 22.12
C ASN E 658 -24.95 -30.68 23.26
N GLY E 659 -23.72 -30.74 23.77
CA GLY E 659 -23.21 -29.85 24.79
C GLY E 659 -23.59 -28.40 24.64
N VAL E 660 -23.69 -27.76 25.80
CA VAL E 660 -24.12 -26.37 25.90
C VAL E 660 -23.11 -25.46 25.21
N ASP E 661 -23.63 -24.47 24.47
CA ASP E 661 -22.85 -23.38 23.87
C ASP E 661 -21.97 -23.87 22.74
N ARG E 662 -22.32 -24.99 22.11
CA ARG E 662 -21.43 -25.66 21.17
C ARG E 662 -22.25 -26.21 20.02
N TYR E 663 -21.57 -26.42 18.89
CA TYR E 663 -22.23 -27.01 17.74
C TYR E 663 -21.21 -27.42 16.68
N ILE E 664 -21.38 -28.60 16.13
CA ILE E 664 -20.60 -29.08 15.01
C ILE E 664 -21.59 -29.72 14.07
N SER E 665 -21.71 -29.20 12.86
CA SER E 665 -22.71 -29.71 11.93
C SER E 665 -22.59 -31.21 11.75
N LYS E 666 -23.60 -31.80 11.13
CA LYS E 666 -23.68 -33.26 11.08
C LYS E 666 -22.58 -33.86 10.22
N TYR E 667 -22.30 -33.27 9.04
CA TYR E 667 -21.41 -33.93 8.08
C TYR E 667 -19.95 -33.91 8.57
N GLU E 668 -19.48 -32.77 9.09
CA GLU E 668 -18.18 -32.89 9.73
C GLU E 668 -18.25 -33.69 11.03
N LEU E 669 -19.46 -34.01 11.52
CA LEU E 669 -19.61 -34.90 12.68
C LEU E 669 -19.92 -36.36 12.32
N ASP E 670 -20.58 -36.64 11.19
CA ASP E 670 -20.75 -38.02 10.74
C ASP E 670 -19.87 -38.34 9.52
N LYS E 671 -18.79 -37.58 9.34
CA LYS E 671 -17.71 -37.85 8.40
C LYS E 671 -17.17 -39.25 8.65
N ALA E 672 -16.50 -39.87 7.67
CA ALA E 672 -16.11 -41.26 7.81
C ALA E 672 -14.77 -41.44 8.56
N PHE E 673 -14.68 -42.56 9.29
CA PHE E 673 -13.46 -42.96 10.02
C PHE E 673 -12.28 -43.20 9.08
N SER E 674 -12.49 -43.21 7.76
CA SER E 674 -11.45 -43.59 6.82
C SER E 674 -10.31 -42.56 6.79
N ASP E 675 -10.65 -41.29 6.58
CA ASP E 675 -9.64 -40.22 6.62
C ASP E 675 -10.22 -38.98 7.31
N ARG E 676 -10.96 -39.21 8.40
CA ARG E 676 -11.38 -38.10 9.24
C ARG E 676 -10.18 -37.50 9.97
N ASN E 677 -9.68 -36.33 9.50
CA ASN E 677 -8.34 -35.86 9.88
C ASN E 677 -8.28 -34.45 10.45
N THR E 678 -9.11 -33.54 9.96
CA THR E 678 -9.18 -32.16 10.43
C THR E 678 -10.59 -31.87 10.92
N LEU E 679 -10.69 -31.27 12.10
CA LEU E 679 -11.98 -31.01 12.71
C LEU E 679 -12.11 -29.53 12.99
N ILE E 680 -13.31 -28.97 12.72
CA ILE E 680 -13.61 -27.58 13.05
C ILE E 680 -14.81 -27.52 13.99
N ILE E 681 -14.63 -26.84 15.11
CA ILE E 681 -15.66 -26.74 16.13
C ILE E 681 -15.93 -25.26 16.39
N TYR E 682 -17.17 -24.85 16.25
CA TYR E 682 -17.53 -23.46 16.47
C TYR E 682 -18.22 -23.31 17.82
N LEU E 683 -17.96 -22.18 18.46
CA LEU E 683 -18.44 -21.93 19.80
C LEU E 683 -19.38 -20.72 19.78
N ASP E 684 -20.40 -20.76 20.63
CA ASP E 684 -21.34 -19.65 20.74
C ASP E 684 -20.65 -18.40 21.29
N LYS E 685 -20.02 -18.51 22.45
CA LYS E 685 -19.23 -17.41 22.95
C LYS E 685 -18.08 -18.02 23.74
N VAL E 686 -17.16 -17.16 24.16
CA VAL E 686 -16.04 -17.55 25.02
C VAL E 686 -15.96 -16.56 26.17
N SER E 687 -15.51 -17.05 27.31
CA SER E 687 -15.58 -16.31 28.56
C SER E 687 -14.25 -15.59 28.84
N HIS E 688 -14.35 -14.47 29.54
CA HIS E 688 -13.20 -13.72 30.01
C HIS E 688 -12.98 -13.91 31.50
N SER E 689 -13.71 -14.82 32.12
CA SER E 689 -13.77 -14.87 33.57
C SER E 689 -13.08 -16.09 34.18
N GLU E 690 -13.11 -17.25 33.53
CA GLU E 690 -12.39 -18.41 34.06
C GLU E 690 -12.16 -19.45 32.96
N ASP E 691 -11.48 -20.55 33.34
CA ASP E 691 -11.16 -21.70 32.47
C ASP E 691 -12.41 -22.54 32.14
N ASP E 692 -12.80 -22.58 30.86
CA ASP E 692 -13.76 -23.55 30.35
C ASP E 692 -13.00 -24.49 29.42
N CYS E 693 -12.73 -25.71 29.89
CA CYS E 693 -11.93 -26.66 29.13
C CYS E 693 -12.84 -27.56 28.27
N LEU E 694 -12.24 -28.59 27.66
CA LEU E 694 -12.90 -29.68 26.94
C LEU E 694 -11.88 -30.77 26.69
N ALA E 695 -12.37 -31.98 26.45
CA ALA E 695 -11.49 -33.11 26.22
C ALA E 695 -12.28 -34.20 25.53
N PHE E 696 -11.56 -35.07 24.84
CA PHE E 696 -12.19 -36.16 24.11
C PHE E 696 -11.09 -37.05 23.56
N LYS E 697 -11.52 -38.18 22.99
CA LYS E 697 -10.64 -39.29 22.68
C LYS E 697 -10.10 -39.21 21.26
N VAL E 698 -8.96 -39.85 21.05
CA VAL E 698 -8.31 -39.94 19.75
C VAL E 698 -7.80 -41.37 19.57
N HIS E 699 -7.91 -41.89 18.36
CA HIS E 699 -7.55 -43.28 18.08
C HIS E 699 -6.48 -43.32 17.00
N GLN E 700 -5.73 -44.42 16.94
CA GLN E 700 -4.62 -44.56 15.99
C GLN E 700 -5.04 -45.43 14.81
N TYR E 701 -5.22 -44.82 13.63
CA TYR E 701 -5.75 -45.56 12.49
C TYR E 701 -4.66 -46.34 11.78
N PHE E 702 -3.49 -45.76 11.65
CA PHE E 702 -2.39 -46.37 10.97
C PHE E 702 -1.21 -46.33 11.94
N ASN E 703 -0.36 -47.36 11.93
CA ASN E 703 0.84 -47.40 12.77
C ASN E 703 2.04 -46.88 11.98
N VAL E 704 2.53 -45.69 12.38
CA VAL E 704 3.86 -45.18 12.06
C VAL E 704 4.52 -44.71 13.35
N GLU E 705 5.85 -44.88 13.39
CA GLU E 705 6.61 -44.63 14.62
C GLU E 705 6.64 -43.14 14.97
N LEU E 706 6.68 -42.27 13.96
CA LEU E 706 6.82 -40.83 14.14
C LEU E 706 5.54 -40.12 13.71
N ILE E 707 5.13 -39.12 14.50
CA ILE E 707 3.78 -38.53 14.46
C ILE E 707 3.85 -37.00 14.44
N GLN E 708 3.40 -36.39 13.34
CA GLN E 708 3.26 -34.94 13.27
C GLN E 708 2.53 -34.41 14.49
N PRO E 709 2.98 -33.32 15.10
CA PRO E 709 2.21 -32.71 16.19
C PRO E 709 0.80 -32.35 15.76
N GLY E 710 -0.11 -32.46 16.66
CA GLY E 710 -1.40 -31.91 16.37
C GLY E 710 -1.34 -30.43 16.54
N ALA E 711 -2.35 -29.76 15.99
CA ALA E 711 -2.45 -28.31 15.97
C ALA E 711 -3.87 -27.85 16.28
N VAL E 712 -3.96 -26.71 16.93
CA VAL E 712 -5.22 -26.19 17.46
C VAL E 712 -5.21 -24.67 17.29
N LYS E 713 -6.01 -24.11 16.39
CA LYS E 713 -5.95 -22.66 16.17
C LYS E 713 -7.30 -22.02 16.48
N VAL E 714 -7.29 -21.03 17.38
CA VAL E 714 -8.51 -20.45 17.91
C VAL E 714 -8.53 -18.95 17.66
N TYR E 715 -9.70 -18.43 17.32
CA TYR E 715 -9.86 -17.01 17.01
C TYR E 715 -11.33 -16.60 17.12
N ALA E 716 -11.55 -15.30 17.25
CA ALA E 716 -12.91 -14.80 17.21
C ALA E 716 -13.45 -14.91 15.79
N TYR E 717 -14.76 -15.15 15.69
CA TYR E 717 -15.38 -15.37 14.39
C TYR E 717 -15.00 -14.26 13.42
N TYR E 718 -14.87 -13.04 13.93
CA TYR E 718 -14.65 -11.92 13.02
C TYR E 718 -13.19 -11.82 12.60
N ASN E 719 -12.25 -12.10 13.50
CA ASN E 719 -10.85 -11.84 13.25
C ASN E 719 -10.03 -13.12 13.26
N LEU E 720 -9.39 -13.41 12.12
CA LEU E 720 -8.41 -14.47 12.00
C LEU E 720 -7.01 -14.03 12.40
N GLU E 721 -6.65 -12.79 12.08
CA GLU E 721 -5.25 -12.39 12.16
C GLU E 721 -4.76 -12.26 13.61
N GLU E 722 -5.64 -11.91 14.55
CA GLU E 722 -5.29 -11.98 15.96
C GLU E 722 -5.70 -13.34 16.53
N SER E 723 -5.12 -14.39 15.95
CA SER E 723 -5.32 -15.77 16.38
C SER E 723 -4.22 -16.22 17.35
N CYS E 724 -4.41 -17.42 17.87
CA CYS E 724 -3.45 -18.06 18.75
C CYS E 724 -3.39 -19.52 18.36
N THR E 725 -2.18 -20.04 18.16
CA THR E 725 -1.99 -21.39 17.69
C THR E 725 -1.08 -22.16 18.64
N ARG E 726 -1.50 -23.37 19.00
CA ARG E 726 -0.69 -24.24 19.82
C ARG E 726 -0.53 -25.56 19.11
N PHE E 727 0.58 -26.21 19.35
CA PHE E 727 0.83 -27.52 18.81
C PHE E 727 0.98 -28.44 20.01
N TYR E 728 0.52 -29.68 19.86
CA TYR E 728 0.60 -30.67 20.93
C TYR E 728 1.41 -31.88 20.45
N HIS E 729 2.00 -32.55 21.43
CA HIS E 729 2.71 -33.80 21.28
C HIS E 729 2.88 -34.28 22.71
N PRO E 730 2.71 -35.59 22.98
CA PRO E 730 2.68 -36.04 24.40
C PRO E 730 4.02 -35.91 25.13
N GLU E 731 5.13 -36.21 24.48
CA GLU E 731 6.45 -36.12 25.07
C GLU E 731 7.15 -34.81 24.73
N LYS E 732 6.96 -34.29 23.50
CA LYS E 732 7.39 -32.93 23.12
C LYS E 732 6.53 -31.91 23.86
N GLU E 733 7.12 -31.15 24.77
CA GLU E 733 6.35 -30.14 25.48
C GLU E 733 5.97 -29.02 24.52
N ASP E 734 4.73 -28.58 24.60
CA ASP E 734 4.12 -27.63 23.66
C ASP E 734 4.26 -28.10 22.23
N GLY E 735 4.59 -29.37 22.02
CA GLY E 735 4.38 -30.02 20.75
C GLY E 735 5.25 -29.53 19.63
N LYS E 736 6.45 -29.07 19.96
CA LYS E 736 7.31 -28.41 19.00
C LYS E 736 8.41 -29.36 18.53
N LEU E 737 8.69 -29.31 17.22
CA LEU E 737 9.73 -30.15 16.62
C LEU E 737 11.10 -29.85 17.23
N ASN E 738 11.96 -30.87 17.29
CA ASN E 738 13.32 -30.64 17.74
C ASN E 738 14.16 -29.98 16.65
N LYS E 739 14.73 -28.80 16.97
CA LYS E 739 15.73 -28.14 16.15
C LYS E 739 16.86 -27.67 17.07
N LEU E 740 17.89 -27.10 16.45
CA LEU E 740 19.11 -26.68 17.15
C LEU E 740 19.41 -25.21 16.90
N CYS E 741 19.54 -24.43 17.96
CA CYS E 741 19.49 -22.98 17.86
C CYS E 741 20.70 -22.31 18.51
N ARG E 742 21.28 -21.32 17.79
CA ARG E 742 22.25 -20.32 18.25
C ARG E 742 21.71 -18.93 17.89
N ASP E 743 22.53 -17.89 18.11
CA ASP E 743 22.08 -16.51 18.31
C ASP E 743 20.87 -16.14 17.46
N GLU E 744 20.93 -16.37 16.14
CA GLU E 744 19.74 -16.25 15.31
C GLU E 744 19.60 -17.39 14.29
N LEU E 745 20.38 -18.45 14.38
CA LEU E 745 20.34 -19.53 13.41
C LEU E 745 19.80 -20.78 14.08
N CYS E 746 19.09 -21.62 13.30
CA CYS E 746 18.67 -22.92 13.79
C CYS E 746 18.75 -23.95 12.66
N ARG E 747 18.98 -25.22 13.02
CA ARG E 747 18.90 -26.28 12.02
C ARG E 747 18.05 -27.40 12.58
N CYS E 748 17.44 -28.15 11.69
CA CYS E 748 16.44 -29.15 12.05
C CYS E 748 17.13 -30.45 12.54
N ALA E 749 16.91 -30.79 13.81
CA ALA E 749 17.41 -32.03 14.40
C ALA E 749 16.23 -32.99 14.60
N GLU E 750 15.86 -33.72 13.50
CA GLU E 750 14.75 -34.66 13.50
C GLU E 750 14.99 -35.93 12.68
N GLU E 751 16.18 -36.11 12.10
CA GLU E 751 16.56 -37.30 11.35
C GLU E 751 17.09 -38.39 12.27
N ASN E 752 17.31 -39.57 11.69
CA ASN E 752 17.56 -40.76 12.50
C ASN E 752 18.71 -40.51 13.47
N CYS E 753 18.62 -41.15 14.63
CA CYS E 753 19.47 -40.78 15.75
C CYS E 753 20.95 -40.97 15.43
N PHE E 754 21.29 -42.15 14.93
CA PHE E 754 22.62 -42.43 14.44
C PHE E 754 22.45 -43.41 13.30
N ILE E 755 23.55 -43.73 12.63
CA ILE E 755 23.49 -44.69 11.54
C ILE E 755 22.98 -46.03 12.07
N GLN E 756 22.08 -46.67 11.32
CA GLN E 756 21.33 -47.80 11.84
C GLN E 756 22.26 -48.94 12.29
N LYS E 757 21.97 -49.51 13.47
CA LYS E 757 22.75 -50.57 14.08
C LYS E 757 22.07 -51.92 13.84
N SER E 758 22.65 -52.99 14.39
CA SER E 758 22.11 -54.35 14.57
C SER E 758 22.07 -55.16 13.28
N ASP E 759 22.49 -54.60 12.14
CA ASP E 759 22.57 -55.31 10.87
C ASP E 759 23.35 -56.61 11.04
N ASP E 760 23.08 -57.58 10.17
CA ASP E 760 23.85 -58.82 10.20
C ASP E 760 25.34 -58.56 9.96
N LYS E 761 25.65 -57.60 9.09
CA LYS E 761 27.02 -57.30 8.70
C LYS E 761 27.64 -56.28 9.67
N VAL E 762 28.62 -56.75 10.47
CA VAL E 762 29.45 -55.93 11.35
C VAL E 762 30.96 -56.18 11.15
N THR E 763 31.38 -56.56 9.94
CA THR E 763 32.77 -56.91 9.68
C THR E 763 33.66 -55.68 9.60
N LEU E 764 34.97 -55.93 9.55
CA LEU E 764 35.90 -54.86 9.21
C LEU E 764 35.58 -54.28 7.84
N GLU E 765 35.19 -55.13 6.88
CA GLU E 765 34.98 -54.69 5.49
C GLU E 765 34.02 -53.50 5.40
N GLU E 766 32.80 -53.63 5.90
CA GLU E 766 31.90 -52.48 5.90
C GLU E 766 32.36 -51.41 6.89
N ARG E 767 32.88 -51.81 8.06
CA ARG E 767 33.37 -50.86 9.06
C ARG E 767 34.34 -49.86 8.45
N LEU E 768 35.39 -50.38 7.80
CA LEU E 768 36.36 -49.55 7.10
C LEU E 768 35.72 -48.74 6.00
N ASP E 769 34.87 -49.36 5.17
CA ASP E 769 34.24 -48.62 4.09
C ASP E 769 33.57 -47.34 4.58
N LYS E 770 32.79 -47.41 5.67
CA LYS E 770 32.20 -46.20 6.26
C LYS E 770 33.21 -45.31 6.99
N ALA E 771 34.44 -45.77 7.16
CA ALA E 771 35.52 -44.99 7.75
C ALA E 771 36.52 -44.48 6.72
N CYS E 772 36.65 -45.18 5.59
CA CYS E 772 37.45 -44.78 4.45
C CYS E 772 36.75 -43.81 3.50
N GLU E 773 35.45 -43.59 3.68
CA GLU E 773 34.73 -42.57 2.94
C GLU E 773 35.32 -41.19 3.25
N PRO E 774 35.20 -40.25 2.32
CA PRO E 774 35.88 -38.97 2.50
C PRO E 774 35.14 -38.11 3.49
N GLY E 775 33.83 -38.35 3.56
CA GLY E 775 32.98 -37.60 4.45
C GLY E 775 33.52 -37.60 5.87
N VAL E 776 34.13 -38.72 6.27
CA VAL E 776 34.55 -38.84 7.66
C VAL E 776 35.66 -37.82 7.86
N ASP E 777 35.32 -36.75 8.56
CA ASP E 777 36.30 -35.75 8.90
C ASP E 777 37.13 -36.22 10.08
N TYR E 778 36.45 -36.72 11.11
CA TYR E 778 37.05 -37.08 12.38
C TYR E 778 36.61 -38.48 12.73
N VAL E 779 37.51 -39.24 13.34
CA VAL E 779 37.23 -40.51 14.01
C VAL E 779 37.98 -40.47 15.33
N TYR E 780 37.27 -40.42 16.45
CA TYR E 780 37.89 -40.32 17.76
C TYR E 780 37.57 -41.56 18.61
N LYS E 781 38.29 -41.72 19.72
CA LYS E 781 37.93 -42.70 20.75
C LYS E 781 38.07 -42.04 22.11
N THR E 782 36.96 -41.80 22.76
CA THR E 782 36.97 -41.09 24.02
C THR E 782 36.24 -41.93 25.06
N ARG E 783 36.01 -41.30 26.21
CA ARG E 783 35.40 -41.92 27.37
C ARG E 783 34.30 -40.99 27.87
N LEU E 784 33.10 -41.55 28.07
CA LEU E 784 31.97 -40.74 28.51
C LEU E 784 32.26 -40.20 29.89
N VAL E 785 32.57 -38.91 29.94
CA VAL E 785 33.10 -38.32 31.15
C VAL E 785 31.99 -37.63 31.93
N LYS E 786 31.30 -36.68 31.32
CA LYS E 786 30.22 -35.99 31.99
C LYS E 786 28.98 -36.05 31.10
N VAL E 787 27.83 -35.69 31.68
CA VAL E 787 26.53 -35.79 31.04
C VAL E 787 25.62 -34.65 31.53
N GLN E 788 25.19 -33.76 30.62
CA GLN E 788 24.12 -32.81 30.93
C GLN E 788 22.87 -33.34 30.26
N LEU E 789 21.91 -33.73 31.07
CA LEU E 789 20.59 -34.12 30.59
C LEU E 789 19.64 -32.93 30.76
N SER E 790 18.70 -32.82 29.82
CA SER E 790 17.74 -31.73 29.81
C SER E 790 16.57 -32.08 28.89
N ASN E 791 15.56 -31.21 28.93
CA ASN E 791 14.41 -31.37 28.03
C ASN E 791 14.84 -31.34 26.58
N ASP E 792 15.46 -30.24 26.17
CA ASP E 792 15.79 -30.07 24.76
C ASP E 792 16.65 -31.21 24.24
N PHE E 793 17.86 -31.32 24.76
CA PHE E 793 18.82 -32.29 24.28
C PHE E 793 19.58 -32.83 25.47
N ASP E 794 20.35 -33.87 25.22
CA ASP E 794 21.07 -34.57 26.28
C ASP E 794 22.53 -34.67 25.89
N GLU E 795 23.37 -34.06 26.72
CA GLU E 795 24.73 -33.72 26.35
C GLU E 795 25.70 -34.72 26.98
N TYR E 796 26.58 -35.28 26.15
CA TYR E 796 27.58 -36.29 26.55
C TYR E 796 29.00 -35.73 26.40
N ILE E 797 29.66 -35.48 27.53
CA ILE E 797 30.97 -34.84 27.57
C ILE E 797 32.06 -35.89 27.33
N MET E 798 32.74 -35.80 26.17
CA MET E 798 33.59 -36.86 25.67
C MET E 798 35.07 -36.49 25.79
N ALA E 799 35.87 -37.48 26.19
CA ALA E 799 37.25 -37.28 26.62
C ALA E 799 38.21 -37.83 25.57
N ILE E 800 38.59 -36.99 24.62
CA ILE E 800 39.51 -37.37 23.54
C ILE E 800 40.92 -37.47 24.11
N GLU E 801 41.49 -38.67 24.10
CA GLU E 801 42.88 -38.87 24.46
C GLU E 801 43.79 -38.97 23.24
N GLN E 802 43.33 -39.61 22.18
CA GLN E 802 44.08 -39.77 20.95
C GLN E 802 43.32 -39.17 19.78
N THR E 803 44.05 -38.57 18.84
CA THR E 803 43.48 -38.05 17.61
C THR E 803 43.77 -39.07 16.51
N ILE E 804 42.88 -40.06 16.36
CA ILE E 804 43.04 -41.11 15.35
C ILE E 804 43.19 -40.46 13.97
N LYS E 805 42.14 -39.76 13.50
CA LYS E 805 42.16 -39.02 12.23
C LYS E 805 41.46 -37.68 12.44
N SER E 806 42.24 -36.67 12.81
CA SER E 806 41.71 -35.34 12.71
C SER E 806 41.40 -35.05 11.23
N GLY E 807 40.61 -34.01 11.03
CA GLY E 807 40.19 -33.58 9.69
C GLY E 807 40.34 -32.08 9.58
N SER E 808 39.26 -31.39 9.24
CA SER E 808 39.19 -29.95 9.48
C SER E 808 38.88 -29.72 10.97
N ASP E 809 39.80 -30.19 11.81
CA ASP E 809 39.72 -29.93 13.24
C ASP E 809 41.13 -29.88 13.83
N GLU E 810 41.32 -28.95 14.77
CA GLU E 810 42.60 -28.65 15.39
C GLU E 810 42.52 -29.12 16.86
N VAL E 811 42.77 -30.40 17.09
CA VAL E 811 42.45 -31.07 18.34
C VAL E 811 43.73 -31.39 19.10
N GLN E 812 43.81 -30.93 20.36
CA GLN E 812 44.95 -31.21 21.22
C GLN E 812 44.69 -32.47 22.04
N VAL E 813 45.78 -33.02 22.58
CA VAL E 813 45.76 -34.32 23.24
C VAL E 813 45.36 -34.16 24.69
N GLY E 814 44.41 -34.99 25.15
CA GLY E 814 43.84 -34.89 26.48
C GLY E 814 42.81 -33.77 26.62
N GLN E 815 41.88 -33.70 25.67
CA GLN E 815 40.97 -32.58 25.50
C GLN E 815 39.52 -33.03 25.73
N GLN E 816 38.68 -32.09 26.18
CA GLN E 816 37.31 -32.40 26.59
C GLN E 816 36.32 -31.67 25.70
N ARG E 817 35.50 -32.42 24.95
CA ARG E 817 34.65 -31.81 23.94
C ARG E 817 33.21 -32.32 24.01
N THR E 818 32.29 -31.45 23.58
CA THR E 818 30.86 -31.57 23.82
C THR E 818 30.13 -32.16 22.61
N PHE E 819 29.57 -33.35 22.80
CA PHE E 819 28.75 -34.05 21.81
C PHE E 819 27.29 -34.06 22.27
N ILE E 820 26.37 -33.85 21.33
CA ILE E 820 24.95 -33.68 21.65
C ILE E 820 24.16 -34.85 21.07
N SER E 821 23.02 -35.14 21.69
CA SER E 821 22.09 -36.11 21.14
C SER E 821 20.69 -35.63 21.54
N PRO E 822 19.73 -35.60 20.60
CA PRO E 822 18.40 -35.08 20.92
C PRO E 822 17.69 -35.91 21.99
N ILE E 823 16.73 -35.27 22.66
CA ILE E 823 16.07 -35.98 23.75
C ILE E 823 15.29 -37.17 23.22
N LYS E 824 14.75 -37.09 22.00
CA LYS E 824 13.98 -38.21 21.46
C LYS E 824 14.83 -39.46 21.33
N CYS E 825 16.13 -39.30 21.26
CA CYS E 825 17.04 -40.39 20.98
C CYS E 825 17.64 -41.01 22.24
N ARG E 826 17.72 -40.24 23.33
CA ARG E 826 18.59 -40.56 24.47
C ARG E 826 18.54 -42.03 24.88
N GLU E 827 17.35 -42.55 25.15
CA GLU E 827 17.25 -43.89 25.73
C GLU E 827 17.58 -44.95 24.68
N ALA E 828 17.24 -44.72 23.40
CA ALA E 828 17.57 -45.65 22.32
C ALA E 828 19.06 -45.93 22.22
N LEU E 829 19.90 -45.02 22.70
CA LEU E 829 21.34 -45.11 22.58
C LEU E 829 21.97 -46.06 23.61
N LYS E 830 21.29 -46.31 24.73
CA LYS E 830 21.79 -47.12 25.84
C LYS E 830 23.24 -46.79 26.17
N LEU E 831 23.44 -45.54 26.60
CA LEU E 831 24.75 -44.95 26.83
C LEU E 831 24.98 -44.63 28.30
N GLU E 832 26.16 -45.00 28.80
CA GLU E 832 26.53 -44.88 30.19
C GLU E 832 27.88 -44.20 30.28
N GLU E 833 28.06 -43.39 31.33
CA GLU E 833 29.31 -42.70 31.51
C GLU E 833 30.42 -43.70 31.83
N LYS E 834 31.63 -43.16 31.98
CA LYS E 834 32.80 -43.94 32.39
C LYS E 834 33.19 -44.97 31.34
N LYS E 835 32.42 -45.07 30.27
CA LYS E 835 32.71 -46.03 29.21
C LYS E 835 33.52 -45.34 28.12
N HIS E 836 34.47 -46.08 27.54
CA HIS E 836 35.16 -45.55 26.37
C HIS E 836 34.23 -45.62 25.17
N TYR E 837 34.41 -44.70 24.23
CA TYR E 837 33.66 -44.74 22.99
C TYR E 837 34.59 -44.39 21.84
N LEU E 838 34.55 -45.20 20.78
CA LEU E 838 35.19 -44.87 19.50
C LEU E 838 34.13 -44.38 18.52
N MET E 839 34.33 -43.16 18.00
CA MET E 839 33.28 -42.37 17.38
C MET E 839 33.80 -41.78 16.07
N TRP E 840 32.87 -41.41 15.20
CA TRP E 840 33.29 -40.68 14.01
C TRP E 840 32.10 -39.94 13.40
N GLY E 841 32.43 -38.92 12.65
CA GLY E 841 31.43 -38.09 12.01
C GLY E 841 32.03 -37.36 10.84
N LEU E 842 31.48 -36.17 10.57
CA LEU E 842 31.83 -35.38 9.40
C LEU E 842 32.27 -34.00 9.83
N SER E 843 32.84 -33.27 8.87
CA SER E 843 33.21 -31.88 9.14
C SER E 843 31.97 -31.02 9.20
N SER E 844 30.95 -31.36 8.42
CA SER E 844 29.69 -30.63 8.47
C SER E 844 28.99 -30.77 9.82
N ASP E 845 29.22 -31.89 10.54
CA ASP E 845 28.58 -32.13 11.85
C ASP E 845 29.43 -31.60 13.01
N PHE E 846 29.69 -30.28 12.99
CA PHE E 846 30.36 -29.55 14.06
C PHE E 846 29.51 -28.35 14.46
N TRP E 847 29.15 -28.22 15.74
CA TRP E 847 28.20 -27.20 16.20
C TRP E 847 28.96 -26.01 16.79
N GLY E 848 28.92 -24.88 16.10
CA GLY E 848 29.53 -23.65 16.56
C GLY E 848 30.67 -23.19 15.67
N GLU E 849 31.51 -22.30 16.23
CA GLU E 849 32.74 -21.87 15.56
C GLU E 849 33.83 -21.75 16.64
N LYS E 850 35.10 -21.80 16.19
CA LYS E 850 36.23 -22.07 17.08
C LYS E 850 36.56 -20.87 17.98
N PRO E 851 36.92 -21.11 19.25
CA PRO E 851 37.02 -22.44 19.87
C PRO E 851 35.85 -22.81 20.78
N ASN E 852 34.73 -22.10 20.67
CA ASN E 852 33.55 -22.38 21.50
C ASN E 852 32.56 -23.31 20.80
N LEU E 853 33.02 -24.49 20.39
CA LEU E 853 32.31 -25.39 19.47
C LEU E 853 31.62 -26.54 20.21
N SER E 854 30.78 -27.29 19.47
CA SER E 854 30.12 -28.50 19.97
C SER E 854 29.96 -29.52 18.85
N TYR E 855 29.56 -30.74 19.22
CA TYR E 855 29.41 -31.83 18.29
C TYR E 855 27.98 -32.35 18.30
N ILE E 856 27.52 -32.84 17.14
CA ILE E 856 26.14 -33.28 16.93
C ILE E 856 26.13 -34.68 16.33
N ILE E 857 25.36 -35.59 16.91
CA ILE E 857 25.22 -36.96 16.40
C ILE E 857 24.01 -37.00 15.48
N GLY E 858 24.26 -37.26 14.20
CA GLY E 858 23.23 -37.20 13.19
C GLY E 858 22.88 -38.56 12.59
N LYS E 859 22.12 -38.49 11.51
CA LYS E 859 21.64 -39.70 10.85
C LYS E 859 22.79 -40.61 10.49
N ASP E 860 23.93 -40.03 10.10
CA ASP E 860 25.04 -40.83 9.63
C ASP E 860 26.21 -40.84 10.60
N THR E 861 26.07 -40.22 11.76
CA THR E 861 27.11 -40.36 12.77
C THR E 861 27.12 -41.80 13.25
N TRP E 862 28.33 -42.32 13.45
CA TRP E 862 28.57 -43.66 14.00
C TRP E 862 29.23 -43.55 15.36
N VAL E 863 28.65 -44.22 16.36
CA VAL E 863 29.21 -44.28 17.70
C VAL E 863 29.18 -45.74 18.17
N GLU E 864 30.19 -46.13 18.96
CA GLU E 864 30.22 -47.44 19.59
C GLU E 864 31.09 -47.41 20.84
N HIS E 865 30.57 -47.97 21.91
CA HIS E 865 31.29 -48.04 23.17
C HIS E 865 32.55 -48.89 23.05
N TRP E 866 33.55 -48.52 23.83
CA TRP E 866 34.78 -49.30 23.94
C TRP E 866 34.96 -49.69 25.41
N PRO E 867 34.94 -50.99 25.73
CA PRO E 867 35.21 -51.41 27.13
C PRO E 867 36.66 -51.22 27.57
N GLU E 868 37.01 -51.71 28.76
CA GLU E 868 38.40 -51.69 29.24
C GLU E 868 39.16 -52.95 28.79
N GLU E 869 40.42 -53.06 29.24
CA GLU E 869 41.17 -54.30 29.02
C GLU E 869 40.60 -55.43 29.88
N ASP E 870 40.14 -55.11 31.10
CA ASP E 870 39.52 -56.11 31.96
C ASP E 870 38.07 -56.43 31.59
N GLU E 871 37.50 -55.76 30.58
CA GLU E 871 36.14 -56.00 30.10
C GLU E 871 36.07 -56.58 28.69
N CYS E 872 37.19 -57.01 28.11
CA CYS E 872 37.17 -57.65 26.80
C CYS E 872 37.75 -59.06 26.82
N GLN E 873 38.28 -59.51 27.97
CA GLN E 873 38.90 -60.83 28.14
C GLN E 873 37.88 -61.96 28.15
N ASP E 874 36.58 -61.65 28.17
CA ASP E 874 35.57 -62.68 28.15
C ASP E 874 35.54 -63.38 26.79
N GLU E 875 35.31 -64.69 26.79
CA GLU E 875 35.23 -65.44 25.54
C GLU E 875 34.00 -65.06 24.72
N GLU E 876 32.93 -64.64 25.38
CA GLU E 876 31.75 -64.14 24.67
C GLU E 876 32.06 -62.84 23.94
N ASN E 877 32.74 -61.91 24.62
CA ASN E 877 33.10 -60.60 24.07
C ASN E 877 34.30 -60.65 23.14
N GLN E 878 34.75 -61.83 22.71
CA GLN E 878 35.90 -61.88 21.84
C GLN E 878 35.61 -61.20 20.51
N LYS E 879 34.53 -61.59 19.85
CA LYS E 879 34.28 -61.18 18.48
C LYS E 879 34.26 -59.67 18.32
N GLN E 880 33.63 -58.96 19.27
CA GLN E 880 33.68 -57.50 19.24
C GLN E 880 35.12 -57.03 19.30
N CYS E 881 35.81 -57.33 20.41
CA CYS E 881 37.14 -56.80 20.67
C CYS E 881 38.16 -57.25 19.62
N GLN E 882 37.90 -58.38 18.93
CA GLN E 882 38.72 -58.79 17.79
C GLN E 882 38.67 -57.74 16.68
N ASP E 883 37.47 -57.48 16.15
CA ASP E 883 37.31 -56.50 15.07
C ASP E 883 37.71 -55.10 15.49
N LEU E 884 37.67 -54.79 16.79
CA LEU E 884 38.20 -53.52 17.30
C LEU E 884 39.71 -53.44 17.14
N GLY E 885 40.43 -54.51 17.54
CA GLY E 885 41.87 -54.54 17.39
C GLY E 885 42.35 -54.47 15.95
N ALA E 886 41.66 -55.19 15.05
CA ALA E 886 42.10 -55.23 13.64
C ALA E 886 41.69 -53.98 12.87
N PHE E 887 40.52 -53.41 13.16
CA PHE E 887 40.13 -52.08 12.67
C PHE E 887 41.20 -51.05 12.99
N THR E 888 41.49 -50.89 14.28
CA THR E 888 42.52 -49.98 14.75
C THR E 888 43.85 -50.14 14.02
N GLU E 889 44.48 -51.32 14.11
CA GLU E 889 45.84 -51.48 13.59
C GLU E 889 45.90 -51.23 12.09
N SER E 890 45.00 -51.85 11.34
CA SER E 890 45.05 -51.62 9.90
C SER E 890 44.66 -50.19 9.54
N MET E 891 43.78 -49.56 10.33
CA MET E 891 43.61 -48.12 10.18
C MET E 891 44.88 -47.36 10.55
N VAL E 892 45.56 -47.81 11.60
CA VAL E 892 46.73 -47.07 12.08
C VAL E 892 47.90 -47.23 11.12
N VAL E 893 48.34 -48.48 10.91
CA VAL E 893 49.52 -48.75 10.08
C VAL E 893 49.33 -48.16 8.68
N PHE E 894 48.32 -48.65 7.95
CA PHE E 894 48.09 -48.14 6.60
C PHE E 894 47.68 -46.68 6.57
N GLY E 895 47.12 -46.15 7.69
CA GLY E 895 46.43 -44.86 7.66
C GLY E 895 45.15 -44.99 6.83
N CYS E 896 44.69 -43.86 6.31
CA CYS E 896 43.70 -43.95 5.26
C CYS E 896 44.43 -44.40 3.97
N PRO E 897 43.75 -45.16 3.09
CA PRO E 897 44.30 -45.35 1.74
C PRO E 897 44.65 -44.03 1.03
N ASN E 898 43.70 -43.10 0.96
CA ASN E 898 43.89 -41.76 0.36
C ASN E 898 43.06 -40.66 1.04
N GLU F 5 7.38 -19.03 -41.37
CA GLU F 5 7.94 -19.51 -40.11
C GLU F 5 8.90 -20.71 -40.31
N ASP F 6 9.54 -21.12 -39.22
CA ASP F 6 10.63 -22.09 -39.25
C ASP F 6 10.21 -23.38 -38.53
N SER F 7 10.26 -24.50 -39.25
CA SER F 7 9.77 -25.78 -38.74
C SER F 7 10.98 -26.58 -38.33
N ASP F 8 11.25 -26.60 -37.03
CA ASP F 8 12.32 -27.42 -36.46
C ASP F 8 11.73 -28.64 -35.78
N ILE F 9 12.01 -29.80 -36.36
CA ILE F 9 11.42 -31.06 -35.96
C ILE F 9 12.56 -31.94 -35.44
N ALA F 10 12.44 -32.42 -34.20
CA ALA F 10 13.41 -33.33 -33.60
C ALA F 10 12.81 -34.72 -33.39
N PHE F 11 13.65 -35.75 -33.37
CA PHE F 11 13.18 -37.13 -33.24
C PHE F 11 13.99 -37.88 -32.18
N LEU F 12 13.29 -38.46 -31.23
CA LEU F 12 13.85 -39.14 -30.06
C LEU F 12 13.33 -40.58 -29.96
N ILE F 13 14.14 -41.55 -30.33
CA ILE F 13 13.69 -42.92 -30.29
C ILE F 13 14.32 -43.67 -29.11
N ASP F 14 13.50 -44.49 -28.48
CA ASP F 14 13.99 -45.41 -27.47
C ASP F 14 14.80 -46.50 -28.17
N GLY F 15 15.90 -46.91 -27.56
CA GLY F 15 16.59 -48.08 -28.08
C GLY F 15 16.72 -49.18 -27.05
N SER F 16 16.12 -49.02 -25.87
CA SER F 16 16.30 -49.96 -24.79
C SER F 16 15.92 -51.39 -25.21
N GLY F 17 16.32 -52.36 -24.39
CA GLY F 17 16.00 -53.74 -24.70
C GLY F 17 14.52 -54.03 -24.74
N SER F 18 13.74 -53.34 -23.92
CA SER F 18 12.29 -53.45 -23.98
C SER F 18 11.75 -53.19 -25.40
N ILE F 19 12.51 -52.50 -26.26
CA ILE F 19 12.09 -52.35 -27.67
C ILE F 19 12.45 -53.60 -28.45
N ILE F 20 11.44 -54.39 -28.77
CA ILE F 20 11.68 -55.56 -29.60
C ILE F 20 12.08 -55.09 -30.99
N PRO F 21 12.95 -55.81 -31.68
CA PRO F 21 13.43 -55.35 -32.99
C PRO F 21 12.32 -54.96 -33.97
N HIS F 22 11.14 -55.58 -33.88
CA HIS F 22 10.03 -55.21 -34.74
C HIS F 22 9.46 -53.85 -34.37
N ASP F 23 9.31 -53.60 -33.08
CA ASP F 23 8.97 -52.26 -32.67
C ASP F 23 9.97 -51.26 -33.23
N PHE F 24 11.26 -51.60 -33.13
CA PHE F 24 12.34 -50.72 -33.53
C PHE F 24 12.30 -50.43 -35.01
N ARG F 25 12.12 -51.48 -35.83
CA ARG F 25 11.99 -51.27 -37.26
C ARG F 25 10.82 -50.37 -37.58
N ARG F 26 9.68 -50.61 -36.92
CA ARG F 26 8.53 -49.73 -37.13
C ARG F 26 8.91 -48.30 -36.84
N MET F 27 9.60 -48.07 -35.71
CA MET F 27 10.04 -46.72 -35.37
C MET F 27 10.83 -46.10 -36.50
N LYS F 28 11.95 -46.74 -36.87
CA LYS F 28 12.79 -46.16 -37.90
C LYS F 28 12.00 -45.88 -39.18
N GLU F 29 11.15 -46.82 -39.59
CA GLU F 29 10.40 -46.66 -40.83
C GLU F 29 9.33 -45.59 -40.68
N PHE F 30 8.68 -45.53 -39.51
CA PHE F 30 7.65 -44.52 -39.32
C PHE F 30 8.26 -43.13 -39.33
N VAL F 31 9.37 -42.95 -38.64
CA VAL F 31 10.07 -41.68 -38.69
C VAL F 31 10.34 -41.28 -40.13
N SER F 32 10.91 -42.20 -40.92
CA SER F 32 11.26 -41.90 -42.30
C SER F 32 10.04 -41.53 -43.12
N THR F 33 8.92 -42.19 -42.88
CA THR F 33 7.68 -41.81 -43.52
C THR F 33 7.21 -40.44 -43.03
N VAL F 34 7.34 -40.21 -41.71
CA VAL F 34 6.92 -38.94 -41.11
C VAL F 34 7.62 -37.78 -41.78
N MET F 35 8.93 -37.92 -41.94
CA MET F 35 9.69 -36.92 -42.64
C MET F 35 9.28 -36.87 -44.10
N GLU F 36 9.24 -38.03 -44.77
CA GLU F 36 8.91 -38.08 -46.18
C GLU F 36 7.58 -37.40 -46.44
N GLN F 37 6.50 -37.88 -45.79
CA GLN F 37 5.22 -37.27 -46.02
C GLN F 37 5.10 -35.88 -45.39
N LEU F 38 6.03 -35.51 -44.51
CA LEU F 38 6.24 -34.13 -44.12
C LEU F 38 7.13 -33.39 -45.13
N LYS F 39 7.30 -33.95 -46.33
CA LYS F 39 7.94 -33.19 -47.39
C LYS F 39 7.14 -31.92 -47.52
N LYS F 40 7.75 -30.84 -47.07
CA LYS F 40 7.08 -29.54 -47.11
C LYS F 40 8.13 -28.53 -46.68
N SER F 41 7.82 -27.26 -46.89
CA SER F 41 8.80 -26.21 -46.72
C SER F 41 9.22 -26.02 -45.26
N LYS F 42 10.51 -25.72 -45.08
CA LYS F 42 11.05 -25.03 -43.91
C LYS F 42 10.97 -25.87 -42.66
N THR F 43 10.96 -27.18 -42.87
CA THR F 43 10.93 -28.17 -41.80
C THR F 43 12.33 -28.74 -41.64
N LEU F 44 12.85 -28.76 -40.41
CA LEU F 44 14.18 -29.32 -40.22
C LEU F 44 14.12 -30.49 -39.26
N PHE F 45 14.91 -31.51 -39.54
CA PHE F 45 14.83 -32.79 -38.86
C PHE F 45 16.19 -33.15 -38.27
N SER F 46 16.19 -33.60 -37.02
CA SER F 46 17.36 -34.09 -36.29
C SER F 46 16.94 -35.30 -35.47
N LEU F 47 17.88 -36.21 -35.21
CA LEU F 47 17.52 -37.42 -34.49
C LEU F 47 18.60 -37.92 -33.54
N MET F 48 18.14 -38.38 -32.39
CA MET F 48 18.95 -39.08 -31.43
C MET F 48 18.24 -40.30 -30.87
N GLN F 49 19.00 -41.37 -30.68
CA GLN F 49 18.52 -42.61 -30.09
C GLN F 49 18.83 -42.73 -28.62
N TYR F 50 17.84 -43.04 -27.82
CA TYR F 50 18.03 -42.95 -26.39
C TYR F 50 17.71 -44.27 -25.71
N SER F 51 18.50 -44.57 -24.69
CA SER F 51 18.56 -45.77 -23.89
C SER F 51 19.30 -45.37 -22.60
N GLU F 52 20.23 -46.23 -22.14
CA GLU F 52 21.15 -45.88 -21.04
C GLU F 52 22.33 -45.00 -21.44
N GLU F 53 22.70 -44.95 -22.73
CA GLU F 53 23.74 -44.08 -23.31
C GLU F 53 23.15 -43.46 -24.57
N PHE F 54 23.57 -42.26 -24.93
CA PHE F 54 22.92 -41.56 -26.02
C PHE F 54 23.88 -41.30 -27.19
N ARG F 55 23.29 -41.19 -28.39
CA ARG F 55 24.07 -40.96 -29.60
C ARG F 55 23.16 -40.34 -30.64
N ILE F 56 23.47 -39.10 -31.03
CA ILE F 56 22.66 -38.34 -31.98
C ILE F 56 22.95 -38.86 -33.39
N HIS F 57 21.97 -39.46 -34.02
CA HIS F 57 22.25 -40.07 -35.32
C HIS F 57 22.31 -39.05 -36.46
N PHE F 58 21.71 -37.88 -36.29
CA PHE F 58 21.99 -36.77 -37.21
C PHE F 58 21.52 -35.49 -36.55
N THR F 59 22.27 -34.40 -36.79
CA THR F 59 21.87 -33.08 -36.36
C THR F 59 21.24 -32.33 -37.51
N PHE F 60 20.77 -31.13 -37.20
CA PHE F 60 20.12 -30.27 -38.20
C PHE F 60 21.09 -29.82 -39.29
N LYS F 61 22.28 -29.35 -38.89
CA LYS F 61 23.29 -29.06 -39.88
C LYS F 61 23.48 -30.23 -40.81
N GLU F 62 23.77 -31.40 -40.25
CA GLU F 62 23.94 -32.61 -41.06
C GLU F 62 22.69 -32.91 -41.88
N PHE F 63 21.53 -32.43 -41.44
CA PHE F 63 20.30 -32.59 -42.22
C PHE F 63 20.11 -31.53 -43.31
N GLN F 64 20.36 -30.25 -43.04
CA GLN F 64 20.21 -29.31 -44.14
C GLN F 64 21.17 -29.66 -45.28
N ASN F 65 22.34 -30.20 -44.96
CA ASN F 65 23.33 -30.66 -45.93
C ASN F 65 22.97 -32.03 -46.51
N ASN F 66 22.12 -32.79 -45.84
CA ASN F 66 21.63 -34.07 -46.36
C ASN F 66 20.13 -34.21 -46.20
N PRO F 67 19.35 -33.95 -47.26
CA PRO F 67 17.89 -33.98 -47.14
C PRO F 67 17.28 -35.36 -47.19
N ASN F 68 17.96 -36.36 -47.78
CA ASN F 68 17.44 -37.70 -47.93
C ASN F 68 17.31 -38.34 -46.55
N PRO F 69 16.07 -38.57 -46.09
CA PRO F 69 15.89 -39.13 -44.74
C PRO F 69 16.34 -40.57 -44.70
N ARG F 70 16.06 -41.31 -45.78
CA ARG F 70 16.38 -42.73 -45.82
C ARG F 70 17.87 -42.96 -45.67
N SER F 71 18.65 -42.04 -46.22
CA SER F 71 20.11 -42.04 -46.04
C SER F 71 20.49 -41.74 -44.58
N LEU F 72 19.69 -40.93 -43.88
CA LEU F 72 19.95 -40.60 -42.49
C LEU F 72 19.56 -41.75 -41.55
N VAL F 73 18.54 -42.54 -41.93
CA VAL F 73 17.96 -43.44 -40.94
C VAL F 73 18.48 -44.86 -41.07
N LYS F 74 18.84 -45.28 -42.29
CA LYS F 74 19.33 -46.64 -42.46
C LYS F 74 20.38 -47.04 -41.41
N PRO F 75 21.46 -46.27 -41.19
CA PRO F 75 22.57 -46.81 -40.34
C PRO F 75 22.26 -47.02 -38.83
N ILE F 76 21.03 -46.76 -38.39
CA ILE F 76 20.72 -46.70 -36.96
C ILE F 76 20.62 -48.10 -36.36
N THR F 77 21.24 -48.32 -35.20
CA THR F 77 21.18 -49.61 -34.54
C THR F 77 20.30 -49.50 -33.32
N GLN F 78 20.08 -50.63 -32.66
CA GLN F 78 19.53 -50.62 -31.33
C GLN F 78 20.68 -50.59 -30.33
N LEU F 79 20.45 -49.90 -29.22
CA LEU F 79 21.40 -49.75 -28.12
C LEU F 79 21.29 -50.82 -27.04
N LEU F 80 20.08 -51.31 -26.75
CA LEU F 80 19.90 -52.44 -25.86
C LEU F 80 20.35 -52.09 -24.44
N GLY F 81 20.33 -50.81 -24.07
CA GLY F 81 20.74 -50.42 -22.74
C GLY F 81 19.63 -50.48 -21.71
N ARG F 82 19.79 -49.63 -20.68
CA ARG F 82 18.70 -49.17 -19.82
C ARG F 82 17.89 -48.13 -20.60
N THR F 83 17.04 -47.41 -19.89
CA THR F 83 16.17 -46.41 -20.52
C THR F 83 16.26 -45.13 -19.67
N HIS F 84 17.16 -44.22 -20.09
CA HIS F 84 17.26 -42.88 -19.52
C HIS F 84 16.46 -41.96 -20.41
N THR F 85 15.14 -41.97 -20.20
CA THR F 85 14.26 -41.05 -20.93
C THR F 85 14.48 -39.60 -20.48
N ALA F 86 14.34 -39.34 -19.17
CA ALA F 86 14.48 -37.97 -18.65
C ALA F 86 15.79 -37.34 -19.08
N THR F 87 16.91 -38.06 -18.88
CA THR F 87 18.21 -37.56 -19.33
C THR F 87 18.25 -37.34 -20.84
N GLY F 88 17.64 -38.23 -21.63
CA GLY F 88 17.57 -38.00 -23.06
C GLY F 88 16.99 -36.64 -23.43
N ILE F 89 16.04 -36.13 -22.62
CA ILE F 89 15.33 -34.90 -23.01
C ILE F 89 16.22 -33.68 -22.84
N ARG F 90 16.95 -33.59 -21.74
CA ARG F 90 17.88 -32.47 -21.65
C ARG F 90 18.93 -32.58 -22.73
N LYS F 91 19.27 -33.77 -23.16
CA LYS F 91 20.12 -33.88 -24.34
C LYS F 91 19.41 -33.34 -25.58
N VAL F 92 18.08 -33.41 -25.63
CA VAL F 92 17.40 -32.86 -26.79
C VAL F 92 17.37 -31.34 -26.73
N VAL F 93 16.97 -30.80 -25.57
CA VAL F 93 16.73 -29.36 -25.48
C VAL F 93 18.05 -28.60 -25.42
N ARG F 94 19.04 -29.17 -24.75
CA ARG F 94 20.30 -28.50 -24.54
C ARG F 94 21.24 -28.63 -25.74
N GLU F 95 21.07 -29.64 -26.59
CA GLU F 95 21.99 -29.87 -27.68
C GLU F 95 21.32 -29.74 -29.03
N LEU F 96 20.22 -30.46 -29.26
CA LEU F 96 19.59 -30.47 -30.58
C LEU F 96 19.03 -29.10 -30.96
N PHE F 97 18.57 -28.34 -29.97
CA PHE F 97 17.96 -27.04 -30.19
C PHE F 97 18.95 -25.91 -29.96
N ASN F 98 20.23 -26.26 -29.95
CA ASN F 98 21.31 -25.27 -29.93
C ASN F 98 21.57 -24.70 -31.33
N ILE F 99 21.87 -23.40 -31.34
CA ILE F 99 22.24 -22.71 -32.56
C ILE F 99 23.42 -23.39 -33.25
N THR F 100 24.29 -24.04 -32.46
CA THR F 100 25.50 -24.66 -32.99
C THR F 100 25.20 -25.83 -33.92
N ASN F 101 24.05 -26.46 -33.76
CA ASN F 101 23.71 -27.58 -34.64
C ASN F 101 22.81 -27.16 -35.80
N GLY F 102 22.36 -25.91 -35.82
CA GLY F 102 21.51 -25.46 -36.91
C GLY F 102 20.24 -24.79 -36.41
N ALA F 103 19.93 -24.93 -35.12
CA ALA F 103 18.71 -24.39 -34.54
C ALA F 103 18.57 -22.90 -34.84
N ARG F 104 17.38 -22.52 -35.33
CA ARG F 104 17.03 -21.14 -35.64
C ARG F 104 16.18 -20.59 -34.50
N LYS F 105 16.37 -19.33 -34.14
CA LYS F 105 15.55 -18.72 -33.11
C LYS F 105 14.20 -18.34 -33.69
N ASN F 106 13.16 -18.42 -32.86
CA ASN F 106 11.80 -18.11 -33.29
C ASN F 106 11.35 -19.09 -34.38
N ALA F 107 11.56 -20.36 -34.12
CA ALA F 107 11.13 -21.44 -34.98
C ALA F 107 10.15 -22.34 -34.24
N PHE F 108 9.29 -23.00 -35.03
CA PHE F 108 8.39 -23.99 -34.46
C PHE F 108 9.18 -25.23 -34.04
N LYS F 109 9.29 -25.41 -32.73
CA LYS F 109 10.15 -26.41 -32.12
C LYS F 109 9.30 -27.58 -31.64
N ILE F 110 9.47 -28.73 -32.29
CA ILE F 110 8.73 -29.95 -31.97
C ILE F 110 9.69 -31.09 -31.68
N LEU F 111 9.38 -31.82 -30.63
CA LEU F 111 10.09 -33.02 -30.21
C LEU F 111 9.19 -34.24 -30.39
N VAL F 112 9.68 -35.28 -31.05
CA VAL F 112 8.91 -36.50 -31.29
C VAL F 112 9.47 -37.60 -30.40
N VAL F 113 8.88 -37.83 -29.25
CA VAL F 113 9.36 -38.87 -28.34
C VAL F 113 8.74 -40.21 -28.74
N ILE F 114 9.56 -41.14 -29.19
CA ILE F 114 9.07 -42.45 -29.62
C ILE F 114 9.57 -43.53 -28.65
N THR F 115 8.75 -43.88 -27.67
CA THR F 115 9.16 -44.87 -26.70
C THR F 115 7.95 -45.69 -26.23
N ASP F 116 8.20 -46.76 -25.48
CA ASP F 116 7.15 -47.60 -24.93
C ASP F 116 6.64 -47.10 -23.58
N GLY F 117 7.20 -46.02 -23.06
CA GLY F 117 6.73 -45.45 -21.81
C GLY F 117 7.28 -46.15 -20.59
N GLU F 118 8.55 -46.56 -20.64
CA GLU F 118 9.19 -47.22 -19.51
C GLU F 118 10.57 -46.59 -19.26
N LYS F 119 10.65 -45.55 -18.41
CA LYS F 119 11.96 -45.01 -18.01
C LYS F 119 12.55 -45.84 -16.87
N PHE F 120 13.85 -46.14 -16.98
CA PHE F 120 14.47 -46.95 -15.96
C PHE F 120 15.97 -46.67 -15.86
N GLY F 121 16.39 -46.40 -14.61
CA GLY F 121 17.76 -46.10 -14.28
C GLY F 121 18.12 -44.66 -14.52
N ASP F 122 17.16 -43.85 -14.83
CA ASP F 122 17.44 -42.48 -15.14
C ASP F 122 17.64 -41.73 -13.83
N PRO F 123 18.79 -41.08 -13.64
CA PRO F 123 19.01 -40.30 -12.39
C PRO F 123 18.14 -39.03 -12.34
N LEU F 124 17.80 -38.50 -13.51
CA LEU F 124 16.96 -37.32 -13.66
C LEU F 124 15.46 -37.63 -13.55
N GLY F 125 14.75 -36.71 -12.90
CA GLY F 125 13.31 -36.68 -12.94
C GLY F 125 12.73 -35.79 -14.05
N TYR F 126 11.40 -35.80 -14.11
CA TYR F 126 10.68 -35.04 -15.12
C TYR F 126 10.38 -33.65 -14.63
N GLU F 127 10.40 -33.43 -13.32
CA GLU F 127 9.99 -32.11 -12.85
C GLU F 127 11.00 -31.03 -13.17
N ASP F 128 12.19 -31.38 -13.66
CA ASP F 128 13.19 -30.40 -14.08
C ASP F 128 13.26 -30.23 -15.57
N VAL F 129 12.98 -31.31 -16.30
CA VAL F 129 13.31 -31.42 -17.72
C VAL F 129 12.09 -31.19 -18.59
N ILE F 130 10.89 -31.50 -18.09
CA ILE F 130 9.63 -31.20 -18.75
C ILE F 130 9.35 -29.71 -18.64
N PRO F 131 9.24 -29.12 -17.44
CA PRO F 131 9.10 -27.66 -17.40
C PRO F 131 10.20 -26.97 -18.16
N GLU F 132 11.33 -27.63 -18.36
CA GLU F 132 12.34 -27.04 -19.21
C GLU F 132 11.84 -26.93 -20.65
N ALA F 133 11.35 -28.04 -21.23
CA ALA F 133 10.86 -27.99 -22.61
C ALA F 133 9.76 -26.96 -22.77
N ASP F 134 9.05 -26.68 -21.71
CA ASP F 134 7.99 -25.70 -21.77
C ASP F 134 8.51 -24.29 -21.58
N ARG F 135 9.48 -24.09 -20.68
CA ARG F 135 10.12 -22.77 -20.65
C ARG F 135 10.94 -22.53 -21.91
N GLU F 136 11.53 -23.56 -22.53
CA GLU F 136 12.07 -23.32 -23.86
C GLU F 136 10.98 -23.30 -24.92
N GLY F 137 9.80 -23.89 -24.68
CA GLY F 137 8.76 -23.91 -25.70
C GLY F 137 8.89 -24.92 -26.85
N VAL F 138 8.97 -26.20 -26.49
CA VAL F 138 8.95 -27.28 -27.47
C VAL F 138 7.65 -28.05 -27.34
N ILE F 139 6.87 -28.05 -28.40
CA ILE F 139 5.65 -28.85 -28.45
C ILE F 139 6.06 -30.30 -28.64
N ARG F 140 5.60 -31.17 -27.72
CA ARG F 140 6.07 -32.55 -27.57
C ARG F 140 5.03 -33.55 -28.09
N TYR F 141 5.30 -34.20 -29.21
CA TYR F 141 4.49 -35.32 -29.66
C TYR F 141 5.13 -36.67 -29.31
N VAL F 142 4.32 -37.54 -28.69
CA VAL F 142 4.78 -38.80 -28.11
C VAL F 142 4.19 -39.91 -28.96
N ILE F 143 4.97 -40.95 -29.24
CA ILE F 143 4.49 -42.09 -30.03
C ILE F 143 4.74 -43.39 -29.28
N GLY F 144 3.73 -43.87 -28.52
CA GLY F 144 3.86 -45.10 -27.76
C GLY F 144 3.91 -46.34 -28.65
N VAL F 145 4.59 -47.38 -28.17
CA VAL F 145 4.84 -48.55 -29.01
C VAL F 145 4.65 -49.86 -28.29
N GLY F 146 4.45 -50.89 -29.11
CA GLY F 146 4.25 -52.25 -28.69
C GLY F 146 3.13 -52.32 -27.67
N ASP F 147 3.54 -52.57 -26.44
CA ASP F 147 2.62 -52.65 -25.32
C ASP F 147 2.79 -51.41 -24.46
N ALA F 148 2.98 -50.26 -25.10
CA ALA F 148 3.08 -49.00 -24.37
C ALA F 148 1.75 -48.64 -23.74
N PHE F 149 0.67 -49.25 -24.22
CA PHE F 149 -0.66 -49.03 -23.70
C PHE F 149 -1.24 -50.23 -22.93
N ARG F 150 -0.52 -51.35 -22.79
CA ARG F 150 -1.09 -52.44 -22.02
C ARG F 150 -1.19 -51.99 -20.58
N SER F 151 -0.08 -51.53 -20.02
CA SER F 151 -0.08 -51.07 -18.66
C SER F 151 -0.81 -49.74 -18.53
N GLU F 152 -1.14 -49.40 -17.29
CA GLU F 152 -1.77 -48.13 -16.94
C GLU F 152 -0.72 -47.04 -16.75
N LYS F 153 0.32 -47.32 -15.97
CA LYS F 153 1.34 -46.36 -15.55
C LYS F 153 2.32 -46.04 -16.69
N SER F 154 2.43 -46.92 -17.69
CA SER F 154 3.16 -46.58 -18.89
C SER F 154 2.42 -45.51 -19.68
N ARG F 155 1.14 -45.75 -19.97
CA ARG F 155 0.42 -44.81 -20.82
C ARG F 155 0.28 -43.45 -20.14
N GLN F 156 0.23 -43.44 -18.80
CA GLN F 156 0.29 -42.15 -18.12
C GLN F 156 1.68 -41.57 -18.06
N GLU F 157 2.71 -42.41 -18.01
CA GLU F 157 4.03 -41.88 -18.26
C GLU F 157 4.05 -41.12 -19.58
N LEU F 158 3.30 -41.59 -20.58
CA LEU F 158 3.28 -40.91 -21.86
C LEU F 158 2.63 -39.52 -21.77
N ASN F 159 1.54 -39.39 -21.03
CA ASN F 159 0.88 -38.09 -20.95
C ASN F 159 1.69 -37.15 -20.10
N THR F 160 2.51 -37.76 -19.24
CA THR F 160 3.47 -37.04 -18.43
C THR F 160 4.57 -36.45 -19.32
N ILE F 161 5.00 -37.21 -20.32
CA ILE F 161 5.93 -36.74 -21.32
C ILE F 161 5.24 -35.80 -22.32
N ALA F 162 4.06 -36.18 -22.81
CA ALA F 162 3.38 -35.38 -23.82
C ALA F 162 2.86 -34.07 -23.23
N SER F 163 2.95 -33.01 -24.04
CA SER F 163 2.42 -31.72 -23.64
C SER F 163 0.90 -31.80 -23.62
N LYS F 164 0.27 -30.84 -22.91
CA LYS F 164 -1.18 -30.95 -22.76
C LYS F 164 -1.89 -30.24 -23.92
N PRO F 165 -2.99 -30.84 -24.45
CA PRO F 165 -3.63 -32.06 -23.95
C PRO F 165 -3.07 -33.34 -24.55
N PRO F 166 -2.97 -34.39 -23.73
CA PRO F 166 -2.34 -35.63 -24.20
C PRO F 166 -3.16 -36.37 -25.25
N ARG F 167 -4.48 -36.17 -25.30
CA ARG F 167 -5.30 -36.79 -26.34
C ARG F 167 -4.96 -36.29 -27.72
N ASP F 168 -4.30 -35.13 -27.81
CA ASP F 168 -3.99 -34.51 -29.09
C ASP F 168 -2.57 -34.80 -29.53
N HIS F 169 -1.77 -35.38 -28.64
CA HIS F 169 -0.34 -35.58 -28.81
C HIS F 169 0.07 -37.03 -28.70
N VAL F 170 -0.59 -37.82 -27.86
CA VAL F 170 -0.25 -39.22 -27.63
C VAL F 170 -0.90 -40.08 -28.70
N PHE F 171 -0.08 -40.85 -29.42
CA PHE F 171 -0.49 -41.63 -30.59
C PHE F 171 0.26 -42.96 -30.62
N GLN F 172 -0.32 -43.98 -31.26
CA GLN F 172 0.46 -45.21 -31.46
C GLN F 172 1.21 -45.12 -32.80
N VAL F 173 2.25 -45.94 -32.92
CA VAL F 173 3.13 -45.81 -34.07
C VAL F 173 2.46 -46.37 -35.33
N ASN F 174 1.75 -47.49 -35.20
CA ASN F 174 1.15 -48.12 -36.37
C ASN F 174 0.04 -47.29 -36.95
N ASN F 175 -0.62 -46.50 -36.10
CA ASN F 175 -1.58 -45.54 -36.59
C ASN F 175 -0.90 -44.74 -37.68
N PHE F 176 -1.58 -44.54 -38.80
CA PHE F 176 -0.98 -43.80 -39.91
C PHE F 176 -1.34 -42.32 -39.87
N GLU F 177 -2.30 -41.92 -39.04
CA GLU F 177 -2.84 -40.56 -38.99
C GLU F 177 -2.32 -39.84 -37.75
N ALA F 178 -1.04 -40.04 -37.44
CA ALA F 178 -0.37 -39.30 -36.38
C ALA F 178 0.17 -37.97 -36.89
N LEU F 179 0.54 -37.94 -38.17
CA LEU F 179 1.03 -36.74 -38.82
C LEU F 179 -0.06 -35.71 -39.00
N LYS F 180 -1.23 -36.12 -39.51
CA LYS F 180 -2.19 -35.16 -40.03
C LYS F 180 -2.59 -34.13 -38.98
N THR F 181 -2.46 -34.43 -37.68
CA THR F 181 -2.76 -33.41 -36.68
C THR F 181 -1.74 -32.31 -36.74
N ILE F 182 -0.49 -32.70 -36.96
CA ILE F 182 0.55 -31.71 -37.01
C ILE F 182 0.76 -31.22 -38.45
N GLN F 183 0.81 -32.12 -39.45
CA GLN F 183 0.86 -31.73 -40.85
C GLN F 183 -0.12 -30.59 -41.11
N ASN F 184 -1.26 -30.63 -40.45
CA ASN F 184 -2.29 -29.61 -40.65
C ASN F 184 -2.09 -28.40 -39.75
N GLN F 185 -1.63 -28.60 -38.53
CA GLN F 185 -1.46 -27.45 -37.64
C GLN F 185 -0.49 -26.42 -38.20
N LEU F 186 0.21 -26.71 -39.29
CA LEU F 186 1.11 -25.76 -39.92
C LEU F 186 0.55 -25.11 -41.18
N ARG F 187 -0.48 -25.69 -41.80
CA ARG F 187 -0.89 -25.27 -43.13
C ARG F 187 -1.37 -23.80 -43.16
N GLU F 188 -1.78 -23.24 -42.01
CA GLU F 188 -2.04 -21.80 -41.93
C GLU F 188 -1.17 -21.14 -40.89
N LYS F 189 -0.13 -21.81 -40.46
CA LYS F 189 0.73 -21.35 -39.38
C LYS F 189 2.02 -20.65 -39.85
C1 NAG G . 38.94 -35.78 -27.95
C2 NAG G . 40.01 -34.69 -28.04
C3 NAG G . 39.53 -33.55 -28.92
C4 NAG G . 39.06 -34.07 -30.27
C5 NAG G . 38.05 -35.20 -30.09
C6 NAG G . 37.64 -35.84 -31.40
C7 NAG G . 41.11 -34.91 -25.87
C8 NAG G . 41.39 -34.26 -24.55
N2 NAG G . 40.37 -34.19 -26.73
O3 NAG G . 40.59 -32.63 -29.08
O4 NAG G . 38.47 -32.97 -30.97
O5 NAG G . 38.61 -36.23 -29.28
O6 NAG G . 37.74 -37.25 -31.28
O7 NAG G . 41.54 -36.03 -26.15
C1 NAG G . 39.46 -32.34 -31.83
C2 NAG G . 38.74 -31.58 -32.96
C3 NAG G . 39.78 -31.00 -33.94
C4 NAG G . 40.92 -30.25 -33.21
C5 NAG G . 41.33 -30.90 -31.86
C6 NAG G . 42.06 -29.96 -30.96
C7 NAG G . 36.63 -32.85 -33.17
C8 NAG G . 35.82 -33.70 -34.09
N2 NAG G . 37.79 -32.43 -33.66
O3 NAG G . 39.12 -30.17 -34.88
O4 NAG G . 42.10 -30.31 -34.00
O5 NAG G . 40.23 -31.42 -31.09
O6 NAG G . 43.45 -29.98 -31.26
O7 NAG G . 36.24 -32.57 -32.02
C1 MAN G . 42.37 -29.37 -35.07
C2 MAN G . 43.31 -28.22 -34.54
C3 MAN G . 43.35 -26.97 -35.45
C4 MAN G . 42.97 -27.32 -36.89
C5 MAN G . 41.55 -27.95 -36.98
C6 MAN G . 41.37 -28.95 -38.08
O2 MAN G . 44.63 -28.76 -34.39
O3 MAN G . 44.54 -26.31 -35.35
O4 MAN G . 42.95 -26.09 -37.69
O5 MAN G . 41.21 -28.69 -35.79
O6 MAN G . 41.61 -28.26 -39.30
C1 NAG H . -18.74 22.01 -44.44
C2 NAG H . -19.31 20.64 -43.97
C3 NAG H . -18.51 19.51 -44.58
C4 NAG H . -18.52 19.63 -46.09
C5 NAG H . -17.95 21.00 -46.49
C6 NAG H . -17.88 21.24 -48.00
C7 NAG H . -20.35 20.12 -41.81
C8 NAG H . -20.19 20.10 -40.33
N2 NAG H . -19.30 20.55 -42.52
O3 NAG H . -19.08 18.26 -44.16
O4 NAG H . -17.79 18.54 -46.65
O5 NAG H . -18.73 22.06 -45.92
O6 NAG H . -18.53 22.44 -48.38
O7 NAG H . -21.38 19.71 -42.36
C1 NAG H . -18.62 17.79 -47.51
C2 NAG H . -17.67 16.89 -48.32
C3 NAG H . -18.49 16.00 -49.25
C4 NAG H . -19.49 15.21 -48.44
C5 NAG H . -20.32 16.15 -47.53
C6 NAG H . -21.19 15.44 -46.53
C7 NAG H . -15.55 18.07 -48.65
C8 NAG H . -14.73 18.87 -49.61
N2 NAG H . -16.75 17.69 -49.10
O3 NAG H . -17.60 15.18 -50.01
O4 NAG H . -20.34 14.50 -49.33
O5 NAG H . -19.44 16.98 -46.74
O6 NAG H . -20.64 14.17 -46.21
O7 NAG H . -15.13 17.78 -47.53
C1 MAN H . -20.08 13.07 -49.32
C2 MAN H . -21.47 12.37 -49.53
C3 MAN H . -21.84 11.34 -48.39
C4 MAN H . -20.65 10.44 -47.95
C5 MAN H . -19.33 11.28 -47.73
C6 MAN H . -18.07 10.70 -48.42
O2 MAN H . -21.54 11.71 -50.81
O3 MAN H . -23.03 10.51 -48.69
O4 MAN H . -21.00 9.72 -46.74
O5 MAN H . -19.48 12.72 -48.08
O6 MAN H . -16.91 11.23 -47.74
C1 BMA H . -16.22 12.20 -48.60
C2 BMA H . -14.69 12.20 -48.22
C3 BMA H . -13.86 13.04 -49.26
C4 BMA H . -14.30 12.82 -50.78
C5 BMA H . -15.84 12.95 -50.89
C6 BMA H . -16.46 12.83 -52.29
O2 BMA H . -14.13 10.89 -48.17
O3 BMA H . -12.44 12.88 -49.05
O4 BMA H . -13.65 13.74 -51.66
O5 BMA H . -16.44 11.95 -50.04
O6 BMA H . -17.84 13.22 -52.19
C1 GOL I . 30.40 -9.91 -11.07
O1 GOL I . 30.59 -11.03 -10.22
C2 GOL I . 31.80 -9.17 -11.28
O2 GOL I . 32.61 -9.21 -10.11
C3 GOL I . 31.51 -7.63 -11.79
O3 GOL I . 31.57 -6.68 -10.70
K K J . 27.60 19.54 -16.41
MG MG K . -59.02 22.53 47.34
C1 GOL L . -19.46 -2.08 -24.64
O1 GOL L . -19.92 -2.12 -23.31
C2 GOL L . -19.69 -3.47 -25.33
O2 GOL L . -21.01 -3.95 -25.22
C3 GOL L . -19.29 -3.24 -26.82
O3 GOL L . -17.96 -2.85 -26.82
K K M . -6.46 -19.51 -6.96
C1 NAG N . 11.77 -17.57 25.68
C2 NAG N . 12.04 -18.24 24.33
C3 NAG N . 11.24 -19.52 24.18
C4 NAG N . 11.42 -20.43 25.38
C5 NAG N . 11.22 -19.70 26.71
C6 NAG N . 11.67 -20.54 27.87
C7 NAG N . 12.68 -16.73 22.50
C8 NAG N . 12.17 -15.82 21.44
N2 NAG N . 11.74 -17.32 23.24
O3 NAG N . 11.66 -20.22 23.01
O4 NAG N . 10.44 -21.47 25.36
O5 NAG N . 12.02 -18.50 26.74
O6 NAG N . 11.70 -19.77 29.06
O7 NAG N . 13.87 -16.95 22.67
C1 GOL O . 4.20 -39.79 -2.71
O1 GOL O . 3.28 -38.81 -3.07
C2 GOL O . 5.13 -39.78 -3.86
O2 GOL O . 4.98 -38.55 -4.45
C3 GOL O . 4.69 -40.93 -4.83
O3 GOL O . 5.06 -42.15 -4.27
MG MG P . 13.98 -50.72 -21.89
#